data_7F38
#
_entry.id   7F38
#
_cell.length_a   1.00
_cell.length_b   1.00
_cell.length_c   1.00
_cell.angle_alpha   90.00
_cell.angle_beta   90.00
_cell.angle_gamma   90.00
#
_symmetry.space_group_name_H-M   'P 1'
#
_entity_poly.entity_id   1
_entity_poly.type   'polypeptide(L)'
_entity_poly.pdbx_seq_one_letter_code
;MPLTNLTPTELLANKAVDYLANSFLVETPMLGLLANRVINQKQKAIEWGAKVAQGVVGGRTRTGALANDTQGTIKGASLS
VPDYYIKHQFDVGKDEIVNSDATGKISAVRDPVGTAIADAFDVLSKKINSVLYTASGVADATNYGIFGLDAAAGTTVANS
ATGTYAGISKVTFPRWRSIIQGGAVPGTNEALTIARMTAMLRARRTAGVTYKGNQNQRLVILTSDNIENDVLRPLYGTVV
DNQNVDFTRLDKDLLPYVNYMVKGIPVVSDIDCPANKMYLLNLDKLAIYSFDQSDADQSNGKITYIPLRYVDETGDTPSE
STLWVRLADVSDEHPDLLKFELSVALQLVAFDLIDSISVIRDITQ
;
_entity_poly.pdbx_strand_id   A,B,C,D,E,F,G,H,I
#
# COMPACT_ATOMS: atom_id res chain seq x y z
N LEU A 3 77.72 -50.46 81.43
CA LEU A 3 77.20 -49.33 82.18
C LEU A 3 76.58 -48.29 81.23
N THR A 4 77.11 -47.06 81.27
CA THR A 4 76.44 -45.91 80.69
C THR A 4 76.81 -45.66 79.25
N ASN A 5 78.05 -45.97 78.86
CA ASN A 5 78.45 -45.78 77.48
C ASN A 5 77.61 -46.62 76.54
N LEU A 6 77.34 -47.86 76.92
CA LEU A 6 76.44 -48.71 76.15
C LEU A 6 75.03 -48.16 76.23
N THR A 7 74.32 -48.22 75.10
CA THR A 7 72.94 -47.74 74.98
C THR A 7 72.83 -46.31 75.49
N PRO A 8 73.36 -45.33 74.76
CA PRO A 8 73.45 -43.95 75.25
C PRO A 8 72.22 -43.10 74.93
N THR A 9 71.04 -43.65 75.19
CA THR A 9 69.77 -42.92 75.07
C THR A 9 69.42 -42.52 73.64
N GLU A 10 70.32 -42.75 72.70
CA GLU A 10 69.94 -42.66 71.30
C GLU A 10 69.24 -43.92 70.84
N LEU A 11 69.50 -45.04 71.52
CA LEU A 11 68.90 -46.32 71.19
C LEU A 11 67.87 -46.72 72.24
N LEU A 12 67.53 -45.83 73.15
CA LEU A 12 66.52 -46.07 74.18
C LEU A 12 65.22 -45.41 73.74
N ALA A 13 64.13 -46.19 73.76
CA ALA A 13 62.83 -45.74 73.27
C ALA A 13 61.82 -45.93 74.39
N ASN A 14 61.67 -44.92 75.24
CA ASN A 14 60.77 -45.02 76.37
C ASN A 14 59.34 -45.08 75.88
N LYS A 15 58.63 -46.15 76.25
CA LYS A 15 57.25 -46.33 75.83
C LYS A 15 56.36 -45.36 76.60
N ALA A 16 56.08 -44.19 76.00
CA ALA A 16 55.31 -43.17 76.69
C ALA A 16 53.89 -43.65 76.92
N VAL A 17 53.26 -43.11 77.97
CA VAL A 17 51.86 -43.40 78.22
C VAL A 17 51.04 -42.80 77.09
N ASP A 18 50.08 -43.59 76.59
CA ASP A 18 49.28 -43.12 75.47
C ASP A 18 48.31 -42.05 75.94
N TYR A 19 48.83 -40.91 76.34
CA TYR A 19 48.02 -39.82 76.86
C TYR A 19 48.52 -38.52 76.28
N LEU A 20 47.62 -37.76 75.66
CA LEU A 20 47.91 -36.40 75.22
C LEU A 20 47.15 -35.45 76.13
N ALA A 21 47.88 -34.58 76.83
CA ALA A 21 47.28 -33.62 77.74
C ALA A 21 46.61 -32.53 76.89
N ASN A 22 45.41 -32.85 76.41
CA ASN A 22 44.63 -31.94 75.59
C ASN A 22 43.66 -31.12 76.40
N SER A 23 43.99 -30.81 77.66
CA SER A 23 43.10 -30.07 78.55
C SER A 23 43.10 -28.60 78.13
N PHE A 24 42.40 -28.34 77.03
CA PHE A 24 42.21 -27.00 76.52
C PHE A 24 40.75 -26.60 76.67
N LEU A 25 40.52 -25.30 76.79
CA LEU A 25 39.16 -24.82 77.05
C LEU A 25 38.31 -25.10 75.82
N VAL A 26 37.55 -26.17 75.89
CA VAL A 26 36.50 -26.45 74.92
C VAL A 26 35.22 -26.52 75.74
N GLU A 27 34.48 -25.41 75.79
CA GLU A 27 33.27 -25.33 76.59
C GLU A 27 32.42 -24.24 75.95
N THR A 28 31.39 -24.65 75.21
CA THR A 28 30.67 -23.76 74.30
C THR A 28 29.18 -23.77 74.63
N PRO A 29 28.75 -23.04 75.65
CA PRO A 29 27.32 -22.91 75.90
C PRO A 29 26.69 -21.82 75.06
N MET A 30 27.43 -20.77 74.72
CA MET A 30 26.95 -19.85 73.69
C MET A 30 26.66 -20.61 72.40
N LEU A 31 27.55 -21.51 72.02
CA LEU A 31 27.23 -22.42 70.93
C LEU A 31 26.29 -23.51 71.39
N GLY A 32 26.32 -23.87 72.68
CA GLY A 32 25.41 -24.89 73.16
C GLY A 32 23.96 -24.49 72.98
N LEU A 33 23.63 -23.27 73.38
CA LEU A 33 22.39 -22.65 72.94
C LEU A 33 22.52 -22.36 71.46
N LEU A 34 21.38 -22.30 70.77
CA LEU A 34 21.35 -21.92 69.36
C LEU A 34 22.34 -22.73 68.52
N ALA A 35 22.36 -24.04 68.75
CA ALA A 35 23.07 -24.98 67.90
C ALA A 35 22.15 -26.01 67.30
N ASN A 36 21.27 -26.62 68.11
CA ASN A 36 20.27 -27.52 67.56
C ASN A 36 19.30 -26.81 66.65
N ARG A 37 19.29 -25.49 66.65
CA ARG A 37 18.47 -24.69 65.76
C ARG A 37 19.36 -23.82 64.87
N VAL A 38 20.42 -24.41 64.34
CA VAL A 38 21.17 -23.76 63.27
C VAL A 38 20.41 -24.00 61.98
N ILE A 39 20.05 -22.92 61.30
CA ILE A 39 19.28 -23.00 60.06
C ILE A 39 20.27 -22.95 58.92
N ASN A 40 20.49 -24.09 58.28
CA ASN A 40 21.34 -24.16 57.09
C ASN A 40 20.50 -23.68 55.92
N GLN A 41 20.76 -22.47 55.48
CA GLN A 41 19.90 -21.77 54.55
C GLN A 41 20.49 -21.86 53.15
N LYS A 42 19.66 -22.24 52.18
CA LYS A 42 20.18 -22.43 50.83
C LYS A 42 20.57 -21.11 50.18
N GLN A 43 20.02 -20.00 50.62
CA GLN A 43 20.41 -18.70 50.11
C GLN A 43 21.34 -18.01 51.09
N LYS A 44 21.96 -16.93 50.63
CA LYS A 44 23.03 -16.29 51.38
C LYS A 44 22.54 -15.18 52.29
N ALA A 45 21.36 -14.64 52.04
CA ALA A 45 20.86 -13.52 52.80
C ALA A 45 19.63 -13.94 53.60
N ILE A 46 19.42 -13.23 54.70
CA ILE A 46 18.44 -13.57 55.71
C ILE A 46 17.50 -12.38 55.82
N GLU A 47 16.29 -12.56 55.34
CA GLU A 47 15.31 -11.48 55.26
C GLU A 47 14.22 -11.75 56.26
N TRP A 48 13.93 -10.76 57.10
CA TRP A 48 12.74 -10.87 57.93
C TRP A 48 12.18 -9.48 58.13
N GLY A 49 10.92 -9.41 58.50
CA GLY A 49 10.30 -8.14 58.76
C GLY A 49 10.47 -7.74 60.20
N ALA A 50 10.38 -6.45 60.46
CA ALA A 50 10.56 -5.96 61.82
C ALA A 50 9.63 -4.77 62.01
N LYS A 51 8.52 -5.00 62.69
CA LYS A 51 7.59 -3.92 62.98
C LYS A 51 8.26 -2.98 63.94
N VAL A 52 8.76 -1.86 63.45
CA VAL A 52 9.42 -0.89 64.29
C VAL A 52 8.42 0.00 64.99
N ALA A 53 7.47 0.55 64.27
CA ALA A 53 6.51 1.46 64.85
C ALA A 53 5.15 0.78 65.01
N GLN A 54 4.36 1.35 65.90
CA GLN A 54 2.97 0.98 66.05
C GLN A 54 2.11 2.16 65.57
N GLY A 55 0.83 1.88 65.32
CA GLY A 55 -0.06 2.92 64.90
C GLY A 55 -0.61 3.72 66.06
N VAL A 56 -0.39 5.04 66.08
CA VAL A 56 -0.96 5.87 67.13
C VAL A 56 -2.47 5.88 66.97
N VAL A 57 -3.18 5.66 68.08
CA VAL A 57 -4.63 5.63 68.07
C VAL A 57 -5.15 7.02 68.40
N GLY A 58 -5.97 7.57 67.52
CA GLY A 58 -6.59 8.85 67.74
C GLY A 58 -8.00 8.72 68.28
N GLY A 59 -8.66 9.86 68.42
CA GLY A 59 -9.99 9.85 68.97
C GLY A 59 -10.92 10.86 68.34
N ARG A 60 -12.17 10.46 68.12
CA ARG A 60 -13.17 11.35 67.58
C ARG A 60 -14.48 11.12 68.32
N THR A 61 -15.35 12.12 68.28
CA THR A 61 -16.64 11.94 68.90
C THR A 61 -17.46 10.92 68.12
N ARG A 62 -18.52 10.42 68.75
CA ARG A 62 -19.32 9.37 68.15
C ARG A 62 -19.78 9.74 66.75
N THR A 63 -20.10 11.02 66.54
CA THR A 63 -20.49 11.53 65.24
C THR A 63 -19.53 12.62 64.78
N GLY A 64 -18.24 12.41 65.01
CA GLY A 64 -17.23 13.36 64.62
C GLY A 64 -16.73 13.15 63.21
N ALA A 65 -15.75 13.96 62.84
CA ALA A 65 -15.11 13.85 61.55
C ALA A 65 -14.14 12.67 61.55
N LEU A 66 -13.66 12.33 60.35
CA LEU A 66 -12.76 11.20 60.16
C LEU A 66 -11.40 11.72 59.75
N ALA A 67 -10.36 11.31 60.47
CA ALA A 67 -9.01 11.75 60.19
C ALA A 67 -8.06 10.58 60.34
N ASN A 68 -7.19 10.38 59.34
CA ASN A 68 -6.29 9.24 59.36
C ASN A 68 -5.29 9.37 60.50
N ASP A 69 -5.02 8.25 61.16
CA ASP A 69 -4.03 8.17 62.21
C ASP A 69 -2.74 7.61 61.65
N THR A 70 -1.65 7.83 62.39
CA THR A 70 -0.36 7.35 61.90
C THR A 70 -0.32 5.83 61.93
N GLN A 71 0.64 5.28 61.19
CA GLN A 71 0.72 3.85 60.97
C GLN A 71 2.06 3.31 61.42
N GLY A 72 2.11 2.01 61.65
CA GLY A 72 3.29 1.38 62.19
C GLY A 72 4.30 0.96 61.15
N THR A 73 5.41 1.67 61.07
CA THR A 73 6.47 1.31 60.13
C THR A 73 6.89 -0.14 60.38
N ILE A 74 7.07 -0.89 59.30
CA ILE A 74 7.46 -2.28 59.39
C ILE A 74 8.70 -2.44 58.51
N LYS A 75 9.87 -2.17 59.07
CA LYS A 75 11.06 -2.14 58.26
C LYS A 75 11.50 -3.55 57.91
N GLY A 76 12.54 -3.65 57.10
CA GLY A 76 13.00 -4.94 56.68
C GLY A 76 14.41 -5.23 57.09
N ALA A 77 14.56 -6.18 58.00
CA ALA A 77 15.87 -6.53 58.52
C ALA A 77 16.52 -7.55 57.60
N SER A 78 17.77 -7.28 57.22
CA SER A 78 18.50 -8.09 56.26
C SER A 78 19.88 -8.39 56.81
N LEU A 79 20.12 -9.63 57.17
CA LEU A 79 21.48 -10.05 57.43
C LEU A 79 21.94 -10.93 56.27
N SER A 80 23.15 -11.44 56.38
CA SER A 80 23.67 -12.30 55.33
C SER A 80 24.67 -13.25 55.93
N VAL A 81 24.52 -14.53 55.63
CA VAL A 81 25.55 -15.49 55.98
C VAL A 81 26.80 -14.99 55.27
N PRO A 82 27.80 -14.49 55.99
CA PRO A 82 28.86 -13.73 55.34
C PRO A 82 29.65 -14.60 54.38
N ASP A 83 30.14 -13.98 53.32
CA ASP A 83 31.02 -14.68 52.40
C ASP A 83 32.29 -15.14 53.09
N TYR A 84 32.63 -14.57 54.23
CA TYR A 84 33.92 -14.83 54.82
C TYR A 84 33.83 -16.12 55.64
N TYR A 85 34.93 -16.85 55.69
CA TYR A 85 34.95 -18.18 56.28
C TYR A 85 35.83 -18.21 57.52
N ILE A 86 35.38 -18.95 58.54
CA ILE A 86 36.21 -19.27 59.70
C ILE A 86 36.98 -20.53 59.32
N LYS A 87 38.12 -20.35 58.68
CA LYS A 87 38.83 -21.47 58.11
C LYS A 87 39.86 -22.02 59.08
N HIS A 88 40.28 -23.26 58.83
CA HIS A 88 41.51 -23.79 59.40
C HIS A 88 42.05 -24.82 58.42
N GLN A 89 43.10 -24.46 57.69
CA GLN A 89 43.79 -25.38 56.81
C GLN A 89 45.14 -25.74 57.40
N PHE A 90 45.65 -26.89 56.99
CA PHE A 90 46.99 -27.31 57.39
C PHE A 90 47.60 -28.13 56.27
N ASP A 91 48.93 -28.15 56.24
CA ASP A 91 49.70 -28.93 55.28
C ASP A 91 50.27 -30.13 56.01
N VAL A 92 49.92 -31.33 55.57
CA VAL A 92 50.49 -32.54 56.10
C VAL A 92 51.12 -33.31 54.95
N GLY A 93 52.41 -33.55 55.02
CA GLY A 93 53.08 -34.32 54.00
C GLY A 93 52.53 -35.72 53.92
N LYS A 94 52.19 -36.18 52.72
CA LYS A 94 51.76 -37.56 52.57
C LYS A 94 52.76 -38.51 53.19
N ASP A 95 54.04 -38.24 52.97
CA ASP A 95 55.14 -38.99 53.54
C ASP A 95 55.54 -38.45 54.90
N GLU A 96 54.63 -37.76 55.57
CA GLU A 96 54.77 -37.37 56.95
C GLU A 96 53.66 -37.94 57.83
N ILE A 97 52.56 -38.38 57.26
CA ILE A 97 51.61 -39.20 57.98
C ILE A 97 52.26 -40.53 58.37
N VAL A 98 52.86 -41.20 57.38
CA VAL A 98 53.40 -42.53 57.62
C VAL A 98 54.58 -42.48 58.58
N ASN A 99 55.45 -41.48 58.42
CA ASN A 99 56.56 -41.34 59.34
C ASN A 99 56.04 -41.09 60.75
N SER A 100 55.02 -40.24 60.88
CA SER A 100 54.41 -40.00 62.18
C SER A 100 53.64 -41.22 62.65
N ASP A 101 52.98 -41.93 61.74
CA ASP A 101 52.21 -43.09 62.15
C ASP A 101 53.11 -44.23 62.62
N ALA A 102 54.29 -44.37 62.03
CA ALA A 102 55.19 -45.43 62.44
C ALA A 102 55.99 -45.03 63.67
N THR A 103 56.67 -43.89 63.60
CA THR A 103 57.46 -43.40 64.73
C THR A 103 56.63 -42.54 65.66
N GLY A 104 55.49 -43.06 66.10
CA GLY A 104 54.62 -42.29 66.97
C GLY A 104 54.39 -42.94 68.31
N LYS A 105 54.89 -42.32 69.38
CA LYS A 105 54.67 -42.89 70.70
C LYS A 105 53.24 -42.66 71.15
N ILE A 106 52.84 -41.40 71.29
CA ILE A 106 51.47 -41.06 71.65
C ILE A 106 50.56 -41.36 70.47
N SER A 107 49.45 -42.05 70.72
CA SER A 107 48.52 -42.31 69.62
C SER A 107 47.96 -41.03 69.06
N ALA A 108 47.99 -39.94 69.82
CA ALA A 108 47.55 -38.65 69.32
C ALA A 108 48.58 -38.00 68.41
N VAL A 109 49.79 -38.54 68.33
CA VAL A 109 50.78 -38.12 67.36
C VAL A 109 51.07 -39.21 66.35
N ARG A 110 50.46 -40.39 66.50
CA ARG A 110 50.53 -41.42 65.47
C ARG A 110 49.66 -41.10 64.27
N ASP A 111 48.96 -39.98 64.28
CA ASP A 111 48.18 -39.53 63.14
C ASP A 111 47.92 -38.05 63.29
N PRO A 112 48.88 -37.20 62.95
CA PRO A 112 48.67 -35.76 63.16
C PRO A 112 47.48 -35.24 62.40
N VAL A 113 47.15 -35.82 61.24
CA VAL A 113 45.99 -35.38 60.49
C VAL A 113 44.71 -35.57 61.30
N GLY A 114 44.61 -36.67 62.05
CA GLY A 114 43.47 -36.84 62.92
C GLY A 114 43.43 -35.80 64.02
N THR A 115 44.58 -35.59 64.69
CA THR A 115 44.59 -34.66 65.80
C THR A 115 44.61 -33.21 65.32
N ALA A 116 45.16 -32.95 64.14
CA ALA A 116 45.02 -31.61 63.58
C ALA A 116 43.57 -31.28 63.31
N ILE A 117 42.82 -32.25 62.79
CA ILE A 117 41.38 -32.05 62.58
C ILE A 117 40.67 -31.85 63.91
N ALA A 118 40.99 -32.66 64.91
CA ALA A 118 40.32 -32.52 66.20
C ALA A 118 40.59 -31.15 66.82
N ASP A 119 41.85 -30.75 66.86
CA ASP A 119 42.20 -29.44 67.42
C ASP A 119 41.59 -28.32 66.59
N ALA A 120 41.48 -28.52 65.27
CA ALA A 120 40.82 -27.54 64.42
C ALA A 120 39.37 -27.38 64.82
N PHE A 121 38.67 -28.50 65.01
CA PHE A 121 37.27 -28.42 65.42
C PHE A 121 37.12 -27.72 66.76
N ASP A 122 37.99 -28.04 67.71
CA ASP A 122 37.89 -27.43 69.03
C ASP A 122 38.13 -25.93 68.98
N VAL A 123 39.23 -25.51 68.34
CA VAL A 123 39.49 -24.08 68.24
C VAL A 123 38.44 -23.42 67.38
N LEU A 124 37.80 -24.17 66.48
CA LEU A 124 36.75 -23.61 65.65
C LEU A 124 35.52 -23.28 66.48
N SER A 125 35.08 -24.22 67.31
CA SER A 125 33.93 -23.94 68.18
C SER A 125 34.24 -22.81 69.15
N LYS A 126 35.46 -22.79 69.71
CA LYS A 126 35.79 -21.71 70.63
C LYS A 126 35.81 -20.36 69.91
N LYS A 127 36.37 -20.31 68.71
CA LYS A 127 36.36 -19.06 67.96
C LYS A 127 34.95 -18.68 67.57
N ILE A 128 34.08 -19.67 67.35
CA ILE A 128 32.69 -19.37 67.07
C ILE A 128 32.04 -18.68 68.25
N ASN A 129 32.32 -19.14 69.47
CA ASN A 129 31.79 -18.42 70.64
C ASN A 129 32.36 -17.02 70.73
N SER A 130 33.69 -16.90 70.67
CA SER A 130 34.32 -15.59 70.75
C SER A 130 33.72 -14.64 69.75
N VAL A 131 33.35 -15.17 68.58
CA VAL A 131 32.58 -14.40 67.61
C VAL A 131 31.22 -14.05 68.16
N LEU A 132 30.41 -15.07 68.46
CA LEU A 132 29.01 -14.88 68.83
C LEU A 132 28.83 -13.82 69.90
N TYR A 133 29.85 -13.58 70.72
CA TYR A 133 29.75 -12.46 71.64
C TYR A 133 30.25 -11.16 71.03
N THR A 134 31.51 -11.13 70.62
CA THR A 134 32.15 -9.90 70.16
C THR A 134 32.54 -10.09 68.70
N ALA A 135 31.61 -9.79 67.81
CA ALA A 135 31.83 -9.90 66.37
C ALA A 135 31.23 -8.67 65.71
N SER A 136 32.09 -7.72 65.33
CA SER A 136 31.60 -6.46 64.78
C SER A 136 30.85 -6.65 63.48
N GLY A 137 31.07 -7.75 62.77
CA GLY A 137 30.47 -7.99 61.49
C GLY A 137 31.38 -7.73 60.31
N VAL A 138 32.45 -6.97 60.50
CA VAL A 138 33.37 -6.67 59.41
C VAL A 138 34.11 -7.95 59.04
N ALA A 139 33.91 -8.41 57.80
CA ALA A 139 34.52 -9.66 57.38
C ALA A 139 36.04 -9.52 57.42
N ASP A 140 36.67 -10.14 58.41
CA ASP A 140 38.06 -9.88 58.71
C ASP A 140 38.67 -11.14 59.34
N ALA A 141 39.97 -11.06 59.63
CA ALA A 141 40.65 -12.21 60.23
C ALA A 141 40.01 -12.61 61.54
N THR A 142 39.45 -11.65 62.27
CA THR A 142 38.47 -11.89 63.30
C THR A 142 37.16 -11.27 62.84
N ASN A 143 36.12 -11.38 63.68
CA ASN A 143 34.80 -10.85 63.34
C ASN A 143 34.35 -11.44 62.00
N TYR A 144 34.29 -12.75 61.93
CA TYR A 144 34.29 -13.42 60.63
C TYR A 144 32.98 -13.16 59.90
N GLY A 145 32.72 -11.90 59.57
CA GLY A 145 31.48 -11.51 58.94
C GLY A 145 30.25 -11.69 59.77
N ILE A 146 30.40 -11.99 61.05
CA ILE A 146 29.29 -12.30 61.94
C ILE A 146 29.07 -11.11 62.87
N PHE A 147 27.83 -10.93 63.29
CA PHE A 147 27.50 -9.80 64.15
C PHE A 147 27.38 -10.19 65.62
N GLY A 148 27.04 -11.42 65.93
CA GLY A 148 27.11 -11.84 67.30
C GLY A 148 26.15 -11.07 68.19
N LEU A 149 26.55 -10.90 69.44
CA LEU A 149 25.71 -10.24 70.44
C LEU A 149 26.10 -8.81 70.70
N ASP A 150 27.37 -8.46 70.61
CA ASP A 150 27.76 -7.07 70.84
C ASP A 150 27.38 -6.19 69.67
N ALA A 151 27.61 -6.66 68.44
CA ALA A 151 27.28 -5.82 67.29
C ALA A 151 25.78 -5.82 67.02
N ALA A 152 25.07 -6.87 67.41
CA ALA A 152 23.62 -6.84 67.31
C ALA A 152 23.02 -5.91 68.35
N ALA A 153 23.22 -6.23 69.63
CA ALA A 153 22.61 -5.46 70.69
C ALA A 153 23.23 -4.08 70.80
N GLY A 154 24.55 -4.02 70.99
CA GLY A 154 25.21 -2.77 71.27
C GLY A 154 26.03 -2.90 72.55
N THR A 155 27.22 -2.32 72.57
CA THR A 155 28.09 -2.52 73.72
C THR A 155 27.60 -1.70 74.92
N THR A 156 27.20 -0.47 74.69
CA THR A 156 26.80 0.44 75.76
C THR A 156 25.37 0.90 75.52
N VAL A 157 24.89 1.73 76.44
CA VAL A 157 23.57 2.34 76.26
C VAL A 157 23.59 3.30 75.08
N ALA A 158 24.71 4.01 74.87
CA ALA A 158 24.85 4.81 73.67
C ALA A 158 24.94 3.92 72.44
N ASN A 159 25.66 2.82 72.52
CA ASN A 159 25.78 1.90 71.39
C ASN A 159 24.51 1.09 71.19
N SER A 160 23.66 0.96 72.21
CA SER A 160 22.39 0.30 72.02
C SER A 160 21.54 1.06 71.02
N ALA A 161 21.51 2.38 71.15
CA ALA A 161 21.04 3.27 70.10
C ALA A 161 22.23 3.59 69.19
N THR A 162 22.08 4.60 68.34
CA THR A 162 23.20 5.19 67.60
C THR A 162 24.00 4.10 66.89
N GLY A 163 23.31 3.13 66.32
CA GLY A 163 23.97 2.11 65.55
C GLY A 163 23.18 1.77 64.31
N THR A 164 23.23 0.49 63.93
CA THR A 164 22.40 -0.08 62.87
C THR A 164 22.62 -1.57 62.90
N TYR A 165 21.61 -2.32 62.46
CA TYR A 165 21.69 -3.77 62.52
C TYR A 165 20.70 -4.35 61.53
N ALA A 166 21.16 -5.35 60.79
CA ALA A 166 20.35 -6.04 59.79
C ALA A 166 19.76 -5.09 58.77
N GLY A 167 20.41 -3.94 58.56
CA GLY A 167 19.91 -2.94 57.64
C GLY A 167 18.97 -1.94 58.25
N ILE A 168 18.54 -2.14 59.49
CA ILE A 168 17.59 -1.24 60.15
C ILE A 168 18.36 -0.29 61.04
N SER A 169 18.17 1.00 60.82
CA SER A 169 18.93 2.03 61.52
C SER A 169 18.37 2.22 62.91
N LYS A 170 19.09 1.71 63.92
CA LYS A 170 18.65 1.89 65.30
C LYS A 170 18.55 3.35 65.68
N VAL A 171 19.24 4.23 64.95
CA VAL A 171 19.18 5.65 65.28
C VAL A 171 17.78 6.19 65.05
N THR A 172 17.16 5.81 63.95
CA THR A 172 15.84 6.30 63.59
C THR A 172 14.73 5.39 64.05
N PHE A 173 15.04 4.20 64.54
CA PHE A 173 14.05 3.20 64.89
C PHE A 173 14.34 2.69 66.29
N PRO A 174 13.92 3.44 67.31
CA PRO A 174 14.24 3.03 68.69
C PRO A 174 13.65 1.69 69.07
N ARG A 175 12.66 1.20 68.34
CA ARG A 175 12.20 -0.16 68.56
C ARG A 175 13.29 -1.17 68.25
N TRP A 176 14.17 -0.85 67.31
CA TRP A 176 15.21 -1.75 66.88
C TRP A 176 16.45 -1.68 67.74
N ARG A 177 16.33 -1.24 68.98
CA ARG A 177 17.45 -1.20 69.90
C ARG A 177 17.26 -2.27 70.97
N SER A 178 18.36 -2.78 71.48
CA SER A 178 18.30 -3.72 72.57
C SER A 178 18.31 -2.98 73.90
N ILE A 179 18.20 -3.72 74.99
CA ILE A 179 17.87 -3.14 76.29
C ILE A 179 19.13 -3.07 77.12
N ILE A 180 20.27 -2.87 76.46
CA ILE A 180 21.50 -2.55 77.18
C ILE A 180 21.22 -1.48 78.20
N GLN A 181 21.64 -1.72 79.44
CA GLN A 181 21.55 -0.70 80.47
C GLN A 181 22.47 -1.09 81.62
N GLY A 182 23.40 -0.20 81.96
CA GLY A 182 24.37 -0.50 82.98
C GLY A 182 23.98 0.00 84.34
N GLY A 183 24.80 0.87 84.92
CA GLY A 183 24.57 1.40 86.24
C GLY A 183 24.15 2.85 86.24
N ALA A 184 24.23 3.45 87.42
CA ALA A 184 23.91 4.86 87.55
C ALA A 184 24.88 5.71 86.75
N VAL A 185 26.16 5.37 86.79
CA VAL A 185 27.18 6.02 85.96
C VAL A 185 27.56 5.02 84.87
N PRO A 186 27.36 5.35 83.59
CA PRO A 186 27.69 4.40 82.53
C PRO A 186 29.17 4.03 82.55
N GLY A 187 29.44 2.74 82.36
CA GLY A 187 30.80 2.25 82.39
C GLY A 187 31.48 2.36 83.75
N THR A 188 30.81 1.93 84.82
CA THR A 188 31.45 1.94 86.14
C THR A 188 31.16 0.70 86.97
N ASN A 189 30.50 -0.31 86.42
CA ASN A 189 30.44 -1.64 87.04
C ASN A 189 29.80 -1.58 88.44
N GLU A 190 28.49 -1.29 88.44
CA GLU A 190 27.72 -1.42 89.67
C GLU A 190 27.65 -2.86 90.13
N ALA A 191 26.99 -3.10 91.26
CA ALA A 191 27.09 -4.36 91.98
C ALA A 191 26.06 -5.40 91.56
N LEU A 192 25.28 -5.13 90.53
CA LEU A 192 24.22 -6.04 90.07
C LEU A 192 23.30 -6.42 91.24
N THR A 193 22.59 -5.41 91.72
CA THR A 193 21.55 -5.65 92.70
C THR A 193 20.37 -6.35 92.04
N ILE A 194 19.54 -7.00 92.87
CA ILE A 194 18.28 -7.53 92.37
C ILE A 194 17.47 -6.42 91.73
N ALA A 195 17.60 -5.20 92.25
CA ALA A 195 16.96 -4.05 91.63
C ALA A 195 17.30 -3.95 90.15
N ARG A 196 18.55 -4.26 89.79
CA ARG A 196 18.97 -4.11 88.41
C ARG A 196 18.36 -5.17 87.51
N MET A 197 18.34 -6.42 87.94
CA MET A 197 17.72 -7.44 87.11
C MET A 197 16.21 -7.23 87.02
N THR A 198 15.58 -6.81 88.12
CA THR A 198 14.15 -6.51 88.05
C THR A 198 13.89 -5.35 87.10
N ALA A 199 14.74 -4.32 87.14
CA ALA A 199 14.59 -3.19 86.23
C ALA A 199 14.81 -3.60 84.78
N MET A 200 15.71 -4.55 84.53
CA MET A 200 15.91 -4.94 83.15
C MET A 200 14.77 -5.82 82.67
N LEU A 201 14.30 -6.74 83.52
CA LEU A 201 13.14 -7.54 83.16
C LEU A 201 11.90 -6.68 83.00
N ARG A 202 11.82 -5.53 83.68
CA ARG A 202 10.65 -4.69 83.45
C ARG A 202 10.82 -3.92 82.16
N ALA A 203 12.03 -3.41 81.90
CA ALA A 203 12.32 -2.82 80.60
C ALA A 203 12.19 -3.86 79.51
N ARG A 204 12.52 -5.10 79.84
CA ARG A 204 12.21 -6.22 78.95
C ARG A 204 10.70 -6.31 78.74
N ARG A 205 9.93 -6.17 79.82
CA ARG A 205 8.48 -6.23 79.72
C ARG A 205 7.91 -4.93 79.16
N THR A 206 8.49 -3.79 79.54
CA THR A 206 8.01 -2.52 79.02
C THR A 206 8.09 -2.49 77.51
N ALA A 207 9.01 -3.25 76.93
CA ALA A 207 9.16 -3.34 75.49
C ALA A 207 8.23 -4.37 74.88
N GLY A 208 7.27 -4.88 75.64
CA GLY A 208 6.36 -5.87 75.09
C GLY A 208 7.00 -7.19 74.78
N VAL A 209 8.13 -7.47 75.42
CA VAL A 209 8.91 -8.66 75.14
C VAL A 209 8.78 -9.61 76.33
N THR A 210 8.97 -10.90 76.07
CA THR A 210 8.89 -11.88 77.14
C THR A 210 9.89 -11.59 78.23
N TYR A 211 9.45 -11.72 79.47
CA TYR A 211 10.27 -11.39 80.63
C TYR A 211 10.18 -12.46 81.72
N LYS A 212 9.80 -13.68 81.35
CA LYS A 212 9.72 -14.77 82.30
C LYS A 212 10.00 -16.07 81.56
N GLY A 213 10.27 -17.12 82.32
CA GLY A 213 10.35 -18.43 81.72
C GLY A 213 9.01 -19.04 81.42
N ASN A 214 7.93 -18.51 82.01
CA ASN A 214 6.61 -19.02 81.72
C ASN A 214 6.11 -18.64 80.35
N GLN A 215 6.73 -17.66 79.70
CA GLN A 215 6.22 -17.12 78.45
C GLN A 215 6.70 -17.88 77.24
N ASN A 216 6.99 -19.17 77.42
CA ASN A 216 7.34 -20.14 76.39
C ASN A 216 8.14 -19.59 75.23
N GLN A 217 9.20 -18.83 75.52
CA GLN A 217 10.19 -18.52 74.49
C GLN A 217 11.60 -18.94 74.84
N ARG A 218 11.80 -19.77 75.87
CA ARG A 218 13.08 -20.39 76.13
C ARG A 218 14.19 -19.34 76.19
N LEU A 219 14.06 -18.46 77.18
CA LEU A 219 15.01 -17.40 77.41
C LEU A 219 16.26 -17.99 78.04
N VAL A 220 17.29 -17.16 78.23
CA VAL A 220 18.49 -17.57 78.94
C VAL A 220 19.22 -16.30 79.35
N ILE A 221 20.10 -16.41 80.32
CA ILE A 221 21.11 -15.40 80.56
C ILE A 221 22.47 -16.03 80.43
N LEU A 222 23.38 -15.31 79.79
CA LEU A 222 24.77 -15.71 79.67
C LEU A 222 25.62 -14.71 80.44
N THR A 223 26.45 -15.23 81.34
CA THR A 223 27.28 -14.41 82.19
C THR A 223 28.73 -14.85 82.05
N SER A 224 29.63 -14.03 82.56
CA SER A 224 31.05 -14.27 82.38
C SER A 224 31.60 -15.35 83.29
N ASP A 225 30.76 -15.99 84.10
CA ASP A 225 31.18 -16.98 85.09
C ASP A 225 31.98 -16.32 86.21
N ASN A 226 32.26 -15.03 86.05
CA ASN A 226 32.59 -14.18 87.18
C ASN A 226 31.34 -13.59 87.81
N ILE A 227 30.19 -13.89 87.21
CA ILE A 227 28.91 -13.38 87.67
C ILE A 227 28.01 -14.49 88.19
N GLU A 228 27.96 -15.63 87.49
CA GLU A 228 27.22 -16.75 88.02
C GLU A 228 27.81 -17.25 89.34
N ASN A 229 29.13 -17.17 89.50
CA ASN A 229 29.77 -17.71 90.67
C ASN A 229 30.21 -16.65 91.68
N ASP A 230 30.69 -15.49 91.23
CA ASP A 230 31.20 -14.49 92.13
C ASP A 230 30.25 -13.32 92.33
N VAL A 231 29.08 -13.32 91.68
CA VAL A 231 28.08 -12.28 91.87
C VAL A 231 26.73 -12.87 92.24
N LEU A 232 26.23 -13.81 91.42
CA LEU A 232 24.91 -14.36 91.71
C LEU A 232 24.90 -15.22 92.96
N ARG A 233 26.05 -15.71 93.41
CA ARG A 233 26.07 -16.50 94.65
C ARG A 233 25.81 -15.60 95.86
N PRO A 234 26.58 -14.54 96.11
CA PRO A 234 26.18 -13.61 97.17
C PRO A 234 24.84 -12.95 96.88
N LEU A 235 24.49 -12.76 95.61
CA LEU A 235 23.22 -12.15 95.29
C LEU A 235 22.07 -12.99 95.78
N TYR A 236 22.13 -14.31 95.55
CA TYR A 236 21.12 -15.19 96.12
C TYR A 236 21.24 -15.23 97.63
N GLY A 237 22.45 -15.07 98.16
CA GLY A 237 22.59 -14.91 99.59
C GLY A 237 21.86 -13.69 100.13
N THR A 238 21.58 -12.71 99.27
CA THR A 238 20.87 -11.51 99.68
C THR A 238 19.39 -11.55 99.37
N VAL A 239 19.00 -12.03 98.18
CA VAL A 239 17.59 -11.96 97.81
C VAL A 239 16.75 -12.84 98.72
N VAL A 240 17.29 -13.97 99.16
CA VAL A 240 16.63 -14.85 100.10
C VAL A 240 17.52 -15.00 101.32
N ASP A 241 17.00 -14.66 102.49
CA ASP A 241 17.69 -14.93 103.72
C ASP A 241 17.44 -16.37 104.14
N ASN A 242 18.28 -16.86 105.05
CA ASN A 242 18.12 -18.19 105.63
C ASN A 242 18.13 -19.26 104.54
N GLN A 243 19.29 -19.43 103.93
CA GLN A 243 19.45 -20.47 102.94
C GLN A 243 19.52 -21.87 103.54
N ASN A 244 19.22 -22.03 104.83
CA ASN A 244 18.79 -23.30 105.39
C ASN A 244 19.59 -24.53 104.97
N VAL A 245 20.84 -24.62 105.38
CA VAL A 245 21.57 -25.86 105.28
C VAL A 245 21.54 -26.54 106.64
N ASP A 246 21.22 -27.83 106.66
CA ASP A 246 21.18 -28.56 107.91
C ASP A 246 22.56 -28.65 108.52
N PHE A 247 22.65 -28.48 109.84
CA PHE A 247 23.96 -28.49 110.49
C PHE A 247 24.59 -29.86 110.49
N THR A 248 23.80 -30.92 110.61
CA THR A 248 24.31 -32.26 110.80
C THR A 248 24.54 -32.99 109.48
N ARG A 249 24.67 -32.27 108.37
CA ARG A 249 24.96 -32.91 107.10
C ARG A 249 26.29 -33.63 107.15
N LEU A 250 26.31 -34.87 106.67
CA LEU A 250 27.56 -35.61 106.63
C LEU A 250 28.50 -35.08 105.56
N ASP A 251 27.98 -34.33 104.60
CA ASP A 251 28.80 -33.78 103.51
C ASP A 251 28.21 -32.44 103.06
N LYS A 252 28.74 -31.37 103.64
CA LYS A 252 28.25 -30.03 103.36
C LYS A 252 29.14 -29.39 102.32
N ASP A 253 28.55 -29.03 101.19
CA ASP A 253 29.27 -28.44 100.08
C ASP A 253 29.35 -26.93 100.26
N LEU A 254 30.57 -26.39 100.24
CA LEU A 254 30.71 -24.94 100.30
C LEU A 254 30.12 -24.28 99.06
N LEU A 255 30.33 -24.90 97.90
CA LEU A 255 29.83 -24.39 96.62
C LEU A 255 28.98 -25.50 96.01
N PRO A 256 27.69 -25.54 96.29
CA PRO A 256 26.86 -26.62 95.75
C PRO A 256 26.62 -26.43 94.27
N TYR A 257 26.17 -27.50 93.63
CA TYR A 257 25.84 -27.45 92.21
C TYR A 257 24.53 -26.67 92.06
N VAL A 258 24.63 -25.41 91.67
CA VAL A 258 23.46 -24.56 91.53
C VAL A 258 23.27 -24.22 90.06
N ASN A 259 22.02 -23.89 89.72
CA ASN A 259 21.70 -23.46 88.38
C ASN A 259 21.50 -21.95 88.27
N TYR A 260 20.99 -21.33 89.32
CA TYR A 260 20.81 -19.88 89.38
C TYR A 260 19.91 -19.37 88.26
N MET A 261 18.66 -19.81 88.28
CA MET A 261 17.68 -19.18 87.43
C MET A 261 17.35 -17.78 87.96
N VAL A 262 16.78 -16.96 87.10
CA VAL A 262 16.23 -15.67 87.50
C VAL A 262 14.85 -15.56 86.85
N LYS A 263 13.80 -15.79 87.63
CA LYS A 263 12.44 -15.82 87.10
C LYS A 263 12.34 -16.86 85.99
N GLY A 264 12.93 -18.03 86.24
CA GLY A 264 12.88 -19.13 85.31
C GLY A 264 13.84 -19.03 84.15
N ILE A 265 14.53 -17.91 84.01
CA ILE A 265 15.50 -17.72 82.93
C ILE A 265 16.80 -18.36 83.36
N PRO A 266 17.27 -19.41 82.68
CA PRO A 266 18.56 -20.01 83.05
C PRO A 266 19.69 -19.01 82.87
N VAL A 267 20.71 -19.14 83.71
CA VAL A 267 21.80 -18.17 83.72
C VAL A 267 23.09 -18.90 83.39
N VAL A 268 23.03 -19.83 82.45
CA VAL A 268 24.22 -20.53 81.99
C VAL A 268 25.32 -19.51 81.71
N SER A 269 26.55 -19.88 82.06
CA SER A 269 27.69 -18.98 81.93
C SER A 269 28.77 -19.62 81.08
N ASP A 270 29.71 -18.79 80.62
CA ASP A 270 30.85 -19.30 79.89
C ASP A 270 32.03 -18.38 80.08
N ILE A 271 33.21 -18.94 79.82
CA ILE A 271 34.44 -18.19 80.05
C ILE A 271 34.58 -17.07 79.04
N ASP A 272 34.27 -17.34 77.78
CA ASP A 272 34.49 -16.36 76.73
C ASP A 272 33.26 -15.48 76.50
N CYS A 273 32.75 -14.92 77.58
CA CYS A 273 31.68 -13.93 77.57
C CYS A 273 32.22 -12.63 78.12
N PRO A 274 31.85 -11.48 77.55
CA PRO A 274 32.41 -10.21 78.01
C PRO A 274 32.24 -10.05 79.51
N ALA A 275 33.32 -9.60 80.16
CA ALA A 275 33.48 -9.79 81.60
C ALA A 275 32.34 -9.20 82.40
N ASN A 276 32.18 -7.88 82.36
CA ASN A 276 31.19 -7.25 83.22
C ASN A 276 29.86 -7.09 82.52
N LYS A 277 29.38 -8.16 81.90
CA LYS A 277 28.13 -8.13 81.17
C LYS A 277 27.38 -9.42 81.41
N MET A 278 26.06 -9.35 81.24
CA MET A 278 25.25 -10.55 81.26
C MET A 278 24.11 -10.33 80.28
N TYR A 279 24.07 -11.17 79.25
CA TYR A 279 23.12 -11.04 78.15
C TYR A 279 21.89 -11.87 78.45
N LEU A 280 20.72 -11.28 78.33
CA LEU A 280 19.50 -12.07 78.34
C LEU A 280 19.11 -12.29 76.89
N LEU A 281 19.01 -13.55 76.51
CA LEU A 281 18.81 -13.95 75.13
C LEU A 281 17.50 -14.70 74.98
N ASN A 282 16.81 -14.46 73.88
CA ASN A 282 15.62 -15.20 73.51
C ASN A 282 16.00 -16.17 72.40
N LEU A 283 16.22 -17.43 72.77
CA LEU A 283 16.77 -18.39 71.83
C LEU A 283 15.79 -18.80 70.74
N ASP A 284 14.49 -18.56 70.93
CA ASP A 284 13.60 -18.71 69.80
C ASP A 284 13.66 -17.52 68.85
N LYS A 285 14.40 -16.47 69.22
CA LYS A 285 14.57 -15.33 68.34
C LYS A 285 16.04 -14.98 68.14
N LEU A 286 16.95 -15.87 68.51
CA LEU A 286 18.35 -15.80 68.14
C LEU A 286 18.68 -17.05 67.35
N ALA A 287 19.14 -16.88 66.12
CA ALA A 287 19.35 -18.03 65.27
C ALA A 287 20.74 -18.00 64.65
N ILE A 288 21.23 -19.17 64.29
CA ILE A 288 22.46 -19.32 63.54
C ILE A 288 22.10 -19.76 62.14
N TYR A 289 22.55 -19.00 61.15
CA TYR A 289 22.28 -19.32 59.76
C TYR A 289 23.59 -19.65 59.07
N SER A 290 23.65 -20.84 58.49
CA SER A 290 24.79 -21.23 57.67
C SER A 290 24.34 -21.35 56.22
N PHE A 291 25.26 -21.05 55.31
CA PHE A 291 24.97 -21.05 53.89
C PHE A 291 25.26 -22.43 53.33
N ASP A 292 24.22 -23.16 52.95
CA ASP A 292 24.37 -24.54 52.49
C ASP A 292 24.74 -24.55 51.02
N GLN A 293 26.04 -24.34 50.76
CA GLN A 293 26.57 -24.41 49.40
C GLN A 293 27.04 -25.81 49.05
N SER A 294 26.47 -26.84 49.67
CA SER A 294 26.85 -28.20 49.35
C SER A 294 26.28 -28.63 48.01
N ASP A 295 25.12 -28.09 47.63
CA ASP A 295 24.48 -28.53 46.39
C ASP A 295 25.33 -28.23 45.18
N ALA A 296 26.19 -27.22 45.25
CA ALA A 296 27.06 -26.87 44.16
C ALA A 296 28.41 -27.55 44.25
N ASP A 297 28.59 -28.45 45.21
CA ASP A 297 29.82 -29.23 45.27
C ASP A 297 29.85 -30.25 44.12
N GLN A 298 31.05 -30.72 43.83
CA GLN A 298 31.19 -31.82 42.90
C GLN A 298 30.78 -33.11 43.61
N SER A 299 30.89 -34.23 42.91
CA SER A 299 30.60 -35.54 43.50
C SER A 299 31.86 -36.39 43.61
N ASN A 300 33.02 -35.74 43.69
CA ASN A 300 34.29 -36.47 43.72
C ASN A 300 34.59 -37.00 45.11
N GLY A 301 34.62 -36.13 46.12
CA GLY A 301 34.95 -36.55 47.46
C GLY A 301 35.88 -35.60 48.17
N LYS A 302 36.20 -34.48 47.52
CA LYS A 302 37.04 -33.48 48.15
C LYS A 302 36.36 -32.89 49.38
N ILE A 303 35.05 -32.69 49.32
CA ILE A 303 34.30 -32.01 50.36
C ILE A 303 33.61 -33.07 51.21
N THR A 304 33.57 -32.84 52.52
CA THR A 304 33.06 -33.89 53.40
C THR A 304 31.94 -33.44 54.34
N TYR A 305 32.00 -32.20 54.86
CA TYR A 305 30.93 -31.64 55.67
C TYR A 305 30.66 -32.47 56.94
N ILE A 306 31.62 -32.40 57.86
CA ILE A 306 31.39 -32.95 59.20
C ILE A 306 30.63 -31.92 60.03
N PRO A 307 29.56 -32.31 60.74
CA PRO A 307 28.85 -31.35 61.58
C PRO A 307 29.65 -31.01 62.81
N LEU A 308 29.65 -29.72 63.15
CA LEU A 308 30.49 -29.23 64.22
C LEU A 308 30.03 -29.74 65.57
N ARG A 309 30.98 -30.02 66.46
CA ARG A 309 30.72 -30.56 67.78
C ARG A 309 30.86 -29.46 68.83
N TYR A 310 29.96 -29.46 69.81
CA TYR A 310 29.99 -28.48 70.88
C TYR A 310 29.82 -29.18 72.22
N VAL A 311 30.28 -28.52 73.27
CA VAL A 311 30.12 -28.99 74.64
C VAL A 311 29.63 -27.84 75.50
N ASP A 312 28.68 -28.11 76.39
CA ASP A 312 28.21 -27.09 77.30
C ASP A 312 29.00 -27.08 78.60
N GLU A 313 29.57 -28.21 79.00
CA GLU A 313 30.38 -28.32 80.20
C GLU A 313 31.78 -28.77 79.78
N THR A 314 32.63 -29.04 80.76
CA THR A 314 33.99 -29.46 80.47
C THR A 314 34.11 -30.98 80.36
N GLY A 315 33.45 -31.71 81.24
CA GLY A 315 33.54 -33.15 81.26
C GLY A 315 32.45 -33.88 80.51
N ASP A 316 31.68 -33.17 79.69
CA ASP A 316 30.63 -33.80 78.90
C ASP A 316 31.12 -34.15 77.50
N THR A 317 30.55 -35.21 76.95
CA THR A 317 30.92 -35.66 75.62
C THR A 317 30.54 -34.60 74.60
N PRO A 318 31.35 -34.39 73.57
CA PRO A 318 30.99 -33.43 72.53
C PRO A 318 29.74 -33.85 71.79
N SER A 319 28.66 -33.10 71.97
CA SER A 319 27.44 -33.29 71.21
C SER A 319 27.54 -32.49 69.92
N GLU A 320 27.25 -33.14 68.80
CA GLU A 320 27.40 -32.51 67.50
C GLU A 320 26.19 -31.66 67.16
N SER A 321 26.46 -30.46 66.64
CA SER A 321 25.43 -29.50 66.31
C SER A 321 25.06 -29.59 64.83
N THR A 322 24.12 -28.75 64.42
CA THR A 322 23.70 -28.68 63.03
C THR A 322 24.45 -27.60 62.27
N LEU A 323 25.46 -26.99 62.88
CA LEU A 323 26.30 -26.02 62.19
C LEU A 323 27.32 -26.79 61.38
N TRP A 324 26.92 -27.17 60.17
CA TRP A 324 27.68 -28.14 59.40
C TRP A 324 28.98 -27.50 58.95
N VAL A 325 30.10 -28.20 59.14
CA VAL A 325 31.42 -27.65 58.89
C VAL A 325 32.06 -28.38 57.73
N ARG A 326 32.56 -27.61 56.76
CA ARG A 326 33.12 -28.17 55.54
C ARG A 326 34.58 -28.53 55.75
N LEU A 327 34.88 -29.82 55.71
CA LEU A 327 36.26 -30.29 55.67
C LEU A 327 36.56 -30.66 54.22
N ALA A 328 37.35 -29.84 53.57
CA ALA A 328 37.69 -29.99 52.17
C ALA A 328 39.12 -30.50 52.02
N ASP A 329 39.38 -31.10 50.87
CA ASP A 329 40.74 -31.44 50.47
C ASP A 329 41.18 -30.37 49.49
N VAL A 330 42.11 -29.52 49.92
CA VAL A 330 42.64 -28.52 49.01
C VAL A 330 44.00 -29.01 48.51
N SER A 331 44.15 -30.33 48.46
CA SER A 331 45.33 -30.93 47.85
C SER A 331 45.27 -30.82 46.34
N ASP A 332 46.37 -30.36 45.75
CA ASP A 332 46.54 -30.20 44.32
C ASP A 332 47.20 -31.45 43.72
N GLU A 333 47.72 -31.36 42.49
CA GLU A 333 48.38 -32.49 41.84
C GLU A 333 49.54 -33.01 42.69
N HIS A 334 50.10 -32.18 43.57
CA HIS A 334 51.27 -32.55 44.35
C HIS A 334 51.01 -33.84 45.10
N PRO A 335 51.87 -34.84 44.97
CA PRO A 335 51.63 -36.13 45.63
C PRO A 335 52.26 -36.23 47.00
N ASP A 336 52.68 -35.09 47.58
CA ASP A 336 53.35 -35.13 48.87
C ASP A 336 52.74 -34.17 49.88
N LEU A 337 51.50 -33.74 49.68
CA LEU A 337 50.84 -32.82 50.61
C LEU A 337 49.35 -33.09 50.54
N LEU A 338 48.75 -33.54 51.63
CA LEU A 338 47.31 -33.76 51.62
C LEU A 338 46.53 -32.47 51.81
N LYS A 339 47.04 -31.54 52.62
CA LYS A 339 46.55 -30.17 52.63
C LYS A 339 45.04 -30.10 52.84
N PHE A 340 44.61 -30.49 54.04
CA PHE A 340 43.20 -30.40 54.39
C PHE A 340 42.84 -28.99 54.82
N GLU A 341 41.61 -28.60 54.53
CA GLU A 341 41.08 -27.29 54.88
C GLU A 341 39.79 -27.48 55.65
N LEU A 342 39.55 -26.64 56.65
CA LEU A 342 38.37 -26.76 57.48
C LEU A 342 37.74 -25.38 57.59
N SER A 343 36.53 -25.23 57.08
CA SER A 343 35.92 -23.92 56.99
C SER A 343 34.45 -23.99 57.38
N VAL A 344 33.95 -22.86 57.85
CA VAL A 344 32.54 -22.70 58.19
C VAL A 344 32.19 -21.23 58.06
N ALA A 345 31.01 -20.95 57.52
CA ALA A 345 30.48 -19.60 57.47
C ALA A 345 29.11 -19.63 58.12
N LEU A 346 28.88 -18.68 59.03
CA LEU A 346 27.60 -18.60 59.73
C LEU A 346 27.35 -17.16 60.13
N GLN A 347 26.09 -16.89 60.46
CA GLN A 347 25.67 -15.58 60.92
C GLN A 347 24.77 -15.76 62.11
N LEU A 348 24.91 -14.90 63.10
CA LEU A 348 24.02 -14.87 64.25
C LEU A 348 22.97 -13.79 63.99
N VAL A 349 21.75 -14.21 63.71
CA VAL A 349 20.67 -13.29 63.41
C VAL A 349 19.85 -13.07 64.66
N ALA A 350 19.61 -11.80 64.98
CA ALA A 350 18.78 -11.41 66.10
C ALA A 350 17.43 -10.98 65.54
N PHE A 351 16.55 -11.97 65.32
CA PHE A 351 15.17 -11.64 65.01
C PHE A 351 14.60 -10.80 66.14
N ASP A 352 14.08 -9.62 65.80
CA ASP A 352 13.51 -8.70 66.79
C ASP A 352 14.55 -8.31 67.84
N LEU A 353 15.54 -7.57 67.37
CA LEU A 353 16.71 -7.19 68.15
C LEU A 353 16.38 -6.77 69.58
N ILE A 354 15.21 -6.20 69.81
CA ILE A 354 14.85 -5.82 71.17
C ILE A 354 14.51 -7.06 72.00
N ASP A 355 13.87 -8.04 71.37
CA ASP A 355 13.59 -9.31 72.04
C ASP A 355 14.83 -10.16 72.16
N SER A 356 15.60 -10.25 71.07
CA SER A 356 16.63 -11.28 70.99
C SER A 356 17.68 -11.09 72.08
N ILE A 357 18.27 -9.90 72.19
CA ILE A 357 19.33 -9.66 73.14
C ILE A 357 18.92 -8.55 74.08
N SER A 358 19.07 -8.78 75.38
CA SER A 358 18.96 -7.75 76.39
C SER A 358 20.16 -7.88 77.29
N VAL A 359 20.82 -6.77 77.57
CA VAL A 359 22.10 -6.77 78.26
C VAL A 359 21.97 -5.96 79.54
N ILE A 360 22.32 -6.58 80.67
CA ILE A 360 22.63 -5.82 81.87
C ILE A 360 24.08 -5.40 81.71
N ARG A 361 24.29 -4.16 81.26
CA ARG A 361 25.55 -3.80 80.62
C ARG A 361 26.72 -3.89 81.58
N ASP A 362 26.55 -3.43 82.81
CA ASP A 362 27.71 -3.09 83.63
C ASP A 362 27.57 -3.72 85.01
N ILE A 363 28.46 -4.63 85.32
CA ILE A 363 28.41 -5.38 86.57
C ILE A 363 29.78 -5.32 87.21
N THR A 364 29.81 -5.35 88.55
CA THR A 364 31.05 -5.15 89.28
C THR A 364 32.12 -6.16 88.91
N GLN A 365 31.74 -7.35 88.43
CA GLN A 365 32.73 -8.33 87.99
C GLN A 365 32.12 -9.42 87.11
N LEU B 3 32.42 -14.74 38.40
CA LEU B 3 31.26 -14.63 37.50
C LEU B 3 30.13 -14.01 38.28
N THR B 4 30.48 -13.14 39.23
CA THR B 4 29.47 -12.43 39.97
C THR B 4 28.60 -11.58 39.07
N ASN B 5 29.09 -11.25 37.88
CA ASN B 5 28.41 -10.25 37.07
C ASN B 5 27.10 -10.78 36.50
N LEU B 6 27.07 -12.06 36.13
CA LEU B 6 25.87 -12.69 35.60
C LEU B 6 24.80 -12.89 36.65
N THR B 7 25.00 -12.41 37.87
CA THR B 7 24.02 -12.50 38.95
C THR B 7 23.91 -11.14 39.61
N PRO B 8 23.33 -10.17 38.94
CA PRO B 8 23.20 -8.84 39.53
C PRO B 8 22.36 -8.92 40.78
N THR B 9 22.71 -8.10 41.77
CA THR B 9 21.94 -8.12 43.01
C THR B 9 20.49 -7.77 42.76
N GLU B 10 20.23 -6.89 41.79
CA GLU B 10 18.86 -6.45 41.55
C GLU B 10 17.96 -7.60 41.13
N LEU B 11 18.52 -8.60 40.46
CA LEU B 11 17.75 -9.72 39.95
C LEU B 11 17.71 -10.89 40.91
N LEU B 12 18.24 -10.74 42.11
CA LEU B 12 18.25 -11.79 43.11
C LEU B 12 17.15 -11.50 44.13
N ALA B 13 16.16 -12.39 44.23
CA ALA B 13 15.01 -12.19 45.12
C ALA B 13 15.21 -13.07 46.35
N ASN B 14 15.86 -12.49 47.35
CA ASN B 14 16.13 -13.21 48.58
C ASN B 14 14.82 -13.65 49.21
N LYS B 15 14.70 -14.95 49.50
CA LYS B 15 13.55 -15.38 50.26
C LYS B 15 13.65 -14.83 51.67
N ALA B 16 12.49 -14.60 52.28
CA ALA B 16 12.43 -14.03 53.61
C ALA B 16 11.92 -15.06 54.60
N VAL B 17 12.47 -14.98 55.82
CA VAL B 17 11.90 -15.75 56.91
C VAL B 17 10.50 -15.23 57.16
N ASP B 18 9.50 -16.09 57.02
CA ASP B 18 8.13 -15.61 57.14
C ASP B 18 7.86 -15.29 58.59
N TYR B 19 8.54 -14.26 59.09
CA TYR B 19 8.46 -13.88 60.48
C TYR B 19 8.50 -12.37 60.58
N LEU B 20 7.67 -11.81 61.45
CA LEU B 20 7.59 -10.38 61.67
C LEU B 20 7.93 -10.10 63.12
N ALA B 21 8.85 -9.16 63.35
CA ALA B 21 9.23 -8.77 64.70
C ALA B 21 8.14 -7.90 65.33
N ASN B 22 6.94 -8.46 65.40
CA ASN B 22 5.79 -7.79 65.97
C ASN B 22 5.64 -8.13 67.45
N SER B 23 6.71 -7.98 68.21
CA SER B 23 6.66 -8.21 69.65
C SER B 23 6.59 -6.85 70.34
N PHE B 24 5.43 -6.24 70.25
CA PHE B 24 5.13 -5.02 70.98
C PHE B 24 4.40 -5.35 72.26
N LEU B 25 3.89 -4.30 72.91
CA LEU B 25 3.29 -4.39 74.23
C LEU B 25 1.80 -4.65 74.06
N VAL B 26 1.43 -5.93 74.09
CA VAL B 26 0.03 -6.34 74.06
C VAL B 26 -0.45 -6.72 75.45
N GLU B 27 0.36 -6.52 76.46
CA GLU B 27 0.03 -6.92 77.82
C GLU B 27 -0.98 -5.94 78.40
N THR B 28 -2.23 -6.36 78.50
CA THR B 28 -3.32 -5.51 78.98
C THR B 28 -4.10 -6.24 80.06
N PRO B 29 -3.57 -6.32 81.29
CA PRO B 29 -4.30 -7.02 82.35
C PRO B 29 -5.38 -6.17 83.00
N MET B 30 -5.17 -4.86 83.10
CA MET B 30 -6.24 -3.98 83.58
C MET B 30 -7.46 -4.16 82.70
N LEU B 31 -7.30 -4.03 81.39
CA LEU B 31 -8.36 -4.44 80.48
C LEU B 31 -8.63 -5.93 80.62
N GLY B 32 -7.58 -6.72 80.81
CA GLY B 32 -7.69 -8.17 80.89
C GLY B 32 -8.72 -8.67 81.86
N LEU B 33 -8.50 -8.47 83.15
CA LEU B 33 -9.59 -8.58 84.09
C LEU B 33 -10.63 -7.52 83.74
N LEU B 34 -11.90 -7.85 83.95
CA LEU B 34 -13.03 -7.03 83.49
C LEU B 34 -12.97 -6.76 81.99
N ALA B 35 -12.67 -7.81 81.22
CA ALA B 35 -12.82 -7.79 79.78
C ALA B 35 -13.92 -8.72 79.29
N ASN B 36 -13.91 -9.96 79.77
CA ASN B 36 -14.96 -10.89 79.38
C ASN B 36 -16.30 -10.51 79.97
N ARG B 37 -16.34 -9.55 80.88
CA ARG B 37 -17.57 -9.03 81.45
C ARG B 37 -17.85 -7.63 80.95
N VAL B 38 -17.55 -7.37 79.70
CA VAL B 38 -17.88 -6.08 79.10
C VAL B 38 -19.35 -6.11 78.74
N ILE B 39 -20.09 -5.10 79.20
CA ILE B 39 -21.53 -5.04 78.97
C ILE B 39 -21.77 -4.24 77.71
N ASN B 40 -22.25 -4.89 76.67
CA ASN B 40 -22.63 -4.22 75.43
C ASN B 40 -24.09 -3.81 75.57
N GLN B 41 -24.30 -2.52 75.79
CA GLN B 41 -25.62 -1.98 76.07
C GLN B 41 -26.22 -1.37 74.82
N LYS B 42 -27.51 -1.58 74.63
CA LYS B 42 -28.21 -0.90 73.55
C LYS B 42 -28.57 0.53 73.90
N GLN B 43 -28.32 0.96 75.12
CA GLN B 43 -28.56 2.33 75.53
C GLN B 43 -27.24 2.98 75.91
N LYS B 44 -27.20 4.30 75.77
CA LYS B 44 -25.96 5.03 75.97
C LYS B 44 -25.63 5.25 77.43
N ALA B 45 -26.58 5.10 78.34
CA ALA B 45 -26.40 5.49 79.72
C ALA B 45 -26.42 4.27 80.63
N ILE B 46 -25.77 4.43 81.78
CA ILE B 46 -25.64 3.38 82.79
C ILE B 46 -26.18 4.02 84.06
N GLU B 47 -27.40 3.66 84.44
CA GLU B 47 -28.04 4.21 85.63
C GLU B 47 -28.21 3.12 86.66
N TRP B 48 -27.88 3.43 87.91
CA TRP B 48 -27.92 2.46 88.98
C TRP B 48 -27.97 3.19 90.32
N GLY B 49 -28.50 2.51 91.32
CA GLY B 49 -28.70 3.14 92.60
C GLY B 49 -27.53 2.92 93.54
N ALA B 50 -27.25 3.93 94.35
CA ALA B 50 -26.19 3.85 95.35
C ALA B 50 -26.74 4.39 96.66
N LYS B 51 -26.79 3.55 97.68
CA LYS B 51 -27.19 4.02 99.00
C LYS B 51 -26.04 4.82 99.57
N VAL B 52 -26.13 6.14 99.52
CA VAL B 52 -25.04 7.00 99.90
C VAL B 52 -25.12 7.45 101.35
N ALA B 53 -26.14 7.03 102.08
CA ALA B 53 -26.21 7.27 103.51
C ALA B 53 -27.19 6.30 104.12
N GLN B 54 -27.07 6.11 105.42
CA GLN B 54 -27.93 5.20 106.15
C GLN B 54 -28.78 5.97 107.14
N GLY B 55 -29.94 5.42 107.45
CA GLY B 55 -30.82 6.05 108.40
C GLY B 55 -30.24 6.08 109.80
N VAL B 56 -30.69 7.06 110.56
CA VAL B 56 -30.33 7.15 111.97
C VAL B 56 -31.24 6.23 112.77
N VAL B 57 -30.69 5.58 113.79
CA VAL B 57 -31.49 4.90 114.79
C VAL B 57 -31.65 5.84 115.97
N GLY B 58 -32.90 6.05 116.38
CA GLY B 58 -33.20 6.92 117.49
C GLY B 58 -33.93 6.16 118.58
N GLY B 59 -33.68 6.53 119.81
CA GLY B 59 -34.29 5.88 120.95
C GLY B 59 -35.45 6.69 121.48
N ARG B 60 -36.42 5.97 122.06
CA ARG B 60 -37.48 6.58 122.84
C ARG B 60 -37.61 5.82 124.13
N THR B 61 -38.00 6.53 125.18
CA THR B 61 -38.37 5.84 126.41
C THR B 61 -39.45 4.82 126.10
N ARG B 62 -39.36 3.66 126.75
CA ARG B 62 -40.12 2.47 126.41
C ARG B 62 -41.56 2.76 125.99
N THR B 63 -42.21 3.68 126.69
CA THR B 63 -43.51 4.21 126.27
C THR B 63 -43.33 5.71 126.14
N GLY B 64 -42.86 6.13 124.98
CA GLY B 64 -42.58 7.53 124.73
C GLY B 64 -43.13 7.99 123.41
N ALA B 65 -42.73 9.17 122.98
CA ALA B 65 -43.25 9.74 121.75
C ALA B 65 -42.84 8.89 120.55
N LEU B 66 -43.81 8.24 119.93
CA LEU B 66 -43.57 7.43 118.74
C LEU B 66 -43.19 8.38 117.61
N ALA B 67 -41.90 8.45 117.31
CA ALA B 67 -41.36 9.49 116.45
C ALA B 67 -40.98 8.93 115.08
N ASN B 68 -40.34 9.78 114.28
CA ASN B 68 -39.88 9.45 112.94
C ASN B 68 -38.44 9.95 112.79
N ASP B 69 -37.60 9.12 112.18
CA ASP B 69 -36.19 9.41 112.04
C ASP B 69 -35.76 9.28 110.59
N THR B 70 -34.68 9.97 110.23
CA THR B 70 -34.27 10.07 108.84
C THR B 70 -33.89 8.72 108.28
N GLN B 71 -34.32 8.47 107.05
CA GLN B 71 -34.01 7.24 106.34
C GLN B 71 -32.81 7.46 105.41
N GLY B 72 -32.24 6.35 104.96
CA GLY B 72 -31.10 6.44 104.06
C GLY B 72 -31.47 7.12 102.76
N THR B 73 -30.57 7.96 102.27
CA THR B 73 -30.81 8.74 101.05
C THR B 73 -30.16 8.03 99.87
N ILE B 74 -30.80 6.96 99.41
CA ILE B 74 -30.39 6.31 98.17
C ILE B 74 -30.40 7.34 97.06
N LYS B 75 -29.38 7.29 96.20
CA LYS B 75 -29.15 8.31 95.18
C LYS B 75 -28.88 7.64 93.86
N GLY B 76 -29.41 8.20 92.79
CA GLY B 76 -29.22 7.62 91.48
C GLY B 76 -27.94 8.09 90.82
N ALA B 77 -27.07 7.15 90.46
CA ALA B 77 -25.83 7.46 89.77
C ALA B 77 -25.96 7.06 88.32
N SER B 78 -25.57 7.96 87.43
CA SER B 78 -25.66 7.72 86.00
C SER B 78 -24.35 8.12 85.34
N LEU B 79 -23.76 7.19 84.62
CA LEU B 79 -22.72 7.49 83.65
C LEU B 79 -23.28 7.31 82.25
N SER B 80 -22.46 7.60 81.26
CA SER B 80 -22.83 7.36 79.88
C SER B 80 -21.68 6.71 79.17
N VAL B 81 -21.95 5.64 78.43
CA VAL B 81 -20.98 5.16 77.45
C VAL B 81 -20.75 6.34 76.53
N PRO B 82 -19.57 6.96 76.58
CA PRO B 82 -19.43 8.30 76.03
C PRO B 82 -19.65 8.32 74.52
N ASP B 83 -19.89 9.51 74.01
CA ASP B 83 -20.06 9.73 72.60
C ASP B 83 -18.74 10.01 71.91
N TYR B 84 -17.67 9.45 72.42
CA TYR B 84 -16.35 9.68 71.87
C TYR B 84 -15.74 8.31 71.58
N TYR B 85 -14.85 8.25 70.59
CA TYR B 85 -14.23 6.99 70.20
C TYR B 85 -12.73 6.97 70.45
N ILE B 86 -12.27 5.79 70.83
CA ILE B 86 -10.87 5.38 70.65
C ILE B 86 -10.82 4.73 69.29
N LYS B 87 -10.18 5.37 68.32
CA LYS B 87 -10.25 4.91 66.95
C LYS B 87 -8.88 4.98 66.30
N HIS B 88 -8.67 4.06 65.37
CA HIS B 88 -7.53 4.07 64.47
C HIS B 88 -8.05 4.16 63.04
N GLN B 89 -7.87 5.31 62.43
CA GLN B 89 -8.28 5.54 61.05
C GLN B 89 -7.05 5.47 60.15
N PHE B 90 -7.11 4.60 59.15
CA PHE B 90 -6.03 4.53 58.18
C PHE B 90 -6.61 4.37 56.79
N ASP B 91 -5.85 4.79 55.78
CA ASP B 91 -6.21 4.59 54.40
C ASP B 91 -5.14 3.74 53.74
N VAL B 92 -5.55 2.72 53.00
CA VAL B 92 -4.66 1.93 52.18
C VAL B 92 -5.09 2.08 50.74
N GLY B 93 -4.17 2.53 49.89
CA GLY B 93 -4.44 2.52 48.46
C GLY B 93 -4.68 1.10 47.98
N LYS B 94 -5.69 0.93 47.13
CA LYS B 94 -5.99 -0.38 46.61
C LYS B 94 -4.82 -0.99 45.85
N ASP B 95 -3.90 -0.15 45.38
CA ASP B 95 -2.67 -0.66 44.80
C ASP B 95 -1.83 -1.38 45.85
N GLU B 96 -1.64 -0.73 47.01
CA GLU B 96 -0.79 -1.30 48.05
C GLU B 96 -1.31 -2.63 48.55
N ILE B 97 -2.61 -2.86 48.46
CA ILE B 97 -3.15 -4.17 48.77
C ILE B 97 -2.75 -5.16 47.69
N VAL B 98 -2.81 -4.76 46.43
CA VAL B 98 -2.52 -5.67 45.34
C VAL B 98 -1.04 -5.67 44.98
N ASN B 99 -0.40 -4.50 45.01
CA ASN B 99 1.04 -4.48 44.77
C ASN B 99 1.77 -5.33 45.78
N SER B 100 1.20 -5.54 46.95
CA SER B 100 1.81 -6.36 47.99
C SER B 100 0.85 -7.44 48.45
N ASP B 101 0.25 -8.17 47.51
CA ASP B 101 -0.51 -9.37 47.86
C ASP B 101 0.28 -10.62 47.50
N ALA B 102 0.69 -10.74 46.25
CA ALA B 102 1.59 -11.80 45.80
C ALA B 102 2.99 -11.26 45.60
N THR B 103 3.27 -10.08 46.15
CA THR B 103 4.54 -9.39 46.00
C THR B 103 5.01 -8.91 47.37
N GLY B 104 4.91 -9.79 48.35
CA GLY B 104 5.38 -9.49 49.69
C GLY B 104 6.24 -10.61 50.21
N LYS B 105 7.42 -10.27 50.74
CA LYS B 105 8.34 -11.30 51.18
C LYS B 105 7.77 -12.10 52.35
N ILE B 106 7.14 -11.42 53.29
CA ILE B 106 6.56 -12.07 54.46
C ILE B 106 5.05 -11.91 54.41
N SER B 107 4.36 -12.81 55.11
CA SER B 107 2.90 -12.78 55.10
C SER B 107 2.35 -11.50 55.69
N ALA B 108 3.11 -10.81 56.53
CA ALA B 108 2.64 -9.57 57.11
C ALA B 108 2.44 -8.52 56.03
N VAL B 109 3.47 -8.28 55.21
CA VAL B 109 3.35 -7.31 54.12
C VAL B 109 2.57 -7.86 52.94
N ARG B 110 2.34 -9.17 52.90
CA ARG B 110 1.46 -9.71 51.88
C ARG B 110 0.00 -9.35 52.15
N ASP B 111 -0.32 -8.91 53.36
CA ASP B 111 -1.66 -8.44 53.70
C ASP B 111 -1.53 -7.11 54.44
N PRO B 112 -1.26 -6.02 53.73
CA PRO B 112 -1.09 -4.73 54.42
C PRO B 112 -2.27 -4.34 55.29
N VAL B 113 -3.48 -4.38 54.72
CA VAL B 113 -4.64 -3.96 55.49
C VAL B 113 -4.90 -4.91 56.65
N GLY B 114 -4.63 -6.21 56.46
CA GLY B 114 -4.78 -7.14 57.55
C GLY B 114 -3.81 -6.87 58.68
N THR B 115 -2.54 -6.65 58.34
CA THR B 115 -1.57 -6.40 59.40
C THR B 115 -1.75 -5.01 60.00
N ALA B 116 -2.27 -4.06 59.22
CA ALA B 116 -2.60 -2.76 59.81
C ALA B 116 -3.76 -2.90 60.78
N ILE B 117 -4.75 -3.73 60.44
CA ILE B 117 -5.85 -3.99 61.35
C ILE B 117 -5.34 -4.64 62.63
N ALA B 118 -4.45 -5.61 62.49
CA ALA B 118 -3.91 -6.27 63.67
C ALA B 118 -3.10 -5.31 64.53
N ASP B 119 -2.27 -4.48 63.90
CA ASP B 119 -1.60 -3.39 64.59
C ASP B 119 -2.59 -2.53 65.36
N ALA B 120 -3.67 -2.13 64.69
CA ALA B 120 -4.63 -1.24 65.30
C ALA B 120 -5.31 -1.90 66.48
N PHE B 121 -5.61 -3.19 66.37
CA PHE B 121 -6.20 -3.90 67.50
C PHE B 121 -5.25 -3.99 68.67
N ASP B 122 -3.98 -4.28 68.41
CA ASP B 122 -3.03 -4.37 69.51
C ASP B 122 -2.89 -3.03 70.21
N VAL B 123 -2.65 -1.97 69.44
CA VAL B 123 -2.51 -0.66 70.05
C VAL B 123 -3.82 -0.15 70.60
N LEU B 124 -4.95 -0.65 70.10
CA LEU B 124 -6.24 -0.23 70.63
C LEU B 124 -6.50 -0.84 71.99
N SER B 125 -6.23 -2.14 72.14
CA SER B 125 -6.34 -2.75 73.46
C SER B 125 -5.34 -2.14 74.41
N LYS B 126 -4.14 -1.81 73.92
CA LYS B 126 -3.16 -1.16 74.78
C LYS B 126 -3.62 0.22 75.21
N LYS B 127 -4.23 0.99 74.31
CA LYS B 127 -4.73 2.31 74.67
C LYS B 127 -5.91 2.19 75.62
N ILE B 128 -6.75 1.18 75.43
CA ILE B 128 -7.87 0.97 76.36
C ILE B 128 -7.34 0.65 77.75
N ASN B 129 -6.35 -0.23 77.83
CA ASN B 129 -5.68 -0.47 79.10
C ASN B 129 -5.15 0.84 79.69
N SER B 130 -4.41 1.61 78.90
CA SER B 130 -3.79 2.81 79.43
C SER B 130 -4.80 3.85 79.86
N VAL B 131 -5.99 3.84 79.26
CA VAL B 131 -6.97 4.88 79.55
C VAL B 131 -7.88 4.48 80.69
N LEU B 132 -8.01 3.19 80.99
CA LEU B 132 -8.77 2.77 82.15
C LEU B 132 -8.12 3.20 83.45
N TYR B 133 -6.88 3.66 83.42
CA TYR B 133 -6.19 4.13 84.61
C TYR B 133 -6.33 5.63 84.78
N THR B 134 -5.85 6.38 83.82
CA THR B 134 -5.86 7.84 83.85
C THR B 134 -6.82 8.31 82.76
N ALA B 135 -8.01 8.72 83.16
CA ALA B 135 -8.96 9.25 82.20
C ALA B 135 -9.94 10.15 82.93
N SER B 136 -9.78 11.46 82.80
CA SER B 136 -10.65 12.38 83.51
C SER B 136 -12.09 12.29 83.03
N GLY B 137 -12.37 11.54 81.97
CA GLY B 137 -13.71 11.43 81.45
C GLY B 137 -14.06 12.47 80.42
N VAL B 138 -13.19 13.46 80.20
CA VAL B 138 -13.46 14.47 79.19
C VAL B 138 -13.52 13.80 77.82
N ALA B 139 -14.35 14.37 76.94
CA ALA B 139 -14.56 13.79 75.61
C ALA B 139 -13.59 14.41 74.61
N ASP B 140 -12.31 14.06 74.78
CA ASP B 140 -11.29 14.49 73.84
C ASP B 140 -10.30 13.36 73.64
N ALA B 141 -9.40 13.54 72.67
CA ALA B 141 -8.37 12.55 72.41
C ALA B 141 -7.36 12.51 73.55
N THR B 142 -6.69 11.35 73.64
CA THR B 142 -5.61 11.09 74.61
C THR B 142 -6.15 11.06 76.03
N ASN B 143 -7.41 11.42 76.20
CA ASN B 143 -8.14 11.17 77.44
C ASN B 143 -9.60 11.07 77.03
N TYR B 144 -10.03 9.85 76.71
CA TYR B 144 -11.28 9.68 75.99
C TYR B 144 -12.43 9.81 76.98
N GLY B 145 -13.65 9.56 76.51
CA GLY B 145 -14.80 9.70 77.40
C GLY B 145 -14.75 8.77 78.58
N ILE B 146 -13.92 7.73 78.53
CA ILE B 146 -13.75 6.82 79.64
C ILE B 146 -13.42 7.61 80.89
N PHE B 147 -14.01 7.19 82.01
CA PHE B 147 -13.69 7.81 83.29
C PHE B 147 -12.55 7.12 84.02
N GLY B 148 -12.14 5.94 83.56
CA GLY B 148 -10.97 5.28 84.11
C GLY B 148 -11.09 5.10 85.61
N LEU B 149 -9.93 5.09 86.26
CA LEU B 149 -9.88 5.05 87.71
C LEU B 149 -9.38 6.34 88.32
N ASP B 150 -8.76 7.21 87.54
CA ASP B 150 -8.29 8.48 88.08
C ASP B 150 -9.39 9.54 88.13
N ALA B 151 -10.49 9.33 87.43
CA ALA B 151 -11.64 10.21 87.58
C ALA B 151 -12.73 9.59 88.43
N ALA B 152 -12.89 8.27 88.36
CA ALA B 152 -13.80 7.59 89.27
C ALA B 152 -13.32 7.77 90.70
N ALA B 153 -12.16 7.21 91.02
CA ALA B 153 -11.62 7.36 92.36
C ALA B 153 -11.18 8.80 92.63
N GLY B 154 -10.42 9.37 91.72
CA GLY B 154 -9.82 10.67 91.93
C GLY B 154 -8.31 10.58 91.84
N THR B 155 -7.63 11.70 91.66
CA THR B 155 -6.19 11.65 91.53
C THR B 155 -5.52 11.62 92.89
N THR B 156 -5.65 12.68 93.68
CA THR B 156 -4.95 12.81 94.93
C THR B 156 -5.92 12.59 96.09
N VAL B 157 -5.41 12.79 97.31
CA VAL B 157 -6.23 12.54 98.49
C VAL B 157 -7.35 13.57 98.58
N ALA B 158 -7.04 14.84 98.36
CA ALA B 158 -8.08 15.85 98.30
C ALA B 158 -9.01 15.60 97.13
N ASN B 159 -8.46 15.23 95.97
CA ASN B 159 -9.26 14.95 94.79
C ASN B 159 -10.11 13.70 94.93
N SER B 160 -9.87 12.87 95.94
CA SER B 160 -10.79 11.77 96.22
C SER B 160 -12.14 12.33 96.64
N ALA B 161 -12.14 13.40 97.42
CA ALA B 161 -13.33 14.23 97.59
C ALA B 161 -13.40 15.20 96.42
N THR B 162 -14.29 16.19 96.51
CA THR B 162 -14.34 17.28 95.54
C THR B 162 -14.50 16.74 94.12
N GLY B 163 -15.61 16.07 93.89
CA GLY B 163 -15.89 15.54 92.55
C GLY B 163 -17.34 15.20 92.41
N THR B 164 -17.72 14.84 91.20
CA THR B 164 -19.10 14.50 90.89
C THR B 164 -19.15 13.26 90.01
N TYR B 165 -18.41 12.22 90.41
CA TYR B 165 -18.40 11.00 89.62
C TYR B 165 -19.81 10.39 89.55
N ALA B 166 -20.20 9.98 88.35
CA ALA B 166 -21.48 9.34 88.09
C ALA B 166 -22.65 10.26 88.40
N GLY B 167 -22.42 11.55 88.46
CA GLY B 167 -23.47 12.49 88.76
C GLY B 167 -23.82 12.58 90.22
N ILE B 168 -23.16 11.81 91.08
CA ILE B 168 -23.35 11.87 92.52
C ILE B 168 -22.19 12.67 93.09
N SER B 169 -22.48 13.83 93.66
CA SER B 169 -21.44 14.71 94.13
C SER B 169 -20.67 14.08 95.29
N LYS B 170 -19.36 14.22 95.28
CA LYS B 170 -18.53 13.66 96.32
C LYS B 170 -18.42 14.55 97.54
N VAL B 171 -18.58 15.86 97.38
CA VAL B 171 -18.59 16.74 98.54
C VAL B 171 -19.85 16.54 99.36
N THR B 172 -21.01 16.45 98.70
CA THR B 172 -22.25 16.32 99.45
C THR B 172 -22.55 14.89 99.84
N PHE B 173 -21.73 13.92 99.43
CA PHE B 173 -21.91 12.54 99.82
C PHE B 173 -20.55 11.94 100.11
N PRO B 174 -20.11 12.00 101.37
CA PRO B 174 -18.82 11.42 101.73
C PRO B 174 -18.74 9.93 101.45
N ARG B 175 -19.88 9.24 101.46
CA ARG B 175 -19.87 7.84 101.09
C ARG B 175 -19.45 7.65 99.65
N TRP B 176 -19.69 8.64 98.80
CA TRP B 176 -19.36 8.52 97.38
C TRP B 176 -17.93 8.96 97.11
N ARG B 177 -16.99 8.42 97.85
CA ARG B 177 -15.58 8.72 97.66
C ARG B 177 -14.80 7.42 97.66
N SER B 178 -13.68 7.42 96.96
CA SER B 178 -12.78 6.28 97.02
C SER B 178 -11.89 6.44 98.25
N ILE B 179 -11.03 5.45 98.45
CA ILE B 179 -10.23 5.38 99.65
C ILE B 179 -8.82 5.92 99.40
N ILE B 180 -8.67 6.81 98.42
CA ILE B 180 -7.35 7.30 98.05
C ILE B 180 -6.64 7.82 99.28
N GLN B 181 -5.48 7.26 99.56
CA GLN B 181 -4.67 7.76 100.66
C GLN B 181 -3.21 7.45 100.38
N GLY B 182 -2.36 8.44 100.65
CA GLY B 182 -0.98 8.32 100.23
C GLY B 182 0.03 8.50 101.35
N GLY B 183 0.92 9.46 101.17
CA GLY B 183 2.04 9.62 102.08
C GLY B 183 1.65 10.30 103.37
N ALA B 184 2.62 10.33 104.29
CA ALA B 184 2.44 11.11 105.51
C ALA B 184 2.22 12.57 105.17
N VAL B 185 3.03 13.09 104.26
CA VAL B 185 2.74 14.35 103.57
C VAL B 185 2.23 14.01 102.18
N PRO B 186 1.13 14.62 101.73
CA PRO B 186 0.53 14.22 100.45
C PRO B 186 1.48 14.40 99.29
N GLY B 187 1.36 13.49 98.32
CA GLY B 187 2.07 13.61 97.06
C GLY B 187 3.57 13.66 97.18
N THR B 188 4.15 12.74 97.97
CA THR B 188 5.59 12.73 98.17
C THR B 188 6.20 11.33 98.05
N ASN B 189 5.38 10.28 97.95
CA ASN B 189 5.85 8.93 97.65
C ASN B 189 6.79 8.40 98.73
N GLU B 190 6.22 8.15 99.90
CA GLU B 190 6.93 7.34 100.88
C GLU B 190 7.01 5.90 100.38
N ALA B 191 7.54 5.02 101.22
CA ALA B 191 8.13 3.76 100.75
C ALA B 191 7.16 2.58 100.73
N LEU B 192 5.87 2.79 101.01
CA LEU B 192 4.89 1.70 101.04
C LEU B 192 5.29 0.63 102.06
N THR B 193 5.21 1.03 103.32
CA THR B 193 5.27 0.05 104.39
C THR B 193 4.00 -0.80 104.37
N ILE B 194 4.05 -1.92 105.09
CA ILE B 194 2.84 -2.72 105.26
C ILE B 194 1.80 -1.94 106.05
N ALA B 195 2.25 -1.00 106.89
CA ALA B 195 1.29 -0.17 107.60
C ALA B 195 0.35 0.54 106.65
N ARG B 196 0.81 0.91 105.47
CA ARG B 196 -0.05 1.59 104.51
C ARG B 196 -1.02 0.63 103.84
N MET B 197 -0.59 -0.59 103.53
CA MET B 197 -1.52 -1.58 102.99
C MET B 197 -2.60 -1.92 104.01
N THR B 198 -2.21 -2.11 105.28
CA THR B 198 -3.20 -2.38 106.30
C THR B 198 -4.06 -1.17 106.57
N ALA B 199 -3.52 0.04 106.39
CA ALA B 199 -4.33 1.24 106.51
C ALA B 199 -5.38 1.31 105.42
N MET B 200 -5.03 0.89 104.21
CA MET B 200 -6.04 0.77 103.16
C MET B 200 -7.08 -0.28 103.49
N LEU B 201 -6.63 -1.46 103.92
CA LEU B 201 -7.61 -2.51 104.18
C LEU B 201 -8.49 -2.15 105.36
N ARG B 202 -7.96 -1.43 106.35
CA ARG B 202 -8.78 -0.91 107.43
C ARG B 202 -9.74 0.14 106.92
N ALA B 203 -9.25 1.05 106.07
CA ALA B 203 -10.08 2.11 105.56
C ALA B 203 -11.15 1.57 104.62
N ARG B 204 -10.87 0.46 103.95
CA ARG B 204 -11.92 -0.25 103.24
C ARG B 204 -12.81 -1.04 104.19
N ARG B 205 -12.24 -1.58 105.26
CA ARG B 205 -13.03 -2.30 106.25
C ARG B 205 -13.94 -1.36 107.01
N THR B 206 -13.41 -0.20 107.42
CA THR B 206 -14.24 0.78 108.13
C THR B 206 -15.29 1.37 107.23
N ALA B 207 -15.22 1.14 105.93
CA ALA B 207 -16.19 1.64 104.97
C ALA B 207 -17.21 0.58 104.62
N GLY B 208 -17.29 -0.50 105.39
CA GLY B 208 -18.25 -1.54 105.14
C GLY B 208 -18.02 -2.25 103.83
N VAL B 209 -16.76 -2.39 103.44
CA VAL B 209 -16.38 -2.84 102.12
C VAL B 209 -15.42 -4.00 102.25
N THR B 210 -15.46 -4.91 101.27
CA THR B 210 -14.58 -6.06 101.30
C THR B 210 -13.13 -5.63 101.36
N TYR B 211 -12.38 -6.31 102.22
CA TYR B 211 -10.97 -6.00 102.46
C TYR B 211 -10.12 -7.26 102.52
N LYS B 212 -10.66 -8.38 102.06
CA LYS B 212 -9.90 -9.62 101.93
C LYS B 212 -10.28 -10.27 100.61
N GLY B 213 -9.38 -11.11 100.12
CA GLY B 213 -9.69 -11.82 98.90
C GLY B 213 -10.60 -13.01 99.07
N ASN B 214 -10.96 -13.32 100.31
CA ASN B 214 -11.82 -14.47 100.60
C ASN B 214 -13.24 -14.06 100.96
N GLN B 215 -13.57 -12.78 100.84
CA GLN B 215 -14.89 -12.28 101.20
C GLN B 215 -15.86 -12.26 100.04
N ASN B 216 -15.64 -13.09 99.03
CA ASN B 216 -16.61 -13.34 97.97
C ASN B 216 -16.88 -12.10 97.12
N GLN B 217 -15.84 -11.34 96.76
CA GLN B 217 -16.04 -10.20 95.86
C GLN B 217 -14.94 -10.09 94.81
N ARG B 218 -13.95 -10.97 94.87
CA ARG B 218 -12.88 -11.00 93.87
C ARG B 218 -12.22 -9.64 93.71
N LEU B 219 -11.57 -9.16 94.76
CA LEU B 219 -10.78 -7.95 94.68
C LEU B 219 -9.48 -8.24 93.94
N VAL B 220 -8.77 -7.17 93.60
CA VAL B 220 -7.50 -7.30 92.89
C VAL B 220 -6.71 -6.04 93.19
N ILE B 221 -5.40 -6.11 93.01
CA ILE B 221 -4.52 -4.96 93.19
C ILE B 221 -3.69 -4.80 91.93
N LEU B 222 -3.65 -3.59 91.39
CA LEU B 222 -2.89 -3.27 90.20
C LEU B 222 -1.80 -2.27 90.58
N THR B 223 -0.56 -2.61 90.29
CA THR B 223 0.58 -1.77 90.57
C THR B 223 1.33 -1.47 89.27
N SER B 224 2.28 -0.56 89.36
CA SER B 224 3.00 -0.10 88.18
C SER B 224 4.00 -1.11 87.67
N ASP B 225 4.04 -2.31 88.26
CA ASP B 225 5.01 -3.36 87.96
C ASP B 225 6.40 -2.93 88.39
N ASN B 226 6.54 -1.66 88.77
CA ASN B 226 7.67 -1.27 89.58
C ASN B 226 7.37 -1.56 91.03
N ILE B 227 6.11 -1.38 91.42
CA ILE B 227 5.72 -1.69 92.78
C ILE B 227 5.72 -3.19 93.01
N GLU B 228 5.19 -3.96 92.05
CA GLU B 228 5.12 -5.41 92.22
C GLU B 228 6.51 -6.02 92.36
N ASN B 229 7.50 -5.49 91.66
CA ASN B 229 8.75 -6.19 91.50
C ASN B 229 9.89 -5.65 92.35
N ASP B 230 9.89 -4.38 92.72
CA ASP B 230 10.92 -3.90 93.62
C ASP B 230 10.35 -2.97 94.68
N VAL B 231 9.07 -3.12 95.02
CA VAL B 231 8.52 -2.46 96.19
C VAL B 231 7.81 -3.49 97.05
N LEU B 232 7.27 -4.54 96.44
CA LEU B 232 6.76 -5.66 97.22
C LEU B 232 7.79 -6.75 97.45
N ARG B 233 8.67 -6.99 96.49
CA ARG B 233 9.69 -8.03 96.71
C ARG B 233 10.56 -7.71 97.91
N PRO B 234 11.15 -6.52 98.04
CA PRO B 234 11.80 -6.19 99.32
C PRO B 234 10.84 -6.14 100.49
N LEU B 235 9.59 -5.73 100.27
CA LEU B 235 8.66 -5.62 101.39
C LEU B 235 8.35 -7.00 101.97
N TYR B 236 8.04 -7.97 101.12
CA TYR B 236 7.80 -9.32 101.58
C TYR B 236 9.00 -9.89 102.32
N GLY B 237 10.19 -9.36 102.06
CA GLY B 237 11.35 -9.74 102.83
C GLY B 237 11.42 -9.13 104.21
N THR B 238 10.57 -8.13 104.48
CA THR B 238 10.46 -7.56 105.81
C THR B 238 9.26 -8.10 106.57
N VAL B 239 8.17 -8.42 105.87
CA VAL B 239 7.04 -9.08 106.52
C VAL B 239 7.46 -10.45 107.03
N VAL B 240 8.17 -11.20 106.21
CA VAL B 240 8.64 -12.53 106.55
C VAL B 240 10.13 -12.45 106.79
N ASP B 241 10.55 -12.85 107.98
CA ASP B 241 11.95 -12.81 108.38
C ASP B 241 12.74 -14.04 107.96
N ASN B 242 12.13 -14.97 107.24
CA ASN B 242 12.76 -16.24 106.91
C ASN B 242 12.24 -16.68 105.54
N GLN B 243 12.99 -16.33 104.48
CA GLN B 243 12.56 -16.73 103.15
C GLN B 243 12.78 -18.21 102.88
N ASN B 244 13.75 -18.83 103.55
CA ASN B 244 13.78 -20.28 103.74
C ASN B 244 13.86 -21.04 102.41
N VAL B 245 14.99 -20.87 101.74
CA VAL B 245 15.36 -21.75 100.63
C VAL B 245 16.46 -22.68 101.14
N ASP B 246 16.61 -23.83 100.50
CA ASP B 246 17.61 -24.80 100.91
C ASP B 246 18.93 -24.53 100.21
N PHE B 247 20.03 -24.59 100.96
CA PHE B 247 21.32 -24.24 100.39
C PHE B 247 21.74 -25.22 99.32
N THR B 248 21.43 -26.50 99.49
CA THR B 248 21.76 -27.50 98.50
C THR B 248 20.70 -27.61 97.42
N ARG B 249 19.90 -26.57 97.22
CA ARG B 249 18.92 -26.57 96.15
C ARG B 249 19.61 -26.46 94.80
N LEU B 250 19.25 -27.34 93.88
CA LEU B 250 19.89 -27.34 92.56
C LEU B 250 19.46 -26.11 91.76
N ASP B 251 18.17 -25.85 91.69
CA ASP B 251 17.61 -24.79 90.86
C ASP B 251 17.33 -23.54 91.69
N LYS B 252 18.40 -22.79 91.95
CA LYS B 252 18.33 -21.64 92.85
C LYS B 252 17.81 -20.43 92.08
N ASP B 253 16.50 -20.38 91.89
CA ASP B 253 15.87 -19.27 91.19
C ASP B 253 16.11 -17.98 91.94
N LEU B 254 16.93 -17.11 91.37
CA LEU B 254 17.31 -15.86 92.01
C LEU B 254 16.19 -14.84 92.05
N LEU B 255 15.07 -15.11 91.39
CA LEU B 255 13.98 -14.16 91.34
C LEU B 255 12.71 -14.89 90.95
N PRO B 256 12.23 -15.81 91.78
CA PRO B 256 11.23 -16.77 91.31
C PRO B 256 9.86 -16.17 91.05
N TYR B 257 8.96 -16.97 90.51
CA TYR B 257 7.61 -16.52 90.21
C TYR B 257 6.84 -16.33 91.50
N VAL B 258 6.28 -15.13 91.68
CA VAL B 258 5.47 -14.84 92.85
C VAL B 258 4.19 -14.19 92.39
N ASN B 259 3.16 -14.30 93.23
CA ASN B 259 1.92 -13.58 93.00
C ASN B 259 1.70 -12.46 93.99
N TYR B 260 2.40 -12.47 95.12
CA TYR B 260 2.42 -11.36 96.06
C TYR B 260 1.00 -10.95 96.48
N MET B 261 0.14 -11.93 96.70
CA MET B 261 -1.20 -11.64 97.19
C MET B 261 -1.14 -10.86 98.50
N VAL B 262 -1.94 -9.79 98.58
CA VAL B 262 -2.00 -8.96 99.77
C VAL B 262 -3.31 -9.30 100.48
N LYS B 263 -3.22 -10.11 101.54
CA LYS B 263 -4.37 -10.57 102.28
C LYS B 263 -5.38 -11.24 101.36
N GLY B 264 -4.87 -12.07 100.46
CA GLY B 264 -5.72 -12.77 99.52
C GLY B 264 -6.12 -11.96 98.31
N ILE B 265 -5.69 -10.70 98.24
CA ILE B 265 -6.00 -9.84 97.10
C ILE B 265 -4.81 -9.91 96.14
N PRO B 266 -4.96 -10.50 94.96
CA PRO B 266 -3.83 -10.59 94.03
C PRO B 266 -3.34 -9.23 93.58
N VAL B 267 -2.05 -9.15 93.28
CA VAL B 267 -1.39 -7.89 92.96
C VAL B 267 -0.90 -7.93 91.52
N VAL B 268 -1.71 -8.51 90.63
CA VAL B 268 -1.40 -8.44 89.21
C VAL B 268 -1.05 -7.02 88.84
N SER B 269 0.03 -6.86 88.08
CA SER B 269 0.49 -5.53 87.72
C SER B 269 0.75 -5.46 86.24
N ASP B 270 0.49 -4.29 85.69
CA ASP B 270 0.91 -3.95 84.35
C ASP B 270 1.84 -2.75 84.41
N ILE B 271 2.17 -2.22 83.24
CA ILE B 271 3.00 -1.04 83.15
C ILE B 271 2.26 0.15 82.60
N ASP B 272 0.96 0.02 82.34
CA ASP B 272 0.12 1.19 82.13
C ASP B 272 -0.33 1.81 83.43
N CYS B 273 -0.18 1.10 84.55
CA CYS B 273 -0.55 1.65 85.83
C CYS B 273 0.35 2.85 86.16
N PRO B 274 -0.20 3.96 86.61
CA PRO B 274 0.63 5.12 86.92
C PRO B 274 1.73 4.78 87.91
N ALA B 275 2.86 5.46 87.76
CA ALA B 275 4.13 5.00 88.30
C ALA B 275 4.09 4.78 89.81
N ASN B 276 3.86 5.84 90.57
CA ASN B 276 3.90 5.76 92.02
C ASN B 276 2.47 5.67 92.54
N LYS B 277 1.87 4.51 92.36
CA LYS B 277 0.44 4.41 92.63
C LYS B 277 0.02 2.95 92.64
N MET B 278 -0.81 2.59 93.61
CA MET B 278 -1.40 1.28 93.70
C MET B 278 -2.92 1.38 93.69
N TYR B 279 -3.57 0.53 92.91
CA TYR B 279 -5.02 0.48 92.83
C TYR B 279 -5.52 -0.81 93.45
N LEU B 280 -6.56 -0.71 94.25
CA LEU B 280 -7.23 -1.87 94.81
C LEU B 280 -8.64 -1.85 94.24
N LEU B 281 -8.89 -2.72 93.27
CA LEU B 281 -10.16 -2.75 92.57
C LEU B 281 -11.03 -3.88 93.09
N ASN B 282 -12.33 -3.70 92.94
CA ASN B 282 -13.31 -4.73 93.26
C ASN B 282 -13.99 -5.09 91.94
N LEU B 283 -13.46 -6.10 91.26
CA LEU B 283 -13.90 -6.40 89.91
C LEU B 283 -15.35 -6.81 89.82
N ASP B 284 -16.00 -7.16 90.94
CA ASP B 284 -17.44 -7.29 90.90
C ASP B 284 -18.16 -5.96 90.93
N LYS B 285 -17.49 -4.89 91.37
CA LYS B 285 -18.08 -3.57 91.37
C LYS B 285 -17.53 -2.68 90.27
N LEU B 286 -16.67 -3.21 89.40
CA LEU B 286 -16.27 -2.53 88.19
C LEU B 286 -16.90 -3.24 87.00
N ALA B 287 -17.12 -2.48 85.93
CA ALA B 287 -17.57 -3.07 84.68
C ALA B 287 -17.26 -2.11 83.56
N ILE B 288 -16.99 -2.67 82.39
CA ILE B 288 -16.81 -1.89 81.17
C ILE B 288 -18.11 -1.98 80.37
N TYR B 289 -18.62 -0.84 79.96
CA TYR B 289 -19.83 -0.78 79.16
C TYR B 289 -19.50 -0.19 77.80
N SER B 290 -19.98 -0.83 76.74
CA SER B 290 -19.83 -0.34 75.39
C SER B 290 -21.21 -0.18 74.77
N PHE B 291 -21.41 0.92 74.07
CA PHE B 291 -22.69 1.19 73.43
C PHE B 291 -22.77 0.37 72.15
N ASP B 292 -23.81 -0.46 72.04
CA ASP B 292 -23.97 -1.35 70.91
C ASP B 292 -24.94 -0.70 69.92
N GLN B 293 -24.42 0.23 69.12
CA GLN B 293 -25.25 0.79 68.05
C GLN B 293 -25.06 0.02 66.76
N SER B 294 -25.15 -1.31 66.85
CA SER B 294 -25.07 -2.11 65.65
C SER B 294 -26.29 -1.93 64.75
N ASP B 295 -27.37 -1.36 65.27
CA ASP B 295 -28.60 -1.16 64.48
C ASP B 295 -28.52 0.18 63.77
N ALA B 296 -27.67 0.21 62.74
CA ALA B 296 -27.47 1.43 61.95
C ALA B 296 -26.91 1.04 60.59
N ASP B 297 -27.70 1.27 59.54
CA ASP B 297 -27.29 1.02 58.16
C ASP B 297 -26.73 -0.39 57.99
N GLN B 298 -27.48 -1.36 58.48
CA GLN B 298 -27.07 -2.76 58.31
C GLN B 298 -27.45 -3.26 56.93
N SER B 299 -27.11 -2.49 55.90
CA SER B 299 -27.32 -2.92 54.53
C SER B 299 -26.05 -2.74 53.74
N ASN B 300 -25.27 -1.72 54.11
CA ASN B 300 -24.07 -1.40 53.36
C ASN B 300 -22.99 -2.46 53.51
N GLY B 301 -22.92 -3.09 54.68
CA GLY B 301 -21.86 -4.04 54.93
C GLY B 301 -20.50 -3.43 55.17
N LYS B 302 -20.42 -2.12 55.37
CA LYS B 302 -19.16 -1.45 55.65
C LYS B 302 -18.68 -1.65 57.07
N ILE B 303 -19.50 -2.22 57.95
CA ILE B 303 -19.15 -2.39 59.35
C ILE B 303 -19.23 -3.87 59.70
N THR B 304 -18.15 -4.41 60.26
CA THR B 304 -18.07 -5.83 60.55
C THR B 304 -18.12 -6.17 62.03
N TYR B 305 -17.73 -5.25 62.92
CA TYR B 305 -17.92 -5.43 64.37
C TYR B 305 -17.21 -6.69 64.87
N ILE B 306 -15.89 -6.67 64.78
CA ILE B 306 -15.09 -7.78 65.25
C ILE B 306 -14.52 -7.46 66.63
N PRO B 307 -14.42 -8.45 67.52
CA PRO B 307 -14.22 -8.15 68.94
C PRO B 307 -12.78 -7.78 69.25
N LEU B 308 -12.58 -7.32 70.48
CA LEU B 308 -11.29 -6.86 70.94
C LEU B 308 -10.56 -7.96 71.69
N ARG B 309 -9.27 -8.08 71.45
CA ARG B 309 -8.44 -9.10 72.06
C ARG B 309 -7.53 -8.48 73.10
N TYR B 310 -7.50 -9.08 74.29
CA TYR B 310 -6.70 -8.62 75.40
C TYR B 310 -5.75 -9.72 75.83
N VAL B 311 -4.50 -9.36 76.08
CA VAL B 311 -3.47 -10.32 76.48
C VAL B 311 -3.04 -9.98 77.89
N ASP B 312 -3.08 -10.98 78.78
CA ASP B 312 -2.74 -10.75 80.18
C ASP B 312 -1.24 -10.69 80.40
N GLU B 313 -0.51 -11.70 79.90
CA GLU B 313 0.94 -11.72 79.99
C GLU B 313 1.53 -11.75 78.59
N THR B 314 2.78 -11.31 78.47
CA THR B 314 3.37 -11.07 77.16
C THR B 314 3.31 -12.29 76.26
N GLY B 315 3.37 -13.49 76.83
CA GLY B 315 3.38 -14.68 76.01
C GLY B 315 2.07 -15.45 76.01
N ASP B 316 0.93 -14.77 75.95
CA ASP B 316 -0.36 -15.42 75.97
C ASP B 316 -1.06 -15.28 74.63
N THR B 317 -2.10 -16.10 74.45
CA THR B 317 -2.97 -15.96 73.31
C THR B 317 -3.85 -14.73 73.49
N PRO B 318 -4.12 -13.97 72.42
CA PRO B 318 -4.86 -12.72 72.59
C PRO B 318 -6.25 -12.85 73.20
N SER B 319 -6.89 -14.01 73.11
CA SER B 319 -8.07 -14.31 73.93
C SER B 319 -9.14 -13.22 73.81
N GLU B 320 -9.74 -13.16 72.61
CA GLU B 320 -10.64 -12.06 72.28
C GLU B 320 -11.75 -11.92 73.32
N SER B 321 -12.08 -10.67 73.61
CA SER B 321 -12.97 -10.31 74.71
C SER B 321 -14.43 -10.29 74.24
N THR B 322 -15.31 -9.76 75.09
CA THR B 322 -16.68 -9.45 74.71
C THR B 322 -16.83 -8.01 74.28
N LEU B 323 -15.79 -7.21 74.41
CA LEU B 323 -15.84 -5.83 73.93
C LEU B 323 -15.69 -5.83 72.42
N TRP B 324 -16.60 -5.15 71.74
CA TRP B 324 -16.63 -5.17 70.29
C TRP B 324 -16.02 -3.90 69.73
N VAL B 325 -15.18 -4.07 68.72
CA VAL B 325 -14.54 -2.96 68.04
C VAL B 325 -15.17 -2.85 66.67
N ARG B 326 -15.68 -1.67 66.35
CA ARG B 326 -16.31 -1.43 65.06
C ARG B 326 -15.21 -1.28 64.01
N LEU B 327 -15.06 -2.30 63.17
CA LEU B 327 -14.21 -2.18 61.99
C LEU B 327 -15.10 -1.64 60.91
N ALA B 328 -15.11 -0.32 60.77
CA ALA B 328 -15.95 0.35 59.81
C ALA B 328 -15.15 0.56 58.54
N ASP B 329 -15.59 -0.05 57.44
CA ASP B 329 -14.98 0.24 56.15
C ASP B 329 -15.49 1.64 55.78
N VAL B 330 -14.87 2.65 56.37
CA VAL B 330 -15.32 4.03 56.17
C VAL B 330 -14.62 4.49 54.90
N SER B 331 -15.13 4.00 53.78
CA SER B 331 -14.48 4.20 52.50
C SER B 331 -14.80 5.61 52.02
N ASP B 332 -14.57 5.88 50.75
CA ASP B 332 -14.75 7.24 50.27
C ASP B 332 -15.24 7.20 48.82
N GLU B 333 -15.64 8.37 48.36
CA GLU B 333 -15.73 8.73 46.96
C GLU B 333 -14.58 8.14 46.16
N HIS B 334 -13.36 8.25 46.69
CA HIS B 334 -12.17 7.90 45.94
C HIS B 334 -12.22 6.44 45.52
N PRO B 335 -11.87 6.13 44.27
CA PRO B 335 -11.88 4.74 43.80
C PRO B 335 -10.60 3.97 44.10
N ASP B 336 -9.58 4.60 44.66
CA ASP B 336 -8.29 3.95 44.87
C ASP B 336 -7.96 3.73 46.34
N LEU B 337 -8.33 4.64 47.23
CA LEU B 337 -8.15 4.42 48.65
C LEU B 337 -9.12 3.36 49.16
N LEU B 338 -8.88 2.90 50.38
CA LEU B 338 -9.82 1.94 50.96
C LEU B 338 -10.31 2.42 52.32
N LYS B 339 -9.45 3.09 53.08
CA LYS B 339 -9.86 4.00 54.15
C LYS B 339 -10.70 3.30 55.22
N PHE B 340 -10.05 2.40 55.96
CA PHE B 340 -10.72 1.74 57.08
C PHE B 340 -10.60 2.53 58.37
N GLU B 341 -11.55 2.26 59.28
CA GLU B 341 -11.55 2.79 60.64
C GLU B 341 -11.74 1.64 61.60
N LEU B 342 -11.11 1.76 62.76
CA LEU B 342 -11.26 0.76 63.82
C LEU B 342 -11.56 1.53 65.09
N SER B 343 -12.83 1.61 65.46
CA SER B 343 -13.27 2.53 66.50
C SER B 343 -14.10 1.82 67.55
N VAL B 344 -13.89 2.20 68.82
CA VAL B 344 -14.67 1.64 69.93
C VAL B 344 -15.00 2.76 70.92
N ALA B 345 -16.23 2.77 71.40
CA ALA B 345 -16.63 3.59 72.54
C ALA B 345 -16.60 2.73 73.80
N LEU B 346 -16.38 3.39 74.93
CA LEU B 346 -15.98 2.63 76.11
C LEU B 346 -16.29 3.43 77.36
N GLN B 347 -16.88 2.78 78.36
CA GLN B 347 -17.07 3.41 79.66
C GLN B 347 -16.67 2.43 80.74
N LEU B 348 -16.27 2.97 81.89
CA LEU B 348 -15.76 2.16 83.00
C LEU B 348 -16.56 2.43 84.26
N VAL B 349 -17.89 2.28 84.17
CA VAL B 349 -18.73 2.52 85.32
C VAL B 349 -18.24 1.71 86.50
N ALA B 350 -18.07 2.38 87.64
CA ALA B 350 -17.58 1.77 88.87
C ALA B 350 -18.70 1.85 89.90
N PHE B 351 -19.56 0.83 89.93
CA PHE B 351 -20.61 0.79 90.92
C PHE B 351 -20.01 0.82 92.31
N ASP B 352 -20.63 1.59 93.20
CA ASP B 352 -20.19 1.68 94.60
C ASP B 352 -18.73 2.13 94.66
N LEU B 353 -18.53 3.37 94.25
CA LEU B 353 -17.21 3.98 94.14
C LEU B 353 -16.29 3.68 95.31
N ILE B 354 -16.83 3.61 96.52
CA ILE B 354 -16.00 3.31 97.69
C ILE B 354 -15.62 1.84 97.71
N ASP B 355 -16.54 0.97 97.31
CA ASP B 355 -16.26 -0.45 97.15
C ASP B 355 -15.38 -0.72 95.94
N SER B 356 -15.67 -0.05 94.82
CA SER B 356 -15.09 -0.44 93.55
C SER B 356 -13.60 -0.16 93.49
N ILE B 357 -13.18 1.05 93.86
CA ILE B 357 -11.80 1.47 93.69
C ILE B 357 -11.29 2.08 94.99
N SER B 358 -10.09 1.66 95.39
CA SER B 358 -9.32 2.32 96.42
C SER B 358 -7.94 2.56 95.84
N VAL B 359 -7.21 3.53 96.36
CA VAL B 359 -5.91 3.86 95.79
C VAL B 359 -4.92 4.15 96.90
N ILE B 360 -3.84 3.39 96.97
CA ILE B 360 -2.68 3.77 97.77
C ILE B 360 -1.85 4.69 96.89
N ARG B 361 -1.93 5.98 97.17
CA ARG B 361 -1.57 6.98 96.17
C ARG B 361 -0.07 7.20 96.05
N ASP B 362 0.69 7.04 97.12
CA ASP B 362 2.08 7.47 97.14
C ASP B 362 2.99 6.28 97.46
N ILE B 363 3.35 5.54 96.44
CA ILE B 363 4.35 4.49 96.56
C ILE B 363 5.66 5.08 96.07
N THR B 364 6.77 4.54 96.58
CA THR B 364 8.05 5.14 96.23
C THR B 364 8.59 4.69 94.89
N GLN B 365 7.93 3.73 94.23
CA GLN B 365 8.34 3.35 92.88
C GLN B 365 7.25 2.56 92.16
N LEU C 3 -46.72 38.53 9.12
CA LEU C 3 -47.62 37.80 8.23
C LEU C 3 -48.63 37.03 9.07
N THR C 4 -48.18 35.97 9.73
CA THR C 4 -48.99 35.28 10.72
C THR C 4 -48.18 35.15 12.00
N ASN C 5 -48.59 35.89 13.02
CA ASN C 5 -47.91 35.99 14.32
C ASN C 5 -48.46 34.96 15.31
N LEU C 6 -48.51 33.70 14.91
CA LEU C 6 -49.11 32.66 15.73
C LEU C 6 -48.18 31.50 15.99
N THR C 7 -46.94 31.55 15.51
CA THR C 7 -45.99 30.46 15.68
C THR C 7 -44.65 31.01 16.13
N PRO C 8 -44.59 31.62 17.31
CA PRO C 8 -43.31 32.18 17.76
C PRO C 8 -42.28 31.13 18.18
N THR C 9 -42.55 30.42 19.27
CA THR C 9 -41.59 29.47 19.84
C THR C 9 -42.28 28.30 20.53
N GLU C 10 -43.37 27.79 19.97
CA GLU C 10 -44.04 26.65 20.61
C GLU C 10 -44.08 25.40 19.74
N LEU C 11 -44.73 25.46 18.58
CA LEU C 11 -44.73 24.32 17.68
C LEU C 11 -43.46 24.26 16.86
N LEU C 12 -42.56 25.22 17.09
CA LEU C 12 -41.27 25.31 16.41
C LEU C 12 -40.21 24.54 17.19
N ALA C 13 -40.56 23.30 17.52
CA ALA C 13 -39.61 22.34 18.09
C ALA C 13 -38.78 21.84 16.92
N ASN C 14 -37.78 22.63 16.57
CA ASN C 14 -37.08 22.49 15.30
C ASN C 14 -36.28 21.20 15.30
N LYS C 15 -36.73 20.20 14.54
CA LYS C 15 -36.10 18.89 14.58
C LYS C 15 -34.66 18.98 14.09
N ALA C 16 -33.79 18.24 14.74
CA ALA C 16 -32.38 18.16 14.38
C ALA C 16 -32.09 16.76 13.85
N VAL C 17 -31.41 16.69 12.72
CA VAL C 17 -31.04 15.39 12.16
C VAL C 17 -30.11 14.68 13.14
N ASP C 18 -30.43 13.44 13.46
CA ASP C 18 -29.72 12.74 14.53
C ASP C 18 -28.35 12.35 14.01
N TYR C 19 -27.45 13.34 14.06
CA TYR C 19 -26.06 13.12 13.67
C TYR C 19 -25.19 14.04 14.50
N LEU C 20 -24.38 13.48 15.37
CA LEU C 20 -23.38 14.24 16.09
C LEU C 20 -22.09 14.23 15.28
N ALA C 21 -21.64 15.39 14.84
CA ALA C 21 -20.44 15.45 14.03
C ALA C 21 -19.23 15.19 14.89
N ASN C 22 -19.12 13.98 15.40
CA ASN C 22 -18.01 13.54 16.22
C ASN C 22 -17.14 12.62 15.35
N SER C 23 -16.17 13.21 14.69
CA SER C 23 -15.15 12.44 13.97
C SER C 23 -13.82 13.10 14.32
N PHE C 24 -13.24 12.68 15.42
CA PHE C 24 -11.98 13.25 15.87
C PHE C 24 -10.83 12.30 15.57
N LEU C 25 -9.64 12.74 15.93
CA LEU C 25 -8.46 11.92 15.74
C LEU C 25 -8.56 10.75 16.70
N VAL C 26 -9.11 9.64 16.22
CA VAL C 26 -9.31 8.48 17.05
C VAL C 26 -8.41 7.32 16.66
N GLU C 27 -7.85 7.32 15.46
CA GLU C 27 -6.98 6.21 15.06
C GLU C 27 -5.73 6.20 15.92
N THR C 28 -5.27 5.02 16.24
CA THR C 28 -4.24 4.85 17.24
C THR C 28 -3.41 3.59 17.00
N PRO C 29 -2.82 3.43 15.83
CA PRO C 29 -2.17 2.15 15.52
C PRO C 29 -0.99 1.84 16.41
N MET C 30 -0.27 2.86 16.92
CA MET C 30 0.80 2.57 17.87
C MET C 30 0.24 1.88 19.09
N LEU C 31 -0.85 2.40 19.65
CA LEU C 31 -1.60 1.63 20.62
C LEU C 31 -2.33 0.49 19.94
N GLY C 32 -2.75 0.68 18.68
CA GLY C 32 -3.45 -0.36 17.95
C GLY C 32 -2.73 -1.69 17.97
N LEU C 33 -1.58 -1.75 17.33
CA LEU C 33 -0.63 -2.81 17.63
C LEU C 33 -0.18 -2.71 19.08
N LEU C 34 0.22 -3.84 19.65
CA LEU C 34 0.51 -3.97 21.08
C LEU C 34 -0.63 -3.41 21.94
N ALA C 35 -1.85 -3.75 21.56
CA ALA C 35 -3.03 -3.52 22.40
C ALA C 35 -3.65 -4.83 22.88
N ASN C 36 -3.85 -5.77 21.97
CA ASN C 36 -4.41 -7.05 22.35
C ASN C 36 -3.47 -7.87 23.22
N ARG C 37 -2.21 -7.45 23.35
CA ARG C 37 -1.23 -8.15 24.15
C ARG C 37 -0.82 -7.37 25.39
N VAL C 38 -1.59 -6.35 25.76
CA VAL C 38 -1.33 -5.66 27.01
C VAL C 38 -1.40 -6.68 28.14
N ILE C 39 -0.43 -6.62 29.03
CA ILE C 39 -0.34 -7.56 30.14
C ILE C 39 -0.80 -6.83 31.39
N ASN C 40 -1.85 -7.35 32.01
CA ASN C 40 -2.39 -6.80 33.23
C ASN C 40 -1.82 -7.60 34.40
N GLN C 41 -1.17 -6.91 35.32
CA GLN C 41 -0.44 -7.55 36.39
C GLN C 41 -1.07 -7.21 37.72
N LYS C 42 -1.09 -8.18 38.63
CA LYS C 42 -1.31 -7.87 40.04
C LYS C 42 -0.09 -7.21 40.65
N GLN C 43 1.02 -7.17 39.92
CA GLN C 43 2.27 -6.62 40.37
C GLN C 43 2.49 -5.25 39.74
N LYS C 44 3.03 -4.34 40.52
CA LYS C 44 3.16 -2.95 40.11
C LYS C 44 4.43 -2.68 39.32
N ALA C 45 5.39 -3.60 39.32
CA ALA C 45 6.69 -3.37 38.72
C ALA C 45 7.01 -4.46 37.71
N ILE C 46 7.56 -4.05 36.58
CA ILE C 46 8.02 -4.96 35.55
C ILE C 46 9.52 -5.15 35.73
N GLU C 47 9.92 -6.37 36.04
CA GLU C 47 11.31 -6.71 36.26
C GLU C 47 11.71 -7.75 35.23
N TRP C 48 12.87 -7.56 34.60
CA TRP C 48 13.34 -8.55 33.65
C TRP C 48 14.85 -8.47 33.59
N GLY C 49 15.44 -9.49 32.96
CA GLY C 49 16.88 -9.59 32.85
C GLY C 49 17.36 -9.14 31.50
N ALA C 50 18.21 -8.13 31.49
CA ALA C 50 18.78 -7.59 30.27
C ALA C 50 20.26 -7.96 30.24
N LYS C 51 20.62 -8.88 29.36
CA LYS C 51 22.02 -9.23 29.18
C LYS C 51 22.68 -8.10 28.41
N VAL C 52 23.32 -7.19 29.14
CA VAL C 52 23.94 -6.04 28.50
C VAL C 52 25.21 -6.45 27.79
N ALA C 53 26.13 -7.09 28.50
CA ALA C 53 27.42 -7.39 27.92
C ALA C 53 27.58 -8.89 27.74
N GLN C 54 28.44 -9.25 26.79
CA GLN C 54 28.78 -10.63 26.52
C GLN C 54 30.18 -10.93 27.04
N GLY C 55 30.42 -12.19 27.37
CA GLY C 55 31.72 -12.58 27.85
C GLY C 55 32.71 -12.82 26.73
N VAL C 56 33.68 -11.91 26.58
CA VAL C 56 34.66 -12.07 25.51
C VAL C 56 35.46 -13.34 25.72
N VAL C 57 35.82 -13.97 24.62
CA VAL C 57 36.63 -15.18 24.66
C VAL C 57 38.09 -14.81 24.49
N GLY C 58 38.96 -15.63 25.07
CA GLY C 58 40.38 -15.51 24.90
C GLY C 58 40.95 -16.68 24.13
N GLY C 59 42.27 -16.82 24.22
CA GLY C 59 42.90 -17.92 23.54
C GLY C 59 44.21 -18.32 24.16
N ARG C 60 44.39 -19.61 24.39
CA ARG C 60 45.63 -20.15 24.92
C ARG C 60 46.03 -21.38 24.13
N THR C 61 47.32 -21.60 24.02
CA THR C 61 47.82 -22.82 23.42
C THR C 61 47.40 -24.01 24.27
N ARG C 62 47.25 -25.17 23.63
CA ARG C 62 46.78 -26.34 24.38
C ARG C 62 47.58 -26.56 25.63
N THR C 63 48.89 -26.37 25.55
CA THR C 63 49.77 -26.45 26.71
C THR C 63 50.05 -25.09 27.30
N GLY C 64 49.08 -24.18 27.25
CA GLY C 64 49.21 -22.84 27.78
C GLY C 64 48.42 -22.67 29.07
N ALA C 65 48.61 -21.50 29.68
CA ALA C 65 47.97 -21.19 30.95
C ALA C 65 46.46 -21.05 30.77
N LEU C 66 45.73 -21.32 31.86
CA LEU C 66 44.27 -21.30 31.79
C LEU C 66 43.74 -19.89 31.60
N ALA C 67 44.23 -18.93 32.40
CA ALA C 67 44.06 -17.49 32.11
C ALA C 67 42.59 -17.09 32.01
N ASN C 68 41.92 -17.16 33.15
CA ASN C 68 40.50 -16.82 33.24
C ASN C 68 40.23 -15.42 32.69
N ASP C 69 39.17 -15.32 31.89
CA ASP C 69 38.83 -14.08 31.18
C ASP C 69 37.47 -13.57 31.66
N THR C 70 37.02 -12.48 31.05
CA THR C 70 35.86 -11.77 31.59
C THR C 70 34.56 -12.45 31.18
N GLN C 71 33.50 -12.11 31.89
CA GLN C 71 32.17 -12.64 31.67
C GLN C 71 31.27 -11.55 31.14
N GLY C 72 30.09 -11.96 30.72
CA GLY C 72 29.07 -11.02 30.34
C GLY C 72 28.55 -10.25 31.54
N THR C 73 27.68 -9.29 31.26
CA THR C 73 26.89 -8.66 32.29
C THR C 73 25.43 -8.90 31.98
N ILE C 74 24.68 -9.39 32.96
CA ILE C 74 23.23 -9.36 32.91
C ILE C 74 22.76 -8.51 34.07
N LYS C 75 21.79 -7.64 33.80
CA LYS C 75 21.35 -6.71 34.81
C LYS C 75 19.83 -6.79 34.96
N GLY C 76 19.38 -6.32 36.11
CA GLY C 76 17.95 -6.29 36.36
C GLY C 76 17.34 -5.01 35.85
N ALA C 77 16.79 -5.07 34.65
CA ALA C 77 16.01 -3.95 34.17
C ALA C 77 14.68 -3.92 34.90
N SER C 78 14.24 -2.73 35.26
CA SER C 78 13.06 -2.61 36.11
C SER C 78 12.33 -1.33 35.75
N LEU C 79 11.19 -1.48 35.09
CA LEU C 79 10.22 -0.40 34.98
C LEU C 79 9.13 -0.63 36.00
N SER C 80 8.22 0.33 36.12
CA SER C 80 7.11 0.14 37.04
C SER C 80 5.89 0.83 36.46
N VAL C 81 4.76 0.15 36.53
CA VAL C 81 3.49 0.77 36.17
C VAL C 81 3.32 1.95 37.12
N PRO C 82 3.15 3.16 36.61
CA PRO C 82 3.22 4.34 37.46
C PRO C 82 2.07 4.42 38.43
N ASP C 83 2.31 5.16 39.51
CA ASP C 83 1.21 5.54 40.38
C ASP C 83 0.23 6.44 39.67
N TYR C 84 0.60 6.97 38.51
CA TYR C 84 -0.09 8.10 37.93
C TYR C 84 -1.09 7.60 36.91
N TYR C 85 -2.33 8.05 37.06
CA TYR C 85 -3.39 7.74 36.11
C TYR C 85 -3.46 8.72 34.96
N ILE C 86 -3.81 8.19 33.80
CA ILE C 86 -4.39 8.97 32.72
C ILE C 86 -5.88 8.97 33.00
N LYS C 87 -6.42 10.10 33.43
CA LYS C 87 -7.75 10.12 33.99
C LYS C 87 -8.56 11.24 33.36
N HIS C 88 -9.87 11.11 33.52
CA HIS C 88 -10.82 12.10 33.03
C HIS C 88 -12.11 11.88 33.82
N GLN C 89 -12.52 12.86 34.59
CA GLN C 89 -13.74 12.72 35.37
C GLN C 89 -14.68 13.87 35.05
N PHE C 90 -15.96 13.58 35.09
CA PHE C 90 -16.98 14.59 34.85
C PHE C 90 -18.07 14.47 35.89
N ASP C 91 -18.51 15.61 36.40
CA ASP C 91 -19.65 15.68 37.30
C ASP C 91 -20.87 16.08 36.48
N VAL C 92 -21.90 15.25 36.51
CA VAL C 92 -23.13 15.52 35.77
C VAL C 92 -24.29 15.36 36.73
N GLY C 93 -25.12 16.39 36.83
CA GLY C 93 -26.30 16.31 37.66
C GLY C 93 -27.29 15.33 37.08
N LYS C 94 -28.02 14.65 37.97
CA LYS C 94 -29.12 13.81 37.50
C LYS C 94 -30.13 14.61 36.71
N ASP C 95 -30.32 15.88 37.08
CA ASP C 95 -31.21 16.73 36.32
C ASP C 95 -30.74 16.86 34.87
N GLU C 96 -29.44 17.07 34.66
CA GLU C 96 -28.92 17.13 33.30
C GLU C 96 -29.11 15.80 32.58
N ILE C 97 -28.85 14.70 33.28
CA ILE C 97 -28.93 13.38 32.66
C ILE C 97 -30.34 13.11 32.16
N VAL C 98 -31.35 13.36 32.99
CA VAL C 98 -32.72 13.02 32.61
C VAL C 98 -33.43 14.15 31.90
N ASN C 99 -32.85 15.34 31.86
CA ASN C 99 -33.44 16.43 31.09
C ASN C 99 -32.95 16.38 29.66
N SER C 100 -31.65 16.17 29.48
CA SER C 100 -31.14 15.96 28.13
C SER C 100 -31.77 14.73 27.50
N ASP C 101 -31.91 13.65 28.27
CA ASP C 101 -32.49 12.43 27.72
C ASP C 101 -33.90 12.69 27.22
N ALA C 102 -34.69 13.41 27.99
CA ALA C 102 -36.07 13.68 27.57
C ALA C 102 -36.13 14.74 26.49
N THR C 103 -35.27 15.75 26.56
CA THR C 103 -35.34 16.85 25.60
C THR C 103 -34.06 16.97 24.79
N GLY C 104 -33.56 15.85 24.28
CA GLY C 104 -32.37 15.84 23.47
C GLY C 104 -32.72 15.77 22.00
N LYS C 105 -32.33 16.81 21.26
CA LYS C 105 -32.62 16.85 19.83
C LYS C 105 -31.94 15.71 19.10
N ILE C 106 -30.69 15.42 19.44
CA ILE C 106 -29.91 14.39 18.77
C ILE C 106 -29.46 13.36 19.79
N SER C 107 -29.33 12.11 19.33
CA SER C 107 -29.21 10.99 20.25
C SER C 107 -27.97 11.04 21.11
N ALA C 108 -26.97 11.86 20.75
CA ALA C 108 -25.78 12.01 21.56
C ALA C 108 -25.83 13.24 22.44
N VAL C 109 -26.93 13.97 22.46
CA VAL C 109 -27.12 15.04 23.43
C VAL C 109 -28.08 14.53 24.48
N ARG C 110 -28.96 13.60 24.08
CA ARG C 110 -29.86 12.95 25.02
C ARG C 110 -29.21 11.74 25.70
N ASP C 111 -27.90 11.73 25.76
CA ASP C 111 -27.15 10.77 26.55
C ASP C 111 -25.86 11.44 26.99
N PRO C 112 -25.95 12.53 27.76
CA PRO C 112 -24.72 13.28 28.06
C PRO C 112 -23.70 12.46 28.83
N VAL C 113 -24.15 11.61 29.74
CA VAL C 113 -23.20 10.73 30.43
C VAL C 113 -22.60 9.74 29.44
N GLY C 114 -23.43 9.15 28.58
CA GLY C 114 -22.90 8.20 27.61
C GLY C 114 -21.98 8.85 26.60
N THR C 115 -22.37 10.01 26.07
CA THR C 115 -21.52 10.67 25.08
C THR C 115 -20.26 11.21 25.73
N ALA C 116 -20.31 11.58 27.01
CA ALA C 116 -19.10 12.02 27.70
C ALA C 116 -18.18 10.85 27.97
N ILE C 117 -18.76 9.68 28.28
CA ILE C 117 -17.96 8.47 28.44
C ILE C 117 -17.26 8.14 27.12
N ALA C 118 -18.00 8.20 26.02
CA ALA C 118 -17.42 7.88 24.72
C ALA C 118 -16.35 8.89 24.33
N ASP C 119 -16.60 10.18 24.57
CA ASP C 119 -15.58 11.19 24.33
C ASP C 119 -14.33 10.93 25.16
N ALA C 120 -14.52 10.59 26.43
CA ALA C 120 -13.38 10.31 27.29
C ALA C 120 -12.60 9.11 26.79
N PHE C 121 -13.30 8.07 26.34
CA PHE C 121 -12.62 6.90 25.79
C PHE C 121 -11.82 7.25 24.55
N ASP C 122 -12.42 8.03 23.64
CA ASP C 122 -11.71 8.39 22.42
C ASP C 122 -10.46 9.19 22.73
N VAL C 123 -10.61 10.24 23.54
CA VAL C 123 -9.45 11.06 23.85
C VAL C 123 -8.48 10.32 24.76
N LEU C 124 -8.94 9.31 25.49
CA LEU C 124 -8.05 8.53 26.35
C LEU C 124 -7.18 7.61 25.51
N SER C 125 -7.77 6.95 24.52
CA SER C 125 -6.98 6.14 23.61
C SER C 125 -6.04 7.03 22.81
N LYS C 126 -6.48 8.21 22.43
CA LYS C 126 -5.60 9.11 21.70
C LYS C 126 -4.46 9.62 22.58
N LYS C 127 -4.73 9.91 23.85
CA LYS C 127 -3.66 10.33 24.74
C LYS C 127 -2.67 9.20 24.99
N ILE C 128 -3.18 7.98 25.13
CA ILE C 128 -2.29 6.84 25.28
C ILE C 128 -1.43 6.67 24.04
N ASN C 129 -2.03 6.83 22.86
CA ASN C 129 -1.25 6.78 21.63
C ASN C 129 -0.16 7.85 21.63
N SER C 130 -0.51 9.06 22.04
CA SER C 130 0.46 10.15 22.04
C SER C 130 1.60 9.87 23.01
N VAL C 131 1.29 9.36 24.20
CA VAL C 131 2.31 9.17 25.21
C VAL C 131 3.13 7.92 24.96
N LEU C 132 2.61 6.94 24.22
CA LEU C 132 3.44 5.80 23.86
C LEU C 132 4.59 6.20 22.95
N TYR C 133 4.55 7.41 22.39
CA TYR C 133 5.63 7.93 21.58
C TYR C 133 6.52 8.90 22.36
N THR C 134 5.93 9.96 22.88
CA THR C 134 6.66 11.11 23.43
C THR C 134 6.23 11.28 24.88
N ALA C 135 6.92 10.61 25.79
CA ALA C 135 6.55 10.73 27.20
C ALA C 135 7.77 10.44 28.04
N SER C 136 8.29 11.47 28.71
CA SER C 136 9.53 11.34 29.48
C SER C 136 9.38 10.43 30.68
N GLY C 137 8.19 9.88 30.93
CA GLY C 137 8.01 8.93 32.00
C GLY C 137 7.84 9.54 33.38
N VAL C 138 7.89 10.85 33.49
CA VAL C 138 7.72 11.50 34.79
C VAL C 138 6.25 11.54 35.14
N ALA C 139 5.95 11.52 36.44
CA ALA C 139 4.57 11.50 36.92
C ALA C 139 3.99 12.91 36.76
N ASP C 140 3.67 13.24 35.52
CA ASP C 140 3.19 14.56 35.16
C ASP C 140 1.91 14.40 34.33
N ALA C 141 1.19 15.49 34.13
CA ALA C 141 -0.07 15.46 33.42
C ALA C 141 0.10 15.38 31.90
N THR C 142 1.34 15.36 31.40
CA THR C 142 1.58 15.31 29.97
C THR C 142 2.27 14.04 29.50
N ASN C 143 3.06 13.42 30.35
CA ASN C 143 3.85 12.23 30.05
C ASN C 143 3.69 11.22 31.17
N TYR C 144 2.43 10.91 31.46
CA TYR C 144 1.93 10.51 32.77
C TYR C 144 2.82 9.58 33.57
N GLY C 145 2.99 8.35 33.13
CA GLY C 145 3.99 7.53 33.75
C GLY C 145 4.69 6.73 32.70
N ILE C 146 4.10 6.76 31.51
CA ILE C 146 4.59 5.94 30.41
C ILE C 146 5.88 6.52 29.90
N PHE C 147 6.84 5.66 29.61
CA PHE C 147 8.10 6.10 29.06
C PHE C 147 8.08 6.24 27.55
N GLY C 148 7.09 5.67 26.88
CA GLY C 148 7.02 5.91 25.46
C GLY C 148 8.23 5.36 24.75
N LEU C 149 8.58 5.99 23.64
CA LEU C 149 9.72 5.61 22.85
C LEU C 149 10.81 6.67 22.80
N ASP C 150 10.45 7.95 22.88
CA ASP C 150 11.47 8.97 23.00
C ASP C 150 12.23 8.85 24.31
N ALA C 151 11.52 8.59 25.41
CA ALA C 151 12.21 8.40 26.67
C ALA C 151 12.75 6.99 26.84
N ALA C 152 12.30 6.04 26.03
CA ALA C 152 12.91 4.71 26.06
C ALA C 152 14.17 4.69 25.21
N ALA C 153 14.01 4.88 23.90
CA ALA C 153 15.17 4.80 23.01
C ALA C 153 16.07 6.01 23.18
N GLY C 154 15.50 7.20 23.19
CA GLY C 154 16.27 8.42 23.11
C GLY C 154 15.79 9.23 21.93
N THR C 155 15.99 10.55 21.97
CA THR C 155 15.52 11.37 20.87
C THR C 155 16.51 11.37 19.71
N THR C 156 17.72 11.86 19.97
CA THR C 156 18.74 11.95 18.94
C THR C 156 19.75 10.83 19.14
N VAL C 157 20.80 10.87 18.32
CA VAL C 157 21.84 9.84 18.39
C VAL C 157 22.60 9.95 19.71
N ALA C 158 22.96 11.17 20.10
CA ALA C 158 23.64 11.36 21.38
C ALA C 158 22.72 11.01 22.54
N ASN C 159 21.46 11.43 22.47
CA ASN C 159 20.50 11.10 23.51
C ASN C 159 20.40 9.60 23.72
N SER C 160 20.62 8.82 22.67
CA SER C 160 20.63 7.37 22.81
C SER C 160 21.76 6.93 23.73
N ALA C 161 22.93 7.57 23.60
CA ALA C 161 24.06 7.19 24.44
C ALA C 161 23.80 7.52 25.90
N THR C 162 23.38 8.73 26.19
CA THR C 162 23.19 9.17 27.56
C THR C 162 21.89 8.60 28.12
N GLY C 163 21.62 8.95 29.37
CA GLY C 163 20.38 8.55 30.02
C GLY C 163 20.41 7.15 30.55
N THR C 164 19.31 6.79 31.22
CA THR C 164 19.09 5.44 31.71
C THR C 164 17.69 4.99 31.31
N TYR C 165 17.53 3.69 31.15
CA TYR C 165 16.21 3.11 30.93
C TYR C 165 16.07 1.89 31.82
N ALA C 166 14.92 1.78 32.47
CA ALA C 166 14.62 0.63 33.33
C ALA C 166 15.71 0.41 34.36
N GLY C 167 16.38 1.48 34.77
CA GLY C 167 17.43 1.38 35.75
C GLY C 167 18.78 0.96 35.22
N ILE C 168 18.89 0.66 33.94
CA ILE C 168 20.16 0.31 33.32
C ILE C 168 20.67 1.54 32.60
N SER C 169 21.75 2.12 33.10
CA SER C 169 22.26 3.35 32.52
C SER C 169 22.83 3.07 31.15
N LYS C 170 22.27 3.71 30.13
CA LYS C 170 22.74 3.52 28.77
C LYS C 170 24.20 3.95 28.64
N VAL C 171 24.57 5.05 29.29
CA VAL C 171 25.90 5.62 29.10
C VAL C 171 26.98 4.63 29.53
N THR C 172 26.76 3.95 30.65
CA THR C 172 27.73 2.97 31.10
C THR C 172 27.43 1.55 30.63
N PHE C 173 26.41 1.36 29.80
CA PHE C 173 26.12 0.04 29.24
C PHE C 173 25.61 0.22 27.82
N PRO C 174 26.51 0.21 26.83
CA PRO C 174 26.10 0.56 25.46
C PRO C 174 25.05 -0.35 24.88
N ARG C 175 25.02 -1.62 25.26
CA ARG C 175 24.03 -2.52 24.68
C ARG C 175 22.62 -2.12 25.03
N TRP C 176 22.41 -1.43 26.15
CA TRP C 176 21.08 -0.97 26.47
C TRP C 176 20.62 0.15 25.55
N ARG C 177 21.54 0.86 24.92
CA ARG C 177 21.15 1.88 23.97
C ARG C 177 20.48 1.25 22.76
N SER C 178 19.51 1.97 22.20
CA SER C 178 18.87 1.54 20.97
C SER C 178 19.73 1.95 19.78
N ILE C 179 19.21 1.74 18.57
CA ILE C 179 20.01 1.90 17.36
C ILE C 179 19.61 3.20 16.68
N ILE C 180 19.23 4.19 17.48
CA ILE C 180 18.92 5.51 16.94
C ILE C 180 20.06 5.99 16.07
N GLN C 181 19.74 6.35 14.83
CA GLN C 181 20.71 6.99 13.97
C GLN C 181 19.98 7.87 12.98
N GLY C 182 20.57 9.02 12.69
CA GLY C 182 19.94 10.00 11.84
C GLY C 182 20.76 10.33 10.62
N GLY C 183 20.94 11.62 10.36
CA GLY C 183 21.60 12.07 9.16
C GLY C 183 23.10 12.21 9.32
N ALA C 184 23.75 12.58 8.22
CA ALA C 184 25.18 12.84 8.26
C ALA C 184 25.50 13.96 9.23
N VAL C 185 24.74 15.05 9.18
CA VAL C 185 24.78 16.08 10.20
C VAL C 185 23.60 15.84 11.12
N PRO C 186 23.82 15.37 12.35
CA PRO C 186 22.69 14.96 13.20
C PRO C 186 21.72 16.09 13.45
N GLY C 187 20.50 15.93 12.96
CA GLY C 187 19.47 16.93 13.10
C GLY C 187 19.33 17.82 11.88
N THR C 188 19.48 17.24 10.70
CA THR C 188 19.30 18.00 9.46
C THR C 188 18.39 17.30 8.45
N ASN C 189 17.80 16.17 8.82
CA ASN C 189 16.73 15.55 8.04
C ASN C 189 17.20 15.22 6.61
N GLU C 190 18.13 14.27 6.53
CA GLU C 190 18.48 13.72 5.23
C GLU C 190 17.24 13.13 4.57
N ALA C 191 17.33 12.96 3.27
CA ALA C 191 16.16 12.57 2.49
C ALA C 191 15.72 11.15 2.74
N LEU C 192 16.25 10.40 3.70
CA LEU C 192 15.97 8.98 3.85
C LEU C 192 16.19 8.26 2.53
N THR C 193 17.46 8.22 2.14
CA THR C 193 17.86 7.36 1.05
C THR C 193 17.59 5.90 1.41
N ILE C 194 17.42 5.07 0.39
CA ILE C 194 17.24 3.65 0.63
C ILE C 194 18.45 3.08 1.35
N ALA C 195 19.64 3.55 0.99
CA ALA C 195 20.85 3.11 1.66
C ALA C 195 20.81 3.44 3.15
N ARG C 196 20.19 4.55 3.52
CA ARG C 196 20.10 4.92 4.93
C ARG C 196 19.34 3.88 5.74
N MET C 197 18.22 3.42 5.22
CA MET C 197 17.39 2.50 5.98
C MET C 197 17.88 1.06 5.84
N THR C 198 18.58 0.73 4.76
CA THR C 198 19.34 -0.52 4.76
C THR C 198 20.43 -0.49 5.82
N ALA C 199 21.10 0.66 5.97
CA ALA C 199 22.11 0.81 7.01
C ALA C 199 21.48 0.67 8.39
N MET C 200 20.24 1.15 8.52
CA MET C 200 19.50 0.91 9.76
C MET C 200 19.26 -0.57 9.99
N LEU C 201 18.77 -1.26 8.97
CA LEU C 201 18.42 -2.66 9.15
C LEU C 201 19.65 -3.50 9.43
N ARG C 202 20.79 -3.11 8.84
CA ARG C 202 22.05 -3.79 9.13
C ARG C 202 22.57 -3.44 10.51
N ALA C 203 22.52 -2.17 10.88
CA ALA C 203 22.89 -1.78 12.23
C ALA C 203 22.05 -2.51 13.26
N ARG C 204 20.82 -2.84 12.89
CA ARG C 204 20.02 -3.70 13.75
C ARG C 204 20.48 -5.14 13.68
N ARG C 205 20.98 -5.57 12.52
CA ARG C 205 21.51 -6.92 12.41
C ARG C 205 22.85 -7.05 13.11
N THR C 206 23.70 -6.04 12.99
CA THR C 206 25.00 -6.11 13.63
C THR C 206 24.91 -6.10 15.13
N ALA C 207 23.74 -5.81 15.68
CA ALA C 207 23.49 -5.93 17.11
C ALA C 207 22.89 -7.28 17.48
N GLY C 208 22.71 -8.17 16.51
CA GLY C 208 22.10 -9.45 16.78
C GLY C 208 20.59 -9.40 16.91
N VAL C 209 20.02 -8.26 16.72
CA VAL C 209 18.58 -8.06 16.78
C VAL C 209 17.97 -8.43 15.45
N THR C 210 16.77 -9.02 15.49
CA THR C 210 16.06 -9.38 14.28
C THR C 210 15.88 -8.16 13.39
N TYR C 211 16.16 -8.32 12.13
CA TYR C 211 16.13 -7.20 11.20
C TYR C 211 15.24 -7.47 10.01
N LYS C 212 15.19 -8.71 9.52
CA LYS C 212 14.20 -9.03 8.52
C LYS C 212 12.85 -9.25 9.18
N GLY C 213 11.79 -9.20 8.37
CA GLY C 213 10.48 -9.43 8.93
C GLY C 213 10.06 -10.88 9.04
N ASN C 214 10.82 -11.79 8.46
CA ASN C 214 10.49 -13.21 8.47
C ASN C 214 11.19 -13.96 9.59
N GLN C 215 11.81 -13.25 10.52
CA GLN C 215 12.61 -13.87 11.56
C GLN C 215 11.80 -14.24 12.78
N ASN C 216 10.51 -14.48 12.60
CA ASN C 216 9.65 -15.01 13.66
C ASN C 216 9.66 -14.11 14.88
N GLN C 217 9.74 -12.80 14.65
CA GLN C 217 9.89 -11.88 15.79
C GLN C 217 8.95 -10.68 15.67
N ARG C 218 8.26 -10.50 14.54
CA ARG C 218 7.15 -9.57 14.42
C ARG C 218 7.60 -8.13 14.69
N LEU C 219 8.41 -7.64 13.77
CA LEU C 219 8.83 -6.25 13.75
C LEU C 219 7.76 -5.39 13.10
N VAL C 220 7.90 -4.07 13.24
CA VAL C 220 7.00 -3.14 12.60
C VAL C 220 7.73 -1.81 12.51
N ILE C 221 7.26 -0.93 11.62
CA ILE C 221 7.83 0.40 11.48
C ILE C 221 6.71 1.42 11.62
N LEU C 222 6.90 2.38 12.53
CA LEU C 222 5.93 3.42 12.78
C LEU C 222 6.48 4.73 12.24
N THR C 223 5.83 5.26 11.21
CA THR C 223 6.22 6.52 10.59
C THR C 223 5.11 7.56 10.77
N SER C 224 5.42 8.79 10.41
CA SER C 224 4.55 9.92 10.71
C SER C 224 3.53 10.21 9.61
N ASP C 225 3.41 9.33 8.62
CA ASP C 225 2.49 9.48 7.49
C ASP C 225 2.97 10.59 6.57
N ASN C 226 3.95 11.35 7.03
CA ASN C 226 4.75 12.15 6.12
C ASN C 226 5.88 11.34 5.52
N ILE C 227 6.09 10.14 6.04
CA ILE C 227 7.09 9.23 5.53
C ILE C 227 6.47 8.16 4.65
N GLU C 228 5.38 7.55 5.12
CA GLU C 228 4.70 6.51 4.37
C GLU C 228 4.14 7.03 3.06
N ASN C 229 3.97 8.35 2.92
CA ASN C 229 3.35 8.92 1.75
C ASN C 229 4.20 9.91 1.00
N ASP C 230 4.98 10.76 1.67
CA ASP C 230 5.83 11.71 0.99
C ASP C 230 7.28 11.28 0.90
N VAL C 231 7.67 10.21 1.61
CA VAL C 231 9.04 9.74 1.63
C VAL C 231 9.14 8.32 1.09
N LEU C 232 8.43 7.38 1.72
CA LEU C 232 8.53 6.00 1.26
C LEU C 232 7.94 5.80 -0.13
N ARG C 233 6.99 6.64 -0.53
CA ARG C 233 6.41 6.49 -1.87
C ARG C 233 7.41 6.91 -2.95
N PRO C 234 7.94 8.14 -2.95
CA PRO C 234 8.95 8.47 -3.96
C PRO C 234 10.20 7.61 -3.84
N LEU C 235 10.52 7.15 -2.62
CA LEU C 235 11.64 6.24 -2.47
C LEU C 235 11.39 4.95 -3.22
N TYR C 236 10.23 4.33 -2.98
CA TYR C 236 9.87 3.12 -3.71
C TYR C 236 9.84 3.37 -5.20
N GLY C 237 9.55 4.60 -5.62
CA GLY C 237 9.68 4.93 -7.02
C GLY C 237 11.08 4.77 -7.56
N THR C 238 12.08 4.74 -6.68
CA THR C 238 13.47 4.62 -7.07
C THR C 238 14.09 3.29 -6.74
N VAL C 239 13.62 2.59 -5.70
CA VAL C 239 14.17 1.27 -5.42
C VAL C 239 13.81 0.32 -6.54
N VAL C 240 12.67 0.54 -7.17
CA VAL C 240 12.24 -0.22 -8.34
C VAL C 240 11.80 0.75 -9.42
N ASP C 241 12.34 0.59 -10.62
CA ASP C 241 11.81 1.28 -11.77
C ASP C 241 10.80 0.38 -12.46
N ASN C 242 10.00 0.97 -13.35
CA ASN C 242 8.91 0.25 -13.99
C ASN C 242 7.88 -0.24 -12.97
N GLN C 243 7.21 0.73 -12.34
CA GLN C 243 6.06 0.41 -11.51
C GLN C 243 4.95 -0.25 -12.33
N ASN C 244 4.87 0.08 -13.62
CA ASN C 244 4.25 -0.80 -14.62
C ASN C 244 2.79 -1.12 -14.32
N VAL C 245 1.95 -0.09 -14.43
CA VAL C 245 0.51 -0.26 -14.57
C VAL C 245 0.17 -0.14 -16.05
N ASP C 246 -0.82 -0.89 -16.51
CA ASP C 246 -1.16 -0.86 -17.93
C ASP C 246 -1.89 0.43 -18.27
N PHE C 247 -1.46 1.06 -19.37
CA PHE C 247 -1.91 2.41 -19.69
C PHE C 247 -3.39 2.47 -19.99
N THR C 248 -3.98 1.39 -20.47
CA THR C 248 -5.41 1.36 -20.73
C THR C 248 -6.21 0.88 -19.54
N ARG C 249 -5.65 0.98 -18.34
CA ARG C 249 -6.40 0.68 -17.13
C ARG C 249 -7.55 1.67 -17.00
N LEU C 250 -8.73 1.15 -16.69
CA LEU C 250 -9.90 2.02 -16.66
C LEU C 250 -9.95 2.89 -15.42
N ASP C 251 -9.35 2.44 -14.32
CA ASP C 251 -9.38 3.17 -13.05
C ASP C 251 -7.95 3.38 -12.59
N LYS C 252 -7.32 4.44 -13.09
CA LYS C 252 -5.93 4.72 -12.76
C LYS C 252 -5.89 5.35 -11.39
N ASP C 253 -5.79 4.52 -10.36
CA ASP C 253 -5.64 5.02 -9.01
C ASP C 253 -4.28 5.67 -8.85
N LEU C 254 -4.28 6.95 -8.47
CA LEU C 254 -3.06 7.75 -8.49
C LEU C 254 -2.29 7.65 -7.18
N LEU C 255 -2.96 7.30 -6.10
CA LEU C 255 -2.33 6.89 -4.84
C LEU C 255 -2.98 5.60 -4.41
N PRO C 256 -2.60 4.48 -4.99
CA PRO C 256 -3.29 3.23 -4.68
C PRO C 256 -3.07 2.83 -3.23
N TYR C 257 -4.01 2.06 -2.71
CA TYR C 257 -3.84 1.50 -1.37
C TYR C 257 -2.54 0.71 -1.33
N VAL C 258 -1.76 0.96 -0.28
CA VAL C 258 -0.39 0.50 -0.22
C VAL C 258 -0.11 -0.01 1.19
N ASN C 259 0.94 -0.82 1.31
CA ASN C 259 1.38 -1.29 2.61
C ASN C 259 2.82 -0.93 2.93
N TYR C 260 3.70 -0.97 1.94
CA TYR C 260 5.08 -0.51 2.09
C TYR C 260 5.80 -1.26 3.21
N MET C 261 5.96 -2.57 3.05
CA MET C 261 6.81 -3.23 4.01
C MET C 261 8.27 -2.85 3.77
N VAL C 262 9.12 -3.22 4.71
CA VAL C 262 10.57 -3.10 4.56
C VAL C 262 11.17 -4.43 5.01
N LYS C 263 11.44 -5.31 4.04
CA LYS C 263 11.99 -6.62 4.34
C LYS C 263 11.08 -7.36 5.33
N GLY C 264 9.81 -7.46 4.94
CA GLY C 264 8.84 -8.14 5.75
C GLY C 264 8.39 -7.37 6.96
N ILE C 265 8.77 -6.11 7.08
CA ILE C 265 8.44 -5.28 8.23
C ILE C 265 7.38 -4.28 7.80
N PRO C 266 6.12 -4.45 8.20
CA PRO C 266 5.10 -3.47 7.81
C PRO C 266 5.43 -2.10 8.35
N VAL C 267 5.00 -1.08 7.62
CA VAL C 267 5.31 0.31 7.95
C VAL C 267 3.98 0.99 8.26
N VAL C 268 3.12 0.29 9.00
CA VAL C 268 1.92 0.93 9.50
C VAL C 268 2.30 2.24 10.17
N SER C 269 1.71 3.33 9.68
CA SER C 269 2.07 4.66 10.10
C SER C 269 0.97 5.26 10.96
N ASP C 270 1.32 6.30 11.68
CA ASP C 270 0.34 7.14 12.34
C ASP C 270 0.88 8.55 12.43
N ILE C 271 0.21 9.37 13.23
CA ILE C 271 0.44 10.81 13.23
C ILE C 271 0.64 11.36 14.62
N ASP C 272 0.48 10.55 15.66
CA ASP C 272 1.06 10.87 16.95
C ASP C 272 2.57 10.69 16.93
N CYS C 273 3.07 9.88 16.01
CA CYS C 273 4.51 9.70 15.86
C CYS C 273 5.16 11.05 15.51
N PRO C 274 6.29 11.39 16.12
CA PRO C 274 6.93 12.66 15.79
C PRO C 274 7.31 12.71 14.32
N ALA C 275 7.39 13.95 13.81
CA ALA C 275 7.38 14.20 12.38
C ALA C 275 8.48 13.47 11.64
N ASN C 276 9.75 13.80 11.91
CA ASN C 276 10.86 13.29 11.14
C ASN C 276 11.48 12.13 11.91
N LYS C 277 10.82 10.98 11.86
CA LYS C 277 11.27 9.81 12.58
C LYS C 277 10.66 8.57 11.97
N MET C 278 11.25 7.43 12.29
CA MET C 278 10.79 6.16 11.75
C MET C 278 11.18 5.09 12.78
N TYR C 279 10.23 4.77 13.66
CA TYR C 279 10.51 3.87 14.77
C TYR C 279 10.41 2.44 14.29
N LEU C 280 11.53 1.73 14.27
CA LEU C 280 11.52 0.32 13.91
C LEU C 280 11.32 -0.46 15.20
N LEU C 281 10.06 -0.67 15.54
CA LEU C 281 9.71 -1.33 16.78
C LEU C 281 9.71 -2.85 16.62
N ASN C 282 9.85 -3.54 17.74
CA ASN C 282 9.80 -4.99 17.81
C ASN C 282 8.65 -5.34 18.74
N LEU C 283 7.51 -5.69 18.16
CA LEU C 283 6.29 -5.82 18.94
C LEU C 283 6.28 -7.01 19.87
N ASP C 284 7.23 -7.94 19.74
CA ASP C 284 7.32 -9.02 20.69
C ASP C 284 7.94 -8.58 22.00
N LYS C 285 8.45 -7.34 22.06
CA LYS C 285 9.17 -6.86 23.23
C LYS C 285 8.77 -5.43 23.54
N LEU C 286 7.49 -5.11 23.39
CA LEU C 286 7.00 -3.82 23.82
C LEU C 286 5.87 -3.91 24.84
N ALA C 287 4.84 -4.70 24.58
CA ALA C 287 4.01 -5.31 25.63
C ALA C 287 3.62 -4.32 26.72
N ILE C 288 2.74 -3.38 26.38
CA ILE C 288 2.18 -2.47 27.39
C ILE C 288 1.81 -3.24 28.65
N TYR C 289 2.23 -2.74 29.80
CA TYR C 289 1.92 -3.33 31.09
C TYR C 289 0.99 -2.41 31.85
N SER C 290 0.02 -3.01 32.54
CA SER C 290 -0.97 -2.25 33.30
C SER C 290 -1.20 -2.93 34.63
N PHE C 291 -1.01 -2.19 35.72
CA PHE C 291 -1.28 -2.72 37.05
C PHE C 291 -2.77 -2.75 37.29
N ASP C 292 -3.29 -3.91 37.66
CA ASP C 292 -4.73 -4.15 37.74
C ASP C 292 -5.12 -4.35 39.19
N GLN C 293 -5.60 -3.29 39.82
CA GLN C 293 -6.05 -3.35 41.21
C GLN C 293 -7.53 -3.72 41.30
N SER C 294 -7.92 -4.79 40.61
CA SER C 294 -9.32 -5.18 40.54
C SER C 294 -9.73 -6.09 41.68
N ASP C 295 -8.79 -6.45 42.53
CA ASP C 295 -9.06 -7.32 43.67
C ASP C 295 -9.18 -6.52 44.95
N ALA C 296 -9.18 -5.20 44.82
CA ALA C 296 -9.29 -4.31 45.97
C ALA C 296 -10.37 -3.26 45.73
N ASP C 297 -11.41 -3.66 45.00
CA ASP C 297 -12.52 -2.76 44.70
C ASP C 297 -13.78 -3.15 45.46
N GLN C 298 -13.60 -3.62 46.70
CA GLN C 298 -14.70 -4.03 47.56
C GLN C 298 -15.69 -4.97 46.86
N SER C 299 -16.98 -4.73 47.08
CA SER C 299 -18.02 -5.55 46.48
C SER C 299 -19.13 -4.66 45.92
N ASN C 300 -19.28 -3.47 46.51
CA ASN C 300 -20.27 -2.50 46.08
C ASN C 300 -20.05 -2.11 44.63
N GLY C 301 -21.15 -1.96 43.89
CA GLY C 301 -20.97 -1.68 42.49
C GLY C 301 -20.81 -0.20 42.27
N LYS C 302 -19.55 0.23 42.22
CA LYS C 302 -19.21 1.61 41.92
C LYS C 302 -17.97 1.71 41.07
N ILE C 303 -17.41 0.60 40.63
CA ILE C 303 -16.18 0.57 39.86
C ILE C 303 -16.29 -0.57 38.86
N THR C 304 -16.34 -0.23 37.58
CA THR C 304 -16.33 -1.22 36.53
C THR C 304 -15.13 -0.96 35.63
N TYR C 305 -14.79 -1.95 34.83
CA TYR C 305 -13.63 -1.86 33.94
C TYR C 305 -14.09 -2.09 32.52
N ILE C 306 -13.90 -1.10 31.67
CA ILE C 306 -14.24 -1.19 30.26
C ILE C 306 -12.93 -1.29 29.48
N PRO C 307 -12.79 -2.26 28.58
CA PRO C 307 -11.53 -2.39 27.83
C PRO C 307 -11.37 -1.21 26.89
N LEU C 308 -10.26 -0.49 27.04
CA LEU C 308 -9.98 0.64 26.18
C LEU C 308 -9.94 0.19 24.72
N ARG C 309 -10.56 0.98 23.85
CA ARG C 309 -10.79 0.60 22.46
C ARG C 309 -9.86 1.38 21.55
N TYR C 310 -9.28 0.67 20.58
CA TYR C 310 -8.35 1.23 19.62
C TYR C 310 -8.86 0.99 18.20
N VAL C 311 -8.72 2.00 17.34
CA VAL C 311 -9.02 1.84 15.93
C VAL C 311 -7.72 1.97 15.15
N ASP C 312 -7.50 1.04 14.21
CA ASP C 312 -6.30 1.08 13.40
C ASP C 312 -6.36 2.15 12.31
N GLU C 313 -7.55 2.43 11.78
CA GLU C 313 -7.73 3.52 10.83
C GLU C 313 -8.85 4.42 11.32
N THR C 314 -9.29 5.36 10.48
CA THR C 314 -10.32 6.31 10.86
C THR C 314 -11.72 5.86 10.46
N GLY C 315 -11.89 4.58 10.15
CA GLY C 315 -13.22 4.10 9.83
C GLY C 315 -13.47 2.70 10.34
N ASP C 316 -12.81 2.33 11.43
CA ASP C 316 -12.77 0.95 11.85
C ASP C 316 -13.61 0.73 13.10
N THR C 317 -14.04 -0.52 13.26
CA THR C 317 -14.70 -0.94 14.49
C THR C 317 -13.77 -0.68 15.68
N PRO C 318 -14.28 -0.12 16.78
CA PRO C 318 -13.37 0.34 17.84
C PRO C 318 -12.56 -0.75 18.50
N SER C 319 -12.94 -2.03 18.36
CA SER C 319 -12.03 -3.16 18.61
C SER C 319 -11.44 -3.12 20.02
N GLU C 320 -12.30 -3.38 21.01
CA GLU C 320 -11.90 -3.46 22.40
C GLU C 320 -10.57 -4.20 22.55
N SER C 321 -9.62 -3.57 23.25
CA SER C 321 -8.31 -4.13 23.48
C SER C 321 -8.26 -4.87 24.80
N THR C 322 -7.10 -5.46 25.10
CA THR C 322 -6.88 -6.09 26.39
C THR C 322 -6.25 -5.09 27.36
N LEU C 323 -6.87 -3.92 27.44
CA LEU C 323 -6.39 -2.84 28.31
C LEU C 323 -7.61 -2.22 28.97
N TRP C 324 -7.76 -2.44 30.27
CA TRP C 324 -8.97 -2.08 30.98
C TRP C 324 -8.79 -0.70 31.59
N VAL C 325 -9.69 0.21 31.26
CA VAL C 325 -9.77 1.50 31.94
C VAL C 325 -10.87 1.41 32.97
N ARG C 326 -10.64 2.02 34.11
CA ARG C 326 -11.58 1.95 35.23
C ARG C 326 -12.56 3.10 35.13
N LEU C 327 -13.83 2.79 34.98
CA LEU C 327 -14.91 3.74 35.14
C LEU C 327 -15.44 3.60 36.55
N ALA C 328 -15.16 4.58 37.39
CA ALA C 328 -15.61 4.57 38.77
C ALA C 328 -16.52 5.77 38.96
N ASP C 329 -17.81 5.53 39.21
CA ASP C 329 -18.68 6.64 39.55
C ASP C 329 -18.35 7.08 40.96
N VAL C 330 -17.83 8.29 41.08
CA VAL C 330 -17.34 8.79 42.35
C VAL C 330 -18.36 9.81 42.86
N SER C 331 -19.62 9.58 42.51
CA SER C 331 -20.70 10.31 43.16
C SER C 331 -20.82 9.87 44.61
N ASP C 332 -21.17 10.81 45.49
CA ASP C 332 -21.16 10.51 46.91
C ASP C 332 -22.10 11.45 47.65
N GLU C 333 -22.91 10.86 48.54
CA GLU C 333 -23.72 11.56 49.53
C GLU C 333 -24.33 12.83 48.94
N HIS C 334 -24.82 12.72 47.72
CA HIS C 334 -25.53 13.80 47.05
C HIS C 334 -26.49 13.17 46.07
N PRO C 335 -27.79 13.19 46.35
CA PRO C 335 -28.74 12.47 45.49
C PRO C 335 -28.87 13.07 44.11
N ASP C 336 -28.30 14.23 43.84
CA ASP C 336 -28.53 14.92 42.59
C ASP C 336 -27.33 14.94 41.65
N LEU C 337 -26.13 14.64 42.15
CA LEU C 337 -24.92 14.78 41.36
C LEU C 337 -24.24 13.44 41.17
N LEU C 338 -23.95 13.11 39.92
CA LEU C 338 -23.12 11.96 39.58
C LEU C 338 -21.86 12.45 38.91
N LYS C 339 -20.72 12.00 39.41
CA LYS C 339 -19.45 12.23 38.73
C LYS C 339 -18.78 10.89 38.50
N PHE C 340 -18.37 10.65 37.25
CA PHE C 340 -17.69 9.43 36.87
C PHE C 340 -16.22 9.77 36.60
N GLU C 341 -15.35 8.79 36.77
CA GLU C 341 -13.92 8.97 36.60
C GLU C 341 -13.39 7.79 35.80
N LEU C 342 -12.90 8.07 34.60
CA LEU C 342 -12.27 7.09 33.74
C LEU C 342 -10.77 7.25 33.89
N SER C 343 -10.09 6.21 34.35
CA SER C 343 -8.67 6.32 34.58
C SER C 343 -7.99 5.01 34.20
N VAL C 344 -6.77 5.13 33.68
CA VAL C 344 -5.94 3.96 33.43
C VAL C 344 -4.49 4.39 33.50
N ALA C 345 -3.66 3.52 34.06
CA ALA C 345 -2.23 3.74 34.11
C ALA C 345 -1.53 2.67 33.27
N LEU C 346 -0.61 3.11 32.43
CA LEU C 346 0.11 2.23 31.53
C LEU C 346 1.60 2.35 31.79
N GLN C 347 2.35 1.38 31.30
CA GLN C 347 3.79 1.51 31.20
C GLN C 347 4.24 0.77 29.96
N LEU C 348 4.83 1.49 29.02
CA LEU C 348 5.32 0.90 27.79
C LEU C 348 6.69 0.32 28.08
N VAL C 349 6.71 -0.97 28.43
CA VAL C 349 7.97 -1.61 28.72
C VAL C 349 8.71 -1.83 27.40
N ALA C 350 10.04 -1.82 27.47
CA ALA C 350 10.87 -2.05 26.29
C ALA C 350 11.90 -3.12 26.65
N PHE C 351 11.52 -4.37 26.47
CA PHE C 351 12.46 -5.45 26.69
C PHE C 351 13.59 -5.36 25.68
N ASP C 352 14.82 -5.38 26.16
CA ASP C 352 16.00 -5.34 25.30
C ASP C 352 15.97 -4.10 24.40
N LEU C 353 16.11 -2.96 25.07
CA LEU C 353 15.91 -1.67 24.42
C LEU C 353 16.65 -1.53 23.10
N ILE C 354 17.73 -2.29 22.90
CA ILE C 354 18.38 -2.29 21.60
C ILE C 354 17.52 -2.98 20.56
N ASP C 355 16.60 -3.84 20.98
CA ASP C 355 15.75 -4.62 20.10
C ASP C 355 14.35 -4.07 20.00
N SER C 356 13.76 -3.66 21.13
CA SER C 356 12.37 -3.21 21.11
C SER C 356 12.18 -2.00 20.22
N ILE C 357 13.03 -0.99 20.36
CA ILE C 357 12.88 0.26 19.62
C ILE C 357 14.14 0.50 18.80
N SER C 358 13.95 0.99 17.58
CA SER C 358 15.05 1.35 16.70
C SER C 358 14.58 2.50 15.83
N VAL C 359 15.37 3.55 15.74
CA VAL C 359 14.93 4.82 15.17
C VAL C 359 15.86 5.25 14.05
N ILE C 360 15.30 5.86 13.01
CA ILE C 360 16.01 6.28 11.81
C ILE C 360 15.86 7.79 11.70
N ARG C 361 15.90 8.47 12.84
CA ARG C 361 15.22 9.75 13.02
C ARG C 361 15.37 10.77 11.89
N ASP C 362 16.58 11.23 11.59
CA ASP C 362 16.70 12.47 10.82
C ASP C 362 16.28 12.24 9.37
N ILE C 363 14.97 12.21 9.17
CA ILE C 363 14.37 12.01 7.84
C ILE C 363 13.80 13.34 7.37
N THR C 364 13.82 13.56 6.06
CA THR C 364 13.60 14.90 5.53
C THR C 364 12.19 15.42 5.81
N GLN C 365 11.18 14.56 5.76
CA GLN C 365 9.82 15.06 5.88
C GLN C 365 8.82 13.98 6.26
N LEU D 3 0.88 -1.21 53.40
CA LEU D 3 0.23 0.05 53.69
C LEU D 3 1.20 1.18 53.40
N THR D 4 0.73 2.41 53.51
CA THR D 4 1.52 3.62 53.28
C THR D 4 2.89 3.51 53.93
N ASN D 5 2.99 2.77 55.02
CA ASN D 5 4.26 2.50 55.68
C ASN D 5 4.44 1.03 56.05
N LEU D 6 3.40 0.22 55.99
CA LEU D 6 3.46 -1.17 56.42
C LEU D 6 3.82 -2.12 55.30
N THR D 7 4.28 -1.61 54.17
CA THR D 7 4.83 -2.45 53.10
C THR D 7 6.11 -1.78 52.62
N PRO D 8 7.22 -2.03 53.30
CA PRO D 8 8.49 -1.45 52.87
C PRO D 8 8.94 -2.10 51.57
N THR D 9 9.78 -1.37 50.84
CA THR D 9 10.32 -1.90 49.60
C THR D 9 11.01 -3.23 49.85
N GLU D 10 11.79 -3.33 50.92
CA GLU D 10 12.62 -4.50 51.16
C GLU D 10 11.81 -5.75 51.46
N LEU D 11 10.52 -5.63 51.71
CA LEU D 11 9.67 -6.79 51.91
C LEU D 11 8.80 -7.09 50.71
N LEU D 12 8.97 -6.38 49.60
CA LEU D 12 8.21 -6.63 48.38
C LEU D 12 9.12 -7.34 47.39
N ALA D 13 8.74 -8.57 47.04
CA ALA D 13 9.60 -9.42 46.24
C ALA D 13 9.85 -8.85 44.86
N ASN D 14 8.81 -8.34 44.21
CA ASN D 14 8.87 -7.85 42.83
C ASN D 14 9.33 -8.96 41.88
N LYS D 15 8.49 -9.99 41.78
CA LYS D 15 8.82 -11.11 40.91
C LYS D 15 8.93 -10.66 39.47
N ALA D 16 9.97 -11.12 38.80
CA ALA D 16 10.32 -10.67 37.47
C ALA D 16 9.68 -11.56 36.42
N VAL D 17 9.48 -10.99 35.22
CA VAL D 17 9.08 -11.81 34.10
C VAL D 17 10.26 -12.68 33.69
N ASP D 18 9.99 -13.97 33.48
CA ASP D 18 11.08 -14.90 33.18
C ASP D 18 11.59 -14.62 31.78
N TYR D 19 12.24 -13.47 31.60
CA TYR D 19 12.70 -13.04 30.28
C TYR D 19 14.12 -12.52 30.42
N LEU D 20 15.07 -13.27 29.86
CA LEU D 20 16.44 -12.84 29.69
C LEU D 20 16.61 -12.24 28.29
N ALA D 21 17.38 -11.16 28.21
CA ALA D 21 17.32 -10.32 27.02
C ALA D 21 18.62 -10.30 26.22
N ASN D 22 19.24 -11.44 26.00
CA ASN D 22 20.43 -11.50 25.15
C ASN D 22 19.98 -11.70 23.72
N SER D 23 20.07 -10.64 22.93
CA SER D 23 19.81 -10.71 21.51
C SER D 23 21.07 -10.34 20.77
N PHE D 24 22.18 -10.90 21.20
CA PHE D 24 23.48 -10.52 20.66
C PHE D 24 23.70 -11.15 19.30
N LEU D 25 24.72 -10.63 18.63
CA LEU D 25 25.11 -11.16 17.33
C LEU D 25 25.43 -12.64 17.48
N VAL D 26 24.61 -13.49 16.85
CA VAL D 26 24.81 -14.92 16.95
C VAL D 26 24.77 -15.53 15.56
N GLU D 27 24.50 -14.71 14.55
CA GLU D 27 24.64 -15.17 13.18
C GLU D 27 26.05 -15.63 12.91
N THR D 28 26.19 -16.88 12.54
CA THR D 28 27.47 -17.42 12.08
C THR D 28 27.21 -18.13 10.76
N PRO D 29 26.89 -17.39 9.71
CA PRO D 29 26.60 -18.06 8.43
C PRO D 29 27.85 -18.63 7.78
N MET D 30 28.97 -17.92 7.82
CA MET D 30 30.21 -18.50 7.33
C MET D 30 30.55 -19.75 8.13
N LEU D 31 30.41 -19.69 9.44
CA LEU D 31 30.44 -20.92 10.21
C LEU D 31 29.27 -21.82 9.83
N GLY D 32 28.10 -21.24 9.58
CA GLY D 32 26.94 -22.05 9.23
C GLY D 32 27.18 -22.89 8.00
N LEU D 33 27.67 -22.26 6.94
CA LEU D 33 28.26 -23.01 5.85
C LEU D 33 29.41 -23.84 6.40
N LEU D 34 29.56 -25.05 5.88
CA LEU D 34 30.71 -25.89 6.23
C LEU D 34 30.84 -26.10 7.75
N ALA D 35 29.69 -26.26 8.42
CA ALA D 35 29.67 -26.61 9.85
C ALA D 35 29.22 -28.03 10.09
N ASN D 36 28.05 -28.41 9.58
CA ASN D 36 27.59 -29.77 9.73
C ASN D 36 28.42 -30.77 8.97
N ARG D 37 29.49 -30.32 8.33
CA ARG D 37 30.46 -31.20 7.67
C ARG D 37 31.86 -30.98 8.23
N VAL D 38 31.95 -30.54 9.48
CA VAL D 38 33.24 -30.44 10.15
C VAL D 38 33.76 -31.84 10.43
N ILE D 39 35.04 -32.07 10.15
CA ILE D 39 35.65 -33.37 10.36
C ILE D 39 36.51 -33.30 11.61
N ASN D 40 36.26 -34.22 12.54
CA ASN D 40 37.02 -34.30 13.78
C ASN D 40 38.05 -35.42 13.63
N GLN D 41 39.29 -35.02 13.35
CA GLN D 41 40.37 -35.97 13.23
C GLN D 41 40.90 -36.40 14.59
N LYS D 42 41.39 -37.62 14.64
CA LYS D 42 42.19 -38.08 15.76
C LYS D 42 43.64 -37.65 15.65
N GLN D 43 44.01 -37.02 14.54
CA GLN D 43 45.35 -36.51 14.35
C GLN D 43 45.32 -35.00 14.15
N LYS D 44 46.45 -34.38 14.45
CA LYS D 44 46.54 -32.93 14.46
C LYS D 44 46.82 -32.34 13.09
N ALA D 45 47.08 -33.17 12.08
CA ALA D 45 47.53 -32.68 10.79
C ALA D 45 46.54 -33.02 9.70
N ILE D 46 46.60 -32.25 8.63
CA ILE D 46 45.69 -32.35 7.50
C ILE D 46 46.59 -32.47 6.28
N GLU D 47 46.62 -33.64 5.68
CA GLU D 47 47.49 -33.92 4.54
C GLU D 47 46.62 -34.17 3.32
N TRP D 48 46.86 -33.44 2.24
CA TRP D 48 46.18 -33.75 1.00
C TRP D 48 47.04 -33.28 -0.15
N GLY D 49 46.84 -33.89 -1.30
CA GLY D 49 47.64 -33.58 -2.44
C GLY D 49 47.10 -32.45 -3.26
N ALA D 50 47.94 -31.91 -4.11
CA ALA D 50 47.53 -30.81 -4.99
C ALA D 50 48.34 -30.91 -6.27
N LYS D 51 47.69 -31.29 -7.37
CA LYS D 51 48.36 -31.22 -8.65
C LYS D 51 48.53 -29.75 -9.01
N VAL D 52 49.77 -29.29 -9.03
CA VAL D 52 50.03 -27.86 -9.22
C VAL D 52 50.56 -27.56 -10.62
N ALA D 53 50.93 -28.57 -11.39
CA ALA D 53 51.42 -28.38 -12.74
C ALA D 53 50.79 -29.41 -13.66
N GLN D 54 50.89 -29.14 -14.96
CA GLN D 54 50.34 -29.99 -16.00
C GLN D 54 51.47 -30.58 -16.83
N GLY D 55 51.27 -31.81 -17.30
CA GLY D 55 52.24 -32.43 -18.17
C GLY D 55 52.12 -31.90 -19.58
N VAL D 56 53.03 -31.03 -19.98
CA VAL D 56 53.02 -30.46 -21.32
C VAL D 56 53.13 -31.59 -22.34
N VAL D 57 52.39 -31.47 -23.44
CA VAL D 57 52.40 -32.46 -24.50
C VAL D 57 53.18 -31.91 -25.69
N GLY D 58 54.11 -32.70 -26.20
CA GLY D 58 54.97 -32.24 -27.28
C GLY D 58 54.56 -32.62 -28.68
N GLY D 59 54.35 -33.90 -28.93
CA GLY D 59 54.04 -34.32 -30.28
C GLY D 59 55.26 -34.80 -31.03
N ARG D 60 55.02 -35.68 -32.01
CA ARG D 60 56.06 -36.25 -32.85
C ARG D 60 55.43 -36.67 -34.16
N THR D 61 56.27 -36.94 -35.16
CA THR D 61 55.77 -37.46 -36.41
C THR D 61 55.34 -38.91 -36.22
N ARG D 62 54.84 -39.53 -37.29
CA ARG D 62 54.48 -40.94 -37.24
C ARG D 62 55.64 -41.76 -36.71
N THR D 63 56.82 -41.57 -37.28
CA THR D 63 57.97 -42.42 -37.04
C THR D 63 59.15 -41.64 -36.49
N GLY D 64 58.91 -40.44 -36.00
CA GLY D 64 60.00 -39.60 -35.53
C GLY D 64 60.59 -40.11 -34.23
N ALA D 65 61.18 -39.21 -33.46
CA ALA D 65 61.87 -39.60 -32.24
C ALA D 65 60.84 -40.00 -31.19
N LEU D 66 61.30 -40.29 -29.99
CA LEU D 66 60.43 -40.55 -28.86
C LEU D 66 60.95 -39.80 -27.64
N ALA D 67 61.31 -38.55 -27.83
CA ALA D 67 61.74 -37.72 -26.72
C ALA D 67 60.60 -37.53 -25.73
N ASN D 68 60.96 -37.27 -24.47
CA ASN D 68 59.96 -37.13 -23.43
C ASN D 68 59.31 -35.77 -23.49
N ASP D 69 58.38 -35.56 -22.56
CA ASP D 69 57.80 -34.26 -22.29
C ASP D 69 57.34 -34.26 -20.85
N THR D 70 57.22 -33.06 -20.29
CA THR D 70 57.19 -32.90 -18.85
C THR D 70 55.94 -33.54 -18.23
N GLN D 71 55.94 -33.58 -16.91
CA GLN D 71 54.83 -34.09 -16.10
C GLN D 71 54.26 -32.94 -15.27
N GLY D 72 53.30 -33.29 -14.42
CA GLY D 72 52.66 -32.34 -13.53
C GLY D 72 53.08 -32.61 -12.09
N THR D 73 53.42 -31.54 -11.38
CA THR D 73 53.84 -31.65 -9.99
C THR D 73 52.64 -31.89 -9.09
N ILE D 74 52.80 -32.84 -8.17
CA ILE D 74 51.83 -33.06 -7.11
C ILE D 74 52.50 -32.70 -5.80
N LYS D 75 52.04 -31.63 -5.17
CA LYS D 75 52.61 -31.16 -3.92
C LYS D 75 51.77 -31.67 -2.76
N GLY D 76 52.45 -32.00 -1.66
CA GLY D 76 51.74 -32.43 -0.49
C GLY D 76 51.40 -31.25 0.40
N ALA D 77 50.17 -30.75 0.29
CA ALA D 77 49.72 -29.66 1.12
C ALA D 77 49.44 -30.17 2.53
N SER D 78 49.87 -29.40 3.52
CA SER D 78 49.90 -29.83 4.92
C SER D 78 49.47 -28.69 5.81
N LEU D 79 48.32 -28.84 6.44
CA LEU D 79 47.92 -27.94 7.50
C LEU D 79 47.88 -28.68 8.83
N SER D 80 47.58 -27.96 9.89
CA SER D 80 47.46 -28.58 11.19
C SER D 80 46.42 -27.83 12.00
N VAL D 81 45.58 -28.59 12.70
CA VAL D 81 44.72 -28.00 13.73
C VAL D 81 45.69 -27.33 14.70
N PRO D 82 45.55 -26.05 14.96
CA PRO D 82 46.59 -25.34 15.70
C PRO D 82 46.65 -25.84 17.14
N ASP D 83 47.77 -25.53 17.79
CA ASP D 83 47.93 -25.87 19.19
C ASP D 83 47.23 -24.90 20.10
N TYR D 84 46.30 -24.15 19.53
CA TYR D 84 45.69 -22.99 20.15
C TYR D 84 44.19 -23.22 20.25
N TYR D 85 43.55 -22.47 21.16
CA TYR D 85 42.12 -22.56 21.42
C TYR D 85 41.44 -21.20 21.31
N ILE D 86 40.12 -21.25 21.16
CA ILE D 86 39.26 -20.09 21.07
C ILE D 86 38.71 -19.90 22.47
N LYS D 87 39.44 -20.42 23.45
CA LYS D 87 38.95 -20.69 24.79
C LYS D 87 38.22 -19.55 25.48
N HIS D 88 37.39 -19.91 26.46
CA HIS D 88 36.74 -18.97 27.35
C HIS D 88 36.48 -19.70 28.66
N GLN D 89 37.10 -19.28 29.75
CA GLN D 89 36.87 -19.93 31.02
C GLN D 89 36.42 -18.91 32.05
N PHE D 90 35.74 -19.41 33.07
CA PHE D 90 35.17 -18.57 34.10
C PHE D 90 35.16 -19.31 35.43
N ASP D 91 35.33 -18.58 36.51
CA ASP D 91 35.24 -19.13 37.85
C ASP D 91 34.02 -18.57 38.57
N VAL D 92 33.02 -19.42 38.74
CA VAL D 92 31.88 -19.06 39.56
C VAL D 92 32.24 -19.32 41.01
N GLY D 93 31.79 -18.44 41.89
CA GLY D 93 31.82 -18.80 43.28
C GLY D 93 30.85 -19.95 43.48
N LYS D 94 31.32 -21.05 44.07
CA LYS D 94 30.42 -22.15 44.35
C LYS D 94 29.27 -21.70 45.24
N ASP D 95 29.50 -20.66 46.04
CA ASP D 95 28.44 -20.06 46.82
C ASP D 95 27.37 -19.46 45.93
N GLU D 96 27.80 -18.79 44.87
CA GLU D 96 26.87 -18.09 43.98
C GLU D 96 25.95 -19.06 43.25
N ILE D 97 26.39 -20.29 43.03
CA ILE D 97 25.59 -21.22 42.24
C ILE D 97 24.32 -21.60 43.01
N VAL D 98 24.48 -21.98 44.28
CA VAL D 98 23.32 -22.31 45.09
C VAL D 98 22.54 -21.07 45.46
N ASN D 99 23.25 -19.99 45.79
CA ASN D 99 22.56 -18.76 46.19
C ASN D 99 21.69 -18.24 45.08
N SER D 100 22.22 -18.16 43.87
CA SER D 100 21.44 -17.66 42.74
C SER D 100 20.37 -18.65 42.33
N ASP D 101 20.63 -19.95 42.47
CA ASP D 101 19.59 -20.94 42.20
C ASP D 101 18.41 -20.75 43.14
N ALA D 102 18.67 -20.26 44.34
CA ALA D 102 17.62 -20.04 45.33
C ALA D 102 17.15 -18.60 45.37
N THR D 103 17.72 -17.73 44.55
CA THR D 103 17.43 -16.30 44.68
C THR D 103 17.16 -15.62 43.35
N GLY D 104 17.56 -16.20 42.21
CA GLY D 104 17.39 -15.52 40.94
C GLY D 104 15.93 -15.35 40.58
N LYS D 105 15.56 -14.14 40.17
CA LYS D 105 14.18 -13.87 39.77
C LYS D 105 13.85 -14.53 38.45
N ILE D 106 14.82 -14.62 37.54
CA ILE D 106 14.60 -15.12 36.19
C ILE D 106 15.43 -16.37 36.00
N SER D 107 15.07 -17.15 34.97
CA SER D 107 15.76 -18.41 34.72
C SER D 107 17.23 -18.21 34.39
N ALA D 108 17.59 -17.06 33.85
CA ALA D 108 19.00 -16.80 33.57
C ALA D 108 19.83 -16.71 34.82
N VAL D 109 19.31 -16.09 35.88
CA VAL D 109 20.07 -15.96 37.11
C VAL D 109 19.86 -17.13 38.04
N ARG D 110 18.80 -17.90 37.87
CA ARG D 110 18.64 -19.15 38.59
C ARG D 110 19.57 -20.22 38.09
N ASP D 111 20.47 -19.91 37.19
CA ASP D 111 21.45 -20.86 36.70
C ASP D 111 22.60 -20.10 36.06
N PRO D 112 23.41 -19.40 36.85
CA PRO D 112 24.50 -18.62 36.25
C PRO D 112 25.51 -19.45 35.48
N VAL D 113 25.77 -20.69 35.90
CA VAL D 113 26.61 -21.56 35.08
C VAL D 113 25.94 -21.85 33.75
N GLY D 114 24.64 -22.15 33.76
CA GLY D 114 23.98 -22.47 32.51
C GLY D 114 24.08 -21.34 31.51
N THR D 115 23.80 -20.12 31.96
CA THR D 115 23.89 -18.99 31.06
C THR D 115 25.33 -18.58 30.79
N ALA D 116 26.27 -18.95 31.65
CA ALA D 116 27.66 -18.70 31.31
C ALA D 116 28.11 -19.60 30.16
N ILE D 117 27.76 -20.88 30.22
CA ILE D 117 28.00 -21.77 29.09
C ILE D 117 27.30 -21.23 27.85
N ALA D 118 26.03 -20.84 27.99
CA ALA D 118 25.29 -20.37 26.82
C ALA D 118 25.93 -19.11 26.24
N ASP D 119 26.33 -18.17 27.08
CA ASP D 119 26.94 -16.94 26.62
C ASP D 119 28.27 -17.20 25.94
N ALA D 120 29.17 -17.91 26.62
CA ALA D 120 30.49 -18.18 26.05
C ALA D 120 30.38 -19.04 24.81
N PHE D 121 29.35 -19.86 24.74
CA PHE D 121 29.16 -20.88 23.74
C PHE D 121 28.35 -20.38 22.56
N ASP D 122 27.77 -19.18 22.69
CA ASP D 122 27.23 -18.43 21.57
C ASP D 122 28.17 -17.34 21.09
N VAL D 123 29.16 -16.96 21.90
CA VAL D 123 30.23 -16.09 21.45
C VAL D 123 31.47 -16.88 21.07
N LEU D 124 31.55 -18.15 21.45
CA LEU D 124 32.52 -19.05 20.83
C LEU D 124 32.23 -19.18 19.35
N SER D 125 30.99 -19.52 19.00
CA SER D 125 30.59 -19.58 17.60
C SER D 125 30.83 -18.25 16.92
N LYS D 126 30.65 -17.15 17.64
CA LYS D 126 30.82 -15.84 17.04
C LYS D 126 32.30 -15.57 16.74
N LYS D 127 33.17 -15.84 17.71
CA LYS D 127 34.59 -15.65 17.45
C LYS D 127 35.09 -16.64 16.39
N ILE D 128 34.58 -17.87 16.43
CA ILE D 128 34.94 -18.86 15.42
C ILE D 128 34.56 -18.36 14.04
N ASN D 129 33.36 -17.82 13.89
CA ASN D 129 32.94 -17.24 12.62
C ASN D 129 33.83 -16.08 12.22
N SER D 130 34.16 -15.21 13.18
CA SER D 130 34.95 -14.03 12.86
C SER D 130 36.33 -14.43 12.34
N VAL D 131 36.97 -15.41 12.98
CA VAL D 131 38.33 -15.74 12.59
C VAL D 131 38.39 -16.55 11.30
N LEU D 132 37.28 -17.14 10.87
CA LEU D 132 37.30 -17.83 9.60
C LEU D 132 37.52 -16.88 8.43
N TYR D 133 37.31 -15.59 8.64
CA TYR D 133 37.60 -14.61 7.60
C TYR D 133 39.02 -14.04 7.74
N THR D 134 39.29 -13.39 8.86
CA THR D 134 40.57 -12.72 9.09
C THR D 134 41.30 -13.46 10.21
N ALA D 135 42.23 -14.32 9.83
CA ALA D 135 43.09 -15.00 10.79
C ALA D 135 44.37 -15.36 10.05
N SER D 136 45.42 -14.61 10.27
CA SER D 136 46.61 -14.80 9.45
C SER D 136 47.32 -16.09 9.73
N GLY D 137 46.78 -16.99 10.53
CA GLY D 137 47.39 -18.27 10.78
C GLY D 137 48.29 -18.31 12.00
N VAL D 138 48.73 -17.16 12.49
CA VAL D 138 49.60 -17.14 13.65
C VAL D 138 48.80 -17.54 14.88
N ALA D 139 49.40 -18.38 15.73
CA ALA D 139 48.76 -18.87 16.94
C ALA D 139 48.93 -17.82 18.03
N ASP D 140 48.10 -16.79 17.97
CA ASP D 140 48.13 -15.71 18.95
C ASP D 140 46.71 -15.36 19.36
N ALA D 141 46.59 -14.32 20.18
CA ALA D 141 45.29 -13.90 20.69
C ALA D 141 44.46 -13.15 19.67
N THR D 142 44.98 -12.91 18.47
CA THR D 142 44.22 -12.24 17.42
C THR D 142 43.73 -13.20 16.36
N ASN D 143 44.64 -13.98 15.77
CA ASN D 143 44.32 -14.86 14.67
C ASN D 143 44.06 -16.29 15.12
N TYR D 144 44.32 -16.59 16.38
CA TYR D 144 43.79 -17.77 17.05
C TYR D 144 44.25 -19.06 16.41
N GLY D 145 45.39 -19.01 15.72
CA GLY D 145 45.96 -20.18 15.08
C GLY D 145 45.36 -20.49 13.73
N ILE D 146 44.04 -20.31 13.61
CA ILE D 146 43.35 -20.68 12.38
C ILE D 146 43.86 -19.84 11.22
N PHE D 147 43.80 -20.41 10.02
CA PHE D 147 44.23 -19.69 8.83
C PHE D 147 43.08 -18.97 8.14
N GLY D 148 41.85 -19.43 8.30
CA GLY D 148 40.73 -18.69 7.74
C GLY D 148 40.81 -18.60 6.24
N LEU D 149 40.44 -17.43 5.71
CA LEU D 149 40.49 -17.19 4.27
C LEU D 149 41.51 -16.14 3.89
N ASP D 150 41.69 -15.08 4.67
CA ASP D 150 42.64 -14.06 4.28
C ASP D 150 44.08 -14.53 4.40
N ALA D 151 44.34 -15.55 5.22
CA ALA D 151 45.65 -16.18 5.19
C ALA D 151 45.69 -17.36 4.24
N ALA D 152 44.56 -18.02 4.02
CA ALA D 152 44.53 -19.06 3.02
C ALA D 152 44.67 -18.42 1.65
N ALA D 153 43.69 -17.62 1.25
CA ALA D 153 43.74 -17.04 -0.08
C ALA D 153 44.73 -15.89 -0.15
N GLY D 154 44.48 -14.84 0.60
CA GLY D 154 45.32 -13.67 0.58
C GLY D 154 44.49 -12.41 0.72
N THR D 155 45.13 -11.33 1.13
CA THR D 155 44.43 -10.07 1.30
C THR D 155 44.28 -9.34 -0.03
N THR D 156 45.40 -8.97 -0.63
CA THR D 156 45.41 -8.14 -1.83
C THR D 156 45.70 -9.01 -3.06
N VAL D 157 45.70 -8.34 -4.22
CA VAL D 157 45.96 -9.05 -5.47
C VAL D 157 47.38 -9.59 -5.49
N ALA D 158 48.35 -8.77 -5.11
CA ALA D 158 49.73 -9.23 -5.02
C ALA D 158 49.98 -10.07 -3.78
N ASN D 159 49.03 -10.13 -2.85
CA ASN D 159 49.13 -11.06 -1.74
C ASN D 159 48.48 -12.40 -2.05
N SER D 160 47.77 -12.52 -3.17
CA SER D 160 47.30 -13.82 -3.60
C SER D 160 48.48 -14.71 -3.96
N ALA D 161 49.54 -14.13 -4.48
CA ALA D 161 50.84 -14.75 -4.59
C ALA D 161 51.62 -14.46 -3.31
N THR D 162 52.94 -14.65 -3.32
CA THR D 162 53.83 -14.12 -2.29
C THR D 162 53.46 -14.66 -0.91
N GLY D 163 53.63 -15.97 -0.78
CA GLY D 163 53.41 -16.61 0.51
C GLY D 163 53.40 -18.12 0.35
N THR D 164 52.88 -18.78 1.37
CA THR D 164 52.65 -20.20 1.29
C THR D 164 51.42 -20.55 2.10
N TYR D 165 50.73 -21.59 1.69
CA TYR D 165 49.57 -22.08 2.41
C TYR D 165 49.60 -23.59 2.35
N ALA D 166 49.59 -24.23 3.52
CA ALA D 166 49.70 -25.67 3.66
C ALA D 166 51.04 -26.20 3.18
N GLY D 167 52.05 -25.34 3.15
CA GLY D 167 53.38 -25.74 2.77
C GLY D 167 53.69 -25.59 1.30
N ILE D 168 52.72 -25.25 0.47
CA ILE D 168 52.95 -25.08 -0.97
C ILE D 168 53.23 -23.60 -1.22
N SER D 169 54.46 -23.28 -1.60
CA SER D 169 54.85 -21.90 -1.78
C SER D 169 54.15 -21.33 -3.01
N LYS D 170 53.32 -20.31 -2.80
CA LYS D 170 52.56 -19.75 -3.91
C LYS D 170 53.46 -19.12 -4.95
N VAL D 171 54.64 -18.64 -4.55
CA VAL D 171 55.52 -18.01 -5.54
C VAL D 171 56.03 -19.04 -6.53
N THR D 172 56.46 -20.21 -6.05
CA THR D 172 56.98 -21.24 -6.92
C THR D 172 55.89 -22.17 -7.44
N PHE D 173 54.63 -21.91 -7.10
CA PHE D 173 53.52 -22.76 -7.51
C PHE D 173 52.30 -21.89 -7.74
N PRO D 174 52.23 -21.24 -8.90
CA PRO D 174 51.12 -20.32 -9.16
C PRO D 174 49.76 -20.97 -9.16
N ARG D 175 49.68 -22.28 -9.37
CA ARG D 175 48.39 -22.93 -9.31
C ARG D 175 47.89 -23.07 -7.87
N TRP D 176 48.73 -22.74 -6.90
CA TRP D 176 48.31 -22.72 -5.51
C TRP D 176 47.84 -21.36 -5.05
N ARG D 177 47.86 -20.35 -5.91
CA ARG D 177 47.36 -19.04 -5.53
C ARG D 177 45.85 -19.10 -5.48
N SER D 178 45.22 -17.95 -5.28
CA SER D 178 43.79 -17.78 -5.43
C SER D 178 43.53 -16.71 -6.49
N ILE D 179 42.26 -16.36 -6.67
CA ILE D 179 41.90 -15.46 -7.74
C ILE D 179 41.54 -14.12 -7.10
N ILE D 180 42.19 -13.82 -5.99
CA ILE D 180 42.06 -12.51 -5.36
C ILE D 180 42.25 -11.46 -6.45
N GLN D 181 41.24 -10.64 -6.69
CA GLN D 181 41.43 -9.55 -7.62
C GLN D 181 40.54 -8.38 -7.24
N GLY D 182 41.11 -7.18 -7.32
CA GLY D 182 40.38 -5.99 -6.95
C GLY D 182 39.97 -5.16 -8.15
N GLY D 183 40.19 -3.87 -8.06
CA GLY D 183 39.84 -2.95 -9.12
C GLY D 183 41.00 -2.72 -10.07
N ALA D 184 40.89 -1.63 -10.82
CA ALA D 184 41.94 -1.25 -11.76
C ALA D 184 43.25 -1.05 -11.01
N VAL D 185 43.28 -0.07 -10.11
CA VAL D 185 44.40 0.11 -9.19
C VAL D 185 44.02 -0.55 -7.87
N PRO D 186 44.79 -1.51 -7.40
CA PRO D 186 44.37 -2.27 -6.22
C PRO D 186 44.35 -1.43 -4.95
N GLY D 187 43.41 -1.76 -4.07
CA GLY D 187 43.32 -1.11 -2.78
C GLY D 187 42.57 0.19 -2.75
N THR D 188 41.79 0.50 -3.78
CA THR D 188 41.01 1.72 -3.80
C THR D 188 39.51 1.49 -3.74
N ASN D 189 39.06 0.25 -3.88
CA ASN D 189 37.67 -0.13 -3.65
C ASN D 189 36.73 0.63 -4.60
N GLU D 190 37.00 0.50 -5.89
CA GLU D 190 36.07 1.08 -6.86
C GLU D 190 34.81 0.21 -6.98
N ALA D 191 33.73 0.87 -7.39
CA ALA D 191 32.41 0.28 -7.34
C ALA D 191 32.36 -1.03 -8.10
N LEU D 192 32.01 -2.10 -7.40
CA LEU D 192 31.88 -3.39 -8.05
C LEU D 192 30.80 -3.36 -9.12
N THR D 193 31.13 -3.89 -10.28
CA THR D 193 30.23 -3.98 -11.42
C THR D 193 30.13 -5.44 -11.85
N ILE D 194 29.19 -5.69 -12.74
CA ILE D 194 29.11 -7.01 -13.38
C ILE D 194 30.35 -7.28 -14.19
N ALA D 195 31.01 -6.24 -14.68
CA ALA D 195 32.22 -6.43 -15.48
C ALA D 195 33.26 -7.24 -14.72
N ARG D 196 33.74 -6.71 -13.60
CA ARG D 196 34.77 -7.40 -12.82
C ARG D 196 34.27 -8.69 -12.22
N MET D 197 32.96 -8.85 -12.07
CA MET D 197 32.43 -10.02 -11.41
C MET D 197 32.34 -11.20 -12.38
N THR D 198 31.90 -10.94 -13.62
CA THR D 198 32.10 -11.91 -14.69
C THR D 198 33.58 -12.14 -14.93
N ALA D 199 34.40 -11.11 -14.75
CA ALA D 199 35.84 -11.30 -14.90
C ALA D 199 36.38 -12.27 -13.88
N MET D 200 35.85 -12.25 -12.66
CA MET D 200 36.31 -13.22 -11.68
C MET D 200 35.78 -14.59 -11.99
N LEU D 201 34.51 -14.70 -12.39
CA LEU D 201 33.99 -16.02 -12.75
C LEU D 201 34.77 -16.61 -13.91
N ARG D 202 35.18 -15.79 -14.87
CA ARG D 202 36.02 -16.26 -15.96
C ARG D 202 37.40 -16.66 -15.47
N ALA D 203 38.06 -15.77 -14.73
CA ALA D 203 39.33 -16.12 -14.12
C ALA D 203 39.17 -17.32 -13.20
N ARG D 204 37.98 -17.47 -12.61
CA ARG D 204 37.69 -18.68 -11.87
C ARG D 204 37.54 -19.85 -12.82
N ARG D 205 36.93 -19.62 -13.99
CA ARG D 205 36.76 -20.69 -14.98
C ARG D 205 38.06 -21.01 -15.68
N THR D 206 38.83 -19.97 -16.05
CA THR D 206 40.07 -20.20 -16.78
C THR D 206 41.11 -20.94 -15.96
N ALA D 207 40.90 -21.05 -14.65
CA ALA D 207 41.75 -21.86 -13.80
C ALA D 207 41.19 -23.27 -13.62
N GLY D 208 40.28 -23.67 -14.50
CA GLY D 208 39.72 -25.00 -14.45
C GLY D 208 38.75 -25.24 -13.33
N VAL D 209 38.49 -24.24 -12.52
CA VAL D 209 37.66 -24.39 -11.35
C VAL D 209 36.20 -24.12 -11.72
N THR D 210 35.28 -24.71 -10.97
CA THR D 210 33.87 -24.47 -11.21
C THR D 210 33.53 -23.01 -10.98
N TYR D 211 32.56 -22.53 -11.76
CA TYR D 211 32.20 -21.12 -11.80
C TYR D 211 30.69 -20.92 -11.87
N LYS D 212 29.91 -21.90 -11.45
CA LYS D 212 28.46 -21.80 -11.47
C LYS D 212 27.91 -22.59 -10.31
N GLY D 213 26.67 -22.28 -9.93
CA GLY D 213 26.03 -23.05 -8.88
C GLY D 213 25.54 -24.41 -9.32
N ASN D 214 25.44 -24.64 -10.62
CA ASN D 214 24.93 -25.90 -11.15
C ASN D 214 26.04 -26.82 -11.62
N GLN D 215 27.29 -26.52 -11.28
CA GLN D 215 28.43 -27.30 -11.71
C GLN D 215 28.85 -28.35 -10.69
N ASN D 216 27.97 -28.69 -9.76
CA ASN D 216 28.17 -29.80 -8.83
C ASN D 216 29.34 -29.54 -7.88
N GLN D 217 29.41 -28.32 -7.36
CA GLN D 217 30.37 -28.00 -6.32
C GLN D 217 29.86 -27.13 -5.19
N ARG D 218 28.60 -26.71 -5.21
CA ARG D 218 28.04 -25.88 -4.15
C ARG D 218 28.94 -24.67 -3.87
N LEU D 219 29.11 -23.82 -4.88
CA LEU D 219 29.78 -22.57 -4.63
C LEU D 219 28.90 -21.71 -3.73
N VAL D 220 29.50 -20.70 -3.12
CA VAL D 220 28.74 -19.77 -2.30
C VAL D 220 29.52 -18.47 -2.27
N ILE D 221 28.86 -17.39 -1.91
CA ILE D 221 29.51 -16.08 -1.87
C ILE D 221 29.22 -15.45 -0.53
N LEU D 222 30.24 -14.84 0.07
CA LEU D 222 30.12 -14.13 1.33
C LEU D 222 30.46 -12.66 1.13
N THR D 223 29.54 -11.80 1.53
CA THR D 223 29.74 -10.36 1.54
C THR D 223 29.64 -9.84 2.96
N SER D 224 29.86 -8.55 3.12
CA SER D 224 29.86 -7.92 4.42
C SER D 224 28.49 -7.42 4.85
N ASP D 225 27.47 -7.64 4.01
CA ASP D 225 26.10 -7.18 4.21
C ASP D 225 26.03 -5.67 4.03
N ASN D 226 27.19 -5.02 3.91
CA ASN D 226 27.22 -3.71 3.29
C ASN D 226 27.21 -3.83 1.79
N ILE D 227 27.51 -5.02 1.27
CA ILE D 227 27.53 -5.28 -0.15
C ILE D 227 26.26 -5.96 -0.61
N GLU D 228 25.77 -6.93 0.17
CA GLU D 228 24.55 -7.62 -0.22
C GLU D 228 23.37 -6.67 -0.26
N ASN D 229 23.20 -5.88 0.80
CA ASN D 229 22.05 -5.00 0.90
C ASN D 229 22.29 -3.62 0.31
N ASP D 230 23.52 -3.27 0.00
CA ASP D 230 23.79 -1.89 -0.38
C ASP D 230 24.82 -1.77 -1.50
N VAL D 231 25.28 -2.88 -2.07
CA VAL D 231 26.02 -2.88 -3.34
C VAL D 231 25.34 -3.78 -4.36
N LEU D 232 24.96 -4.99 -3.96
CA LEU D 232 24.19 -5.84 -4.83
C LEU D 232 22.74 -5.39 -4.96
N ARG D 233 22.31 -4.43 -4.15
CA ARG D 233 21.00 -3.84 -4.32
C ARG D 233 21.01 -2.73 -5.36
N PRO D 234 21.99 -1.82 -5.37
CA PRO D 234 22.09 -0.91 -6.51
C PRO D 234 22.42 -1.64 -7.80
N LEU D 235 23.41 -2.52 -7.80
CA LEU D 235 23.43 -3.55 -8.82
C LEU D 235 22.12 -4.33 -8.76
N TYR D 236 21.82 -5.02 -9.84
CA TYR D 236 20.49 -5.51 -10.13
C TYR D 236 19.51 -4.36 -10.31
N GLY D 237 20.03 -3.14 -10.44
CA GLY D 237 19.28 -1.99 -10.90
C GLY D 237 19.99 -1.34 -12.07
N THR D 238 21.30 -1.63 -12.18
CA THR D 238 22.11 -1.24 -13.33
C THR D 238 22.17 -2.38 -14.34
N VAL D 239 22.65 -3.54 -13.90
CA VAL D 239 22.17 -4.82 -14.40
C VAL D 239 20.74 -4.86 -13.87
N VAL D 240 19.97 -5.89 -14.16
CA VAL D 240 18.67 -5.78 -14.82
C VAL D 240 18.07 -4.39 -14.76
N ASP D 241 17.72 -3.87 -15.93
CA ASP D 241 17.23 -2.49 -16.02
C ASP D 241 15.72 -2.39 -15.86
N ASN D 242 14.99 -3.48 -16.03
CA ASN D 242 13.55 -3.47 -15.82
C ASN D 242 13.21 -4.34 -14.64
N GLN D 243 12.59 -3.75 -13.62
CA GLN D 243 12.56 -4.37 -12.31
C GLN D 243 11.15 -4.76 -11.87
N ASN D 244 10.11 -4.18 -12.46
CA ASN D 244 8.77 -4.79 -12.55
C ASN D 244 8.14 -5.10 -11.19
N VAL D 245 7.76 -4.03 -10.49
CA VAL D 245 6.62 -4.17 -9.59
C VAL D 245 5.39 -3.84 -10.40
N ASP D 246 4.21 -4.22 -9.91
CA ASP D 246 2.94 -3.76 -10.47
C ASP D 246 2.45 -2.60 -9.62
N PHE D 247 2.27 -1.44 -10.23
CA PHE D 247 2.09 -0.21 -9.46
C PHE D 247 0.96 -0.32 -8.45
N THR D 248 -0.10 -1.03 -8.82
CA THR D 248 -1.25 -1.19 -7.95
C THR D 248 -1.12 -2.37 -7.01
N ARG D 249 0.07 -2.97 -6.93
CA ARG D 249 0.33 -4.00 -5.92
C ARG D 249 0.07 -3.42 -4.55
N LEU D 250 -0.89 -4.00 -3.84
CA LEU D 250 -1.25 -3.48 -2.53
C LEU D 250 -0.07 -3.55 -1.57
N ASP D 251 0.61 -4.68 -1.53
CA ASP D 251 1.60 -4.98 -0.51
C ASP D 251 2.95 -4.97 -1.21
N LYS D 252 3.60 -3.81 -1.22
CA LYS D 252 4.87 -3.65 -1.92
C LYS D 252 5.99 -3.51 -0.91
N ASP D 253 6.82 -4.56 -0.81
CA ASP D 253 7.99 -4.53 0.06
C ASP D 253 9.01 -3.57 -0.53
N LEU D 254 9.36 -2.55 0.23
CA LEU D 254 10.34 -1.57 -0.22
C LEU D 254 11.76 -2.13 -0.20
N LEU D 255 11.98 -3.26 0.48
CA LEU D 255 13.26 -3.97 0.46
C LEU D 255 12.98 -5.45 0.60
N PRO D 256 12.51 -6.09 -0.46
CA PRO D 256 11.96 -7.44 -0.32
C PRO D 256 13.03 -8.42 0.09
N TYR D 257 12.58 -9.59 0.54
CA TYR D 257 13.51 -10.68 0.75
C TYR D 257 14.20 -11.01 -0.55
N VAL D 258 15.49 -11.31 -0.47
CA VAL D 258 16.33 -11.44 -1.65
C VAL D 258 17.43 -12.43 -1.34
N ASN D 259 17.92 -13.11 -2.38
CA ASN D 259 19.04 -14.01 -2.23
C ASN D 259 20.22 -13.69 -3.14
N TYR D 260 20.02 -12.92 -4.20
CA TYR D 260 21.12 -12.32 -4.95
C TYR D 260 22.11 -13.34 -5.49
N MET D 261 21.64 -14.50 -5.94
CA MET D 261 22.54 -15.50 -6.52
C MET D 261 23.39 -14.87 -7.62
N VAL D 262 24.54 -15.49 -7.88
CA VAL D 262 25.45 -15.06 -8.93
C VAL D 262 25.77 -16.29 -9.76
N LYS D 263 25.09 -16.46 -10.88
CA LYS D 263 25.23 -17.65 -11.69
C LYS D 263 25.00 -18.89 -10.84
N GLY D 264 23.94 -18.84 -10.04
CA GLY D 264 23.59 -19.93 -9.17
C GLY D 264 24.38 -19.99 -7.89
N ILE D 265 25.28 -19.05 -7.65
CA ILE D 265 26.12 -19.04 -6.46
C ILE D 265 25.44 -18.13 -5.44
N PRO D 266 24.86 -18.66 -4.37
CA PRO D 266 24.21 -17.80 -3.37
C PRO D 266 25.20 -16.84 -2.73
N VAL D 267 24.67 -15.74 -2.23
CA VAL D 267 25.47 -14.64 -1.70
C VAL D 267 25.11 -14.44 -0.23
N VAL D 268 24.94 -15.54 0.51
CA VAL D 268 24.74 -15.47 1.94
C VAL D 268 25.72 -14.46 2.52
N SER D 269 25.22 -13.49 3.25
CA SER D 269 26.01 -12.35 3.68
C SER D 269 26.21 -12.40 5.18
N ASP D 270 27.39 -12.03 5.62
CA ASP D 270 27.74 -12.08 7.04
C ASP D 270 28.40 -10.77 7.42
N ILE D 271 27.98 -10.19 8.53
CA ILE D 271 28.60 -8.94 8.97
C ILE D 271 29.97 -9.16 9.56
N ASP D 272 30.35 -10.41 9.84
CA ASP D 272 31.72 -10.71 10.22
C ASP D 272 32.65 -10.67 9.02
N CYS D 273 32.12 -10.71 7.81
CA CYS D 273 32.94 -10.65 6.61
C CYS D 273 33.66 -9.31 6.55
N PRO D 274 34.92 -9.27 6.11
CA PRO D 274 35.66 -8.01 6.07
C PRO D 274 34.94 -6.94 5.26
N ALA D 275 35.39 -5.71 5.47
CA ALA D 275 34.54 -4.54 5.26
C ALA D 275 34.00 -4.47 3.84
N ASN D 276 34.84 -4.71 2.85
CA ASN D 276 34.38 -4.65 1.47
C ASN D 276 35.17 -5.67 0.64
N LYS D 277 34.60 -6.86 0.52
CA LYS D 277 35.19 -8.00 -0.17
C LYS D 277 34.06 -8.95 -0.51
N MET D 278 34.33 -9.88 -1.42
CA MET D 278 33.33 -10.87 -1.79
C MET D 278 34.00 -12.23 -1.91
N TYR D 279 34.02 -12.97 -0.81
CA TYR D 279 34.68 -14.27 -0.77
C TYR D 279 33.79 -15.27 -1.47
N LEU D 280 34.15 -15.65 -2.68
CA LEU D 280 33.38 -16.69 -3.37
C LEU D 280 34.02 -18.02 -3.00
N LEU D 281 33.46 -18.67 -2.00
CA LEU D 281 34.00 -19.90 -1.46
C LEU D 281 33.45 -21.11 -2.20
N ASN D 282 34.19 -22.20 -2.10
CA ASN D 282 33.74 -23.52 -2.56
C ASN D 282 33.57 -24.38 -1.31
N LEU D 283 32.36 -24.38 -0.75
CA LEU D 283 32.11 -25.13 0.47
C LEU D 283 32.39 -26.60 0.29
N ASP D 284 32.41 -27.08 -0.95
CA ASP D 284 32.73 -28.48 -1.18
C ASP D 284 34.16 -28.79 -0.81
N LYS D 285 35.01 -27.76 -0.67
CA LYS D 285 36.44 -27.98 -0.43
C LYS D 285 36.96 -27.02 0.62
N LEU D 286 36.23 -26.84 1.72
CA LEU D 286 36.75 -26.09 2.86
C LEU D 286 36.78 -26.90 4.15
N ALA D 287 35.65 -27.44 4.59
CA ALA D 287 35.61 -28.54 5.56
C ALA D 287 36.50 -28.29 6.78
N ILE D 288 36.05 -27.38 7.65
CA ILE D 288 36.73 -27.17 8.94
C ILE D 288 37.11 -28.50 9.57
N TYR D 289 38.37 -28.61 9.99
CA TYR D 289 38.85 -29.77 10.71
C TYR D 289 39.13 -29.39 12.15
N SER D 290 38.89 -30.34 13.04
CA SER D 290 39.16 -30.14 14.46
C SER D 290 39.89 -31.36 14.99
N PHE D 291 40.95 -31.12 15.75
CA PHE D 291 41.65 -32.21 16.41
C PHE D 291 40.80 -32.76 17.54
N ASP D 292 40.62 -34.06 17.58
CA ASP D 292 39.77 -34.73 18.57
C ASP D 292 40.69 -35.47 19.54
N GLN D 293 41.09 -34.78 20.61
CA GLN D 293 41.93 -35.37 21.64
C GLN D 293 41.12 -35.88 22.82
N SER D 294 39.91 -36.37 22.55
CA SER D 294 39.05 -36.84 23.62
C SER D 294 39.56 -38.14 24.25
N ASP D 295 40.47 -38.85 23.58
CA ASP D 295 40.98 -40.10 24.15
C ASP D 295 41.96 -39.82 25.29
N ALA D 296 42.79 -38.80 25.15
CA ALA D 296 43.78 -38.54 26.18
C ALA D 296 43.19 -37.92 27.43
N ASP D 297 41.86 -37.85 27.54
CA ASP D 297 41.24 -37.43 28.79
C ASP D 297 41.42 -38.50 29.85
N GLN D 298 41.36 -38.07 31.12
CA GLN D 298 41.73 -38.92 32.24
C GLN D 298 40.54 -39.63 32.88
N SER D 299 39.53 -39.97 32.09
CA SER D 299 38.47 -40.92 32.42
C SER D 299 37.53 -40.44 33.51
N ASN D 300 37.78 -39.28 34.13
CA ASN D 300 36.87 -38.75 35.12
C ASN D 300 35.80 -37.91 34.43
N GLY D 301 34.84 -37.45 35.21
CA GLY D 301 33.93 -36.47 34.63
C GLY D 301 34.49 -35.08 34.85
N LYS D 302 35.25 -34.59 33.88
CA LYS D 302 35.73 -33.22 33.90
C LYS D 302 35.72 -32.57 32.54
N ILE D 303 35.57 -33.33 31.45
CA ILE D 303 35.60 -32.81 30.10
C ILE D 303 34.31 -33.27 29.43
N THR D 304 33.63 -32.37 28.74
CA THR D 304 32.27 -32.63 28.33
C THR D 304 32.06 -32.74 26.82
N TYR D 305 32.74 -31.91 26.03
CA TYR D 305 32.61 -31.92 24.58
C TYR D 305 31.15 -31.66 24.16
N ILE D 306 30.72 -30.44 24.43
CA ILE D 306 29.42 -29.96 23.96
C ILE D 306 29.54 -29.59 22.48
N PRO D 307 28.65 -30.05 21.61
CA PRO D 307 28.75 -29.70 20.19
C PRO D 307 28.36 -28.25 19.97
N LEU D 308 29.20 -27.51 19.25
CA LEU D 308 28.97 -26.09 19.05
C LEU D 308 27.69 -25.86 18.27
N ARG D 309 26.92 -24.84 18.66
CA ARG D 309 25.74 -24.48 17.88
C ARG D 309 26.04 -23.23 17.08
N TYR D 310 25.54 -23.20 15.86
CA TYR D 310 25.67 -22.05 14.98
C TYR D 310 24.28 -21.59 14.55
N VAL D 311 24.05 -20.29 14.60
CA VAL D 311 22.79 -19.70 14.19
C VAL D 311 23.02 -19.03 12.84
N ASP D 312 22.30 -19.48 11.82
CA ASP D 312 22.48 -18.91 10.49
C ASP D 312 21.88 -17.52 10.42
N GLU D 313 20.56 -17.45 10.55
CA GLU D 313 19.82 -16.21 10.63
C GLU D 313 19.36 -16.02 12.06
N THR D 314 19.30 -14.77 12.53
CA THR D 314 18.99 -14.51 13.93
C THR D 314 17.70 -15.16 14.38
N GLY D 315 16.74 -15.36 13.48
CA GLY D 315 15.53 -16.02 13.89
C GLY D 315 15.59 -17.53 13.92
N ASP D 316 16.69 -18.12 13.47
CA ASP D 316 16.81 -19.56 13.43
C ASP D 316 17.02 -20.12 14.83
N THR D 317 16.74 -21.40 14.97
CA THR D 317 17.17 -22.14 16.14
C THR D 317 18.68 -22.31 16.10
N PRO D 318 19.32 -22.58 17.24
CA PRO D 318 20.79 -22.61 17.27
C PRO D 318 21.43 -23.72 16.44
N SER D 319 20.69 -24.74 16.03
CA SER D 319 21.12 -25.65 14.96
C SER D 319 22.52 -26.23 15.22
N GLU D 320 22.58 -27.09 16.24
CA GLU D 320 23.81 -27.75 16.67
C GLU D 320 24.65 -28.23 15.50
N SER D 321 25.94 -27.92 15.55
CA SER D 321 26.90 -28.34 14.53
C SER D 321 27.61 -29.61 14.98
N THR D 322 28.33 -30.22 14.04
CA THR D 322 29.20 -31.34 14.37
C THR D 322 30.62 -30.85 14.64
N LEU D 323 30.71 -29.83 15.49
CA LEU D 323 31.98 -29.31 15.97
C LEU D 323 31.94 -29.38 17.49
N TRP D 324 32.92 -30.03 18.08
CA TRP D 324 32.88 -30.38 19.49
C TRP D 324 33.83 -29.46 20.25
N VAL D 325 33.26 -28.52 20.94
CA VAL D 325 34.00 -27.73 21.92
C VAL D 325 33.89 -28.41 23.28
N ARG D 326 35.01 -28.51 23.97
CA ARG D 326 35.01 -29.18 25.26
C ARG D 326 34.71 -28.19 26.37
N LEU D 327 33.88 -28.64 27.31
CA LEU D 327 33.59 -27.88 28.52
C LEU D 327 34.49 -28.47 29.60
N ALA D 328 35.61 -27.80 29.85
CA ALA D 328 36.64 -28.33 30.74
C ALA D 328 36.35 -27.87 32.16
N ASP D 329 36.04 -28.81 33.03
CA ASP D 329 35.89 -28.54 34.46
C ASP D 329 37.29 -28.36 35.02
N VAL D 330 37.83 -27.16 34.85
CA VAL D 330 39.19 -26.87 35.27
C VAL D 330 39.15 -26.31 36.67
N SER D 331 38.04 -26.56 37.37
CA SER D 331 37.93 -26.18 38.77
C SER D 331 39.19 -26.56 39.54
N ASP D 332 39.63 -25.65 40.37
CA ASP D 332 40.90 -25.77 41.07
C ASP D 332 40.68 -26.78 42.20
N GLU D 333 41.67 -26.97 43.09
CA GLU D 333 41.28 -27.63 44.33
C GLU D 333 40.58 -26.70 45.30
N HIS D 334 40.53 -25.41 45.00
CA HIS D 334 39.82 -24.48 45.85
C HIS D 334 38.37 -24.93 45.99
N PRO D 335 37.86 -25.06 47.21
CA PRO D 335 36.53 -25.67 47.38
C PRO D 335 35.39 -24.72 47.14
N ASP D 336 35.61 -23.42 47.25
CA ASP D 336 34.58 -22.42 47.05
C ASP D 336 34.52 -21.89 45.63
N LEU D 337 35.48 -22.26 44.79
CA LEU D 337 35.55 -21.76 43.42
C LEU D 337 35.36 -22.94 42.48
N LEU D 338 34.44 -22.77 41.54
CA LEU D 338 34.14 -23.80 40.55
C LEU D 338 34.39 -23.18 39.18
N LYS D 339 35.37 -23.70 38.46
CA LYS D 339 35.88 -23.07 37.25
C LYS D 339 35.59 -23.96 36.06
N PHE D 340 35.04 -23.38 35.00
CA PHE D 340 34.73 -24.08 33.77
C PHE D 340 35.47 -23.44 32.60
N GLU D 341 36.00 -24.29 31.74
CA GLU D 341 36.84 -23.86 30.62
C GLU D 341 36.21 -24.40 29.35
N LEU D 342 35.95 -23.52 28.39
CA LEU D 342 35.26 -23.86 27.15
C LEU D 342 36.25 -23.63 26.02
N SER D 343 36.81 -24.70 25.48
CA SER D 343 37.93 -24.57 24.56
C SER D 343 37.68 -25.38 23.30
N VAL D 344 37.92 -24.75 22.15
CA VAL D 344 37.76 -25.39 20.85
C VAL D 344 38.93 -24.99 19.97
N ALA D 345 39.41 -25.91 19.14
CA ALA D 345 40.48 -25.65 18.20
C ALA D 345 40.01 -26.03 16.80
N LEU D 346 40.20 -25.12 15.85
CA LEU D 346 39.75 -25.32 14.48
C LEU D 346 40.88 -25.06 13.50
N GLN D 347 40.81 -25.75 12.38
CA GLN D 347 41.53 -25.34 11.19
C GLN D 347 40.54 -25.24 10.05
N LEU D 348 40.80 -24.31 9.14
CA LEU D 348 39.90 -24.07 8.03
C LEU D 348 40.67 -24.38 6.76
N VAL D 349 41.21 -25.59 6.72
CA VAL D 349 41.90 -26.11 5.55
C VAL D 349 41.15 -25.74 4.27
N ALA D 350 41.90 -25.38 3.24
CA ALA D 350 41.34 -25.02 1.95
C ALA D 350 41.98 -25.93 0.91
N PHE D 351 41.34 -27.06 0.65
CA PHE D 351 41.78 -27.90 -0.44
C PHE D 351 41.70 -27.11 -1.74
N ASP D 352 42.78 -27.15 -2.52
CA ASP D 352 42.82 -26.48 -3.81
C ASP D 352 42.54 -24.98 -3.66
N LEU D 353 43.51 -24.32 -3.03
CA LEU D 353 43.40 -22.91 -2.68
C LEU D 353 42.85 -22.04 -3.81
N ILE D 354 43.00 -22.47 -5.06
CA ILE D 354 42.44 -21.69 -6.16
C ILE D 354 40.98 -22.06 -6.39
N ASP D 355 40.61 -23.31 -6.13
CA ASP D 355 39.23 -23.77 -6.17
C ASP D 355 38.41 -23.35 -4.97
N SER D 356 39.02 -23.24 -3.80
CA SER D 356 38.22 -23.04 -2.59
C SER D 356 37.90 -21.57 -2.34
N ILE D 357 38.88 -20.69 -2.34
CA ILE D 357 38.64 -19.28 -2.02
C ILE D 357 39.09 -18.42 -3.19
N SER D 358 38.24 -17.46 -3.54
CA SER D 358 38.59 -16.43 -4.52
C SER D 358 37.70 -15.23 -4.24
N VAL D 359 38.30 -14.05 -4.13
CA VAL D 359 37.56 -12.87 -3.73
C VAL D 359 37.52 -11.87 -4.89
N ILE D 360 36.70 -10.84 -4.72
CA ILE D 360 36.56 -9.75 -5.67
C ILE D 360 36.91 -8.47 -4.91
N ARG D 361 37.91 -8.57 -4.05
CA ARG D 361 38.10 -7.70 -2.88
C ARG D 361 37.73 -6.23 -3.07
N ASP D 362 38.32 -5.52 -4.03
CA ASP D 362 38.22 -4.07 -3.98
C ASP D 362 36.81 -3.59 -4.33
N ILE D 363 35.88 -3.79 -3.43
CA ILE D 363 34.49 -3.40 -3.64
C ILE D 363 34.25 -2.11 -2.88
N THR D 364 33.35 -1.28 -3.41
CA THR D 364 33.20 0.08 -2.91
C THR D 364 32.80 0.12 -1.45
N GLN D 365 32.14 -0.91 -0.94
CA GLN D 365 31.70 -0.93 0.46
C GLN D 365 31.05 -2.26 0.84
N LEU E 3 56.85 -36.93 26.52
CA LEU E 3 57.02 -35.50 26.70
C LEU E 3 56.80 -34.77 25.38
N THR E 4 57.42 -33.60 25.24
CA THR E 4 57.14 -32.68 24.15
C THR E 4 58.23 -32.62 23.09
N ASN E 5 59.29 -33.41 23.24
CA ASN E 5 60.42 -33.38 22.30
C ASN E 5 60.68 -34.72 21.64
N LEU E 6 60.34 -35.82 22.32
CA LEU E 6 60.61 -37.17 21.84
C LEU E 6 59.51 -37.69 20.93
N THR E 7 59.14 -36.86 19.98
CA THR E 7 58.15 -37.23 18.97
C THR E 7 58.35 -36.38 17.74
N PRO E 8 59.52 -36.47 17.10
CA PRO E 8 59.83 -35.58 15.99
C PRO E 8 58.97 -35.90 14.78
N THR E 9 58.81 -34.90 13.92
CA THR E 9 57.96 -35.07 12.75
C THR E 9 58.47 -36.14 11.81
N GLU E 10 59.78 -36.45 11.83
CA GLU E 10 60.30 -37.45 10.91
C GLU E 10 59.63 -38.80 11.10
N LEU E 11 59.20 -39.12 12.32
CA LEU E 11 58.56 -40.40 12.61
C LEU E 11 57.05 -40.32 12.63
N LEU E 12 56.48 -39.17 12.28
CA LEU E 12 55.04 -38.96 12.36
C LEU E 12 54.45 -38.98 10.96
N ALA E 13 53.68 -40.02 10.66
CA ALA E 13 53.08 -40.20 9.35
C ALA E 13 51.60 -39.83 9.44
N ASN E 14 51.30 -38.58 9.10
CA ASN E 14 49.92 -38.12 9.18
C ASN E 14 49.09 -38.76 8.08
N LYS E 15 47.95 -39.34 8.48
CA LYS E 15 47.05 -39.97 7.51
C LYS E 15 46.50 -38.92 6.56
N ALA E 16 46.91 -38.99 5.30
CA ALA E 16 46.51 -37.97 4.35
C ALA E 16 45.05 -38.13 3.94
N VAL E 17 44.44 -37.02 3.56
CA VAL E 17 43.11 -37.04 2.98
C VAL E 17 43.25 -37.50 1.53
N ASP E 18 42.54 -38.57 1.18
CA ASP E 18 42.70 -39.13 -0.15
C ASP E 18 42.06 -38.20 -1.17
N TYR E 19 42.63 -37.01 -1.32
CA TYR E 19 42.12 -36.01 -2.25
C TYR E 19 43.28 -35.33 -2.91
N LEU E 20 43.15 -35.10 -4.21
CA LEU E 20 44.11 -34.35 -5.00
C LEU E 20 43.44 -33.10 -5.54
N ALA E 21 44.16 -31.98 -5.51
CA ALA E 21 43.59 -30.77 -6.08
C ALA E 21 43.71 -30.82 -7.60
N ASN E 22 43.21 -31.89 -8.20
CA ASN E 22 43.24 -32.06 -9.64
C ASN E 22 41.99 -31.40 -10.22
N SER E 23 42.04 -30.08 -10.27
CA SER E 23 40.96 -29.27 -10.81
C SER E 23 41.49 -28.36 -11.90
N PHE E 24 42.26 -28.94 -12.82
CA PHE E 24 42.82 -28.15 -13.89
C PHE E 24 41.79 -27.95 -15.00
N LEU E 25 42.11 -27.06 -15.92
CA LEU E 25 41.15 -26.71 -16.96
C LEU E 25 41.00 -27.83 -17.95
N VAL E 26 40.04 -28.71 -17.69
CA VAL E 26 39.75 -29.83 -18.58
C VAL E 26 38.57 -29.53 -19.50
N GLU E 27 37.83 -28.45 -19.26
CA GLU E 27 36.71 -28.08 -20.10
C GLU E 27 37.16 -27.92 -21.56
N THR E 28 36.56 -28.72 -22.44
CA THR E 28 36.89 -28.70 -23.87
C THR E 28 35.60 -28.75 -24.67
N PRO E 29 34.93 -27.60 -24.83
CA PRO E 29 33.69 -27.64 -25.62
C PRO E 29 33.92 -27.82 -27.10
N MET E 30 34.91 -27.13 -27.68
CA MET E 30 35.29 -27.39 -29.06
C MET E 30 35.56 -28.86 -29.30
N LEU E 31 36.36 -29.48 -28.45
CA LEU E 31 36.50 -30.92 -28.54
C LEU E 31 35.18 -31.59 -28.20
N GLY E 32 34.49 -31.10 -27.17
CA GLY E 32 33.29 -31.78 -26.70
C GLY E 32 32.24 -31.90 -27.79
N LEU E 33 31.95 -30.80 -28.48
CA LEU E 33 31.23 -30.91 -29.74
C LEU E 33 32.16 -31.51 -30.79
N LEU E 34 31.57 -32.28 -31.71
CA LEU E 34 32.33 -33.05 -32.70
C LEU E 34 33.40 -33.92 -32.06
N ALA E 35 33.07 -34.56 -30.93
CA ALA E 35 33.89 -35.61 -30.35
C ALA E 35 33.24 -36.97 -30.45
N ASN E 36 31.98 -37.07 -30.07
CA ASN E 36 31.28 -38.34 -30.19
C ASN E 36 31.00 -38.71 -31.64
N ARG E 37 31.40 -37.86 -32.59
CA ARG E 37 31.21 -38.13 -34.00
C ARG E 37 32.51 -38.30 -34.78
N VAL E 38 33.66 -38.37 -34.10
CA VAL E 38 34.92 -38.53 -34.81
C VAL E 38 34.96 -39.88 -35.49
N ILE E 39 35.51 -39.92 -36.70
CA ILE E 39 35.53 -41.12 -37.51
C ILE E 39 36.96 -41.63 -37.58
N ASN E 40 37.14 -42.91 -37.29
CA ASN E 40 38.45 -43.55 -37.28
C ASN E 40 38.59 -44.32 -38.58
N GLN E 41 39.17 -43.68 -39.58
CA GLN E 41 39.39 -44.32 -40.87
C GLN E 41 40.52 -45.32 -40.78
N LYS E 42 40.36 -46.45 -41.45
CA LYS E 42 41.49 -47.35 -41.66
C LYS E 42 42.46 -46.80 -42.68
N GLN E 43 42.03 -45.84 -43.49
CA GLN E 43 42.91 -45.15 -44.41
C GLN E 43 43.40 -43.86 -43.77
N LYS E 44 44.23 -43.12 -44.50
CA LYS E 44 44.85 -41.93 -43.94
C LYS E 44 44.41 -40.64 -44.58
N ALA E 45 43.96 -40.67 -45.83
CA ALA E 45 43.53 -39.46 -46.53
C ALA E 45 42.02 -39.33 -46.47
N ILE E 46 41.56 -38.11 -46.29
CA ILE E 46 40.15 -37.78 -46.31
C ILE E 46 39.87 -37.08 -47.62
N GLU E 47 39.20 -37.75 -48.54
CA GLU E 47 38.84 -37.15 -49.81
C GLU E 47 37.33 -37.03 -49.91
N TRP E 48 36.88 -35.86 -50.33
CA TRP E 48 35.49 -35.63 -50.65
C TRP E 48 35.46 -34.67 -51.83
N GLY E 49 34.26 -34.32 -52.26
CA GLY E 49 34.07 -33.46 -53.42
C GLY E 49 33.57 -32.10 -52.99
N ALA E 50 34.01 -31.07 -53.68
CA ALA E 50 33.52 -29.72 -53.48
C ALA E 50 33.08 -29.17 -54.82
N LYS E 51 31.78 -28.98 -54.99
CA LYS E 51 31.29 -28.24 -56.13
C LYS E 51 31.64 -26.77 -55.91
N VAL E 52 32.57 -26.26 -56.71
CA VAL E 52 33.15 -24.96 -56.42
C VAL E 52 32.62 -23.91 -57.38
N ALA E 53 32.22 -24.35 -58.57
CA ALA E 53 31.59 -23.46 -59.52
C ALA E 53 30.26 -24.07 -59.96
N GLN E 54 29.38 -23.21 -60.44
CA GLN E 54 28.06 -23.62 -60.89
C GLN E 54 27.93 -23.38 -62.38
N GLY E 55 27.14 -24.22 -63.02
CA GLY E 55 26.91 -24.10 -64.44
C GLY E 55 26.27 -22.78 -64.81
N VAL E 56 26.85 -22.09 -65.78
CA VAL E 56 26.20 -20.92 -66.35
C VAL E 56 24.95 -21.38 -67.09
N VAL E 57 23.94 -20.51 -67.15
CA VAL E 57 22.70 -20.87 -67.83
C VAL E 57 22.72 -20.41 -69.29
N GLY E 58 22.80 -19.11 -69.54
CA GLY E 58 22.66 -18.63 -70.90
C GLY E 58 21.31 -18.99 -71.50
N GLY E 59 21.10 -18.73 -72.78
CA GLY E 59 19.82 -19.04 -73.36
C GLY E 59 19.79 -18.96 -74.87
N ARG E 60 18.84 -19.69 -75.45
CA ARG E 60 18.55 -19.65 -76.87
C ARG E 60 17.22 -18.94 -77.08
N THR E 61 16.77 -18.92 -78.34
CA THR E 61 15.63 -18.11 -78.73
C THR E 61 14.43 -18.96 -79.19
N ARG E 62 14.24 -20.13 -78.59
CA ARG E 62 13.07 -20.98 -78.80
C ARG E 62 13.06 -21.55 -80.20
N THR E 63 13.93 -21.03 -81.05
CA THR E 63 14.27 -21.63 -82.34
C THR E 63 15.75 -21.47 -82.62
N GLY E 64 16.50 -20.88 -81.71
CA GLY E 64 17.90 -20.63 -81.92
C GLY E 64 18.71 -21.89 -81.81
N ALA E 65 20.00 -21.74 -82.09
CA ALA E 65 20.89 -22.88 -82.10
C ALA E 65 20.96 -23.54 -80.72
N LEU E 66 21.47 -24.76 -80.70
CA LEU E 66 21.56 -25.57 -79.50
C LEU E 66 22.99 -25.60 -78.96
N ALA E 67 23.66 -24.45 -78.97
CA ALA E 67 25.00 -24.37 -78.39
C ALA E 67 24.96 -24.70 -76.91
N ASN E 68 26.00 -25.38 -76.42
CA ASN E 68 26.06 -25.81 -75.04
C ASN E 68 26.87 -24.82 -74.21
N ASP E 69 26.55 -24.77 -72.93
CA ASP E 69 27.18 -23.83 -72.02
C ASP E 69 28.14 -24.57 -71.08
N THR E 70 28.67 -23.84 -70.10
CA THR E 70 29.63 -24.39 -69.16
C THR E 70 28.91 -25.11 -68.03
N GLN E 71 29.60 -26.09 -67.44
CA GLN E 71 29.05 -26.88 -66.35
C GLN E 71 29.73 -26.49 -65.05
N GLY E 72 29.05 -26.80 -63.95
CA GLY E 72 29.62 -26.55 -62.64
C GLY E 72 30.75 -27.52 -62.36
N THR E 73 31.89 -26.98 -61.92
CA THR E 73 33.05 -27.82 -61.67
C THR E 73 32.96 -28.45 -60.29
N ILE E 74 33.61 -29.60 -60.15
CA ILE E 74 33.75 -30.29 -58.88
C ILE E 74 35.21 -30.60 -58.69
N LYS E 75 35.79 -30.09 -57.60
CA LYS E 75 37.17 -30.36 -57.27
C LYS E 75 37.25 -31.42 -56.18
N GLY E 76 38.30 -32.21 -56.23
CA GLY E 76 38.50 -33.21 -55.21
C GLY E 76 39.26 -32.67 -54.03
N ALA E 77 38.53 -32.36 -52.96
CA ALA E 77 39.16 -31.92 -51.73
C ALA E 77 39.78 -33.12 -51.04
N SER E 78 41.00 -32.96 -50.55
CA SER E 78 41.76 -34.08 -49.97
C SER E 78 42.65 -33.58 -48.85
N LEU E 79 42.23 -33.79 -47.62
CA LEU E 79 43.11 -33.67 -46.48
C LEU E 79 43.67 -35.04 -46.13
N SER E 80 44.41 -35.10 -45.03
CA SER E 80 44.98 -36.36 -44.60
C SER E 80 45.18 -36.32 -43.10
N VAL E 81 44.82 -37.41 -42.42
CA VAL E 81 45.13 -37.53 -41.01
C VAL E 81 46.64 -37.41 -40.93
N PRO E 82 47.16 -36.41 -40.24
CA PRO E 82 48.54 -35.98 -40.47
C PRO E 82 49.53 -37.04 -40.03
N ASP E 83 50.72 -36.94 -40.58
CA ASP E 83 51.79 -37.84 -40.20
C ASP E 83 52.44 -37.44 -38.89
N TYR E 84 51.74 -36.61 -38.12
CA TYR E 84 52.22 -36.11 -36.84
C TYR E 84 51.30 -36.60 -35.73
N TYR E 85 51.82 -36.59 -34.52
CA TYR E 85 51.07 -37.01 -33.34
C TYR E 85 50.99 -35.90 -32.31
N ILE E 86 49.99 -36.00 -31.45
CA ILE E 86 49.92 -35.21 -30.23
C ILE E 86 50.28 -36.19 -29.13
N LYS E 87 51.57 -36.28 -28.80
CA LYS E 87 52.01 -37.28 -27.85
C LYS E 87 52.17 -36.67 -26.47
N HIS E 88 52.09 -37.54 -25.46
CA HIS E 88 52.63 -37.28 -24.14
C HIS E 88 53.22 -38.57 -23.63
N GLN E 89 54.52 -38.58 -23.33
CA GLN E 89 55.12 -39.76 -22.74
C GLN E 89 55.87 -39.37 -21.48
N PHE E 90 55.89 -40.29 -20.54
CA PHE E 90 56.52 -40.06 -19.25
C PHE E 90 57.44 -41.23 -18.93
N ASP E 91 58.68 -40.92 -18.58
CA ASP E 91 59.58 -41.93 -18.04
C ASP E 91 59.19 -42.17 -16.59
N VAL E 92 58.50 -43.27 -16.33
CA VAL E 92 58.17 -43.65 -14.96
C VAL E 92 59.12 -44.75 -14.54
N GLY E 93 60.05 -44.41 -13.66
CA GLY E 93 60.96 -45.41 -13.13
C GLY E 93 60.18 -46.49 -12.42
N LYS E 94 60.48 -47.75 -12.71
CA LYS E 94 59.84 -48.83 -11.96
C LYS E 94 60.21 -48.76 -10.50
N ASP E 95 61.36 -48.16 -10.17
CA ASP E 95 61.70 -47.92 -8.77
C ASP E 95 60.67 -47.03 -8.10
N GLU E 96 60.24 -45.97 -8.78
CA GLU E 96 59.26 -45.04 -8.22
C GLU E 96 57.83 -45.41 -8.55
N ILE E 97 57.59 -46.62 -9.03
CA ILE E 97 56.24 -47.17 -9.03
C ILE E 97 55.98 -47.96 -7.77
N VAL E 98 56.86 -48.91 -7.45
CA VAL E 98 56.68 -49.71 -6.25
C VAL E 98 56.91 -48.89 -5.00
N ASN E 99 57.91 -48.00 -5.02
CA ASN E 99 58.12 -47.12 -3.87
C ASN E 99 56.92 -46.22 -3.65
N SER E 100 56.45 -45.59 -4.72
CA SER E 100 55.29 -44.72 -4.60
C SER E 100 54.04 -45.50 -4.23
N ASP E 101 53.93 -46.75 -4.67
CA ASP E 101 52.80 -47.57 -4.27
C ASP E 101 52.84 -47.90 -2.80
N ALA E 102 54.00 -48.34 -2.31
CA ALA E 102 54.10 -48.78 -0.93
C ALA E 102 54.12 -47.62 0.05
N THR E 103 54.47 -46.42 -0.39
CA THR E 103 54.62 -45.27 0.51
C THR E 103 53.68 -44.13 0.14
N GLY E 104 52.66 -44.40 -0.67
CA GLY E 104 51.79 -43.33 -1.13
C GLY E 104 50.72 -42.95 -0.13
N LYS E 105 50.79 -41.73 0.38
CA LYS E 105 49.76 -41.24 1.29
C LYS E 105 48.44 -40.97 0.57
N ILE E 106 48.46 -40.87 -0.75
CA ILE E 106 47.31 -40.51 -1.55
C ILE E 106 47.14 -41.56 -2.64
N SER E 107 45.89 -41.84 -2.99
CA SER E 107 45.65 -42.72 -4.12
C SER E 107 46.13 -42.12 -5.43
N ALA E 108 46.44 -40.83 -5.45
CA ALA E 108 46.99 -40.18 -6.62
C ALA E 108 48.51 -40.23 -6.67
N VAL E 109 49.18 -40.54 -5.56
CA VAL E 109 50.60 -40.81 -5.58
C VAL E 109 50.90 -42.28 -5.39
N ARG E 110 49.92 -43.08 -4.98
CA ARG E 110 50.14 -44.52 -4.89
C ARG E 110 50.45 -45.11 -6.25
N ASP E 111 49.73 -44.68 -7.28
CA ASP E 111 50.02 -45.10 -8.65
C ASP E 111 50.29 -43.87 -9.50
N PRO E 112 51.54 -43.40 -9.52
CA PRO E 112 51.87 -42.24 -10.36
C PRO E 112 51.57 -42.48 -11.83
N VAL E 113 51.81 -43.69 -12.33
CA VAL E 113 51.50 -43.99 -13.72
C VAL E 113 50.00 -43.94 -13.95
N GLY E 114 49.22 -44.49 -13.01
CA GLY E 114 47.78 -44.42 -13.14
C GLY E 114 47.28 -42.99 -13.17
N THR E 115 48.00 -42.08 -12.53
CA THR E 115 47.63 -40.67 -12.56
C THR E 115 48.44 -39.87 -13.55
N ALA E 116 49.63 -40.34 -13.94
CA ALA E 116 50.33 -39.69 -15.04
C ALA E 116 49.54 -39.83 -16.33
N ILE E 117 48.98 -41.01 -16.59
CA ILE E 117 48.14 -41.18 -17.77
C ILE E 117 46.90 -40.30 -17.68
N ALA E 118 46.31 -40.21 -16.48
CA ALA E 118 45.11 -39.39 -16.35
C ALA E 118 45.42 -37.92 -16.60
N ASP E 119 46.49 -37.42 -16.00
CA ASP E 119 46.90 -36.05 -16.24
C ASP E 119 47.21 -35.83 -17.71
N ALA E 120 47.86 -36.81 -18.33
CA ALA E 120 48.15 -36.70 -19.76
C ALA E 120 46.86 -36.67 -20.56
N PHE E 121 45.84 -37.40 -20.12
CA PHE E 121 44.56 -37.40 -20.83
C PHE E 121 43.90 -36.04 -20.75
N ASP E 122 43.84 -35.46 -19.55
CA ASP E 122 43.26 -34.12 -19.44
C ASP E 122 44.04 -33.10 -20.26
N VAL E 123 45.36 -33.08 -20.11
CA VAL E 123 46.14 -32.10 -20.86
C VAL E 123 46.08 -32.38 -22.35
N LEU E 124 45.89 -33.64 -22.74
CA LEU E 124 45.84 -33.99 -24.16
C LEU E 124 44.52 -33.56 -24.77
N SER E 125 43.42 -33.80 -24.06
CA SER E 125 42.13 -33.31 -24.52
C SER E 125 42.15 -31.80 -24.60
N LYS E 126 42.76 -31.14 -23.62
CA LYS E 126 42.82 -29.69 -23.65
C LYS E 126 43.71 -29.20 -24.80
N LYS E 127 44.79 -29.92 -25.10
CA LYS E 127 45.63 -29.51 -26.22
C LYS E 127 44.93 -29.72 -27.54
N ILE E 128 44.21 -30.83 -27.69
CA ILE E 128 43.42 -31.04 -28.90
C ILE E 128 42.40 -29.92 -29.06
N ASN E 129 41.71 -29.59 -27.97
CA ASN E 129 40.75 -28.50 -28.00
C ASN E 129 41.41 -27.19 -28.39
N SER E 130 42.61 -26.94 -27.90
CA SER E 130 43.29 -25.69 -28.20
C SER E 130 43.91 -25.65 -29.59
N VAL E 131 44.14 -26.80 -30.22
CA VAL E 131 44.71 -26.80 -31.57
C VAL E 131 43.63 -26.90 -32.64
N LEU E 132 42.42 -27.34 -32.29
CA LEU E 132 41.33 -27.26 -33.23
C LEU E 132 41.03 -25.84 -33.63
N TYR E 133 41.48 -24.86 -32.84
CA TYR E 133 41.29 -23.46 -33.17
C TYR E 133 42.43 -22.92 -34.03
N THR E 134 43.65 -22.97 -33.51
CA THR E 134 44.81 -22.33 -34.14
C THR E 134 45.81 -23.41 -34.49
N ALA E 135 45.65 -24.00 -35.67
CA ALA E 135 46.56 -25.01 -36.17
C ALA E 135 46.87 -24.68 -37.62
N SER E 136 48.08 -24.19 -37.88
CA SER E 136 48.44 -23.74 -39.21
C SER E 136 48.45 -24.86 -40.23
N GLY E 137 48.42 -26.11 -39.80
CA GLY E 137 48.49 -27.24 -40.69
C GLY E 137 49.88 -27.80 -40.90
N VAL E 138 50.92 -27.02 -40.59
CA VAL E 138 52.28 -27.54 -40.69
C VAL E 138 52.46 -28.61 -39.63
N ALA E 139 53.30 -29.60 -39.94
CA ALA E 139 53.48 -30.75 -39.07
C ALA E 139 54.63 -30.45 -38.10
N ASP E 140 54.28 -30.03 -36.89
CA ASP E 140 55.25 -29.82 -35.83
C ASP E 140 54.47 -29.75 -34.52
N ALA E 141 55.18 -29.41 -33.45
CA ALA E 141 54.51 -29.14 -32.20
C ALA E 141 53.71 -27.84 -32.31
N THR E 142 52.68 -27.73 -31.47
CA THR E 142 51.72 -26.63 -31.43
C THR E 142 50.83 -26.59 -32.66
N ASN E 143 51.10 -27.45 -33.62
CA ASN E 143 50.21 -27.57 -34.78
C ASN E 143 49.81 -29.00 -35.07
N TYR E 144 50.73 -29.95 -34.90
CA TYR E 144 50.41 -31.37 -35.00
C TYR E 144 49.78 -31.74 -36.33
N GLY E 145 50.11 -31.01 -37.38
CA GLY E 145 49.57 -31.29 -38.69
C GLY E 145 48.10 -31.01 -38.83
N ILE E 146 47.38 -30.80 -37.73
CA ILE E 146 45.97 -30.45 -37.81
C ILE E 146 45.84 -29.10 -38.50
N PHE E 147 44.73 -28.91 -39.20
CA PHE E 147 44.49 -27.65 -39.89
C PHE E 147 43.64 -26.68 -39.10
N GLY E 148 43.10 -27.10 -37.97
CA GLY E 148 42.37 -26.20 -37.10
C GLY E 148 41.27 -25.44 -37.80
N LEU E 149 40.74 -24.41 -37.15
CA LEU E 149 39.86 -23.48 -37.84
C LEU E 149 40.60 -22.25 -38.31
N ASP E 150 41.83 -22.06 -37.87
CA ASP E 150 42.59 -20.87 -38.24
C ASP E 150 43.35 -21.06 -39.53
N ALA E 151 43.55 -22.29 -39.97
CA ALA E 151 44.11 -22.55 -41.28
C ALA E 151 43.09 -23.09 -42.27
N ALA E 152 42.01 -23.70 -41.79
CA ALA E 152 40.87 -23.99 -42.64
C ALA E 152 40.29 -22.70 -43.16
N ALA E 153 39.79 -21.86 -42.26
CA ALA E 153 39.23 -20.59 -42.65
C ALA E 153 40.33 -19.59 -42.99
N GLY E 154 41.21 -19.33 -42.03
CA GLY E 154 42.25 -18.34 -42.22
C GLY E 154 42.38 -17.39 -41.05
N THR E 155 43.53 -16.75 -40.91
CA THR E 155 43.71 -15.81 -39.82
C THR E 155 42.88 -14.55 -40.01
N THR E 156 42.95 -13.95 -41.20
CA THR E 156 42.41 -12.64 -41.47
C THR E 156 41.49 -12.70 -42.68
N VAL E 157 40.94 -11.54 -43.04
CA VAL E 157 40.12 -11.46 -44.25
C VAL E 157 40.97 -11.71 -45.48
N ALA E 158 42.15 -11.08 -45.54
CA ALA E 158 43.06 -11.35 -46.65
C ALA E 158 43.46 -12.82 -46.67
N ASN E 159 43.72 -13.39 -45.50
CA ASN E 159 44.05 -14.80 -45.38
C ASN E 159 42.90 -15.70 -45.75
N SER E 160 41.67 -15.18 -45.88
CA SER E 160 40.57 -15.98 -46.37
C SER E 160 40.84 -16.44 -47.80
N ALA E 161 41.22 -15.52 -48.66
CA ALA E 161 41.80 -15.86 -49.95
C ALA E 161 43.28 -16.15 -49.73
N THR E 162 44.04 -16.24 -50.81
CA THR E 162 45.48 -16.49 -50.73
C THR E 162 45.78 -17.66 -49.80
N GLY E 163 45.27 -18.81 -50.20
CA GLY E 163 45.47 -20.00 -49.39
C GLY E 163 45.08 -21.22 -50.18
N THR E 164 45.11 -22.35 -49.49
CA THR E 164 44.67 -23.62 -50.05
C THR E 164 44.23 -24.50 -48.91
N TYR E 165 43.43 -25.51 -49.25
CA TYR E 165 42.88 -26.38 -48.22
C TYR E 165 42.38 -27.64 -48.88
N ALA E 166 42.82 -28.79 -48.39
CA ALA E 166 42.42 -30.08 -48.94
C ALA E 166 42.75 -30.19 -50.42
N GLY E 167 43.69 -29.39 -50.90
CA GLY E 167 44.09 -29.44 -52.29
C GLY E 167 43.36 -28.50 -53.21
N ILE E 168 42.33 -27.81 -52.73
CA ILE E 168 41.58 -26.84 -53.52
C ILE E 168 42.11 -25.46 -53.18
N SER E 169 42.57 -24.74 -54.18
CA SER E 169 43.19 -23.45 -53.95
C SER E 169 42.12 -22.40 -53.69
N LYS E 170 42.26 -21.66 -52.60
CA LYS E 170 41.32 -20.59 -52.33
C LYS E 170 41.45 -19.46 -53.33
N VAL E 171 42.65 -19.26 -53.89
CA VAL E 171 42.85 -18.20 -54.87
C VAL E 171 42.04 -18.48 -56.13
N THR E 172 42.16 -19.68 -56.67
CA THR E 172 41.53 -20.03 -57.93
C THR E 172 40.12 -20.57 -57.75
N PHE E 173 39.58 -20.51 -56.55
CA PHE E 173 38.27 -21.07 -56.26
C PHE E 173 37.63 -20.29 -55.13
N PRO E 174 37.03 -19.14 -55.44
CA PRO E 174 36.49 -18.29 -54.38
C PRO E 174 35.38 -18.93 -53.58
N ARG E 175 34.77 -19.99 -54.11
CA ARG E 175 33.79 -20.72 -53.31
C ARG E 175 34.45 -21.43 -52.13
N TRP E 176 35.73 -21.76 -52.26
CA TRP E 176 36.40 -22.54 -51.25
C TRP E 176 36.91 -21.70 -50.09
N ARG E 177 36.77 -20.38 -50.15
CA ARG E 177 37.14 -19.54 -49.04
C ARG E 177 36.07 -19.60 -47.96
N SER E 178 36.42 -19.10 -46.77
CA SER E 178 35.46 -19.00 -45.69
C SER E 178 34.95 -17.56 -45.59
N ILE E 179 34.22 -17.26 -44.52
CA ILE E 179 33.48 -16.01 -44.41
C ILE E 179 34.09 -15.17 -43.30
N ILE E 180 35.40 -15.27 -43.13
CA ILE E 180 36.09 -14.41 -42.19
C ILE E 180 35.80 -12.96 -42.53
N GLN E 181 35.46 -12.16 -41.52
CA GLN E 181 35.31 -10.73 -41.75
C GLN E 181 35.80 -9.95 -40.53
N GLY E 182 36.55 -8.89 -40.82
CA GLY E 182 37.16 -8.08 -39.80
C GLY E 182 36.55 -6.69 -39.72
N GLY E 183 37.21 -5.84 -38.94
CA GLY E 183 36.68 -4.54 -38.62
C GLY E 183 36.79 -3.57 -39.78
N ALA E 184 36.32 -2.35 -39.54
CA ALA E 184 36.38 -1.32 -40.56
C ALA E 184 37.79 -1.16 -41.10
N VAL E 185 38.77 -1.20 -40.20
CA VAL E 185 40.17 -1.41 -40.56
C VAL E 185 40.58 -2.77 -40.02
N PRO E 186 41.03 -3.70 -40.86
CA PRO E 186 41.30 -5.06 -40.40
C PRO E 186 42.39 -5.09 -39.34
N GLY E 187 42.28 -6.08 -38.45
CA GLY E 187 43.24 -6.26 -37.38
C GLY E 187 43.25 -5.12 -36.38
N THR E 188 42.07 -4.66 -35.97
CA THR E 188 41.99 -3.58 -35.00
C THR E 188 40.92 -3.80 -33.94
N ASN E 189 40.18 -4.91 -34.00
CA ASN E 189 39.27 -5.31 -32.93
C ASN E 189 38.17 -4.26 -32.70
N GLU E 190 37.31 -4.12 -33.69
CA GLU E 190 36.10 -3.34 -33.51
C GLU E 190 35.21 -4.00 -32.46
N ALA E 191 34.14 -3.29 -32.10
CA ALA E 191 33.46 -3.48 -30.83
C ALA E 191 32.46 -4.62 -30.82
N LEU E 192 32.28 -5.35 -31.93
CA LEU E 192 31.23 -6.37 -32.05
C LEU E 192 29.86 -5.76 -31.77
N THR E 193 29.45 -4.90 -32.69
CA THR E 193 28.06 -4.52 -32.70
C THR E 193 27.23 -5.67 -33.26
N ILE E 194 25.92 -5.60 -33.03
CA ILE E 194 25.02 -6.61 -33.56
C ILE E 194 25.05 -6.60 -35.08
N ALA E 195 25.38 -5.45 -35.67
CA ALA E 195 25.35 -5.30 -37.12
C ALA E 195 26.36 -6.20 -37.81
N ARG E 196 27.56 -6.33 -37.26
CA ARG E 196 28.55 -7.17 -37.92
C ARG E 196 28.28 -8.65 -37.71
N MET E 197 27.66 -9.02 -36.59
CA MET E 197 27.21 -10.41 -36.48
C MET E 197 26.16 -10.71 -37.52
N THR E 198 25.21 -9.80 -37.74
CA THR E 198 24.28 -9.99 -38.84
C THR E 198 24.99 -10.00 -40.18
N ALA E 199 26.00 -9.15 -40.36
CA ALA E 199 26.69 -9.08 -41.63
C ALA E 199 27.36 -10.40 -41.95
N MET E 200 27.98 -11.01 -40.95
CA MET E 200 28.54 -12.34 -41.14
C MET E 200 27.44 -13.34 -41.43
N LEU E 201 26.36 -13.29 -40.65
CA LEU E 201 25.34 -14.32 -40.76
C LEU E 201 24.58 -14.22 -42.08
N ARG E 202 24.60 -13.05 -42.71
CA ARG E 202 24.07 -12.89 -44.06
C ARG E 202 25.08 -13.32 -45.09
N ALA E 203 26.33 -12.88 -44.93
CA ALA E 203 27.40 -13.36 -45.79
C ALA E 203 27.46 -14.87 -45.77
N ARG E 204 27.11 -15.47 -44.64
CA ARG E 204 26.88 -16.90 -44.60
C ARG E 204 25.69 -17.29 -45.46
N ARG E 205 24.61 -16.51 -45.40
CA ARG E 205 23.44 -16.84 -46.19
C ARG E 205 23.69 -16.62 -47.67
N THR E 206 24.30 -15.50 -48.02
CA THR E 206 24.52 -15.19 -49.43
C THR E 206 25.41 -16.20 -50.09
N ALA E 207 26.11 -17.02 -49.32
CA ALA E 207 26.94 -18.09 -49.86
C ALA E 207 26.23 -19.43 -49.84
N GLY E 208 24.90 -19.43 -49.86
CA GLY E 208 24.16 -20.68 -49.88
C GLY E 208 24.32 -21.53 -48.65
N VAL E 209 24.89 -20.97 -47.61
CA VAL E 209 25.24 -21.68 -46.39
C VAL E 209 24.14 -21.47 -45.37
N THR E 210 23.81 -22.51 -44.62
CA THR E 210 22.83 -22.36 -43.56
C THR E 210 23.30 -21.30 -42.57
N TYR E 211 22.38 -20.46 -42.14
CA TYR E 211 22.71 -19.34 -41.27
C TYR E 211 21.81 -19.24 -40.05
N LYS E 212 20.57 -19.68 -40.12
CA LYS E 212 19.71 -19.72 -38.95
C LYS E 212 19.89 -21.06 -38.26
N GLY E 213 19.68 -21.07 -36.95
CA GLY E 213 19.91 -22.29 -36.21
C GLY E 213 18.92 -23.39 -36.51
N ASN E 214 17.75 -23.04 -37.02
CA ASN E 214 16.66 -23.99 -37.24
C ASN E 214 16.66 -24.54 -38.65
N GLN E 215 17.77 -24.44 -39.37
CA GLN E 215 17.84 -24.85 -40.76
C GLN E 215 18.35 -26.27 -40.93
N ASN E 216 18.03 -27.16 -39.99
CA ASN E 216 18.30 -28.59 -40.13
C ASN E 216 19.78 -28.87 -40.23
N GLN E 217 20.60 -28.08 -39.53
CA GLN E 217 22.01 -28.13 -39.84
C GLN E 217 22.96 -28.12 -38.63
N ARG E 218 22.47 -27.84 -37.42
CA ARG E 218 23.28 -27.93 -36.20
C ARG E 218 24.49 -27.01 -36.26
N LEU E 219 24.21 -25.71 -36.28
CA LEU E 219 25.25 -24.69 -36.19
C LEU E 219 25.73 -24.55 -34.75
N VAL E 220 26.84 -23.84 -34.58
CA VAL E 220 27.35 -23.50 -33.25
C VAL E 220 28.25 -22.31 -33.39
N ILE E 221 28.47 -21.58 -32.31
CA ILE E 221 29.33 -20.41 -32.30
C ILE E 221 30.32 -20.55 -31.16
N LEU E 222 31.58 -20.79 -31.49
CA LEU E 222 32.63 -20.85 -30.49
C LEU E 222 33.18 -19.45 -30.26
N THR E 223 33.50 -19.15 -29.01
CA THR E 223 33.78 -17.78 -28.61
C THR E 223 34.78 -17.81 -27.47
N SER E 224 35.43 -16.66 -27.26
CA SER E 224 36.56 -16.60 -26.34
C SER E 224 36.16 -16.73 -24.87
N ASP E 225 34.86 -16.65 -24.56
CA ASP E 225 34.33 -16.70 -23.20
C ASP E 225 34.68 -15.42 -22.45
N ASN E 226 35.53 -14.60 -23.04
CA ASN E 226 35.65 -13.21 -22.66
C ASN E 226 34.72 -12.37 -23.52
N ILE E 227 34.04 -13.02 -24.46
CA ILE E 227 33.04 -12.39 -25.30
C ILE E 227 31.64 -12.83 -24.92
N GLU E 228 31.45 -14.12 -24.65
CA GLU E 228 30.13 -14.58 -24.22
C GLU E 228 29.68 -13.89 -22.96
N ASN E 229 30.60 -13.69 -22.02
CA ASN E 229 30.26 -13.14 -20.72
C ASN E 229 30.46 -11.64 -20.62
N ASP E 230 31.40 -11.07 -21.37
CA ASP E 230 31.71 -9.66 -21.24
C ASP E 230 31.35 -8.84 -22.47
N VAL E 231 31.01 -9.48 -23.58
CA VAL E 231 30.65 -8.78 -24.81
C VAL E 231 29.23 -9.08 -25.26
N LEU E 232 28.82 -10.35 -25.22
CA LEU E 232 27.44 -10.66 -25.55
C LEU E 232 26.50 -10.20 -24.47
N ARG E 233 26.87 -10.40 -23.20
CA ARG E 233 26.02 -9.99 -22.10
C ARG E 233 25.67 -8.51 -22.14
N PRO E 234 26.61 -7.58 -22.34
CA PRO E 234 26.20 -6.19 -22.52
C PRO E 234 25.68 -5.90 -23.91
N LEU E 235 25.97 -6.74 -24.89
CA LEU E 235 25.35 -6.56 -26.21
C LEU E 235 23.89 -6.96 -26.19
N TYR E 236 23.56 -7.99 -25.43
CA TYR E 236 22.16 -8.34 -25.26
C TYR E 236 21.39 -7.22 -24.57
N GLY E 237 22.02 -6.58 -23.58
CA GLY E 237 21.39 -5.43 -22.96
C GLY E 237 21.14 -4.29 -23.91
N THR E 238 21.75 -4.33 -25.09
CA THR E 238 21.49 -3.35 -26.13
C THR E 238 20.47 -3.84 -27.15
N VAL E 239 20.50 -5.12 -27.50
CA VAL E 239 19.56 -5.61 -28.51
C VAL E 239 18.14 -5.63 -27.96
N VAL E 240 17.97 -5.84 -26.66
CA VAL E 240 16.68 -5.76 -26.03
C VAL E 240 16.56 -4.39 -25.37
N ASP E 241 15.34 -4.05 -24.97
CA ASP E 241 15.12 -2.78 -24.29
C ASP E 241 14.97 -2.92 -22.79
N ASN E 242 14.51 -4.07 -22.31
CA ASN E 242 14.26 -4.26 -20.90
C ASN E 242 14.41 -5.73 -20.56
N GLN E 243 15.00 -6.00 -19.39
CA GLN E 243 15.27 -7.37 -18.99
C GLN E 243 14.24 -7.91 -18.00
N ASN E 244 13.24 -7.12 -17.63
CA ASN E 244 11.95 -7.63 -17.16
C ASN E 244 12.08 -8.78 -16.17
N VAL E 245 12.70 -8.50 -15.02
CA VAL E 245 12.61 -9.38 -13.87
C VAL E 245 11.74 -8.68 -12.84
N ASP E 246 10.85 -9.43 -12.20
CA ASP E 246 9.96 -8.80 -11.23
C ASP E 246 10.68 -8.56 -9.90
N PHE E 247 10.43 -7.38 -9.33
CA PHE E 247 11.18 -6.89 -8.18
C PHE E 247 11.04 -7.80 -6.98
N THR E 248 9.84 -8.30 -6.73
CA THR E 248 9.61 -9.13 -5.56
C THR E 248 10.03 -10.56 -5.76
N ARG E 249 10.82 -10.84 -6.80
CA ARG E 249 11.39 -12.16 -6.95
C ARG E 249 12.36 -12.43 -5.81
N LEU E 250 12.21 -13.59 -5.17
CA LEU E 250 13.10 -13.92 -4.06
C LEU E 250 14.51 -14.18 -4.56
N ASP E 251 14.65 -15.04 -5.56
CA ASP E 251 15.94 -15.54 -6.01
C ASP E 251 16.34 -14.78 -7.27
N LYS E 252 16.81 -13.56 -7.08
CA LYS E 252 17.19 -12.72 -8.21
C LYS E 252 18.67 -12.89 -8.47
N ASP E 253 19.00 -13.65 -9.51
CA ASP E 253 20.38 -13.96 -9.86
C ASP E 253 21.00 -12.76 -10.58
N LEU E 254 22.14 -12.30 -10.06
CA LEU E 254 22.81 -11.15 -10.66
C LEU E 254 23.46 -11.49 -11.99
N LEU E 255 23.53 -12.76 -12.34
CA LEU E 255 24.32 -13.19 -13.48
C LEU E 255 23.83 -14.56 -13.92
N PRO E 256 22.59 -14.67 -14.35
CA PRO E 256 21.93 -15.98 -14.38
C PRO E 256 22.49 -16.86 -15.48
N TYR E 257 22.20 -18.15 -15.36
CA TYR E 257 22.53 -19.09 -16.41
C TYR E 257 21.92 -18.61 -17.72
N VAL E 258 22.70 -18.68 -18.78
CA VAL E 258 22.34 -18.04 -20.04
C VAL E 258 23.00 -18.80 -21.17
N ASN E 259 22.30 -18.88 -22.30
CA ASN E 259 22.81 -19.63 -23.43
C ASN E 259 23.19 -18.77 -24.63
N TYR E 260 22.65 -17.56 -24.72
CA TYR E 260 23.08 -16.60 -25.73
C TYR E 260 22.99 -17.17 -27.13
N MET E 261 21.90 -17.86 -27.42
CA MET E 261 21.63 -18.30 -28.77
C MET E 261 21.60 -17.09 -29.70
N VAL E 262 22.15 -17.24 -30.90
CA VAL E 262 22.18 -16.17 -31.89
C VAL E 262 21.50 -16.68 -33.15
N LYS E 263 20.29 -16.19 -33.41
CA LYS E 263 19.50 -16.65 -34.54
C LYS E 263 19.41 -18.18 -34.51
N GLY E 264 19.25 -18.71 -33.31
CA GLY E 264 19.15 -20.13 -33.12
C GLY E 264 20.47 -20.86 -32.96
N ILE E 265 21.59 -20.16 -33.10
CA ILE E 265 22.92 -20.76 -33.02
C ILE E 265 23.42 -20.59 -31.59
N PRO E 266 23.68 -21.66 -30.86
CA PRO E 266 24.28 -21.51 -29.53
C PRO E 266 25.69 -20.95 -29.61
N VAL E 267 26.09 -20.24 -28.57
CA VAL E 267 27.33 -19.49 -28.56
C VAL E 267 28.23 -20.02 -27.44
N VAL E 268 28.22 -21.34 -27.26
CA VAL E 268 29.14 -22.01 -26.34
C VAL E 268 30.54 -21.45 -26.53
N SER E 269 31.24 -21.19 -25.42
CA SER E 269 32.54 -20.56 -25.49
C SER E 269 33.54 -21.32 -24.63
N ASP E 270 34.82 -21.04 -24.86
CA ASP E 270 35.88 -21.62 -24.06
C ASP E 270 37.07 -20.67 -24.01
N ILE E 271 37.99 -20.98 -23.11
CA ILE E 271 39.13 -20.11 -22.85
C ILE E 271 40.05 -20.06 -24.07
N ASP E 272 40.38 -21.22 -24.63
CA ASP E 272 41.43 -21.29 -25.64
C ASP E 272 40.96 -20.86 -27.01
N CYS E 273 39.69 -20.54 -27.19
CA CYS E 273 39.25 -19.91 -28.43
C CYS E 273 40.01 -18.60 -28.60
N PRO E 274 40.55 -18.33 -29.79
CA PRO E 274 41.44 -17.16 -29.96
C PRO E 274 40.94 -15.87 -29.35
N ALA E 275 41.88 -14.99 -29.02
CA ALA E 275 41.65 -13.88 -28.11
C ALA E 275 40.33 -13.16 -28.37
N ASN E 276 40.19 -12.56 -29.54
CA ASN E 276 38.99 -11.81 -29.89
C ASN E 276 38.49 -12.37 -31.21
N LYS E 277 37.73 -13.46 -31.13
CA LYS E 277 37.27 -14.13 -32.34
C LYS E 277 36.02 -14.91 -32.00
N MET E 278 35.10 -14.97 -32.96
CA MET E 278 33.82 -15.65 -32.78
C MET E 278 33.66 -16.60 -33.96
N TYR E 279 34.21 -17.80 -33.83
CA TYR E 279 34.06 -18.78 -34.89
C TYR E 279 32.61 -19.23 -34.97
N LEU E 280 32.11 -19.37 -36.19
CA LEU E 280 30.79 -19.94 -36.39
C LEU E 280 30.97 -21.22 -37.20
N LEU E 281 30.60 -22.34 -36.62
CA LEU E 281 30.88 -23.65 -37.16
C LEU E 281 29.58 -24.37 -37.52
N ASN E 282 29.67 -25.25 -38.49
CA ASN E 282 28.56 -26.08 -38.91
C ASN E 282 28.93 -27.52 -38.57
N LEU E 283 28.43 -27.99 -37.43
CA LEU E 283 28.95 -29.21 -36.86
C LEU E 283 28.60 -30.46 -37.64
N ASP E 284 27.66 -30.40 -38.58
CA ASP E 284 27.41 -31.57 -39.40
C ASP E 284 28.53 -31.83 -40.38
N LYS E 285 29.39 -30.86 -40.63
CA LYS E 285 30.47 -31.02 -41.59
C LYS E 285 31.78 -30.42 -41.07
N LEU E 286 32.14 -30.78 -39.85
CA LEU E 286 33.53 -30.68 -39.40
C LEU E 286 34.13 -32.04 -39.14
N ALA E 287 33.55 -32.85 -38.26
CA ALA E 287 33.76 -34.29 -38.23
C ALA E 287 35.25 -34.66 -38.28
N ILE E 288 35.94 -34.37 -37.17
CA ILE E 288 37.34 -34.77 -37.01
C ILE E 288 37.55 -36.19 -37.50
N TYR E 289 38.64 -36.41 -38.22
CA TYR E 289 39.03 -37.72 -38.71
C TYR E 289 40.32 -38.14 -38.03
N SER E 290 40.38 -39.39 -37.60
CA SER E 290 41.60 -39.97 -37.07
C SER E 290 41.98 -41.19 -37.90
N PHE E 291 43.26 -41.53 -37.85
CA PHE E 291 43.79 -42.70 -38.54
C PHE E 291 43.95 -43.81 -37.52
N ASP E 292 43.24 -44.91 -37.75
CA ASP E 292 43.26 -46.07 -36.86
C ASP E 292 44.23 -47.09 -37.45
N GLN E 293 45.51 -46.97 -37.10
CA GLN E 293 46.49 -47.97 -37.50
C GLN E 293 46.63 -49.07 -36.47
N SER E 294 45.51 -49.60 -36.02
CA SER E 294 45.52 -50.60 -34.95
C SER E 294 45.72 -52.00 -35.46
N ASP E 295 45.81 -52.19 -36.78
CA ASP E 295 46.04 -53.51 -37.35
C ASP E 295 47.48 -53.72 -37.77
N ALA E 296 48.32 -52.68 -37.69
CA ALA E 296 49.75 -52.81 -37.87
C ALA E 296 50.48 -52.87 -36.53
N ASP E 297 49.86 -53.49 -35.53
CA ASP E 297 50.42 -53.60 -34.19
C ASP E 297 50.44 -55.07 -33.78
N GLN E 298 51.53 -55.48 -33.14
CA GLN E 298 51.74 -56.88 -32.84
C GLN E 298 50.79 -57.36 -31.75
N SER E 299 50.70 -58.69 -31.62
CA SER E 299 49.81 -59.30 -30.65
C SER E 299 50.25 -59.09 -29.22
N ASN E 300 51.45 -58.57 -29.00
CA ASN E 300 51.88 -58.25 -27.64
C ASN E 300 51.00 -57.16 -27.06
N GLY E 301 50.85 -57.17 -25.74
CA GLY E 301 50.10 -56.08 -25.16
C GLY E 301 51.03 -54.92 -24.84
N LYS E 302 51.15 -54.00 -25.79
CA LYS E 302 51.90 -52.78 -25.60
C LYS E 302 51.23 -51.60 -26.26
N ILE E 303 50.12 -51.82 -26.95
CA ILE E 303 49.31 -50.77 -27.57
C ILE E 303 47.89 -51.00 -27.12
N THR E 304 47.28 -49.99 -26.51
CA THR E 304 45.93 -50.14 -26.00
C THR E 304 44.93 -49.17 -26.59
N TYR E 305 45.35 -47.93 -26.86
CA TYR E 305 44.52 -46.92 -27.50
C TYR E 305 43.11 -46.86 -26.88
N ILE E 306 43.12 -46.45 -25.61
CA ILE E 306 41.91 -46.23 -24.82
C ILE E 306 41.32 -44.87 -25.21
N PRO E 307 39.99 -44.73 -25.31
CA PRO E 307 39.44 -43.53 -25.95
C PRO E 307 39.63 -42.28 -25.11
N LEU E 308 39.93 -41.19 -25.79
CA LEU E 308 40.16 -39.92 -25.11
C LEU E 308 38.87 -39.40 -24.50
N ARG E 309 38.98 -38.82 -23.31
CA ARG E 309 37.86 -38.22 -22.60
C ARG E 309 37.95 -36.71 -22.69
N TYR E 310 36.81 -36.07 -22.91
CA TYR E 310 36.70 -34.63 -22.95
C TYR E 310 35.78 -34.20 -21.82
N VAL E 311 35.37 -32.94 -21.83
CA VAL E 311 34.28 -32.50 -20.97
C VAL E 311 33.81 -31.13 -21.45
N ASP E 312 32.50 -30.88 -21.36
CA ASP E 312 31.93 -29.63 -21.86
C ASP E 312 31.94 -28.53 -20.82
N GLU E 313 31.47 -28.82 -19.61
CA GLU E 313 31.52 -27.87 -18.51
C GLU E 313 32.51 -28.36 -17.47
N THR E 314 33.06 -27.42 -16.72
CA THR E 314 34.10 -27.82 -15.77
C THR E 314 33.57 -28.61 -14.62
N GLY E 315 32.32 -29.05 -14.62
CA GLY E 315 31.81 -29.77 -13.47
C GLY E 315 30.97 -30.98 -13.79
N ASP E 316 31.31 -31.70 -14.85
CA ASP E 316 30.51 -32.86 -15.22
C ASP E 316 31.42 -34.01 -15.66
N THR E 317 30.83 -35.20 -15.68
CA THR E 317 31.59 -36.42 -15.95
C THR E 317 32.20 -36.35 -17.35
N PRO E 318 33.37 -36.97 -17.55
CA PRO E 318 34.11 -36.74 -18.79
C PRO E 318 33.37 -37.16 -20.05
N SER E 319 32.60 -38.25 -20.01
CA SER E 319 31.83 -38.69 -21.17
C SER E 319 32.76 -38.94 -22.36
N GLU E 320 33.58 -39.99 -22.21
CA GLU E 320 34.60 -40.38 -23.18
C GLU E 320 34.12 -40.24 -24.61
N SER E 321 34.99 -39.71 -25.46
CA SER E 321 34.72 -39.58 -26.88
C SER E 321 35.02 -40.88 -27.59
N THR E 322 34.57 -40.97 -28.84
CA THR E 322 34.92 -42.07 -29.70
C THR E 322 36.20 -41.81 -30.47
N LEU E 323 37.03 -40.89 -29.97
CA LEU E 323 38.36 -40.67 -30.51
C LEU E 323 39.35 -41.47 -29.70
N TRP E 324 40.08 -42.35 -30.35
CA TRP E 324 40.93 -43.31 -29.68
C TRP E 324 42.35 -42.76 -29.66
N VAL E 325 42.89 -42.59 -28.46
CA VAL E 325 44.26 -42.11 -28.28
C VAL E 325 45.12 -43.27 -27.83
N ARG E 326 46.22 -43.49 -28.51
CA ARG E 326 47.05 -44.67 -28.29
C ARG E 326 47.89 -44.50 -27.04
N LEU E 327 47.69 -45.41 -26.10
CA LEU E 327 48.59 -45.56 -24.95
C LEU E 327 49.60 -46.63 -25.31
N ALA E 328 50.65 -46.20 -26.01
CA ALA E 328 51.71 -47.11 -26.41
C ALA E 328 52.60 -47.42 -25.22
N ASP E 329 52.76 -48.70 -24.92
CA ASP E 329 53.68 -49.11 -23.87
C ASP E 329 55.11 -49.08 -24.40
N VAL E 330 55.49 -47.89 -24.87
CA VAL E 330 56.87 -47.64 -25.23
C VAL E 330 57.75 -48.03 -24.07
N SER E 331 58.92 -48.57 -24.38
CA SER E 331 59.92 -48.92 -23.37
C SER E 331 61.17 -49.36 -24.11
N ASP E 332 62.20 -49.70 -23.37
CA ASP E 332 63.43 -50.20 -23.95
C ASP E 332 63.77 -51.54 -23.30
N GLU E 333 64.96 -52.04 -23.62
CA GLU E 333 65.55 -53.09 -22.81
C GLU E 333 65.76 -52.65 -21.39
N HIS E 334 65.89 -51.33 -21.16
CA HIS E 334 66.08 -50.73 -19.85
C HIS E 334 65.01 -51.24 -18.89
N PRO E 335 65.38 -52.02 -17.89
CA PRO E 335 64.37 -52.65 -17.04
C PRO E 335 63.87 -51.72 -15.95
N ASP E 336 64.73 -50.80 -15.52
CA ASP E 336 64.37 -49.90 -14.43
C ASP E 336 63.41 -48.80 -14.88
N LEU E 337 63.23 -48.62 -16.17
CA LEU E 337 62.50 -47.49 -16.72
C LEU E 337 61.37 -48.00 -17.61
N LEU E 338 60.18 -47.46 -17.42
CA LEU E 338 58.98 -48.03 -18.04
C LEU E 338 58.49 -47.23 -19.24
N LYS E 339 58.37 -45.91 -19.12
CA LYS E 339 58.34 -45.00 -20.26
C LYS E 339 57.14 -45.21 -21.19
N PHE E 340 55.94 -45.08 -20.63
CA PHE E 340 54.75 -45.10 -21.47
C PHE E 340 54.74 -43.91 -22.42
N GLU E 341 53.83 -43.96 -23.39
CA GLU E 341 53.62 -42.88 -24.34
C GLU E 341 52.14 -42.78 -24.65
N LEU E 342 51.65 -41.56 -24.83
CA LEU E 342 50.23 -41.31 -25.06
C LEU E 342 50.11 -40.35 -26.24
N SER E 343 49.74 -40.87 -27.40
CA SER E 343 49.75 -40.07 -28.62
C SER E 343 48.50 -40.33 -29.45
N VAL E 344 48.06 -39.29 -30.16
CA VAL E 344 46.91 -39.38 -31.04
C VAL E 344 47.15 -38.46 -32.22
N ALA E 345 46.62 -38.84 -33.37
CA ALA E 345 46.74 -38.07 -34.61
C ALA E 345 45.36 -37.70 -35.10
N LEU E 346 45.14 -36.42 -35.33
CA LEU E 346 43.82 -35.91 -35.69
C LEU E 346 43.91 -35.02 -36.91
N GLN E 347 42.87 -35.08 -37.72
CA GLN E 347 42.65 -34.09 -38.75
C GLN E 347 41.31 -33.43 -38.48
N LEU E 348 41.23 -32.16 -38.81
CA LEU E 348 40.01 -31.38 -38.57
C LEU E 348 39.49 -30.99 -39.94
N VAL E 349 39.28 -32.00 -40.77
CA VAL E 349 38.67 -31.80 -42.07
C VAL E 349 37.47 -30.88 -41.94
N ALA E 350 37.25 -30.05 -42.95
CA ALA E 350 36.14 -29.11 -42.97
C ALA E 350 35.49 -29.26 -44.33
N PHE E 351 34.53 -30.18 -44.42
CA PHE E 351 33.72 -30.26 -45.63
C PHE E 351 33.07 -28.91 -45.89
N ASP E 352 33.12 -28.47 -47.14
CA ASP E 352 32.43 -27.24 -47.54
C ASP E 352 32.95 -26.06 -46.72
N LEU E 353 34.20 -25.71 -47.00
CA LEU E 353 34.91 -24.73 -46.18
C LEU E 353 34.10 -23.47 -45.96
N ILE E 354 33.35 -23.04 -46.97
CA ILE E 354 32.51 -21.86 -46.80
C ILE E 354 31.34 -22.14 -45.88
N ASP E 355 30.94 -23.40 -45.76
CA ASP E 355 29.81 -23.79 -44.92
C ASP E 355 30.26 -24.17 -43.52
N SER E 356 31.43 -24.78 -43.41
CA SER E 356 31.86 -25.35 -42.14
C SER E 356 32.25 -24.27 -41.15
N ILE E 357 33.19 -23.41 -41.51
CA ILE E 357 33.74 -22.41 -40.59
C ILE E 357 33.39 -21.03 -41.09
N SER E 358 32.93 -20.18 -40.18
CA SER E 358 32.78 -18.76 -40.46
C SER E 358 33.29 -18.00 -39.25
N VAL E 359 34.09 -16.97 -39.48
CA VAL E 359 34.83 -16.32 -38.42
C VAL E 359 34.47 -14.85 -38.39
N ILE E 360 34.48 -14.28 -37.20
CA ILE E 360 34.07 -12.90 -36.94
C ILE E 360 35.29 -12.21 -36.33
N ARG E 361 36.45 -12.48 -36.93
CA ARG E 361 37.79 -12.31 -36.38
C ARG E 361 38.01 -11.01 -35.58
N ASP E 362 37.27 -9.95 -35.88
CA ASP E 362 37.58 -8.63 -35.36
C ASP E 362 36.97 -8.32 -34.00
N ILE E 363 36.66 -9.31 -33.16
CA ILE E 363 35.91 -9.00 -31.94
C ILE E 363 36.76 -8.08 -31.06
N THR E 364 36.12 -7.43 -30.09
CA THR E 364 36.80 -6.44 -29.27
C THR E 364 37.37 -7.01 -27.97
N GLN E 365 36.86 -8.13 -27.48
CA GLN E 365 37.31 -8.66 -26.21
C GLN E 365 37.11 -10.16 -26.11
N LEU F 3 59.01 -48.48 -46.65
CA LEU F 3 58.42 -49.05 -47.86
C LEU F 3 57.59 -48.00 -48.58
N THR F 4 58.17 -46.82 -48.76
CA THR F 4 57.47 -45.78 -49.49
C THR F 4 57.28 -46.15 -50.95
N ASN F 5 58.36 -46.57 -51.61
CA ASN F 5 58.30 -46.86 -53.03
C ASN F 5 57.32 -47.97 -53.35
N LEU F 6 57.22 -48.97 -52.50
CA LEU F 6 56.41 -50.15 -52.80
C LEU F 6 54.92 -49.91 -52.64
N THR F 7 54.50 -48.69 -52.30
CA THR F 7 53.11 -48.28 -52.39
C THR F 7 53.10 -46.94 -53.11
N PRO F 8 53.30 -46.93 -54.42
CA PRO F 8 53.37 -45.68 -55.16
C PRO F 8 52.02 -44.99 -55.15
N THR F 9 52.06 -43.66 -55.26
CA THR F 9 50.83 -42.89 -55.24
C THR F 9 49.93 -43.24 -56.41
N GLU F 10 50.52 -43.67 -57.53
CA GLU F 10 49.73 -44.07 -58.70
C GLU F 10 48.80 -45.24 -58.41
N LEU F 11 49.05 -45.98 -57.33
CA LEU F 11 48.32 -47.21 -57.04
C LEU F 11 47.59 -47.18 -55.70
N LEU F 12 47.54 -46.04 -55.04
CA LEU F 12 46.87 -45.91 -53.75
C LEU F 12 45.60 -45.11 -53.97
N ALA F 13 44.51 -45.82 -54.26
CA ALA F 13 43.21 -45.20 -54.44
C ALA F 13 42.47 -45.27 -53.11
N ASN F 14 42.50 -44.19 -52.35
CA ASN F 14 41.88 -44.18 -51.04
C ASN F 14 40.37 -43.98 -51.18
N LYS F 15 39.63 -44.69 -50.34
CA LYS F 15 38.17 -44.66 -50.38
C LYS F 15 37.70 -43.30 -49.88
N ALA F 16 37.29 -42.44 -50.80
CA ALA F 16 36.80 -41.12 -50.43
C ALA F 16 35.47 -41.22 -49.71
N VAL F 17 35.17 -40.19 -48.92
CA VAL F 17 33.87 -40.12 -48.25
C VAL F 17 32.84 -39.61 -49.24
N ASP F 18 31.69 -40.27 -49.29
CA ASP F 18 30.67 -39.98 -50.30
C ASP F 18 29.98 -38.68 -49.92
N TYR F 19 30.68 -37.58 -50.15
CA TYR F 19 30.12 -36.27 -49.83
C TYR F 19 30.60 -35.26 -50.86
N LEU F 20 29.66 -34.53 -51.43
CA LEU F 20 29.96 -33.41 -52.30
C LEU F 20 29.53 -32.12 -51.61
N ALA F 21 30.44 -31.15 -51.54
CA ALA F 21 30.14 -29.87 -50.92
C ALA F 21 29.35 -29.01 -51.90
N ASN F 22 28.14 -29.47 -52.19
CA ASN F 22 27.25 -28.75 -53.10
C ASN F 22 26.29 -27.88 -52.29
N SER F 23 26.84 -26.82 -51.75
CA SER F 23 26.05 -25.79 -51.07
C SER F 23 26.28 -24.50 -51.84
N PHE F 24 25.29 -24.11 -52.63
CA PHE F 24 25.29 -22.86 -53.34
C PHE F 24 23.96 -22.18 -53.08
N LEU F 25 23.94 -20.86 -53.28
CA LEU F 25 22.74 -20.09 -53.00
C LEU F 25 21.57 -20.64 -53.81
N VAL F 26 20.62 -21.26 -53.14
CA VAL F 26 19.44 -21.80 -53.79
C VAL F 26 18.16 -21.15 -53.31
N GLU F 27 18.18 -20.40 -52.21
CA GLU F 27 17.00 -19.64 -51.81
C GLU F 27 16.53 -18.78 -52.95
N THR F 28 15.29 -19.00 -53.37
CA THR F 28 14.64 -18.19 -54.39
C THR F 28 13.26 -17.80 -53.91
N PRO F 29 13.16 -17.17 -52.73
CA PRO F 29 11.83 -16.83 -52.23
C PRO F 29 11.10 -15.86 -53.12
N MET F 30 11.82 -14.97 -53.81
CA MET F 30 11.18 -14.16 -54.84
C MET F 30 10.50 -15.06 -55.87
N LEU F 31 11.21 -16.08 -56.35
CA LEU F 31 10.55 -17.13 -57.11
C LEU F 31 9.58 -17.88 -56.22
N GLY F 32 9.97 -18.13 -54.97
CA GLY F 32 9.19 -18.94 -54.04
C GLY F 32 7.76 -18.49 -53.91
N LEU F 33 7.56 -17.30 -53.36
CA LEU F 33 6.30 -16.61 -53.58
C LEU F 33 6.14 -16.38 -55.07
N LEU F 34 4.90 -16.45 -55.54
CA LEU F 34 4.57 -16.45 -56.97
C LEU F 34 5.30 -17.58 -57.73
N ALA F 35 5.36 -18.76 -57.11
CA ALA F 35 5.79 -19.97 -57.81
C ALA F 35 4.68 -20.98 -57.99
N ASN F 36 3.88 -21.23 -56.97
CA ASN F 36 2.75 -22.12 -57.15
C ASN F 36 1.65 -21.50 -57.98
N ARG F 37 1.70 -20.19 -58.21
CA ARG F 37 0.73 -19.50 -59.06
C ARG F 37 1.32 -19.15 -60.42
N VAL F 38 2.26 -19.97 -60.89
CA VAL F 38 2.68 -19.86 -62.28
C VAL F 38 1.56 -20.37 -63.17
N ILE F 39 1.24 -19.62 -64.23
CA ILE F 39 0.21 -20.02 -65.17
C ILE F 39 0.88 -20.46 -66.45
N ASN F 40 0.60 -21.69 -66.86
CA ASN F 40 1.16 -22.25 -68.08
C ASN F 40 0.13 -22.07 -69.17
N GLN F 41 0.28 -20.99 -69.94
CA GLN F 41 -0.58 -20.75 -71.08
C GLN F 41 -0.25 -21.69 -72.23
N LYS F 42 -1.22 -21.86 -73.12
CA LYS F 42 -0.96 -22.44 -74.41
C LYS F 42 -0.82 -21.37 -75.48
N GLN F 43 -0.82 -20.11 -75.09
CA GLN F 43 -0.66 -19.00 -76.02
C GLN F 43 0.49 -18.12 -75.55
N LYS F 44 1.26 -17.60 -76.51
CA LYS F 44 2.49 -16.88 -76.18
C LYS F 44 2.21 -15.56 -75.48
N ALA F 45 1.14 -14.88 -75.84
CA ALA F 45 0.90 -13.53 -75.37
C ALA F 45 0.08 -13.53 -74.08
N ILE F 46 0.28 -12.49 -73.30
CA ILE F 46 -0.38 -12.29 -72.02
C ILE F 46 -1.14 -10.99 -72.14
N GLU F 47 -2.45 -11.07 -72.27
CA GLU F 47 -3.27 -9.91 -72.54
C GLU F 47 -4.18 -9.63 -71.36
N TRP F 48 -4.31 -8.35 -71.02
CA TRP F 48 -5.23 -7.96 -69.97
C TRP F 48 -5.51 -6.48 -70.12
N GLY F 49 -6.50 -6.01 -69.38
CA GLY F 49 -6.92 -4.63 -69.46
C GLY F 49 -6.40 -3.84 -68.28
N ALA F 50 -6.24 -2.54 -68.48
CA ALA F 50 -5.74 -1.66 -67.43
C ALA F 50 -6.51 -0.35 -67.50
N LYS F 51 -7.37 -0.10 -66.53
CA LYS F 51 -8.09 1.17 -66.50
C LYS F 51 -7.09 2.24 -66.12
N VAL F 52 -6.56 2.92 -67.12
CA VAL F 52 -5.49 3.88 -66.87
C VAL F 52 -6.03 5.15 -66.23
N ALA F 53 -7.21 5.59 -66.63
CA ALA F 53 -7.77 6.80 -66.07
C ALA F 53 -9.19 6.57 -65.62
N GLN F 54 -9.74 7.55 -64.92
CA GLN F 54 -11.13 7.54 -64.51
C GLN F 54 -11.89 8.68 -65.18
N GLY F 55 -13.19 8.50 -65.29
CA GLY F 55 -14.02 9.54 -65.85
C GLY F 55 -14.28 10.66 -64.86
N VAL F 56 -13.76 11.85 -65.13
CA VAL F 56 -13.94 12.94 -64.19
C VAL F 56 -15.42 13.24 -64.03
N VAL F 57 -15.83 13.53 -62.81
CA VAL F 57 -17.21 13.90 -62.54
C VAL F 57 -17.36 15.39 -62.73
N GLY F 58 -18.38 15.80 -63.49
CA GLY F 58 -18.66 17.19 -63.73
C GLY F 58 -19.77 17.70 -62.85
N GLY F 59 -20.03 18.99 -62.96
CA GLY F 59 -21.05 19.63 -62.18
C GLY F 59 -21.98 20.46 -63.04
N ARG F 60 -23.26 20.32 -62.79
CA ARG F 60 -24.26 21.15 -63.45
C ARG F 60 -25.40 21.39 -62.48
N THR F 61 -26.13 22.46 -62.72
CA THR F 61 -27.30 22.73 -61.91
C THR F 61 -28.39 21.72 -62.24
N ARG F 62 -29.45 21.72 -61.41
CA ARG F 62 -30.57 20.81 -61.65
C ARG F 62 -31.09 20.95 -63.07
N THR F 63 -31.12 22.18 -63.57
CA THR F 63 -31.64 22.49 -64.89
C THR F 63 -30.56 23.05 -65.81
N GLY F 64 -29.30 22.62 -65.60
CA GLY F 64 -28.20 23.10 -66.41
C GLY F 64 -27.95 22.21 -67.61
N ALA F 65 -26.99 22.63 -68.42
CA ALA F 65 -26.64 21.89 -69.61
C ALA F 65 -26.11 20.51 -69.26
N LEU F 66 -26.45 19.53 -70.09
CA LEU F 66 -26.02 18.17 -69.82
C LEU F 66 -24.51 18.03 -69.93
N ALA F 67 -23.93 18.51 -71.03
CA ALA F 67 -22.48 18.74 -71.13
C ALA F 67 -21.69 17.46 -70.82
N ASN F 68 -21.82 16.50 -71.72
CA ASN F 68 -21.05 15.26 -71.63
C ASN F 68 -19.59 15.52 -71.31
N ASP F 69 -18.98 14.61 -70.56
CA ASP F 69 -17.64 14.81 -70.03
C ASP F 69 -16.85 13.51 -70.12
N THR F 70 -15.53 13.65 -70.07
CA THR F 70 -14.62 12.57 -70.43
C THR F 70 -14.74 11.40 -69.48
N GLN F 71 -14.31 10.23 -69.95
CA GLN F 71 -14.49 8.97 -69.24
C GLN F 71 -13.16 8.29 -69.07
N GLY F 72 -13.14 7.30 -68.18
CA GLY F 72 -11.91 6.59 -67.88
C GLY F 72 -11.46 5.75 -69.06
N THR F 73 -10.22 5.93 -69.48
CA THR F 73 -9.65 5.16 -70.58
C THR F 73 -9.16 3.82 -70.06
N ILE F 74 -9.30 2.79 -70.90
CA ILE F 74 -8.80 1.45 -70.62
C ILE F 74 -7.82 1.11 -71.73
N LYS F 75 -6.61 0.71 -71.34
CA LYS F 75 -5.61 0.32 -72.32
C LYS F 75 -5.36 -1.18 -72.25
N GLY F 76 -5.00 -1.75 -73.39
CA GLY F 76 -4.75 -3.17 -73.44
C GLY F 76 -3.30 -3.50 -73.19
N ALA F 77 -3.00 -3.91 -71.96
CA ALA F 77 -1.64 -4.30 -71.63
C ALA F 77 -1.35 -5.69 -72.19
N SER F 78 -0.20 -5.83 -72.84
CA SER F 78 0.12 -7.03 -73.59
C SER F 78 1.59 -7.36 -73.38
N LEU F 79 1.86 -8.33 -72.54
CA LEU F 79 3.18 -8.91 -72.45
C LEU F 79 3.18 -10.21 -73.26
N SER F 80 4.26 -10.98 -73.17
CA SER F 80 4.25 -12.28 -73.81
C SER F 80 5.30 -13.15 -73.14
N VAL F 81 4.96 -14.42 -72.95
CA VAL F 81 5.97 -15.39 -72.55
C VAL F 81 7.00 -15.38 -73.68
N PRO F 82 8.19 -14.81 -73.45
CA PRO F 82 9.03 -14.43 -74.58
C PRO F 82 9.49 -15.64 -75.36
N ASP F 83 9.98 -15.35 -76.56
CA ASP F 83 10.52 -16.37 -77.43
C ASP F 83 11.95 -16.68 -77.10
N TYR F 84 12.39 -16.42 -75.87
CA TYR F 84 13.74 -16.69 -75.46
C TYR F 84 13.69 -17.69 -74.31
N TYR F 85 14.70 -18.53 -74.21
CA TYR F 85 14.72 -19.60 -73.23
C TYR F 85 15.80 -19.36 -72.19
N ILE F 86 15.50 -19.68 -70.94
CA ILE F 86 16.53 -19.80 -69.91
C ILE F 86 16.98 -21.25 -69.98
N LYS F 87 17.92 -21.51 -70.88
CA LYS F 87 18.36 -22.87 -71.14
C LYS F 87 19.62 -23.19 -70.36
N HIS F 88 19.96 -24.46 -70.35
CA HIS F 88 21.26 -24.94 -69.89
C HIS F 88 21.43 -26.33 -70.45
N GLN F 89 22.39 -26.53 -71.31
CA GLN F 89 22.57 -27.84 -71.91
C GLN F 89 24.03 -28.25 -71.85
N PHE F 90 24.24 -29.55 -71.76
CA PHE F 90 25.56 -30.10 -71.65
C PHE F 90 25.75 -31.25 -72.61
N ASP F 91 26.95 -31.32 -73.16
CA ASP F 91 27.40 -32.44 -73.96
C ASP F 91 28.08 -33.42 -73.00
N VAL F 92 27.53 -34.62 -72.88
CA VAL F 92 28.12 -35.64 -72.03
C VAL F 92 28.39 -36.86 -72.89
N GLY F 93 29.63 -37.35 -72.85
CA GLY F 93 29.98 -38.54 -73.60
C GLY F 93 29.18 -39.73 -73.12
N LYS F 94 28.53 -40.45 -74.04
CA LYS F 94 27.74 -41.60 -73.64
C LYS F 94 28.62 -42.61 -72.92
N ASP F 95 29.83 -42.82 -73.43
CA ASP F 95 30.81 -43.68 -72.78
C ASP F 95 31.75 -42.88 -71.89
N GLU F 96 31.28 -41.74 -71.40
CA GLU F 96 31.87 -41.06 -70.26
C GLU F 96 30.99 -41.13 -69.02
N ILE F 97 29.67 -41.18 -69.20
CA ILE F 97 28.77 -41.49 -68.09
C ILE F 97 29.15 -42.83 -67.48
N VAL F 98 29.41 -43.82 -68.33
CA VAL F 98 29.71 -45.15 -67.81
C VAL F 98 31.06 -45.17 -67.13
N ASN F 99 32.05 -44.46 -67.69
CA ASN F 99 33.35 -44.38 -67.06
C ASN F 99 33.25 -43.72 -65.69
N SER F 100 32.48 -42.63 -65.60
CA SER F 100 32.32 -41.96 -64.31
C SER F 100 31.59 -42.84 -63.32
N ASP F 101 30.53 -43.54 -63.76
CA ASP F 101 29.81 -44.41 -62.85
C ASP F 101 30.70 -45.54 -62.35
N ALA F 102 31.59 -46.04 -63.19
CA ALA F 102 32.48 -47.12 -62.77
C ALA F 102 33.56 -46.59 -61.83
N THR F 103 34.26 -45.54 -62.25
CA THR F 103 35.48 -45.11 -61.56
C THR F 103 35.30 -43.82 -60.78
N GLY F 104 34.07 -43.47 -60.41
CA GLY F 104 33.81 -42.27 -59.65
C GLY F 104 33.93 -42.56 -58.16
N LYS F 105 34.64 -41.69 -57.46
CA LYS F 105 34.79 -41.86 -56.02
C LYS F 105 33.51 -41.52 -55.29
N ILE F 106 32.88 -40.42 -55.65
CA ILE F 106 31.73 -39.87 -54.94
C ILE F 106 30.49 -40.08 -55.79
N SER F 107 29.35 -40.27 -55.12
CA SER F 107 28.10 -40.44 -55.86
C SER F 107 27.79 -39.24 -56.74
N ALA F 108 28.36 -38.07 -56.43
CA ALA F 108 28.24 -36.94 -57.32
C ALA F 108 28.96 -37.19 -58.64
N VAL F 109 30.15 -37.78 -58.59
CA VAL F 109 30.85 -38.12 -59.82
C VAL F 109 30.40 -39.48 -60.34
N ARG F 110 29.87 -40.34 -59.48
CA ARG F 110 29.31 -41.60 -59.93
C ARG F 110 27.99 -41.43 -60.67
N ASP F 111 27.57 -40.19 -60.90
CA ASP F 111 26.40 -39.90 -61.73
C ASP F 111 26.48 -38.45 -62.19
N PRO F 112 27.47 -38.11 -63.02
CA PRO F 112 27.63 -36.70 -63.41
C PRO F 112 26.44 -36.13 -64.14
N VAL F 113 25.77 -36.93 -64.98
CA VAL F 113 24.61 -36.41 -65.69
C VAL F 113 23.50 -36.05 -64.73
N GLY F 114 23.25 -36.89 -63.73
CA GLY F 114 22.28 -36.53 -62.71
C GLY F 114 22.68 -35.27 -61.96
N THR F 115 23.95 -35.15 -61.61
CA THR F 115 24.39 -33.95 -60.90
C THR F 115 24.49 -32.76 -61.84
N ALA F 116 24.76 -33.00 -63.12
CA ALA F 116 24.69 -31.89 -64.08
C ALA F 116 23.27 -31.35 -64.15
N ILE F 117 22.29 -32.25 -64.19
CA ILE F 117 20.88 -31.84 -64.19
C ILE F 117 20.55 -31.09 -62.91
N ALA F 118 20.99 -31.63 -61.77
CA ALA F 118 20.65 -31.01 -60.50
C ALA F 118 21.30 -29.63 -60.36
N ASP F 119 22.55 -29.50 -60.76
CA ASP F 119 23.22 -28.20 -60.71
C ASP F 119 22.59 -27.23 -61.69
N ALA F 120 22.21 -27.71 -62.87
CA ALA F 120 21.52 -26.86 -63.83
C ALA F 120 20.18 -26.39 -63.27
N PHE F 121 19.51 -27.25 -62.52
CA PHE F 121 18.24 -26.87 -61.91
C PHE F 121 18.44 -25.85 -60.81
N ASP F 122 19.45 -26.06 -59.95
CA ASP F 122 19.74 -25.08 -58.91
C ASP F 122 20.04 -23.72 -59.51
N VAL F 123 20.95 -23.70 -60.49
CA VAL F 123 21.30 -22.43 -61.10
C VAL F 123 20.17 -21.89 -61.95
N LEU F 124 19.27 -22.74 -62.43
CA LEU F 124 18.14 -22.26 -63.21
C LEU F 124 17.14 -21.54 -62.32
N SER F 125 16.83 -22.14 -61.18
CA SER F 125 15.99 -21.46 -60.20
C SER F 125 16.62 -20.18 -59.73
N LYS F 126 17.93 -20.21 -59.45
CA LYS F 126 18.59 -19.00 -58.98
C LYS F 126 18.60 -17.91 -60.04
N LYS F 127 18.83 -18.29 -61.30
CA LYS F 127 18.81 -17.32 -62.39
C LYS F 127 17.43 -16.73 -62.56
N ILE F 128 16.39 -17.55 -62.47
CA ILE F 128 15.04 -17.03 -62.62
C ILE F 128 14.73 -16.05 -61.50
N ASN F 129 15.13 -16.38 -60.27
CA ASN F 129 14.97 -15.44 -59.17
C ASN F 129 15.66 -14.11 -59.48
N SER F 130 16.92 -14.18 -59.87
CA SER F 130 17.69 -12.96 -60.08
C SER F 130 17.11 -12.12 -61.21
N VAL F 131 16.66 -12.76 -62.29
CA VAL F 131 16.12 -11.99 -63.40
C VAL F 131 14.73 -11.45 -63.07
N LEU F 132 13.93 -12.22 -62.32
CA LEU F 132 12.66 -11.67 -61.87
C LEU F 132 12.87 -10.42 -61.04
N TYR F 133 14.00 -10.34 -60.34
CA TYR F 133 14.34 -9.08 -59.69
C TYR F 133 14.71 -8.02 -60.72
N THR F 134 15.55 -8.38 -61.68
CA THR F 134 16.04 -7.39 -62.65
C THR F 134 16.25 -8.06 -64.00
N ALA F 135 15.44 -7.67 -64.98
CA ALA F 135 15.58 -8.16 -66.35
C ALA F 135 14.92 -7.14 -67.25
N SER F 136 15.73 -6.42 -68.03
CA SER F 136 15.21 -5.27 -68.77
C SER F 136 14.20 -5.66 -69.84
N GLY F 137 14.11 -6.94 -70.18
CA GLY F 137 13.10 -7.40 -71.10
C GLY F 137 13.59 -7.71 -72.50
N VAL F 138 14.84 -7.36 -72.82
CA VAL F 138 15.39 -7.77 -74.11
C VAL F 138 15.61 -9.28 -74.09
N ALA F 139 15.30 -9.93 -75.21
CA ALA F 139 15.37 -11.39 -75.29
C ALA F 139 16.80 -11.80 -75.64
N ASP F 140 17.67 -11.68 -74.64
CA ASP F 140 19.06 -12.09 -74.77
C ASP F 140 19.44 -12.94 -73.58
N ALA F 141 20.70 -13.38 -73.55
CA ALA F 141 21.15 -14.30 -72.51
C ALA F 141 21.25 -13.67 -71.14
N THR F 142 21.16 -12.35 -71.03
CA THR F 142 21.18 -11.72 -69.72
C THR F 142 19.78 -11.52 -69.17
N ASN F 143 18.85 -11.04 -70.00
CA ASN F 143 17.52 -10.69 -69.55
C ASN F 143 16.45 -11.69 -69.96
N TYR F 144 16.67 -12.47 -71.01
CA TYR F 144 15.80 -13.56 -71.44
C TYR F 144 14.43 -13.08 -71.88
N GLY F 145 14.23 -11.77 -72.04
CA GLY F 145 12.93 -11.25 -72.36
C GLY F 145 12.01 -11.11 -71.17
N ILE F 146 12.38 -11.63 -70.01
CA ILE F 146 11.60 -11.43 -68.80
C ILE F 146 11.63 -9.94 -68.46
N PHE F 147 10.52 -9.43 -67.96
CA PHE F 147 10.46 -8.04 -67.57
C PHE F 147 10.63 -7.82 -66.08
N GLY F 148 10.73 -8.88 -65.29
CA GLY F 148 11.06 -8.78 -63.89
C GLY F 148 10.33 -7.70 -63.12
N LEU F 149 11.00 -7.09 -62.16
CA LEU F 149 10.47 -5.97 -61.40
C LEU F 149 11.08 -4.65 -61.79
N ASP F 150 12.41 -4.61 -61.95
CA ASP F 150 13.08 -3.37 -62.31
C ASP F 150 12.65 -2.86 -63.68
N ALA F 151 12.24 -3.74 -64.58
CA ALA F 151 11.71 -3.26 -65.85
C ALA F 151 10.22 -3.01 -65.77
N ALA F 152 9.51 -3.66 -64.86
CA ALA F 152 8.11 -3.35 -64.67
C ALA F 152 7.93 -1.99 -64.02
N ALA F 153 8.42 -1.83 -62.79
CA ALA F 153 8.27 -0.56 -62.09
C ALA F 153 9.19 0.49 -62.64
N GLY F 154 10.41 0.11 -62.99
CA GLY F 154 11.49 1.04 -63.16
C GLY F 154 12.48 0.94 -62.02
N THR F 155 13.57 1.70 -62.15
CA THR F 155 14.60 1.72 -61.12
C THR F 155 14.51 2.98 -60.28
N THR F 156 14.55 4.14 -60.92
CA THR F 156 14.55 5.41 -60.20
C THR F 156 13.12 5.96 -60.12
N VAL F 157 12.99 7.10 -59.46
CA VAL F 157 11.72 7.80 -59.46
C VAL F 157 11.38 8.28 -60.86
N ALA F 158 12.39 8.76 -61.59
CA ALA F 158 12.18 9.12 -62.98
C ALA F 158 11.85 7.88 -63.81
N ASN F 159 12.50 6.76 -63.53
CA ASN F 159 12.24 5.54 -64.27
C ASN F 159 10.84 5.00 -64.04
N SER F 160 10.17 5.42 -62.96
CA SER F 160 8.78 5.04 -62.79
C SER F 160 7.92 5.67 -63.87
N ALA F 161 8.18 6.93 -64.20
CA ALA F 161 7.71 7.54 -65.43
C ALA F 161 8.69 7.16 -66.53
N THR F 162 8.62 7.84 -67.67
CA THR F 162 9.63 7.75 -68.72
C THR F 162 9.95 6.28 -69.05
N GLY F 163 8.92 5.61 -69.56
CA GLY F 163 9.09 4.23 -69.96
C GLY F 163 7.77 3.66 -70.41
N THR F 164 7.78 2.35 -70.61
CA THR F 164 6.56 1.66 -71.01
C THR F 164 6.64 0.23 -70.50
N TYR F 165 5.49 -0.31 -70.12
CA TYR F 165 5.39 -1.68 -69.65
C TYR F 165 4.16 -2.31 -70.26
N ALA F 166 4.32 -3.53 -70.79
CA ALA F 166 3.21 -4.26 -71.41
C ALA F 166 2.56 -3.42 -72.51
N GLY F 167 3.36 -2.64 -73.21
CA GLY F 167 2.88 -1.75 -74.25
C GLY F 167 2.41 -0.41 -73.76
N ILE F 168 1.71 -0.39 -72.63
CA ILE F 168 1.18 0.85 -72.09
C ILE F 168 2.33 1.76 -71.69
N SER F 169 2.33 2.99 -72.21
CA SER F 169 3.42 3.91 -71.93
C SER F 169 3.19 4.64 -70.63
N LYS F 170 4.13 4.49 -69.70
CA LYS F 170 4.05 5.21 -68.44
C LYS F 170 4.14 6.72 -68.62
N VAL F 171 4.63 7.18 -69.77
CA VAL F 171 4.77 8.61 -69.99
C VAL F 171 3.39 9.25 -70.14
N THR F 172 2.64 8.80 -71.14
CA THR F 172 1.32 9.36 -71.38
C THR F 172 0.32 8.93 -70.33
N PHE F 173 0.63 7.91 -69.54
CA PHE F 173 -0.30 7.28 -68.61
C PHE F 173 0.35 7.23 -67.24
N PRO F 174 0.25 8.31 -66.47
CA PRO F 174 0.89 8.33 -65.14
C PRO F 174 0.35 7.29 -64.19
N ARG F 175 -0.82 6.72 -64.47
CA ARG F 175 -1.36 5.69 -63.58
C ARG F 175 -0.63 4.38 -63.77
N TRP F 176 -0.07 4.14 -64.95
CA TRP F 176 0.64 2.90 -65.20
C TRP F 176 2.00 2.86 -64.51
N ARG F 177 2.46 3.98 -63.97
CA ARG F 177 3.72 3.99 -63.25
C ARG F 177 3.57 3.26 -61.92
N SER F 178 4.70 2.95 -61.30
CA SER F 178 4.73 2.40 -59.96
C SER F 178 5.07 3.49 -58.95
N ILE F 179 5.28 3.09 -57.71
CA ILE F 179 5.30 4.04 -56.61
C ILE F 179 6.75 4.13 -56.15
N ILE F 180 7.68 3.99 -57.10
CA ILE F 180 9.09 4.10 -56.78
C ILE F 180 9.34 5.46 -56.14
N GLN F 181 9.73 5.46 -54.88
CA GLN F 181 10.08 6.70 -54.20
C GLN F 181 11.36 6.49 -53.42
N GLY F 182 12.30 7.39 -53.58
CA GLY F 182 13.60 7.25 -52.97
C GLY F 182 13.69 7.99 -51.66
N GLY F 183 14.60 8.95 -51.58
CA GLY F 183 14.81 9.67 -50.34
C GLY F 183 14.67 11.16 -50.50
N ALA F 184 15.37 11.92 -49.65
CA ALA F 184 15.32 13.38 -49.73
C ALA F 184 15.80 13.83 -51.10
N VAL F 185 16.96 13.36 -51.52
CA VAL F 185 17.45 13.54 -52.89
C VAL F 185 17.61 12.17 -53.51
N PRO F 186 17.00 11.91 -54.66
CA PRO F 186 16.92 10.54 -55.18
C PRO F 186 18.29 9.98 -55.55
N GLY F 187 18.42 8.66 -55.39
CA GLY F 187 19.65 7.96 -55.67
C GLY F 187 20.79 8.27 -54.72
N THR F 188 20.50 8.42 -53.43
CA THR F 188 21.54 8.75 -52.46
C THR F 188 21.43 7.99 -51.14
N ASN F 189 20.55 6.99 -51.05
CA ASN F 189 20.54 6.05 -49.93
C ASN F 189 20.34 6.74 -48.58
N GLU F 190 19.14 7.29 -48.40
CA GLU F 190 18.76 7.73 -47.07
C GLU F 190 18.53 6.51 -46.17
N ALA F 191 18.14 6.78 -44.93
CA ALA F 191 18.30 5.81 -43.86
C ALA F 191 17.07 4.95 -43.60
N LEU F 192 16.04 5.02 -44.45
CA LEU F 192 14.83 4.22 -44.28
C LEU F 192 14.20 4.45 -42.90
N THR F 193 13.73 5.68 -42.72
CA THR F 193 12.98 5.98 -41.52
C THR F 193 11.63 5.28 -41.55
N ILE F 194 10.98 5.24 -40.39
CA ILE F 194 9.62 4.70 -40.32
C ILE F 194 8.66 5.59 -41.10
N ALA F 195 8.89 6.90 -41.05
CA ALA F 195 8.11 7.82 -41.87
C ALA F 195 8.20 7.45 -43.34
N ARG F 196 9.31 6.85 -43.74
CA ARG F 196 9.51 6.52 -45.14
C ARG F 196 8.61 5.38 -45.59
N MET F 197 8.57 4.28 -44.82
CA MET F 197 7.68 3.19 -45.18
C MET F 197 6.22 3.61 -45.04
N THR F 198 5.89 4.38 -44.00
CA THR F 198 4.52 4.88 -43.92
C THR F 198 4.19 5.74 -45.13
N ALA F 199 5.14 6.55 -45.58
CA ALA F 199 4.90 7.41 -46.73
C ALA F 199 4.67 6.59 -47.98
N MET F 200 5.41 5.50 -48.15
CA MET F 200 5.22 4.71 -49.36
C MET F 200 3.90 3.95 -49.31
N LEU F 201 3.56 3.38 -48.15
CA LEU F 201 2.26 2.73 -48.02
C LEU F 201 1.12 3.72 -48.19
N ARG F 202 1.33 4.98 -47.80
CA ARG F 202 0.31 6.00 -48.00
C ARG F 202 0.21 6.39 -49.46
N ALA F 203 1.35 6.58 -50.12
CA ALA F 203 1.34 6.78 -51.55
C ALA F 203 0.83 5.54 -52.26
N ARG F 204 0.92 4.39 -51.62
CA ARG F 204 0.21 3.21 -52.08
C ARG F 204 -1.26 3.28 -51.75
N ARG F 205 -1.61 3.87 -50.60
CA ARG F 205 -3.01 4.07 -50.27
C ARG F 205 -3.66 5.09 -51.18
N THR F 206 -2.99 6.22 -51.40
CA THR F 206 -3.57 7.25 -52.25
C THR F 206 -3.69 6.81 -53.69
N ALA F 207 -3.06 5.70 -54.04
CA ALA F 207 -3.24 5.10 -55.36
C ALA F 207 -4.38 4.11 -55.38
N GLY F 208 -5.16 4.02 -54.30
CA GLY F 208 -6.24 3.06 -54.25
C GLY F 208 -5.76 1.63 -54.36
N VAL F 209 -4.61 1.35 -53.80
CA VAL F 209 -3.95 0.06 -53.93
C VAL F 209 -3.76 -0.49 -52.53
N THR F 210 -3.93 -1.80 -52.37
CA THR F 210 -3.86 -2.40 -51.05
C THR F 210 -2.55 -2.04 -50.36
N TYR F 211 -2.66 -1.54 -49.13
CA TYR F 211 -1.52 -1.07 -48.38
C TYR F 211 -1.39 -1.75 -47.04
N LYS F 212 -2.20 -2.75 -46.77
CA LYS F 212 -2.12 -3.53 -45.54
C LYS F 212 -2.21 -5.00 -45.89
N GLY F 213 -1.62 -5.84 -45.05
CA GLY F 213 -1.65 -7.25 -45.35
C GLY F 213 -2.98 -7.92 -45.11
N ASN F 214 -3.92 -7.24 -44.45
CA ASN F 214 -5.22 -7.79 -44.16
C ASN F 214 -6.30 -7.30 -45.12
N GLN F 215 -5.89 -6.68 -46.22
CA GLN F 215 -6.82 -6.13 -47.20
C GLN F 215 -7.10 -7.10 -48.33
N ASN F 216 -6.85 -8.39 -48.12
CA ASN F 216 -7.29 -9.44 -49.03
C ASN F 216 -6.63 -9.35 -50.40
N GLN F 217 -5.33 -9.04 -50.43
CA GLN F 217 -4.62 -9.14 -51.70
C GLN F 217 -3.19 -9.67 -51.59
N ARG F 218 -2.85 -10.40 -50.53
CA ARG F 218 -1.61 -11.17 -50.47
C ARG F 218 -0.40 -10.33 -50.86
N LEU F 219 -0.13 -9.30 -50.08
CA LEU F 219 1.04 -8.49 -50.32
C LEU F 219 2.28 -9.18 -49.78
N VAL F 220 3.45 -8.64 -50.14
CA VAL F 220 4.72 -9.10 -49.59
C VAL F 220 5.71 -7.97 -49.78
N ILE F 221 6.81 -8.02 -49.05
CA ILE F 221 7.90 -7.06 -49.20
C ILE F 221 9.20 -7.83 -49.34
N LEU F 222 9.96 -7.51 -50.36
CA LEU F 222 11.27 -8.11 -50.57
C LEU F 222 12.35 -7.06 -50.36
N THR F 223 13.31 -7.41 -49.52
CA THR F 223 14.41 -6.51 -49.20
C THR F 223 15.73 -7.21 -49.46
N SER F 224 16.78 -6.41 -49.63
CA SER F 224 18.08 -6.94 -49.99
C SER F 224 18.65 -7.86 -48.92
N ASP F 225 17.92 -8.09 -47.84
CA ASP F 225 18.26 -9.04 -46.79
C ASP F 225 19.40 -8.54 -45.93
N ASN F 226 20.06 -7.48 -46.36
CA ASN F 226 20.83 -6.66 -45.44
C ASN F 226 19.96 -5.52 -44.91
N ILE F 227 18.72 -5.45 -45.37
CA ILE F 227 17.73 -4.54 -44.84
C ILE F 227 16.87 -5.23 -43.79
N GLU F 228 16.42 -6.44 -44.08
CA GLU F 228 15.61 -7.18 -43.11
C GLU F 228 16.39 -7.46 -41.84
N ASN F 229 17.72 -7.50 -41.93
CA ASN F 229 18.56 -7.85 -40.79
C ASN F 229 19.33 -6.68 -40.22
N ASP F 230 19.50 -5.59 -40.96
CA ASP F 230 20.28 -4.47 -40.48
C ASP F 230 19.61 -3.12 -40.62
N VAL F 231 18.43 -3.04 -41.22
CA VAL F 231 17.66 -1.81 -41.26
C VAL F 231 16.33 -1.95 -40.55
N LEU F 232 15.66 -3.09 -40.72
CA LEU F 232 14.42 -3.33 -39.99
C LEU F 232 14.66 -3.89 -38.59
N ARG F 233 15.87 -4.30 -38.28
CA ARG F 233 16.19 -4.72 -36.93
C ARG F 233 16.51 -3.52 -36.04
N PRO F 234 17.28 -2.53 -36.50
CA PRO F 234 17.33 -1.27 -35.73
C PRO F 234 16.00 -0.57 -35.71
N LEU F 235 15.30 -0.55 -36.83
CA LEU F 235 13.87 -0.26 -36.77
C LEU F 235 13.19 -1.35 -35.98
N TYR F 236 11.95 -1.09 -35.58
CA TYR F 236 11.26 -1.94 -34.62
C TYR F 236 11.99 -1.96 -33.30
N GLY F 237 13.07 -1.21 -33.19
CA GLY F 237 13.64 -0.88 -31.91
C GLY F 237 13.33 0.58 -31.70
N THR F 238 12.83 1.20 -32.76
CA THR F 238 12.44 2.59 -32.75
C THR F 238 10.93 2.79 -32.77
N VAL F 239 10.16 1.78 -33.17
CA VAL F 239 8.71 1.87 -33.06
C VAL F 239 8.21 1.34 -31.73
N VAL F 240 9.01 0.55 -31.02
CA VAL F 240 8.66 0.08 -29.70
C VAL F 240 9.67 0.65 -28.71
N ASP F 241 9.28 0.66 -27.45
CA ASP F 241 10.18 1.06 -26.38
C ASP F 241 10.53 -0.10 -25.46
N ASN F 242 9.85 -1.23 -25.60
CA ASN F 242 9.98 -2.33 -24.64
C ASN F 242 10.04 -3.64 -25.41
N GLN F 243 11.24 -4.06 -25.76
CA GLN F 243 11.46 -5.41 -26.27
C GLN F 243 11.64 -6.29 -25.04
N ASN F 244 10.55 -6.85 -24.55
CA ASN F 244 10.57 -7.57 -23.29
C ASN F 244 11.37 -8.85 -23.39
N VAL F 245 12.18 -9.11 -22.38
CA VAL F 245 12.85 -10.38 -22.16
C VAL F 245 12.90 -10.61 -20.68
N ASP F 246 12.48 -11.78 -20.22
CA ASP F 246 12.69 -12.12 -18.83
C ASP F 246 14.18 -12.31 -18.59
N PHE F 247 14.73 -11.60 -17.61
CA PHE F 247 16.17 -11.61 -17.40
C PHE F 247 16.67 -13.02 -17.10
N THR F 248 15.86 -13.81 -16.41
CA THR F 248 16.23 -15.17 -16.09
C THR F 248 16.02 -16.14 -17.24
N ARG F 249 15.84 -15.63 -18.45
CA ARG F 249 15.74 -16.49 -19.61
C ARG F 249 17.04 -17.25 -19.80
N LEU F 250 16.96 -18.58 -19.73
CA LEU F 250 18.13 -19.38 -20.09
C LEU F 250 18.40 -19.29 -21.58
N ASP F 251 17.37 -19.39 -22.39
CA ASP F 251 17.50 -19.47 -23.84
C ASP F 251 17.56 -18.06 -24.44
N LYS F 252 18.48 -17.28 -23.90
CA LYS F 252 18.53 -15.84 -24.14
C LYS F 252 19.06 -15.58 -25.55
N ASP F 253 18.14 -15.63 -26.51
CA ASP F 253 18.53 -15.51 -27.91
C ASP F 253 18.92 -14.08 -28.23
N LEU F 254 20.18 -13.88 -28.60
CA LEU F 254 20.74 -12.55 -28.83
C LEU F 254 20.25 -11.93 -30.13
N LEU F 255 19.64 -12.69 -31.00
CA LEU F 255 19.15 -12.15 -32.26
C LEU F 255 18.10 -13.12 -32.78
N PRO F 256 16.89 -13.07 -32.25
CA PRO F 256 15.99 -14.22 -32.37
C PRO F 256 15.44 -14.35 -33.78
N TYR F 257 14.82 -15.49 -34.02
CA TYR F 257 14.07 -15.68 -35.26
C TYR F 257 13.02 -14.60 -35.38
N VAL F 258 12.91 -14.02 -36.56
CA VAL F 258 12.12 -12.81 -36.74
C VAL F 258 11.50 -12.84 -38.13
N ASN F 259 10.30 -12.29 -38.23
CA ASN F 259 9.60 -12.23 -39.51
C ASN F 259 9.32 -10.82 -40.00
N TYR F 260 9.18 -9.84 -39.11
CA TYR F 260 9.15 -8.43 -39.48
C TYR F 260 8.06 -8.12 -40.49
N MET F 261 6.81 -8.28 -40.08
CA MET F 261 5.72 -7.81 -40.90
C MET F 261 5.69 -6.29 -40.89
N VAL F 262 5.06 -5.71 -41.91
CA VAL F 262 4.84 -4.26 -41.98
C VAL F 262 3.39 -4.07 -42.40
N LYS F 263 2.55 -3.62 -41.48
CA LYS F 263 1.10 -3.56 -41.71
C LYS F 263 0.58 -4.90 -42.20
N GLY F 264 1.07 -5.98 -41.59
CA GLY F 264 0.67 -7.30 -41.99
C GLY F 264 1.27 -7.78 -43.29
N ILE F 265 2.20 -7.03 -43.87
CA ILE F 265 2.88 -7.41 -45.10
C ILE F 265 4.21 -8.04 -44.72
N PRO F 266 4.42 -9.33 -45.00
CA PRO F 266 5.70 -9.95 -44.65
C PRO F 266 6.84 -9.32 -45.44
N VAL F 267 8.02 -9.33 -44.83
CA VAL F 267 9.17 -8.62 -45.39
C VAL F 267 10.21 -9.69 -45.72
N VAL F 268 9.73 -10.83 -46.24
CA VAL F 268 10.65 -11.89 -46.64
C VAL F 268 11.74 -11.30 -47.53
N SER F 269 12.97 -11.73 -47.31
CA SER F 269 14.11 -11.13 -47.95
C SER F 269 14.96 -12.19 -48.62
N ASP F 270 15.69 -11.78 -49.64
CA ASP F 270 16.66 -12.66 -50.26
C ASP F 270 17.79 -11.82 -50.83
N ILE F 271 18.94 -12.46 -50.96
CA ILE F 271 20.20 -11.72 -51.10
C ILE F 271 20.56 -11.63 -52.57
N ASP F 272 19.68 -12.09 -53.43
CA ASP F 272 19.75 -11.76 -54.85
C ASP F 272 18.90 -10.57 -55.21
N CYS F 273 18.10 -10.06 -54.28
CA CYS F 273 17.38 -8.82 -54.50
C CYS F 273 18.38 -7.66 -54.58
N PRO F 274 18.14 -6.68 -55.45
CA PRO F 274 19.05 -5.54 -55.51
C PRO F 274 19.14 -4.82 -54.18
N ALA F 275 20.34 -4.33 -53.88
CA ALA F 275 20.57 -3.68 -52.60
C ALA F 275 19.90 -2.32 -52.55
N ASN F 276 19.72 -1.82 -51.33
CA ASN F 276 19.15 -0.50 -51.08
C ASN F 276 17.75 -0.37 -51.66
N LYS F 277 17.00 -1.45 -51.68
CA LYS F 277 15.69 -1.45 -52.29
C LYS F 277 14.73 -2.24 -51.42
N MET F 278 13.45 -1.90 -51.55
CA MET F 278 12.39 -2.60 -50.82
C MET F 278 11.20 -2.72 -51.76
N TYR F 279 11.13 -3.84 -52.48
CA TYR F 279 10.05 -4.09 -53.41
C TYR F 279 8.81 -4.50 -52.64
N LEU F 280 7.81 -3.63 -52.55
CA LEU F 280 6.53 -4.03 -52.00
C LEU F 280 5.69 -4.59 -53.13
N LEU F 281 5.54 -5.91 -53.15
CA LEU F 281 4.88 -6.60 -54.24
C LEU F 281 3.46 -6.96 -53.83
N ASN F 282 2.56 -6.98 -54.79
CA ASN F 282 1.23 -7.51 -54.59
C ASN F 282 1.16 -8.82 -55.37
N LEU F 283 1.32 -9.93 -54.67
CA LEU F 283 1.43 -11.22 -55.33
C LEU F 283 0.15 -11.60 -56.06
N ASP F 284 -0.96 -10.97 -55.74
CA ASP F 284 -2.19 -11.27 -56.45
C ASP F 284 -2.22 -10.64 -57.84
N LYS F 285 -1.22 -9.84 -58.18
CA LYS F 285 -1.13 -9.26 -59.52
C LYS F 285 0.28 -9.39 -60.08
N LEU F 286 0.97 -10.48 -59.72
CA LEU F 286 2.34 -10.73 -60.16
C LEU F 286 2.51 -12.17 -60.59
N ALA F 287 1.62 -12.64 -61.45
CA ALA F 287 1.75 -14.01 -61.93
C ALA F 287 3.03 -14.20 -62.73
N ILE F 288 3.52 -15.43 -62.74
CA ILE F 288 4.51 -15.89 -63.70
C ILE F 288 3.79 -16.65 -64.79
N TYR F 289 4.10 -16.33 -66.04
CA TYR F 289 3.44 -16.97 -67.17
C TYR F 289 4.46 -17.74 -67.99
N SER F 290 4.12 -18.97 -68.33
CA SER F 290 4.97 -19.82 -69.13
C SER F 290 4.16 -20.38 -70.30
N PHE F 291 4.79 -20.46 -71.46
CA PHE F 291 4.14 -20.98 -72.66
C PHE F 291 4.29 -22.49 -72.68
N ASP F 292 3.17 -23.20 -72.54
CA ASP F 292 3.16 -24.65 -72.47
C ASP F 292 3.00 -25.21 -73.87
N GLN F 293 4.12 -25.46 -74.54
CA GLN F 293 4.12 -26.08 -75.85
C GLN F 293 4.32 -27.60 -75.77
N SER F 294 3.93 -28.20 -74.66
CA SER F 294 4.11 -29.64 -74.51
C SER F 294 3.29 -30.41 -75.53
N ASP F 295 2.04 -29.99 -75.75
CA ASP F 295 1.18 -30.69 -76.69
C ASP F 295 1.65 -30.56 -78.14
N ALA F 296 2.57 -29.63 -78.41
CA ALA F 296 3.15 -29.48 -79.74
C ALA F 296 4.51 -30.14 -79.84
N ASP F 297 4.71 -31.25 -79.14
CA ASP F 297 5.97 -31.97 -79.16
C ASP F 297 5.70 -33.42 -79.53
N GLN F 298 6.63 -33.99 -80.28
CA GLN F 298 6.45 -35.33 -80.81
C GLN F 298 6.39 -36.35 -79.69
N SER F 299 5.69 -37.45 -79.94
CA SER F 299 5.41 -38.43 -78.90
C SER F 299 6.66 -39.19 -78.45
N ASN F 300 7.79 -39.01 -79.11
CA ASN F 300 9.01 -39.66 -78.64
C ASN F 300 9.35 -39.19 -77.23
N GLY F 301 9.90 -40.09 -76.43
CA GLY F 301 10.20 -39.74 -75.07
C GLY F 301 11.45 -38.89 -74.93
N LYS F 302 11.59 -37.90 -75.80
CA LYS F 302 12.73 -37.02 -75.79
C LYS F 302 12.58 -35.84 -74.83
N ILE F 303 11.36 -35.50 -74.46
CA ILE F 303 11.09 -34.30 -73.67
C ILE F 303 10.26 -34.71 -72.46
N THR F 304 10.69 -34.27 -71.28
CA THR F 304 10.12 -34.80 -70.05
C THR F 304 9.39 -33.78 -69.19
N TYR F 305 9.78 -32.50 -69.23
CA TYR F 305 8.99 -31.44 -68.59
C TYR F 305 8.82 -31.69 -67.10
N ILE F 306 9.93 -31.65 -66.36
CA ILE F 306 9.83 -31.78 -64.92
C ILE F 306 9.89 -30.39 -64.30
N PRO F 307 9.24 -30.16 -63.17
CA PRO F 307 9.02 -28.79 -62.72
C PRO F 307 10.22 -28.21 -62.00
N LEU F 308 10.36 -26.89 -62.14
CA LEU F 308 11.41 -26.17 -61.44
C LEU F 308 11.19 -26.27 -59.93
N ARG F 309 12.29 -26.35 -59.19
CA ARG F 309 12.24 -26.46 -57.74
C ARG F 309 12.78 -25.18 -57.12
N TYR F 310 12.18 -24.77 -56.01
CA TYR F 310 12.55 -23.54 -55.33
C TYR F 310 12.57 -23.79 -53.84
N VAL F 311 13.56 -23.23 -53.16
CA VAL F 311 13.60 -23.23 -51.70
C VAL F 311 13.47 -21.79 -51.23
N ASP F 312 12.69 -21.58 -50.18
CA ASP F 312 12.61 -20.28 -49.54
C ASP F 312 13.68 -20.10 -48.48
N GLU F 313 14.24 -21.19 -47.96
CA GLU F 313 15.33 -21.17 -47.00
C GLU F 313 16.44 -22.09 -47.48
N THR F 314 17.57 -22.05 -46.79
CA THR F 314 18.67 -22.96 -47.09
C THR F 314 18.61 -24.25 -46.30
N GLY F 315 17.42 -24.67 -45.87
CA GLY F 315 17.33 -25.89 -45.10
C GLY F 315 16.08 -26.69 -45.34
N ASP F 316 15.43 -26.46 -46.48
CA ASP F 316 14.11 -27.04 -46.74
C ASP F 316 14.09 -27.73 -48.09
N THR F 317 13.11 -28.62 -48.24
CA THR F 317 13.00 -29.44 -49.44
C THR F 317 12.77 -28.56 -50.66
N PRO F 318 13.44 -28.86 -51.79
CA PRO F 318 13.35 -27.97 -52.96
C PRO F 318 11.94 -27.69 -53.47
N SER F 319 10.92 -28.40 -53.01
CA SER F 319 9.53 -27.95 -53.13
C SER F 319 9.17 -27.64 -54.60
N GLU F 320 9.07 -28.71 -55.39
CA GLU F 320 8.64 -28.62 -56.78
C GLU F 320 7.50 -27.63 -56.95
N SER F 321 7.66 -26.71 -57.91
CA SER F 321 6.66 -25.70 -58.21
C SER F 321 5.79 -26.15 -59.38
N THR F 322 4.91 -25.24 -59.80
CA THR F 322 4.14 -25.47 -61.00
C THR F 322 4.89 -25.06 -62.26
N LEU F 323 5.99 -24.35 -62.12
CA LEU F 323 6.77 -23.94 -63.28
C LEU F 323 7.49 -25.15 -63.85
N TRP F 324 7.19 -25.48 -65.09
CA TRP F 324 7.74 -26.66 -65.73
C TRP F 324 8.98 -26.28 -66.53
N VAL F 325 9.95 -27.19 -66.54
CA VAL F 325 11.20 -26.97 -67.26
C VAL F 325 11.38 -28.10 -68.24
N ARG F 326 11.56 -27.76 -69.51
CA ARG F 326 11.78 -28.76 -70.54
C ARG F 326 13.15 -29.39 -70.34
N LEU F 327 13.16 -30.66 -70.01
CA LEU F 327 14.39 -31.46 -70.03
C LEU F 327 14.32 -32.32 -71.28
N ALA F 328 14.94 -31.83 -72.34
CA ALA F 328 14.89 -32.47 -73.65
C ALA F 328 16.29 -32.88 -74.06
N ASP F 329 16.47 -34.17 -74.38
CA ASP F 329 17.72 -34.55 -75.00
C ASP F 329 17.73 -34.07 -76.43
N VAL F 330 18.79 -33.34 -76.80
CA VAL F 330 18.90 -32.83 -78.15
C VAL F 330 19.95 -33.67 -78.86
N SER F 331 20.04 -34.93 -78.44
CA SER F 331 20.97 -35.91 -79.00
C SER F 331 20.84 -36.00 -80.51
N ASP F 332 21.95 -36.29 -81.18
CA ASP F 332 22.00 -36.44 -82.62
C ASP F 332 21.93 -37.92 -82.97
N GLU F 333 22.15 -38.22 -84.26
CA GLU F 333 22.44 -39.60 -84.62
C GLU F 333 23.72 -40.09 -83.96
N HIS F 334 24.56 -39.16 -83.51
CA HIS F 334 25.85 -39.48 -82.89
C HIS F 334 25.62 -40.41 -81.71
N PRO F 335 26.25 -41.59 -81.68
CA PRO F 335 25.96 -42.55 -80.61
C PRO F 335 26.70 -42.25 -79.32
N ASP F 336 27.75 -41.45 -79.36
CA ASP F 336 28.62 -41.28 -78.20
C ASP F 336 28.21 -40.12 -77.30
N LEU F 337 27.16 -39.38 -77.63
CA LEU F 337 26.79 -38.20 -76.86
C LEU F 337 25.33 -38.29 -76.44
N LEU F 338 25.04 -37.80 -75.24
CA LEU F 338 23.65 -37.62 -74.82
C LEU F 338 23.16 -36.21 -75.08
N LYS F 339 23.93 -35.19 -74.68
CA LYS F 339 23.65 -33.81 -75.05
C LYS F 339 22.26 -33.38 -74.57
N PHE F 340 22.12 -33.30 -73.25
CA PHE F 340 20.83 -32.93 -72.69
C PHE F 340 20.69 -31.43 -72.62
N GLU F 341 19.44 -30.95 -72.65
CA GLU F 341 19.14 -29.54 -72.49
C GLU F 341 18.03 -29.38 -71.46
N LEU F 342 18.07 -28.26 -70.75
CA LEU F 342 17.17 -27.98 -69.65
C LEU F 342 16.79 -26.52 -69.77
N SER F 343 15.64 -26.23 -70.38
CA SER F 343 15.29 -24.88 -70.75
C SER F 343 13.93 -24.51 -70.18
N VAL F 344 13.74 -23.21 -69.95
CA VAL F 344 12.47 -22.68 -69.48
C VAL F 344 12.34 -21.25 -69.96
N ALA F 345 11.11 -20.84 -70.25
CA ALA F 345 10.82 -19.50 -70.72
C ALA F 345 9.73 -18.89 -69.85
N LEU F 346 9.93 -17.65 -69.44
CA LEU F 346 9.04 -17.00 -68.48
C LEU F 346 8.81 -15.55 -68.87
N GLN F 347 7.63 -15.06 -68.53
CA GLN F 347 7.41 -13.63 -68.47
C GLN F 347 6.87 -13.30 -67.08
N LEU F 348 7.35 -12.23 -66.50
CA LEU F 348 6.85 -11.77 -65.21
C LEU F 348 5.86 -10.65 -65.48
N VAL F 349 4.58 -11.00 -65.48
CA VAL F 349 3.55 -10.01 -65.70
C VAL F 349 3.26 -9.30 -64.38
N ALA F 350 3.16 -7.98 -64.43
CA ALA F 350 2.73 -7.18 -63.30
C ALA F 350 1.43 -6.53 -63.71
N PHE F 351 0.32 -7.25 -63.53
CA PHE F 351 -0.98 -6.64 -63.73
C PHE F 351 -1.10 -5.46 -62.78
N ASP F 352 -1.71 -4.37 -63.27
CA ASP F 352 -1.94 -3.20 -62.44
C ASP F 352 -0.61 -2.71 -61.82
N LEU F 353 0.23 -2.19 -62.71
CA LEU F 353 1.60 -1.87 -62.34
C LEU F 353 1.67 -0.98 -61.12
N ILE F 354 0.71 -0.07 -60.94
CA ILE F 354 0.69 0.77 -59.75
C ILE F 354 0.20 0.00 -58.53
N ASP F 355 -0.22 -1.25 -58.71
CA ASP F 355 -0.59 -2.12 -57.60
C ASP F 355 0.39 -3.25 -57.38
N SER F 356 1.02 -3.74 -58.45
CA SER F 356 1.89 -4.89 -58.31
C SER F 356 3.20 -4.51 -57.66
N ILE F 357 3.94 -3.57 -58.25
CA ILE F 357 5.26 -3.22 -57.78
C ILE F 357 5.19 -1.90 -57.04
N SER F 358 5.82 -1.82 -55.88
CA SER F 358 6.00 -0.56 -55.19
C SER F 358 7.37 -0.58 -54.53
N VAL F 359 8.24 0.32 -54.95
CA VAL F 359 9.66 0.23 -54.66
C VAL F 359 10.06 1.41 -53.78
N ILE F 360 10.84 1.13 -52.74
CA ILE F 360 11.53 2.16 -51.99
C ILE F 360 12.98 2.13 -52.42
N ARG F 361 13.46 3.24 -52.96
CA ARG F 361 14.58 3.22 -53.88
C ARG F 361 15.93 3.46 -53.22
N ASP F 362 16.00 4.27 -52.19
CA ASP F 362 17.29 4.68 -51.63
C ASP F 362 17.35 4.33 -50.16
N ILE F 363 17.71 3.10 -49.85
CA ILE F 363 17.91 2.66 -48.48
C ILE F 363 19.39 2.72 -48.15
N THR F 364 19.72 3.12 -46.93
CA THR F 364 21.12 3.34 -46.60
C THR F 364 21.93 2.05 -46.66
N GLN F 365 21.30 0.91 -46.40
CA GLN F 365 22.01 -0.36 -46.46
C GLN F 365 21.06 -1.55 -46.53
N LEU G 3 6.21 -21.60 -90.88
CA LEU G 3 4.82 -21.57 -91.28
C LEU G 3 4.12 -20.33 -90.74
N THR G 4 4.85 -19.22 -90.75
CA THR G 4 4.25 -17.95 -90.39
C THR G 4 3.27 -17.48 -91.45
N ASN G 5 3.52 -17.85 -92.71
CA ASN G 5 2.69 -17.38 -93.81
C ASN G 5 1.23 -17.75 -93.60
N LEU G 6 0.96 -19.03 -93.34
CA LEU G 6 -0.40 -19.51 -93.24
C LEU G 6 -0.95 -19.46 -91.83
N THR G 7 -0.23 -18.83 -90.90
CA THR G 7 -0.73 -18.53 -89.57
C THR G 7 -0.60 -17.02 -89.39
N PRO G 8 -1.45 -16.25 -90.05
CA PRO G 8 -1.30 -14.80 -90.04
C PRO G 8 -1.66 -14.23 -88.68
N THR G 9 -1.08 -13.05 -88.40
CA THR G 9 -1.33 -12.42 -87.11
C THR G 9 -2.77 -11.96 -86.97
N GLU G 10 -3.41 -11.54 -88.06
CA GLU G 10 -4.77 -11.03 -88.00
C GLU G 10 -5.84 -12.11 -88.03
N LEU G 11 -5.47 -13.38 -88.04
CA LEU G 11 -6.44 -14.46 -87.94
C LEU G 11 -6.48 -15.09 -86.55
N LEU G 12 -5.34 -15.48 -86.02
CA LEU G 12 -5.27 -15.99 -84.66
C LEU G 12 -5.36 -14.83 -83.67
N ALA G 13 -6.28 -14.93 -82.73
CA ALA G 13 -6.56 -13.86 -81.78
C ALA G 13 -6.16 -14.35 -80.40
N ASN G 14 -5.06 -13.80 -79.89
CA ASN G 14 -4.58 -14.20 -78.57
C ASN G 14 -5.57 -13.77 -77.50
N LYS G 15 -5.76 -14.65 -76.52
CA LYS G 15 -6.81 -14.51 -75.52
C LYS G 15 -6.28 -13.74 -74.33
N ALA G 16 -7.15 -12.92 -73.73
CA ALA G 16 -6.76 -12.16 -72.56
C ALA G 16 -7.01 -12.97 -71.29
N VAL G 17 -6.49 -12.47 -70.17
CA VAL G 17 -6.61 -13.17 -68.89
C VAL G 17 -7.80 -12.68 -68.08
N ASP G 18 -8.68 -11.89 -68.69
CA ASP G 18 -9.92 -11.44 -68.06
C ASP G 18 -9.63 -10.72 -66.73
N TYR G 19 -8.71 -9.77 -66.77
CA TYR G 19 -8.43 -8.91 -65.64
C TYR G 19 -8.35 -7.48 -66.13
N LEU G 20 -8.89 -6.56 -65.32
CA LEU G 20 -8.78 -5.13 -65.58
C LEU G 20 -8.15 -4.45 -64.39
N ALA G 21 -7.15 -3.61 -64.64
CA ALA G 21 -6.44 -2.93 -63.56
C ALA G 21 -7.27 -1.76 -63.03
N ASN G 22 -8.49 -2.08 -62.61
CA ASN G 22 -9.43 -1.09 -62.11
C ASN G 22 -9.32 -0.93 -60.61
N SER G 23 -8.11 -0.71 -60.14
CA SER G 23 -7.86 -0.44 -58.74
C SER G 23 -7.43 1.02 -58.64
N PHE G 24 -8.40 1.90 -58.56
CA PHE G 24 -8.16 3.30 -58.31
C PHE G 24 -8.49 3.60 -56.86
N LEU G 25 -8.42 4.87 -56.49
CA LEU G 25 -8.73 5.28 -55.12
C LEU G 25 -10.24 5.36 -54.93
N VAL G 26 -10.88 4.22 -55.11
CA VAL G 26 -12.23 4.05 -54.58
C VAL G 26 -12.07 3.64 -53.13
N GLU G 27 -12.07 4.64 -52.25
CA GLU G 27 -12.02 4.40 -50.80
C GLU G 27 -12.46 5.69 -50.13
N THR G 28 -13.63 5.66 -49.50
CA THR G 28 -14.25 6.86 -48.95
C THR G 28 -14.70 6.58 -47.52
N PRO G 29 -13.75 6.44 -46.60
CA PRO G 29 -14.16 6.16 -45.22
C PRO G 29 -14.95 7.28 -44.58
N MET G 30 -14.66 8.54 -44.91
CA MET G 30 -15.48 9.61 -44.34
C MET G 30 -16.87 9.59 -44.93
N LEU G 31 -16.98 9.50 -46.26
CA LEU G 31 -18.27 9.20 -46.85
C LEU G 31 -18.77 7.86 -46.39
N GLY G 32 -17.88 6.90 -46.15
CA GLY G 32 -18.30 5.62 -45.61
C GLY G 32 -18.97 5.77 -44.27
N LEU G 33 -18.40 6.58 -43.40
CA LEU G 33 -19.12 7.06 -42.25
C LEU G 33 -20.30 7.89 -42.74
N LEU G 34 -21.39 7.86 -42.00
CA LEU G 34 -22.57 8.70 -42.33
C LEU G 34 -23.03 8.52 -43.78
N ALA G 35 -22.94 7.30 -44.30
CA ALA G 35 -23.56 6.93 -45.57
C ALA G 35 -24.74 6.00 -45.40
N ASN G 36 -24.67 5.08 -44.44
CA ASN G 36 -25.83 4.27 -44.11
C ASN G 36 -26.96 5.13 -43.58
N ARG G 37 -26.66 6.36 -43.19
CA ARG G 37 -27.62 7.30 -42.63
C ARG G 37 -27.78 8.51 -43.54
N VAL G 38 -27.62 8.32 -44.84
CA VAL G 38 -28.04 9.35 -45.77
C VAL G 38 -29.56 9.34 -45.83
N ILE G 39 -30.16 10.50 -45.65
CA ILE G 39 -31.61 10.62 -45.64
C ILE G 39 -32.03 11.37 -46.90
N ASN G 40 -32.88 10.74 -47.70
CA ASN G 40 -33.35 11.28 -48.95
C ASN G 40 -34.70 11.92 -48.66
N GLN G 41 -34.70 13.23 -48.47
CA GLN G 41 -35.95 13.95 -48.31
C GLN G 41 -36.68 14.03 -49.64
N LYS G 42 -38.00 14.08 -49.57
CA LYS G 42 -38.77 14.46 -50.73
C LYS G 42 -38.88 15.97 -50.86
N GLN G 43 -38.21 16.71 -49.98
CA GLN G 43 -38.16 18.16 -50.09
C GLN G 43 -36.73 18.60 -50.37
N LYS G 44 -36.64 19.79 -50.91
CA LYS G 44 -35.38 20.31 -51.40
C LYS G 44 -34.50 20.85 -50.29
N ALA G 45 -35.08 21.49 -49.30
CA ALA G 45 -34.32 22.25 -48.31
C ALA G 45 -34.35 21.55 -46.96
N ILE G 46 -33.30 21.78 -46.20
CA ILE G 46 -33.08 21.17 -44.90
C ILE G 46 -33.38 22.22 -43.85
N GLU G 47 -34.18 21.89 -42.86
CA GLU G 47 -34.35 22.83 -41.77
C GLU G 47 -34.39 22.09 -40.45
N TRP G 48 -33.84 22.71 -39.42
CA TRP G 48 -33.91 22.16 -38.08
C TRP G 48 -33.66 23.29 -37.10
N GLY G 49 -33.77 22.98 -35.81
CA GLY G 49 -33.62 23.97 -34.77
C GLY G 49 -32.27 23.88 -34.10
N ALA G 50 -31.82 24.99 -33.55
CA ALA G 50 -30.55 25.03 -32.82
C ALA G 50 -30.74 25.98 -31.64
N LYS G 51 -30.79 25.43 -30.44
CA LYS G 51 -30.91 26.30 -29.27
C LYS G 51 -29.59 27.01 -29.12
N VAL G 52 -29.53 28.26 -29.57
CA VAL G 52 -28.28 28.99 -29.57
C VAL G 52 -27.96 29.53 -28.19
N ALA G 53 -28.85 30.33 -27.65
CA ALA G 53 -28.68 30.80 -26.29
C ALA G 53 -29.47 29.90 -25.36
N GLN G 54 -29.06 29.89 -24.11
CA GLN G 54 -29.73 29.12 -23.09
C GLN G 54 -30.32 30.09 -22.07
N GLY G 55 -31.42 29.70 -21.45
CA GLY G 55 -32.05 30.56 -20.46
C GLY G 55 -31.11 30.88 -19.32
N VAL G 56 -31.50 31.88 -18.55
CA VAL G 56 -30.79 32.22 -17.33
C VAL G 56 -31.64 31.77 -16.15
N VAL G 57 -31.07 31.85 -14.95
CA VAL G 57 -31.79 31.52 -13.74
C VAL G 57 -31.67 32.71 -12.80
N GLY G 58 -32.80 33.32 -12.47
CA GLY G 58 -32.86 34.36 -11.46
C GLY G 58 -33.16 33.78 -10.10
N GLY G 59 -33.76 34.59 -9.25
CA GLY G 59 -34.13 34.11 -7.94
C GLY G 59 -35.04 35.10 -7.24
N ARG G 60 -35.68 34.61 -6.19
CA ARG G 60 -36.56 35.45 -5.38
C ARG G 60 -36.67 34.82 -4.01
N THR G 61 -36.99 35.65 -3.03
CA THR G 61 -37.33 35.11 -1.73
C THR G 61 -38.63 34.32 -1.82
N ARG G 62 -38.95 33.60 -0.74
CA ARG G 62 -40.14 32.74 -0.78
C ARG G 62 -41.40 33.55 -0.97
N THR G 63 -41.41 34.80 -0.50
CA THR G 63 -42.55 35.68 -0.67
C THR G 63 -42.21 36.88 -1.55
N GLY G 64 -41.09 36.82 -2.26
CA GLY G 64 -40.71 37.91 -3.13
C GLY G 64 -41.48 37.92 -4.42
N ALA G 65 -41.35 39.02 -5.14
CA ALA G 65 -42.03 39.18 -6.41
C ALA G 65 -41.48 38.17 -7.42
N LEU G 66 -42.12 38.13 -8.58
CA LEU G 66 -41.81 37.13 -9.59
C LEU G 66 -40.83 37.63 -10.65
N ALA G 67 -41.20 38.67 -11.39
CA ALA G 67 -40.27 39.42 -12.24
C ALA G 67 -39.49 38.49 -13.19
N ASN G 68 -40.24 37.93 -14.13
CA ASN G 68 -39.72 36.90 -15.03
C ASN G 68 -38.39 37.31 -15.66
N ASP G 69 -37.56 36.31 -15.91
CA ASP G 69 -36.22 36.50 -16.43
C ASP G 69 -36.10 35.85 -17.81
N THR G 70 -35.04 36.22 -18.52
CA THR G 70 -34.90 35.90 -19.93
C THR G 70 -34.65 34.41 -20.15
N GLN G 71 -34.96 33.96 -21.36
CA GLN G 71 -34.82 32.58 -21.78
C GLN G 71 -33.94 32.51 -23.03
N GLY G 72 -33.64 31.29 -23.46
CA GLY G 72 -32.70 31.08 -24.53
C GLY G 72 -33.36 31.05 -25.89
N THR G 73 -32.59 31.47 -26.90
CA THR G 73 -33.09 31.52 -28.26
C THR G 73 -32.97 30.16 -28.93
N ILE G 74 -33.93 29.87 -29.80
CA ILE G 74 -33.88 28.73 -30.69
C ILE G 74 -33.87 29.29 -32.09
N LYS G 75 -32.76 29.13 -32.81
CA LYS G 75 -32.64 29.66 -34.15
C LYS G 75 -32.92 28.57 -35.18
N GLY G 76 -33.45 28.99 -36.32
CA GLY G 76 -33.77 28.05 -37.37
C GLY G 76 -32.63 27.87 -38.34
N ALA G 77 -31.90 26.78 -38.21
CA ALA G 77 -30.85 26.46 -39.16
C ALA G 77 -31.47 25.91 -40.43
N SER G 78 -31.04 26.44 -41.56
CA SER G 78 -31.70 26.15 -42.84
C SER G 78 -30.63 25.96 -43.92
N LEU G 79 -30.37 24.71 -44.26
CA LEU G 79 -29.52 24.36 -45.37
C LEU G 79 -30.41 23.95 -46.53
N SER G 80 -29.82 23.41 -47.60
CA SER G 80 -30.59 22.96 -48.73
C SER G 80 -29.77 22.00 -49.55
N VAL G 81 -30.38 20.92 -50.00
CA VAL G 81 -29.75 20.06 -50.99
C VAL G 81 -29.58 20.93 -52.22
N PRO G 82 -28.37 21.17 -52.69
CA PRO G 82 -28.14 22.29 -53.60
C PRO G 82 -28.77 22.07 -54.97
N ASP G 83 -28.94 23.18 -55.68
CA ASP G 83 -29.30 23.15 -57.09
C ASP G 83 -28.11 22.74 -57.93
N TYR G 84 -27.54 21.57 -57.70
CA TYR G 84 -26.33 21.30 -58.44
C TYR G 84 -25.98 19.84 -58.24
N TYR G 85 -25.43 19.22 -59.29
CA TYR G 85 -25.09 17.81 -59.31
C TYR G 85 -23.61 17.54 -59.40
N ILE G 86 -23.19 16.46 -58.76
CA ILE G 86 -21.90 15.85 -59.04
C ILE G 86 -22.18 14.84 -60.15
N LYS G 87 -22.24 15.34 -61.37
CA LYS G 87 -22.70 14.52 -62.48
C LYS G 87 -21.54 13.84 -63.17
N HIS G 88 -21.85 12.75 -63.85
CA HIS G 88 -20.94 12.17 -64.84
C HIS G 88 -21.78 11.60 -65.96
N GLN G 89 -21.51 12.06 -67.17
CA GLN G 89 -22.27 11.70 -68.35
C GLN G 89 -21.35 11.04 -69.36
N PHE G 90 -21.90 10.11 -70.13
CA PHE G 90 -21.13 9.52 -71.21
C PHE G 90 -22.06 9.08 -72.32
N ASP G 91 -21.74 9.46 -73.55
CA ASP G 91 -22.50 9.01 -74.70
C ASP G 91 -21.86 7.76 -75.27
N VAL G 92 -22.66 6.74 -75.50
CA VAL G 92 -22.19 5.48 -76.04
C VAL G 92 -23.09 5.09 -77.18
N GLY G 93 -22.50 4.70 -78.31
CA GLY G 93 -23.28 4.14 -79.39
C GLY G 93 -23.69 2.72 -79.04
N LYS G 94 -24.92 2.36 -79.38
CA LYS G 94 -25.37 1.00 -79.16
C LYS G 94 -24.51 0.02 -79.93
N ASP G 95 -23.95 0.45 -81.06
CA ASP G 95 -23.01 -0.40 -81.78
C ASP G 95 -21.79 -0.71 -80.94
N GLU G 96 -21.27 0.29 -80.22
CA GLU G 96 -20.15 0.03 -79.33
C GLU G 96 -20.52 -1.01 -78.29
N ILE G 97 -21.70 -0.89 -77.70
CA ILE G 97 -22.10 -1.83 -76.66
C ILE G 97 -22.16 -3.23 -77.22
N VAL G 98 -22.88 -3.41 -78.33
CA VAL G 98 -23.10 -4.77 -78.83
C VAL G 98 -21.81 -5.35 -79.38
N ASN G 99 -21.07 -4.58 -80.17
CA ASN G 99 -19.83 -5.05 -80.75
C ASN G 99 -18.80 -5.36 -79.68
N SER G 100 -18.70 -4.53 -78.64
CA SER G 100 -17.75 -4.76 -77.58
C SER G 100 -18.16 -5.97 -76.75
N ASP G 101 -19.45 -6.15 -76.51
CA ASP G 101 -19.90 -7.35 -75.83
C ASP G 101 -19.56 -8.60 -76.62
N ALA G 102 -19.76 -8.54 -77.93
CA ALA G 102 -19.45 -9.70 -78.76
C ALA G 102 -17.94 -9.92 -78.84
N THR G 103 -17.16 -8.85 -78.85
CA THR G 103 -15.75 -8.92 -79.18
C THR G 103 -14.86 -8.41 -78.05
N GLY G 104 -15.30 -8.57 -76.80
CA GLY G 104 -14.50 -8.11 -75.69
C GLY G 104 -13.67 -9.23 -75.09
N LYS G 105 -12.35 -9.08 -75.10
CA LYS G 105 -11.49 -10.14 -74.55
C LYS G 105 -11.69 -10.27 -73.05
N ILE G 106 -11.85 -9.16 -72.34
CA ILE G 106 -11.99 -9.17 -70.91
C ILE G 106 -13.40 -8.77 -70.53
N SER G 107 -13.84 -9.19 -69.35
CA SER G 107 -15.20 -8.92 -68.93
C SER G 107 -15.46 -7.44 -68.69
N ALA G 108 -14.42 -6.65 -68.47
CA ALA G 108 -14.61 -5.22 -68.25
C ALA G 108 -14.72 -4.44 -69.55
N VAL G 109 -14.55 -5.09 -70.69
CA VAL G 109 -14.78 -4.46 -71.98
C VAL G 109 -16.05 -4.94 -72.64
N ARG G 110 -16.52 -6.15 -72.32
CA ARG G 110 -17.77 -6.63 -72.87
C ARG G 110 -18.96 -5.76 -72.48
N ASP G 111 -18.83 -4.95 -71.44
CA ASP G 111 -19.86 -3.97 -71.08
C ASP G 111 -19.18 -2.63 -70.87
N PRO G 112 -18.90 -1.90 -71.95
CA PRO G 112 -18.37 -0.54 -71.78
C PRO G 112 -19.34 0.35 -71.04
N VAL G 113 -20.64 0.12 -71.21
CA VAL G 113 -21.61 0.85 -70.41
C VAL G 113 -21.48 0.45 -68.94
N GLY G 114 -21.46 -0.84 -68.66
CA GLY G 114 -21.31 -1.27 -67.28
C GLY G 114 -20.00 -0.83 -66.67
N THR G 115 -18.92 -0.91 -67.44
CA THR G 115 -17.62 -0.48 -66.95
C THR G 115 -17.59 1.02 -66.71
N ALA G 116 -18.18 1.80 -67.61
CA ALA G 116 -18.25 3.24 -67.40
C ALA G 116 -19.13 3.58 -66.21
N ILE G 117 -20.18 2.80 -65.98
CA ILE G 117 -21.02 3.00 -64.81
C ILE G 117 -20.23 2.74 -63.54
N ALA G 118 -19.48 1.64 -63.52
CA ALA G 118 -18.68 1.33 -62.34
C ALA G 118 -17.60 2.38 -62.12
N ASP G 119 -16.96 2.82 -63.20
CA ASP G 119 -15.94 3.86 -63.10
C ASP G 119 -16.54 5.16 -62.58
N ALA G 120 -17.71 5.53 -63.10
CA ALA G 120 -18.37 6.75 -62.64
C ALA G 120 -18.80 6.62 -61.19
N PHE G 121 -19.27 5.45 -60.79
CA PHE G 121 -19.64 5.25 -59.39
C PHE G 121 -18.43 5.37 -58.48
N ASP G 122 -17.30 4.78 -58.87
CA ASP G 122 -16.10 4.86 -58.06
C ASP G 122 -15.62 6.30 -57.94
N VAL G 123 -15.45 6.98 -59.08
CA VAL G 123 -14.99 8.35 -59.06
C VAL G 123 -16.02 9.27 -58.43
N LEU G 124 -17.30 8.92 -58.48
CA LEU G 124 -18.34 9.73 -57.88
C LEU G 124 -18.34 9.60 -56.37
N SER G 125 -18.17 8.38 -55.86
CA SER G 125 -17.99 8.19 -54.43
C SER G 125 -16.74 8.92 -53.96
N LYS G 126 -15.66 8.85 -54.74
CA LYS G 126 -14.42 9.48 -54.32
C LYS G 126 -14.54 11.00 -54.35
N LYS G 127 -15.24 11.56 -55.35
CA LYS G 127 -15.44 12.99 -55.37
C LYS G 127 -16.36 13.42 -54.24
N ILE G 128 -17.37 12.62 -53.94
CA ILE G 128 -18.26 12.93 -52.82
C ILE G 128 -17.47 12.98 -51.52
N ASN G 129 -16.58 12.02 -51.32
CA ASN G 129 -15.74 12.05 -50.14
C ASN G 129 -14.85 13.28 -50.13
N SER G 130 -14.27 13.61 -51.29
CA SER G 130 -13.40 14.78 -51.37
C SER G 130 -14.17 16.06 -51.06
N VAL G 131 -15.36 16.21 -51.65
CA VAL G 131 -16.06 17.47 -51.51
C VAL G 131 -16.60 17.62 -50.09
N LEU G 132 -17.00 16.51 -49.46
CA LEU G 132 -17.56 16.56 -48.11
C LEU G 132 -16.56 17.07 -47.09
N TYR G 133 -15.32 17.35 -47.50
CA TYR G 133 -14.30 17.88 -46.61
C TYR G 133 -14.14 19.39 -46.74
N THR G 134 -13.81 19.86 -47.94
CA THR G 134 -13.56 21.27 -48.19
C THR G 134 -14.47 21.71 -49.33
N ALA G 135 -15.68 22.13 -48.98
CA ALA G 135 -16.66 22.58 -49.96
C ALA G 135 -17.29 23.85 -49.43
N SER G 136 -16.90 24.99 -49.99
CA SER G 136 -17.34 26.27 -49.47
C SER G 136 -18.84 26.47 -49.58
N GLY G 137 -19.56 25.57 -50.25
CA GLY G 137 -20.98 25.67 -50.41
C GLY G 137 -21.42 26.30 -51.72
N VAL G 138 -20.53 27.04 -52.39
CA VAL G 138 -20.87 27.55 -53.71
C VAL G 138 -20.96 26.37 -54.68
N ALA G 139 -21.76 26.55 -55.73
CA ALA G 139 -21.94 25.52 -56.75
C ALA G 139 -21.15 25.94 -57.98
N ASP G 140 -19.93 25.40 -58.11
CA ASP G 140 -19.09 25.73 -59.26
C ASP G 140 -18.28 24.54 -59.75
N ALA G 141 -18.84 23.32 -59.64
CA ALA G 141 -18.24 22.10 -60.16
C ALA G 141 -16.97 21.66 -59.43
N THR G 142 -16.48 22.49 -58.51
CA THR G 142 -15.39 22.08 -57.63
C THR G 142 -15.94 21.66 -56.27
N ASN G 143 -16.65 22.58 -55.62
CA ASN G 143 -17.61 22.24 -54.59
C ASN G 143 -19.00 22.34 -55.20
N TYR G 144 -19.86 21.41 -54.83
CA TYR G 144 -21.09 21.14 -55.58
C TYR G 144 -22.32 21.62 -54.82
N GLY G 145 -22.21 22.79 -54.19
CA GLY G 145 -23.21 23.25 -53.27
C GLY G 145 -23.15 22.59 -51.93
N ILE G 146 -22.34 21.54 -51.78
CA ILE G 146 -22.14 20.91 -50.50
C ILE G 146 -21.34 21.84 -49.60
N PHE G 147 -21.56 21.73 -48.30
CA PHE G 147 -20.87 22.60 -47.36
C PHE G 147 -19.72 21.91 -46.64
N GLY G 148 -19.64 20.60 -46.71
CA GLY G 148 -18.45 19.92 -46.23
C GLY G 148 -18.22 20.16 -44.75
N LEU G 149 -16.97 20.44 -44.41
CA LEU G 149 -16.62 20.64 -43.01
C LEU G 149 -15.86 21.95 -42.85
N ASP G 150 -15.15 22.39 -43.89
CA ASP G 150 -14.47 23.66 -43.80
C ASP G 150 -15.36 24.85 -44.14
N ALA G 151 -16.57 24.60 -44.63
CA ALA G 151 -17.59 25.64 -44.65
C ALA G 151 -18.65 25.43 -43.58
N ALA G 152 -18.84 24.19 -43.14
CA ALA G 152 -19.75 23.95 -42.04
C ALA G 152 -19.14 24.51 -40.77
N ALA G 153 -18.01 23.96 -40.34
CA ALA G 153 -17.39 24.43 -39.11
C ALA G 153 -16.55 25.67 -39.33
N GLY G 154 -15.99 25.83 -40.51
CA GLY G 154 -15.02 26.88 -40.77
C GLY G 154 -13.64 26.31 -41.03
N THR G 155 -12.74 27.22 -41.42
CA THR G 155 -11.39 26.81 -41.77
C THR G 155 -10.42 26.97 -40.61
N THR G 156 -10.30 28.19 -40.10
CA THR G 156 -9.28 28.56 -39.13
C THR G 156 -9.93 28.82 -37.78
N VAL G 157 -9.12 29.28 -36.82
CA VAL G 157 -9.69 29.72 -35.55
C VAL G 157 -10.53 30.97 -35.76
N ALA G 158 -9.99 31.94 -36.49
CA ALA G 158 -10.75 33.15 -36.80
C ALA G 158 -11.95 32.83 -37.68
N ASN G 159 -11.75 31.97 -38.69
CA ASN G 159 -12.84 31.66 -39.62
C ASN G 159 -13.92 30.82 -38.97
N SER G 160 -13.64 30.21 -37.81
CA SER G 160 -14.69 29.51 -37.09
C SER G 160 -15.80 30.47 -36.69
N ALA G 161 -15.43 31.65 -36.22
CA ALA G 161 -16.37 32.75 -36.03
C ALA G 161 -16.57 33.45 -37.38
N THR G 162 -17.24 34.59 -37.38
CA THR G 162 -17.34 35.47 -38.54
C THR G 162 -18.05 34.80 -39.71
N GLY G 163 -18.54 33.58 -39.52
CA GLY G 163 -19.18 32.84 -40.57
C GLY G 163 -20.69 32.73 -40.36
N THR G 164 -21.32 32.10 -41.34
CA THR G 164 -22.74 31.80 -41.28
C THR G 164 -22.95 30.39 -41.81
N TYR G 165 -23.48 29.50 -40.99
CA TYR G 165 -23.73 28.13 -41.40
C TYR G 165 -25.21 27.84 -41.24
N ALA G 166 -25.83 27.33 -42.29
CA ALA G 166 -27.24 26.98 -42.29
C ALA G 166 -28.13 28.17 -42.01
N GLY G 167 -27.64 29.37 -42.26
CA GLY G 167 -28.38 30.58 -42.03
C GLY G 167 -28.15 31.22 -40.68
N ILE G 168 -27.67 30.47 -39.70
CA ILE G 168 -27.32 31.04 -38.42
C ILE G 168 -25.93 31.64 -38.52
N SER G 169 -25.79 32.89 -38.11
CA SER G 169 -24.48 33.53 -38.13
C SER G 169 -23.66 32.99 -36.97
N LYS G 170 -22.43 32.57 -37.26
CA LYS G 170 -21.54 32.15 -36.20
C LYS G 170 -20.91 33.33 -35.47
N VAL G 171 -21.27 34.55 -35.82
CA VAL G 171 -20.75 35.73 -35.16
C VAL G 171 -21.71 36.26 -34.12
N THR G 172 -23.00 36.33 -34.43
CA THR G 172 -24.00 36.79 -33.48
C THR G 172 -24.57 35.66 -32.65
N PHE G 173 -24.26 34.42 -32.98
CA PHE G 173 -24.74 33.25 -32.27
C PHE G 173 -23.54 32.37 -31.96
N PRO G 174 -22.77 32.71 -30.93
CA PRO G 174 -21.51 32.00 -30.68
C PRO G 174 -21.69 30.53 -30.38
N ARG G 175 -22.87 30.09 -29.98
CA ARG G 175 -23.10 28.67 -29.85
C ARG G 175 -23.00 27.98 -31.20
N TRP G 176 -23.30 28.69 -32.28
CA TRP G 176 -23.28 28.14 -33.61
C TRP G 176 -21.90 28.19 -34.24
N ARG G 177 -20.84 28.30 -33.44
CA ARG G 177 -19.51 28.14 -33.97
C ARG G 177 -19.10 26.69 -33.81
N SER G 178 -17.84 26.38 -34.07
CA SER G 178 -17.30 25.07 -33.75
C SER G 178 -16.04 25.23 -32.90
N ILE G 179 -15.35 24.13 -32.66
CA ILE G 179 -14.26 24.13 -31.69
C ILE G 179 -12.94 24.09 -32.44
N ILE G 180 -12.94 24.64 -33.65
CA ILE G 180 -11.72 24.73 -34.42
C ILE G 180 -10.68 25.47 -33.61
N GLN G 181 -9.60 24.80 -33.22
CA GLN G 181 -8.56 25.51 -32.49
C GLN G 181 -7.20 24.93 -32.83
N GLY G 182 -6.24 25.83 -33.02
CA GLY G 182 -4.85 25.46 -33.19
C GLY G 182 -4.13 25.52 -31.86
N GLY G 183 -2.82 25.76 -31.92
CA GLY G 183 -2.03 25.85 -30.71
C GLY G 183 -1.44 27.21 -30.46
N ALA G 184 -0.18 27.37 -30.85
CA ALA G 184 0.48 28.68 -30.84
C ALA G 184 -0.03 29.46 -32.04
N VAL G 185 0.66 30.51 -32.42
CA VAL G 185 0.26 31.35 -33.56
C VAL G 185 -0.29 30.46 -34.67
N PRO G 186 -1.55 30.67 -35.07
CA PRO G 186 -2.25 29.67 -35.86
C PRO G 186 -1.65 29.51 -37.25
N GLY G 187 -1.86 28.32 -37.81
CA GLY G 187 -1.29 28.02 -39.11
C GLY G 187 0.19 27.77 -39.07
N THR G 188 0.71 27.27 -37.95
CA THR G 188 2.11 26.95 -37.83
C THR G 188 2.37 25.48 -37.50
N ASN G 189 1.32 24.69 -37.31
CA ASN G 189 1.39 23.24 -37.36
C ASN G 189 2.37 22.69 -36.31
N GLU G 190 1.97 22.84 -35.05
CA GLU G 190 2.76 22.24 -33.98
C GLU G 190 2.65 20.73 -34.03
N ALA G 191 3.31 20.07 -33.09
CA ALA G 191 3.52 18.63 -33.13
C ALA G 191 2.28 17.84 -32.74
N LEU G 192 1.16 18.49 -32.42
CA LEU G 192 -0.01 17.82 -31.86
C LEU G 192 0.39 17.05 -30.59
N THR G 193 0.75 17.83 -29.58
CA THR G 193 0.87 17.24 -28.25
C THR G 193 -0.48 16.69 -27.82
N ILE G 194 -0.45 15.67 -26.96
CA ILE G 194 -1.69 15.14 -26.43
C ILE G 194 -2.44 16.22 -25.66
N ALA G 195 -1.72 17.20 -25.11
CA ALA G 195 -2.37 18.31 -24.44
C ALA G 195 -3.27 19.08 -25.40
N ARG G 196 -2.90 19.18 -26.67
CA ARG G 196 -3.79 19.81 -27.64
C ARG G 196 -5.06 18.99 -27.83
N MET G 197 -4.94 17.67 -27.83
CA MET G 197 -6.11 16.85 -28.05
C MET G 197 -7.00 16.82 -26.81
N THR G 198 -6.40 16.85 -25.62
CA THR G 198 -7.18 17.05 -24.41
C THR G 198 -7.85 18.42 -24.45
N ALA G 199 -7.17 19.43 -25.01
CA ALA G 199 -7.80 20.74 -25.15
C ALA G 199 -9.01 20.67 -26.05
N MET G 200 -8.91 19.92 -27.15
CA MET G 200 -10.08 19.64 -27.97
C MET G 200 -11.20 19.03 -27.17
N LEU G 201 -10.91 17.95 -26.46
CA LEU G 201 -11.98 17.24 -25.77
C LEU G 201 -12.56 18.08 -24.64
N ARG G 202 -11.75 18.87 -23.97
CA ARG G 202 -12.26 19.70 -22.88
C ARG G 202 -13.04 20.88 -23.38
N ALA G 203 -12.56 21.57 -24.42
CA ALA G 203 -13.34 22.64 -25.02
C ALA G 203 -14.62 22.11 -25.63
N ARG G 204 -14.63 20.84 -26.02
CA ARG G 204 -15.85 20.21 -26.50
C ARG G 204 -16.79 19.90 -25.35
N ARG G 205 -16.25 19.41 -24.23
CA ARG G 205 -17.07 19.08 -23.09
C ARG G 205 -17.67 20.31 -22.44
N THR G 206 -16.87 21.38 -22.31
CA THR G 206 -17.39 22.64 -21.77
C THR G 206 -18.53 23.17 -22.60
N ALA G 207 -18.60 22.79 -23.87
CA ALA G 207 -19.71 23.18 -24.73
C ALA G 207 -20.83 22.17 -24.70
N GLY G 208 -20.95 21.40 -23.63
CA GLY G 208 -22.05 20.48 -23.48
C GLY G 208 -22.12 19.42 -24.55
N VAL G 209 -21.00 19.14 -25.18
CA VAL G 209 -20.95 18.24 -26.32
C VAL G 209 -20.27 16.95 -25.86
N THR G 210 -20.72 15.84 -26.42
CA THR G 210 -20.06 14.57 -26.14
C THR G 210 -18.59 14.65 -26.50
N TYR G 211 -17.77 14.09 -25.63
CA TYR G 211 -16.33 14.23 -25.72
C TYR G 211 -15.62 12.92 -25.48
N LYS G 212 -16.34 11.80 -25.50
CA LYS G 212 -15.77 10.48 -25.33
C LYS G 212 -16.51 9.52 -26.23
N GLY G 213 -16.09 8.26 -26.21
CA GLY G 213 -16.87 7.24 -26.89
C GLY G 213 -17.99 6.67 -26.06
N ASN G 214 -17.89 6.76 -24.74
CA ASN G 214 -18.95 6.24 -23.88
C ASN G 214 -20.24 7.01 -24.08
N GLN G 215 -20.15 8.34 -24.19
CA GLN G 215 -21.33 9.13 -24.47
C GLN G 215 -22.02 8.62 -25.72
N ASN G 216 -23.27 8.25 -25.58
CA ASN G 216 -23.96 7.49 -26.62
C ASN G 216 -24.27 8.37 -27.83
N GLN G 217 -23.21 8.81 -28.51
CA GLN G 217 -23.44 9.62 -29.69
C GLN G 217 -22.39 9.39 -30.77
N ARG G 218 -21.47 8.42 -30.60
CA ARG G 218 -20.74 7.84 -31.72
C ARG G 218 -19.90 8.90 -32.46
N LEU G 219 -18.85 9.33 -31.78
CA LEU G 219 -17.93 10.29 -32.36
C LEU G 219 -17.05 9.61 -33.42
N VAL G 220 -16.15 10.39 -34.03
CA VAL G 220 -15.09 9.84 -34.87
C VAL G 220 -14.07 10.93 -35.06
N ILE G 221 -12.84 10.55 -35.43
CA ILE G 221 -11.80 11.49 -35.77
C ILE G 221 -11.28 11.15 -37.16
N LEU G 222 -11.03 12.17 -37.96
CA LEU G 222 -10.56 12.02 -39.33
C LEU G 222 -9.22 12.70 -39.49
N THR G 223 -8.24 11.96 -40.01
CA THR G 223 -6.93 12.50 -40.28
C THR G 223 -6.54 12.15 -41.70
N SER G 224 -5.49 12.78 -42.17
CA SER G 224 -5.05 12.71 -43.55
C SER G 224 -4.34 11.42 -43.89
N ASP G 225 -4.27 10.47 -42.96
CA ASP G 225 -3.49 9.25 -43.07
C ASP G 225 -2.01 9.57 -42.94
N ASN G 226 -1.69 10.86 -42.93
CA ASN G 226 -0.40 11.29 -42.43
C ASN G 226 -0.42 11.32 -40.91
N ILE G 227 -1.40 12.05 -40.35
CA ILE G 227 -1.52 12.17 -38.91
C ILE G 227 -1.80 10.82 -38.28
N GLU G 228 -2.60 9.98 -38.93
CA GLU G 228 -2.89 8.66 -38.37
C GLU G 228 -1.64 7.81 -38.30
N ASN G 229 -0.78 7.88 -39.32
CA ASN G 229 0.32 6.93 -39.43
C ASN G 229 1.68 7.53 -39.15
N ASP G 230 1.82 8.85 -39.07
CA ASP G 230 3.10 9.41 -38.68
C ASP G 230 2.99 10.60 -37.73
N VAL G 231 1.82 10.85 -37.14
CA VAL G 231 1.75 11.83 -36.07
C VAL G 231 1.11 11.20 -34.85
N LEU G 232 0.25 10.21 -35.06
CA LEU G 232 -0.31 9.51 -33.91
C LEU G 232 0.52 8.32 -33.49
N ARG G 233 1.29 7.74 -34.40
CA ARG G 233 2.19 6.64 -33.99
C ARG G 233 3.31 7.13 -33.09
N PRO G 234 4.12 8.12 -33.46
CA PRO G 234 5.09 8.64 -32.49
C PRO G 234 4.42 9.23 -31.26
N LEU G 235 3.22 9.79 -31.41
CA LEU G 235 2.51 10.33 -30.26
C LEU G 235 2.22 9.24 -29.25
N TYR G 236 1.63 8.15 -29.70
CA TYR G 236 1.38 7.04 -28.80
C TYR G 236 2.68 6.50 -28.24
N GLY G 237 3.75 6.54 -29.04
CA GLY G 237 5.04 6.18 -28.51
C GLY G 237 5.47 7.04 -27.35
N THR G 238 5.09 8.32 -27.37
CA THR G 238 5.48 9.27 -26.34
C THR G 238 4.37 9.53 -25.33
N VAL G 239 3.30 8.74 -25.32
CA VAL G 239 2.26 8.82 -24.31
C VAL G 239 2.30 7.63 -23.37
N VAL G 240 2.17 6.44 -23.91
CA VAL G 240 2.59 5.27 -23.14
C VAL G 240 4.10 5.31 -23.02
N ASP G 241 4.61 4.79 -21.91
CA ASP G 241 6.05 4.78 -21.73
C ASP G 241 6.69 3.46 -22.12
N ASN G 242 5.89 2.42 -22.37
CA ASN G 242 6.40 1.13 -22.80
C ASN G 242 5.42 0.50 -23.78
N GLN G 243 5.85 0.35 -25.02
CA GLN G 243 5.18 -0.51 -25.99
C GLN G 243 5.72 -1.92 -25.76
N ASN G 244 4.92 -2.77 -25.12
CA ASN G 244 5.40 -4.11 -24.77
C ASN G 244 5.44 -4.96 -26.02
N VAL G 245 6.64 -5.38 -26.40
CA VAL G 245 6.84 -6.45 -27.36
C VAL G 245 7.73 -7.50 -26.72
N ASP G 246 7.31 -8.76 -26.77
CA ASP G 246 8.23 -9.83 -26.46
C ASP G 246 9.36 -9.81 -27.47
N PHE G 247 10.59 -9.67 -26.98
CA PHE G 247 11.72 -9.58 -27.88
C PHE G 247 11.90 -10.84 -28.70
N THR G 248 11.47 -11.98 -28.18
CA THR G 248 11.54 -13.24 -28.90
C THR G 248 10.28 -13.52 -29.70
N ARG G 249 9.33 -12.59 -29.75
CA ARG G 249 8.16 -12.76 -30.57
C ARG G 249 8.60 -12.93 -32.02
N LEU G 250 8.03 -13.95 -32.69
CA LEU G 250 8.49 -14.26 -34.04
C LEU G 250 7.87 -13.30 -35.06
N ASP G 251 6.54 -13.33 -35.19
CA ASP G 251 5.85 -12.51 -36.18
C ASP G 251 5.64 -11.12 -35.61
N LYS G 252 6.76 -10.42 -35.41
CA LYS G 252 6.71 -9.08 -34.84
C LYS G 252 6.45 -8.10 -35.97
N ASP G 253 5.18 -7.76 -36.16
CA ASP G 253 4.80 -6.77 -37.15
C ASP G 253 5.48 -5.45 -36.82
N LEU G 254 6.16 -4.89 -37.80
CA LEU G 254 6.87 -3.63 -37.59
C LEU G 254 5.90 -2.46 -37.54
N LEU G 255 4.76 -2.55 -38.22
CA LEU G 255 3.71 -1.54 -38.16
C LEU G 255 2.38 -2.24 -38.01
N PRO G 256 2.06 -2.73 -36.81
CA PRO G 256 0.86 -3.55 -36.66
C PRO G 256 -0.40 -2.76 -36.98
N TYR G 257 -1.47 -3.49 -37.28
CA TYR G 257 -2.76 -2.86 -37.46
C TYR G 257 -3.16 -2.14 -36.18
N VAL G 258 -3.64 -0.91 -36.32
CA VAL G 258 -3.89 -0.06 -35.17
C VAL G 258 -5.12 0.79 -35.45
N ASN G 259 -5.92 1.04 -34.41
CA ASN G 259 -7.13 1.84 -34.54
C ASN G 259 -7.06 3.20 -33.86
N TYR G 260 -6.11 3.41 -32.95
CA TYR G 260 -5.75 4.74 -32.47
C TYR G 260 -6.94 5.53 -31.94
N MET G 261 -7.85 4.88 -31.24
CA MET G 261 -8.97 5.61 -30.69
C MET G 261 -8.48 6.68 -29.71
N VAL G 262 -9.34 7.65 -29.45
CA VAL G 262 -9.04 8.69 -28.45
C VAL G 262 -10.27 8.91 -27.59
N LYS G 263 -10.20 8.51 -26.32
CA LYS G 263 -11.40 8.42 -25.51
C LYS G 263 -12.45 7.59 -26.22
N GLY G 264 -11.99 6.54 -26.90
CA GLY G 264 -12.90 5.74 -27.67
C GLY G 264 -13.45 6.39 -28.90
N ILE G 265 -12.94 7.57 -29.27
CA ILE G 265 -13.29 8.22 -30.52
C ILE G 265 -12.36 7.66 -31.60
N PRO G 266 -12.87 6.88 -32.55
CA PRO G 266 -11.99 6.30 -33.56
C PRO G 266 -11.37 7.37 -34.42
N VAL G 267 -10.22 7.05 -35.01
CA VAL G 267 -9.48 7.97 -35.85
C VAL G 267 -9.49 7.41 -37.27
N VAL G 268 -10.64 6.89 -37.69
CA VAL G 268 -10.83 6.48 -39.07
C VAL G 268 -10.28 7.57 -39.95
N SER G 269 -9.34 7.22 -40.82
CA SER G 269 -8.53 8.21 -41.51
C SER G 269 -8.49 7.92 -43.00
N ASP G 270 -8.54 8.98 -43.79
CA ASP G 270 -8.44 8.86 -45.24
C ASP G 270 -7.44 9.87 -45.77
N ILE G 271 -6.82 9.48 -46.89
CA ILE G 271 -5.97 10.39 -47.63
C ILE G 271 -6.75 11.60 -48.12
N ASP G 272 -8.07 11.46 -48.18
CA ASP G 272 -8.92 12.53 -48.68
C ASP G 272 -9.05 13.68 -47.69
N CYS G 273 -8.73 13.44 -46.42
CA CYS G 273 -8.83 14.49 -45.42
C CYS G 273 -7.76 15.55 -45.66
N PRO G 274 -8.08 16.82 -45.50
CA PRO G 274 -7.08 17.88 -45.70
C PRO G 274 -5.88 17.68 -44.79
N ALA G 275 -4.75 18.25 -45.23
CA ALA G 275 -3.44 17.76 -44.84
C ALA G 275 -3.17 17.84 -43.35
N ASN G 276 -3.10 19.05 -42.80
CA ASN G 276 -2.69 19.22 -41.41
C ASN G 276 -3.90 19.51 -40.53
N LYS G 277 -4.83 18.56 -40.47
CA LYS G 277 -6.07 18.79 -39.75
C LYS G 277 -6.60 17.44 -39.33
N MET G 278 -7.20 17.39 -38.15
CA MET G 278 -8.00 16.23 -37.75
C MET G 278 -9.37 16.74 -37.37
N TYR G 279 -10.40 16.23 -38.05
CA TYR G 279 -11.76 16.64 -37.80
C TYR G 279 -12.37 15.69 -36.80
N LEU G 280 -12.83 16.20 -35.69
CA LEU G 280 -13.54 15.37 -34.72
C LEU G 280 -15.01 15.52 -35.07
N LEU G 281 -15.55 14.56 -35.80
CA LEU G 281 -16.90 14.64 -36.32
C LEU G 281 -17.82 13.83 -35.43
N ASN G 282 -18.93 14.43 -35.04
CA ASN G 282 -19.98 13.69 -34.36
C ASN G 282 -20.92 13.16 -35.42
N LEU G 283 -20.70 11.93 -35.85
CA LEU G 283 -21.44 11.36 -36.96
C LEU G 283 -22.93 11.32 -36.70
N ASP G 284 -23.36 11.35 -35.45
CA ASP G 284 -24.78 11.43 -35.14
C ASP G 284 -25.37 12.80 -35.43
N LYS G 285 -24.56 13.74 -35.90
CA LYS G 285 -25.04 15.08 -36.18
C LYS G 285 -24.53 15.60 -37.52
N LEU G 286 -24.22 14.71 -38.45
CA LEU G 286 -23.89 15.14 -39.80
C LEU G 286 -24.88 14.62 -40.83
N ALA G 287 -25.03 13.30 -40.98
CA ALA G 287 -26.18 12.72 -41.66
C ALA G 287 -26.47 13.39 -43.01
N ILE G 288 -25.61 13.12 -43.99
CA ILE G 288 -25.81 13.60 -45.36
C ILE G 288 -27.27 13.49 -45.78
N TYR G 289 -27.83 14.59 -46.29
CA TYR G 289 -29.16 14.56 -46.88
C TYR G 289 -29.08 14.74 -48.38
N SER G 290 -30.06 14.18 -49.06
CA SER G 290 -30.18 14.30 -50.50
C SER G 290 -31.63 14.59 -50.84
N PHE G 291 -31.85 15.17 -52.01
CA PHE G 291 -33.18 15.50 -52.48
C PHE G 291 -33.65 14.39 -53.40
N ASP G 292 -34.77 13.77 -53.05
CA ASP G 292 -35.30 12.62 -53.78
C ASP G 292 -36.42 13.09 -54.70
N GLN G 293 -36.04 13.58 -55.88
CA GLN G 293 -37.00 14.04 -56.87
C GLN G 293 -37.53 12.90 -57.74
N SER G 294 -37.44 11.66 -57.26
CA SER G 294 -37.81 10.52 -58.07
C SER G 294 -39.29 10.57 -58.46
N ASP G 295 -40.17 10.87 -57.51
CA ASP G 295 -41.60 10.83 -57.78
C ASP G 295 -42.06 11.93 -58.72
N ALA G 296 -41.24 12.96 -58.93
CA ALA G 296 -41.59 14.06 -59.83
C ALA G 296 -41.02 13.85 -61.23
N ASP G 297 -40.81 12.60 -61.63
CA ASP G 297 -40.19 12.29 -62.91
C ASP G 297 -41.05 11.29 -63.68
N GLN G 298 -40.87 11.31 -65.00
CA GLN G 298 -41.65 10.46 -65.88
C GLN G 298 -41.47 8.99 -65.53
N SER G 299 -42.53 8.21 -65.70
CA SER G 299 -42.56 6.82 -65.31
C SER G 299 -41.93 5.89 -66.34
N ASN G 300 -41.26 6.43 -67.36
CA ASN G 300 -40.54 5.58 -68.29
C ASN G 300 -39.26 5.07 -67.64
N GLY G 301 -38.50 4.28 -68.38
CA GLY G 301 -37.33 3.66 -67.82
C GLY G 301 -36.06 4.49 -67.90
N LYS G 302 -36.19 5.78 -68.19
CA LYS G 302 -35.00 6.62 -68.35
C LYS G 302 -34.21 6.72 -67.05
N ILE G 303 -34.89 6.91 -65.93
CA ILE G 303 -34.27 7.28 -64.67
C ILE G 303 -34.26 6.05 -63.78
N THR G 304 -33.09 5.71 -63.24
CA THR G 304 -32.93 4.42 -62.57
C THR G 304 -32.67 4.50 -61.07
N TYR G 305 -31.87 5.47 -60.60
CA TYR G 305 -31.60 5.65 -59.18
C TYR G 305 -30.94 4.41 -58.57
N ILE G 306 -29.70 4.17 -59.00
CA ILE G 306 -28.85 3.14 -58.40
C ILE G 306 -28.26 3.67 -57.10
N PRO G 307 -28.24 2.90 -56.02
CA PRO G 307 -27.60 3.35 -54.79
C PRO G 307 -26.10 3.45 -54.94
N LEU G 308 -25.50 4.33 -54.14
CA LEU G 308 -24.07 4.57 -54.20
C LEU G 308 -23.32 3.54 -53.38
N ARG G 309 -22.14 3.16 -53.88
CA ARG G 309 -21.29 2.17 -53.23
C ARG G 309 -20.10 2.88 -52.61
N TYR G 310 -19.82 2.56 -51.35
CA TYR G 310 -18.72 3.17 -50.59
C TYR G 310 -17.89 2.08 -49.94
N VAL G 311 -16.57 2.20 -50.03
CA VAL G 311 -15.66 1.25 -49.39
C VAL G 311 -14.88 2.00 -48.32
N ASP G 312 -14.96 1.51 -47.09
CA ASP G 312 -14.16 2.08 -46.02
C ASP G 312 -12.68 1.79 -46.24
N GLU G 313 -12.35 0.56 -46.57
CA GLU G 313 -10.98 0.15 -46.82
C GLU G 313 -10.77 -0.13 -48.30
N THR G 314 -9.51 -0.30 -48.68
CA THR G 314 -9.15 -0.49 -50.07
C THR G 314 -9.38 -1.93 -50.53
N GLY G 315 -9.67 -2.85 -49.62
CA GLY G 315 -9.81 -4.24 -50.02
C GLY G 315 -11.13 -4.89 -49.68
N ASP G 316 -12.08 -4.13 -49.14
CA ASP G 316 -13.36 -4.68 -48.73
C ASP G 316 -14.43 -4.39 -49.77
N THR G 317 -15.59 -5.00 -49.56
CA THR G 317 -16.65 -5.02 -50.56
C THR G 317 -17.24 -3.62 -50.76
N PRO G 318 -17.82 -3.36 -51.92
CA PRO G 318 -18.36 -2.02 -52.21
C PRO G 318 -19.42 -1.52 -51.24
N SER G 319 -20.21 -2.40 -50.62
CA SER G 319 -21.06 -2.04 -49.49
C SER G 319 -21.92 -0.80 -49.78
N GLU G 320 -22.88 -1.00 -50.68
CA GLU G 320 -23.74 0.09 -51.14
C GLU G 320 -24.32 0.89 -49.98
N SER G 321 -24.48 2.19 -50.21
CA SER G 321 -24.94 3.14 -49.20
C SER G 321 -26.45 3.30 -49.27
N THR G 322 -26.96 4.32 -48.59
CA THR G 322 -28.36 4.71 -48.69
C THR G 322 -28.54 6.02 -49.43
N LEU G 323 -27.50 6.49 -50.11
CA LEU G 323 -27.60 7.63 -51.01
C LEU G 323 -27.78 7.11 -52.41
N TRP G 324 -28.77 7.64 -53.12
CA TRP G 324 -29.20 7.10 -54.40
C TRP G 324 -28.67 7.95 -55.53
N VAL G 325 -28.07 7.29 -56.51
CA VAL G 325 -27.45 7.94 -57.65
C VAL G 325 -28.31 7.61 -58.86
N ARG G 326 -28.71 8.61 -59.63
CA ARG G 326 -29.61 8.37 -60.74
C ARG G 326 -28.84 8.20 -62.02
N LEU G 327 -29.16 7.13 -62.76
CA LEU G 327 -28.80 7.01 -64.17
C LEU G 327 -29.89 7.65 -64.99
N ALA G 328 -29.70 8.92 -65.31
CA ALA G 328 -30.56 9.58 -66.26
C ALA G 328 -30.23 9.06 -67.65
N ASP G 329 -31.11 8.26 -68.22
CA ASP G 329 -30.92 7.82 -69.59
C ASP G 329 -31.18 9.02 -70.49
N VAL G 330 -30.17 9.86 -70.68
CA VAL G 330 -30.34 11.06 -71.49
C VAL G 330 -30.09 10.63 -72.93
N SER G 331 -31.11 10.04 -73.53
CA SER G 331 -31.02 9.48 -74.86
C SER G 331 -31.94 10.29 -75.78
N ASP G 332 -31.37 10.85 -76.83
CA ASP G 332 -32.16 11.59 -77.78
C ASP G 332 -33.07 10.65 -78.54
N GLU G 333 -33.83 11.21 -79.49
CA GLU G 333 -34.57 10.37 -80.41
C GLU G 333 -33.65 9.47 -81.20
N HIS G 334 -32.36 9.80 -81.29
CA HIS G 334 -31.41 9.05 -82.09
C HIS G 334 -31.36 7.60 -81.62
N PRO G 335 -31.65 6.64 -82.47
CA PRO G 335 -31.68 5.23 -82.04
C PRO G 335 -30.33 4.55 -82.18
N ASP G 336 -29.26 5.31 -82.34
CA ASP G 336 -27.92 4.76 -82.40
C ASP G 336 -27.01 5.29 -81.32
N LEU G 337 -27.52 6.12 -80.41
CA LEU G 337 -26.74 6.70 -79.33
C LEU G 337 -27.54 6.54 -78.04
N LEU G 338 -26.84 6.29 -76.94
CA LEU G 338 -27.56 5.88 -75.74
C LEU G 338 -27.37 6.83 -74.56
N LYS G 339 -26.14 7.22 -74.24
CA LYS G 339 -25.85 8.48 -73.55
C LYS G 339 -26.51 8.57 -72.16
N PHE G 340 -26.01 7.76 -71.23
CA PHE G 340 -26.45 7.91 -69.84
C PHE G 340 -25.73 9.06 -69.13
N GLU G 341 -26.27 9.44 -67.98
CA GLU G 341 -25.62 10.40 -67.08
C GLU G 341 -25.82 9.94 -65.64
N LEU G 342 -24.72 9.75 -64.92
CA LEU G 342 -24.75 9.34 -63.51
C LEU G 342 -24.69 10.60 -62.65
N SER G 343 -25.67 10.77 -61.77
CA SER G 343 -25.79 12.05 -61.07
C SER G 343 -26.24 11.88 -59.63
N VAL G 344 -25.74 12.77 -58.76
CA VAL G 344 -26.18 12.89 -57.37
C VAL G 344 -26.37 14.35 -57.04
N ALA G 345 -27.26 14.61 -56.08
CA ALA G 345 -27.34 15.88 -55.39
C ALA G 345 -27.18 15.60 -53.91
N LEU G 346 -26.23 16.25 -53.27
CA LEU G 346 -25.82 15.87 -51.93
C LEU G 346 -25.66 17.12 -51.08
N GLN G 347 -26.01 16.98 -49.79
CA GLN G 347 -25.73 18.02 -48.81
C GLN G 347 -25.19 17.37 -47.56
N LEU G 348 -24.40 18.14 -46.81
CA LEU G 348 -23.78 17.67 -45.58
C LEU G 348 -24.18 18.59 -44.44
N VAL G 349 -25.48 18.70 -44.22
CA VAL G 349 -26.03 19.34 -43.04
C VAL G 349 -25.23 18.90 -41.81
N ALA G 350 -24.98 19.83 -40.90
CA ALA G 350 -24.26 19.53 -39.66
C ALA G 350 -25.10 20.08 -38.51
N PHE G 351 -25.99 19.25 -38.01
CA PHE G 351 -26.77 19.63 -36.83
C PHE G 351 -25.85 19.95 -35.68
N ASP G 352 -26.12 21.05 -35.00
CA ASP G 352 -25.36 21.45 -33.81
C ASP G 352 -23.88 21.63 -34.17
N LEU G 353 -23.64 22.67 -34.96
CA LEU G 353 -22.32 22.93 -35.52
C LEU G 353 -21.22 22.78 -34.48
N ILE G 354 -21.47 23.18 -33.23
CA ILE G 354 -20.45 23.05 -32.20
C ILE G 354 -20.26 21.58 -31.84
N ASP G 355 -21.32 20.79 -31.90
CA ASP G 355 -21.22 19.36 -31.61
C ASP G 355 -20.74 18.56 -32.80
N SER G 356 -21.14 18.95 -34.01
CA SER G 356 -20.88 18.11 -35.17
C SER G 356 -19.39 18.03 -35.49
N ILE G 357 -18.79 19.17 -35.82
CA ILE G 357 -17.41 19.21 -36.29
C ILE G 357 -16.54 19.87 -35.24
N SER G 358 -15.48 19.19 -34.85
CA SER G 358 -14.43 19.77 -34.03
C SER G 358 -13.11 19.57 -34.76
N VAL G 359 -12.33 20.64 -34.87
CA VAL G 359 -11.13 20.65 -35.70
C VAL G 359 -9.94 21.04 -34.85
N ILE G 360 -8.85 20.29 -34.97
CA ILE G 360 -7.58 20.64 -34.38
C ILE G 360 -6.70 21.10 -35.53
N ARG G 361 -6.70 22.41 -35.78
CA ARG G 361 -6.30 22.91 -37.08
C ARG G 361 -4.82 22.75 -37.39
N ASP G 362 -3.93 22.82 -36.41
CA ASP G 362 -2.51 22.91 -36.72
C ASP G 362 -1.79 21.67 -36.19
N ILE G 363 -1.61 20.69 -37.06
CA ILE G 363 -0.89 19.47 -36.76
C ILE G 363 0.32 19.40 -37.69
N THR G 364 1.47 19.02 -37.14
CA THR G 364 2.73 19.24 -37.84
C THR G 364 2.79 18.52 -39.18
N GLN G 365 2.15 17.36 -39.29
CA GLN G 365 2.12 16.65 -40.57
C GLN G 365 1.05 15.58 -40.59
N LEU H 3 -40.00 27.78 -63.83
CA LEU H 3 -41.33 28.05 -63.29
C LEU H 3 -41.17 28.34 -61.80
N THR H 4 -40.07 29.02 -61.49
CA THR H 4 -39.74 29.34 -60.11
C THR H 4 -40.61 30.47 -59.56
N ASN H 5 -41.23 31.26 -60.41
CA ASN H 5 -42.08 32.34 -59.94
C ASN H 5 -43.37 31.82 -59.35
N LEU H 6 -43.92 30.75 -59.90
CA LEU H 6 -45.19 30.22 -59.45
C LEU H 6 -45.11 29.54 -58.09
N THR H 7 -43.91 29.34 -57.55
CA THR H 7 -43.71 28.71 -56.25
C THR H 7 -42.77 29.58 -55.43
N PRO H 8 -43.22 30.75 -54.99
CA PRO H 8 -42.35 31.63 -54.23
C PRO H 8 -42.00 31.01 -52.89
N THR H 9 -40.83 31.37 -52.38
CA THR H 9 -40.39 30.84 -51.09
C THR H 9 -41.37 31.22 -49.99
N GLU H 10 -42.10 32.32 -50.17
CA GLU H 10 -43.02 32.78 -49.14
C GLU H 10 -44.11 31.75 -48.88
N LEU H 11 -44.66 31.15 -49.93
CA LEU H 11 -45.70 30.15 -49.78
C LEU H 11 -45.15 28.76 -49.60
N LEU H 12 -44.05 28.43 -50.26
CA LEU H 12 -43.40 27.14 -50.10
C LEU H 12 -42.80 27.09 -48.70
N ALA H 13 -43.47 26.38 -47.80
CA ALA H 13 -43.06 26.26 -46.42
C ALA H 13 -42.51 24.86 -46.22
N ASN H 14 -41.20 24.76 -46.07
CA ASN H 14 -40.53 23.47 -46.05
C ASN H 14 -40.56 22.83 -44.66
N LYS H 15 -40.53 21.51 -44.66
CA LYS H 15 -40.55 20.76 -43.41
C LYS H 15 -39.22 20.94 -42.68
N ALA H 16 -39.09 20.28 -41.54
CA ALA H 16 -37.89 20.40 -40.74
C ALA H 16 -37.41 19.04 -40.28
N VAL H 17 -36.11 18.95 -39.99
CA VAL H 17 -35.53 17.72 -39.48
C VAL H 17 -36.12 17.38 -38.11
N ASP H 18 -36.74 18.36 -37.45
CA ASP H 18 -37.28 18.18 -36.12
C ASP H 18 -36.17 17.77 -35.16
N TYR H 19 -35.19 18.66 -35.01
CA TYR H 19 -34.00 18.34 -34.24
C TYR H 19 -33.89 19.17 -32.97
N LEU H 20 -33.89 20.49 -33.10
CA LEU H 20 -33.54 21.37 -31.98
C LEU H 20 -32.20 20.94 -31.39
N ALA H 21 -31.15 21.26 -32.15
CA ALA H 21 -29.82 20.92 -31.67
C ALA H 21 -29.64 21.51 -30.29
N ASN H 22 -29.67 20.65 -29.27
CA ASN H 22 -29.73 21.07 -27.88
C ASN H 22 -28.65 20.31 -27.14
N SER H 23 -27.44 20.83 -27.18
CA SER H 23 -26.32 20.25 -26.46
C SER H 23 -25.66 21.40 -25.71
N PHE H 24 -26.19 21.69 -24.53
CA PHE H 24 -25.60 22.68 -23.66
C PHE H 24 -25.00 21.98 -22.46
N LEU H 25 -24.05 22.64 -21.82
CA LEU H 25 -23.34 21.99 -20.73
C LEU H 25 -24.35 21.63 -19.66
N VAL H 26 -24.51 20.33 -19.44
CA VAL H 26 -25.44 19.82 -18.45
C VAL H 26 -24.79 18.91 -17.43
N GLU H 27 -23.51 18.58 -17.60
CA GLU H 27 -22.78 17.83 -16.58
C GLU H 27 -22.93 18.50 -15.23
N THR H 28 -23.55 17.78 -14.30
CA THR H 28 -23.72 18.24 -12.93
C THR H 28 -23.34 17.12 -11.98
N PRO H 29 -22.05 16.82 -11.85
CA PRO H 29 -21.63 15.77 -10.91
C PRO H 29 -21.65 16.22 -9.46
N MET H 30 -21.26 17.48 -9.19
CA MET H 30 -21.56 18.05 -7.89
C MET H 30 -23.03 17.89 -7.55
N LEU H 31 -23.90 18.21 -8.50
CA LEU H 31 -25.29 17.85 -8.31
C LEU H 31 -25.52 16.36 -8.47
N GLY H 32 -24.78 15.72 -9.38
CA GLY H 32 -25.00 14.30 -9.62
C GLY H 32 -24.67 13.45 -8.41
N LEU H 33 -23.52 13.70 -7.80
CA LEU H 33 -23.30 13.21 -6.46
C LEU H 33 -24.27 13.90 -5.53
N LEU H 34 -24.67 13.20 -4.47
CA LEU H 34 -25.55 13.77 -3.45
C LEU H 34 -26.82 14.37 -4.02
N ALA H 35 -27.33 13.82 -5.12
CA ALA H 35 -28.70 14.07 -5.55
C ALA H 35 -29.60 12.87 -5.34
N ASN H 36 -29.06 11.66 -5.42
CA ASN H 36 -29.86 10.48 -5.14
C ASN H 36 -30.34 10.46 -3.70
N ARG H 37 -29.73 11.25 -2.82
CA ARG H 37 -30.14 11.34 -1.43
C ARG H 37 -30.25 12.79 -1.00
N VAL H 38 -30.93 13.60 -1.80
CA VAL H 38 -31.37 14.91 -1.34
C VAL H 38 -32.46 14.71 -0.30
N ILE H 39 -32.28 15.30 0.87
CA ILE H 39 -33.20 15.12 1.98
C ILE H 39 -34.25 16.21 1.89
N ASN H 40 -35.48 15.83 1.64
CA ASN H 40 -36.59 16.78 1.50
C ASN H 40 -37.27 16.87 2.86
N GLN H 41 -36.89 17.87 3.64
CA GLN H 41 -37.46 18.09 4.96
C GLN H 41 -38.83 18.72 4.86
N LYS H 42 -39.63 18.47 5.89
CA LYS H 42 -40.87 19.21 6.08
C LYS H 42 -40.64 20.49 6.85
N GLN H 43 -39.40 20.78 7.25
CA GLN H 43 -39.08 21.94 8.05
C GLN H 43 -37.94 22.71 7.40
N LYS H 44 -37.84 23.97 7.76
CA LYS H 44 -36.99 24.90 7.01
C LYS H 44 -35.56 24.94 7.50
N ALA H 45 -35.29 24.56 8.75
CA ALA H 45 -33.95 24.62 9.29
C ALA H 45 -33.42 23.22 9.55
N ILE H 46 -32.10 23.10 9.43
CA ILE H 46 -31.39 21.84 9.45
C ILE H 46 -30.44 21.92 10.64
N GLU H 47 -30.78 21.26 11.72
CA GLU H 47 -29.98 21.31 12.92
C GLU H 47 -29.32 19.97 13.16
N TRP H 48 -28.13 20.00 13.72
CA TRP H 48 -27.42 18.80 14.12
C TRP H 48 -26.38 19.20 15.16
N GLY H 49 -25.68 18.21 15.69
CA GLY H 49 -24.68 18.43 16.71
C GLY H 49 -23.28 18.21 16.15
N ALA H 50 -22.36 19.05 16.59
CA ALA H 50 -20.95 18.93 16.19
C ALA H 50 -20.12 18.90 17.46
N LYS H 51 -19.55 17.75 17.78
CA LYS H 51 -18.60 17.70 18.88
C LYS H 51 -17.37 18.47 18.43
N VAL H 52 -17.22 19.69 18.92
CA VAL H 52 -16.17 20.55 18.39
C VAL H 52 -14.93 20.49 19.25
N ALA H 53 -15.08 20.58 20.56
CA ALA H 53 -13.96 20.46 21.48
C ALA H 53 -13.89 19.05 22.00
N GLN H 54 -12.72 18.43 21.90
CA GLN H 54 -12.51 17.11 22.46
C GLN H 54 -12.25 17.25 23.96
N GLY H 55 -12.82 16.32 24.73
CA GLY H 55 -12.63 16.37 26.17
C GLY H 55 -11.17 16.15 26.54
N VAL H 56 -10.74 16.83 27.59
CA VAL H 56 -9.34 16.82 28.00
C VAL H 56 -9.16 15.80 29.12
N VAL H 57 -8.16 14.94 28.99
CA VAL H 57 -7.84 13.96 30.00
C VAL H 57 -6.81 14.55 30.94
N GLY H 58 -7.10 14.51 32.23
CA GLY H 58 -6.18 14.97 33.24
C GLY H 58 -5.34 13.84 33.78
N GLY H 59 -4.50 14.16 34.74
CA GLY H 59 -3.64 13.19 35.34
C GLY H 59 -3.67 13.29 36.85
N ARG H 60 -3.56 12.14 37.50
CA ARG H 60 -3.52 12.10 38.95
C ARG H 60 -2.78 10.85 39.37
N THR H 61 -2.16 10.91 40.54
CA THR H 61 -1.54 9.72 41.10
C THR H 61 -2.62 8.74 41.54
N ARG H 62 -2.21 7.50 41.79
CA ARG H 62 -3.11 6.47 42.28
C ARG H 62 -4.03 7.04 43.36
N THR H 63 -3.43 7.59 44.40
CA THR H 63 -4.16 8.13 45.53
C THR H 63 -4.40 9.63 45.41
N GLY H 64 -4.07 10.21 44.26
CA GLY H 64 -4.22 11.65 44.11
C GLY H 64 -5.66 12.09 44.21
N ALA H 65 -5.83 13.38 44.43
CA ALA H 65 -7.15 13.95 44.63
C ALA H 65 -7.94 13.91 43.33
N LEU H 66 -9.22 13.57 43.43
CA LEU H 66 -10.11 13.49 42.28
C LEU H 66 -10.47 14.90 41.83
N ALA H 67 -9.58 15.50 41.05
CA ALA H 67 -9.90 16.78 40.44
C ALA H 67 -10.76 16.55 39.20
N ASN H 68 -11.35 17.62 38.71
CA ASN H 68 -12.23 17.56 37.55
C ASN H 68 -11.62 18.34 36.39
N ASP H 69 -11.90 17.87 35.18
CA ASP H 69 -11.28 18.39 33.97
C ASP H 69 -12.36 18.67 32.94
N THR H 70 -12.00 19.46 31.93
CA THR H 70 -12.95 19.94 30.95
C THR H 70 -13.59 18.80 30.18
N GLN H 71 -14.66 19.11 29.46
CA GLN H 71 -15.47 18.10 28.81
C GLN H 71 -15.64 18.39 27.33
N GLY H 72 -15.82 17.32 26.57
CA GLY H 72 -16.10 17.46 25.15
C GLY H 72 -17.35 18.25 24.91
N THR H 73 -17.28 19.29 24.08
CA THR H 73 -18.37 20.23 23.91
C THR H 73 -19.07 19.95 22.60
N ILE H 74 -20.30 19.45 22.68
CA ILE H 74 -21.17 19.38 21.53
C ILE H 74 -21.80 20.75 21.32
N LYS H 75 -21.58 21.32 20.14
CA LYS H 75 -22.14 22.61 19.78
C LYS H 75 -23.24 22.39 18.76
N GLY H 76 -24.34 23.10 18.92
CA GLY H 76 -25.46 22.92 18.01
C GLY H 76 -25.25 23.66 16.71
N ALA H 77 -24.96 22.94 15.63
CA ALA H 77 -24.83 23.55 14.32
C ALA H 77 -26.19 23.59 13.66
N SER H 78 -26.44 24.65 12.90
CA SER H 78 -27.78 24.87 12.37
C SER H 78 -27.69 25.67 11.07
N LEU H 79 -28.03 25.02 9.97
CA LEU H 79 -28.25 25.68 8.70
C LEU H 79 -29.75 25.80 8.48
N SER H 80 -30.13 26.23 7.28
CA SER H 80 -31.54 26.35 6.96
C SER H 80 -31.70 26.27 5.45
N VAL H 81 -32.75 25.58 5.02
CA VAL H 81 -33.13 25.68 3.61
C VAL H 81 -33.40 27.15 3.38
N PRO H 82 -32.73 27.79 2.43
CA PRO H 82 -32.76 29.24 2.36
C PRO H 82 -34.15 29.74 2.00
N ASP H 83 -34.45 30.93 2.49
CA ASP H 83 -35.69 31.59 2.14
C ASP H 83 -35.63 32.20 0.77
N TYR H 84 -34.68 31.81 -0.06
CA TYR H 84 -34.48 32.41 -1.36
C TYR H 84 -34.47 31.32 -2.41
N TYR H 85 -35.29 31.50 -3.44
CA TYR H 85 -35.52 30.49 -4.46
C TYR H 85 -34.53 30.64 -5.62
N ILE H 86 -34.46 29.60 -6.43
CA ILE H 86 -33.62 29.58 -7.61
C ILE H 86 -34.56 29.63 -8.80
N LYS H 87 -35.67 30.35 -8.63
CA LYS H 87 -36.69 30.43 -9.66
C LYS H 87 -36.10 30.84 -11.00
N HIS H 88 -36.67 30.28 -12.05
CA HIS H 88 -36.63 30.87 -13.38
C HIS H 88 -38.05 30.80 -13.92
N GLN H 89 -38.60 31.94 -14.31
CA GLN H 89 -39.99 31.92 -14.73
C GLN H 89 -40.19 32.82 -15.94
N PHE H 90 -41.16 32.43 -16.75
CA PHE H 90 -41.35 32.99 -18.08
C PHE H 90 -42.82 33.22 -18.35
N ASP H 91 -43.12 34.33 -19.03
CA ASP H 91 -44.49 34.66 -19.39
C ASP H 91 -44.72 34.27 -20.84
N VAL H 92 -44.89 32.97 -21.07
CA VAL H 92 -45.20 32.48 -22.40
C VAL H 92 -46.58 32.98 -22.80
N GLY H 93 -46.63 33.81 -23.84
CA GLY H 93 -47.89 34.32 -24.32
C GLY H 93 -48.77 33.19 -24.80
N LYS H 94 -50.05 33.21 -24.44
CA LYS H 94 -50.94 32.13 -24.86
C LYS H 94 -51.15 32.13 -26.37
N ASP H 95 -50.85 33.22 -27.05
CA ASP H 95 -50.89 33.17 -28.51
C ASP H 95 -49.68 32.42 -29.07
N GLU H 96 -48.51 32.60 -28.47
CA GLU H 96 -47.35 31.86 -28.94
C GLU H 96 -47.35 30.41 -28.49
N ILE H 97 -48.43 29.93 -27.90
CA ILE H 97 -48.54 28.51 -27.59
C ILE H 97 -49.34 27.85 -28.70
N VAL H 98 -50.56 28.33 -28.91
CA VAL H 98 -51.39 27.77 -29.98
C VAL H 98 -50.76 28.03 -31.33
N ASN H 99 -50.23 29.23 -31.54
CA ASN H 99 -49.55 29.54 -32.78
C ASN H 99 -48.40 28.57 -33.04
N SER H 100 -47.51 28.42 -32.06
CA SER H 100 -46.34 27.57 -32.26
C SER H 100 -46.73 26.11 -32.42
N ASP H 101 -47.76 25.65 -31.73
CA ASP H 101 -48.25 24.30 -31.96
C ASP H 101 -48.77 24.16 -33.38
N ALA H 102 -49.49 25.16 -33.87
CA ALA H 102 -50.06 25.09 -35.21
C ALA H 102 -48.99 25.16 -36.28
N THR H 103 -48.09 26.13 -36.19
CA THR H 103 -47.00 26.27 -37.15
C THR H 103 -45.68 26.13 -36.42
N GLY H 104 -45.25 24.89 -36.23
CA GLY H 104 -43.98 24.64 -35.59
C GLY H 104 -43.19 23.62 -36.36
N LYS H 105 -42.06 24.06 -36.93
CA LYS H 105 -41.24 23.14 -37.71
C LYS H 105 -40.66 22.04 -36.83
N ILE H 106 -40.21 22.39 -35.65
CA ILE H 106 -39.57 21.48 -34.72
C ILE H 106 -40.58 21.09 -33.65
N SER H 107 -40.59 19.81 -33.27
CA SER H 107 -41.49 19.37 -32.22
C SER H 107 -41.23 20.07 -30.90
N ALA H 108 -40.06 20.68 -30.75
CA ALA H 108 -39.77 21.47 -29.57
C ALA H 108 -40.20 22.93 -29.73
N VAL H 109 -40.21 23.45 -30.94
CA VAL H 109 -40.87 24.73 -31.18
C VAL H 109 -42.37 24.55 -31.06
N ARG H 110 -42.88 23.38 -31.45
CA ARG H 110 -44.31 23.12 -31.34
C ARG H 110 -44.78 23.11 -29.88
N ASP H 111 -43.87 23.03 -28.93
CA ASP H 111 -44.20 23.11 -27.51
C ASP H 111 -43.27 24.11 -26.85
N PRO H 112 -43.41 25.39 -27.18
CA PRO H 112 -42.46 26.38 -26.66
C PRO H 112 -42.49 26.48 -25.15
N VAL H 113 -43.65 26.26 -24.53
CA VAL H 113 -43.69 26.23 -23.07
C VAL H 113 -42.97 24.99 -22.54
N GLY H 114 -43.21 23.83 -23.16
CA GLY H 114 -42.49 22.63 -22.76
C GLY H 114 -41.00 22.74 -23.01
N THR H 115 -40.63 23.31 -24.15
CA THR H 115 -39.20 23.50 -24.44
C THR H 115 -38.58 24.47 -23.46
N ALA H 116 -39.26 25.58 -23.15
CA ALA H 116 -38.71 26.54 -22.20
C ALA H 116 -38.62 25.94 -20.81
N ILE H 117 -39.55 25.06 -20.44
CA ILE H 117 -39.46 24.40 -19.15
C ILE H 117 -38.31 23.41 -19.11
N ALA H 118 -38.11 22.64 -20.19
CA ALA H 118 -36.99 21.71 -20.22
C ALA H 118 -35.67 22.44 -20.20
N ASP H 119 -35.57 23.54 -20.95
CA ASP H 119 -34.36 24.37 -20.90
C ASP H 119 -34.19 24.97 -19.51
N ALA H 120 -35.29 25.35 -18.87
CA ALA H 120 -35.21 25.85 -17.51
C ALA H 120 -34.68 24.79 -16.57
N PHE H 121 -35.09 23.55 -16.76
CA PHE H 121 -34.57 22.47 -15.94
C PHE H 121 -33.09 22.25 -16.17
N ASP H 122 -32.65 22.30 -17.43
CA ASP H 122 -31.23 22.12 -17.71
C ASP H 122 -30.40 23.23 -17.10
N VAL H 123 -30.78 24.49 -17.36
CA VAL H 123 -30.05 25.61 -16.79
C VAL H 123 -30.24 25.67 -15.28
N LEU H 124 -31.30 25.09 -14.75
CA LEU H 124 -31.50 25.05 -13.31
C LEU H 124 -30.54 24.08 -12.65
N SER H 125 -30.43 22.89 -13.22
CA SER H 125 -29.45 21.93 -12.72
C SER H 125 -28.05 22.50 -12.85
N LYS H 126 -27.75 23.19 -13.95
CA LYS H 126 -26.43 23.75 -14.09
C LYS H 126 -26.19 24.91 -13.12
N LYS H 127 -27.20 25.73 -12.86
CA LYS H 127 -27.02 26.81 -11.90
C LYS H 127 -26.85 26.25 -10.51
N ILE H 128 -27.55 25.18 -10.17
CA ILE H 128 -27.36 24.54 -8.88
C ILE H 128 -25.96 23.96 -8.78
N ASN H 129 -25.50 23.30 -9.84
CA ASN H 129 -24.14 22.78 -9.87
C ASN H 129 -23.14 23.90 -9.62
N SER H 130 -23.31 25.02 -10.32
CA SER H 130 -22.39 26.13 -10.18
C SER H 130 -22.48 26.79 -8.81
N VAL H 131 -23.65 26.74 -8.18
CA VAL H 131 -23.81 27.44 -6.90
C VAL H 131 -23.46 26.53 -5.73
N LEU H 132 -23.56 25.21 -5.90
CA LEU H 132 -23.09 24.30 -4.87
C LEU H 132 -21.59 24.40 -4.66
N TYR H 133 -20.87 25.03 -5.59
CA TYR H 133 -19.46 25.36 -5.37
C TYR H 133 -19.31 26.76 -4.80
N THR H 134 -19.76 27.76 -5.55
CA THR H 134 -19.46 29.16 -5.28
C THR H 134 -20.75 29.84 -4.82
N ALA H 135 -21.02 29.75 -3.52
CA ALA H 135 -22.19 30.39 -2.93
C ALA H 135 -21.81 30.90 -1.55
N SER H 136 -21.76 32.23 -1.39
CA SER H 136 -21.37 32.79 -0.10
C SER H 136 -22.36 32.43 0.99
N GLY H 137 -23.62 32.21 0.63
CA GLY H 137 -24.67 31.94 1.59
C GLY H 137 -25.67 33.05 1.74
N VAL H 138 -25.33 34.26 1.31
CA VAL H 138 -26.31 35.34 1.30
C VAL H 138 -27.36 35.05 0.24
N ALA H 139 -28.47 35.77 0.32
CA ALA H 139 -29.62 35.58 -0.56
C ALA H 139 -29.66 36.64 -1.65
N ASP H 140 -28.51 36.98 -2.22
CA ASP H 140 -28.38 38.13 -3.12
C ASP H 140 -28.64 37.76 -4.57
N ALA H 141 -29.46 36.74 -4.84
CA ALA H 141 -29.83 36.33 -6.19
C ALA H 141 -28.66 35.69 -6.91
N THR H 142 -27.49 35.70 -6.30
CA THR H 142 -26.30 35.09 -6.88
C THR H 142 -25.88 33.83 -6.16
N ASN H 143 -26.05 33.79 -4.85
CA ASN H 143 -25.74 32.61 -4.06
C ASN H 143 -26.99 31.86 -3.62
N TYR H 144 -28.17 32.43 -3.82
CA TYR H 144 -29.44 31.73 -3.60
C TYR H 144 -29.53 31.19 -2.18
N GLY H 145 -28.86 31.87 -1.25
CA GLY H 145 -28.82 31.45 0.12
C GLY H 145 -28.07 30.16 0.38
N ILE H 146 -27.75 29.39 -0.66
CA ILE H 146 -26.98 28.18 -0.47
C ILE H 146 -25.60 28.54 0.03
N PHE H 147 -25.04 27.66 0.86
CA PHE H 147 -23.68 27.89 1.32
C PHE H 147 -22.65 27.15 0.49
N GLY H 148 -23.03 26.04 -0.12
CA GLY H 148 -22.14 25.47 -1.09
C GLY H 148 -20.83 25.01 -0.47
N LEU H 149 -19.82 24.95 -1.33
CA LEU H 149 -18.51 24.47 -0.89
C LEU H 149 -17.62 25.62 -0.45
N ASP H 150 -17.61 26.72 -1.20
CA ASP H 150 -16.67 27.79 -0.96
C ASP H 150 -17.04 28.68 0.21
N ALA H 151 -18.23 28.50 0.80
CA ALA H 151 -18.57 29.19 2.02
C ALA H 151 -18.62 28.28 3.23
N ALA H 152 -19.01 27.02 3.05
CA ALA H 152 -18.89 26.06 4.14
C ALA H 152 -17.43 25.91 4.49
N ALA H 153 -16.64 25.35 3.56
CA ALA H 153 -15.22 25.22 3.80
C ALA H 153 -14.53 26.57 3.87
N GLY H 154 -14.91 27.49 2.99
CA GLY H 154 -14.17 28.72 2.82
C GLY H 154 -13.29 28.67 1.59
N THR H 155 -12.94 29.86 1.10
CA THR H 155 -12.15 29.92 -0.13
C THR H 155 -10.66 29.75 0.17
N THR H 156 -10.09 30.67 0.93
CA THR H 156 -8.66 30.75 1.13
C THR H 156 -8.27 29.99 2.40
N VAL H 157 -7.01 29.56 2.46
CA VAL H 157 -6.49 28.91 3.65
C VAL H 157 -6.65 29.83 4.86
N ALA H 158 -6.36 31.11 4.68
CA ALA H 158 -6.68 32.10 5.71
C ALA H 158 -8.18 32.18 5.95
N ASN H 159 -8.96 32.13 4.87
CA ASN H 159 -10.41 32.24 4.95
C ASN H 159 -11.07 31.02 5.56
N SER H 160 -10.34 29.92 5.77
CA SER H 160 -10.91 28.77 6.46
C SER H 160 -11.31 29.15 7.88
N ALA H 161 -10.42 29.86 8.57
CA ALA H 161 -10.78 30.53 9.81
C ALA H 161 -11.48 31.83 9.48
N THR H 162 -11.63 32.71 10.46
CA THR H 162 -12.23 34.03 10.26
C THR H 162 -13.60 33.93 9.60
N GLY H 163 -14.42 33.03 10.12
CA GLY H 163 -15.75 32.89 9.58
C GLY H 163 -16.59 31.99 10.47
N THR H 164 -17.87 31.94 10.13
CA THR H 164 -18.82 31.09 10.83
C THR H 164 -19.59 30.27 9.80
N TYR H 165 -19.98 29.08 10.21
CA TYR H 165 -20.76 28.21 9.34
C TYR H 165 -21.69 27.37 10.20
N ALA H 166 -22.97 27.36 9.84
CA ALA H 166 -23.99 26.67 10.61
C ALA H 166 -24.02 27.16 12.05
N GLY H 167 -23.76 28.45 12.24
CA GLY H 167 -23.75 29.06 13.56
C GLY H 167 -22.45 28.91 14.31
N ILE H 168 -21.81 27.76 14.17
CA ILE H 168 -20.57 27.49 14.91
C ILE H 168 -19.46 28.34 14.30
N SER H 169 -19.03 29.36 15.02
CA SER H 169 -17.96 30.22 14.53
C SER H 169 -16.67 29.44 14.45
N LYS H 170 -16.09 29.37 13.25
CA LYS H 170 -14.85 28.63 13.08
C LYS H 170 -13.66 29.35 13.71
N VAL H 171 -13.81 30.62 14.08
CA VAL H 171 -12.70 31.33 14.70
C VAL H 171 -12.40 30.75 16.07
N THR H 172 -13.44 30.55 16.88
CA THR H 172 -13.27 30.06 18.25
C THR H 172 -13.45 28.56 18.35
N PHE H 173 -13.74 27.88 17.25
CA PHE H 173 -13.96 26.44 17.23
C PHE H 173 -13.15 25.86 16.08
N PRO H 174 -11.82 25.87 16.19
CA PRO H 174 -10.98 25.50 15.04
C PRO H 174 -11.25 24.09 14.53
N ARG H 175 -11.91 23.25 15.31
CA ARG H 175 -12.38 21.99 14.77
C ARG H 175 -13.41 22.20 13.67
N TRP H 176 -14.06 23.36 13.65
CA TRP H 176 -15.12 23.64 12.70
C TRP H 176 -14.62 24.36 11.46
N ARG H 177 -13.39 24.11 11.06
CA ARG H 177 -12.86 24.63 9.82
C ARG H 177 -12.67 23.47 8.85
N SER H 178 -12.11 23.76 7.68
CA SER H 178 -11.79 22.75 6.69
C SER H 178 -10.28 22.75 6.42
N ILE H 179 -9.88 22.03 5.39
CA ILE H 179 -8.47 21.70 5.18
C ILE H 179 -7.96 22.37 3.91
N ILE H 180 -8.46 23.56 3.62
CA ILE H 180 -7.99 24.31 2.46
C ILE H 180 -6.48 24.45 2.50
N GLN H 181 -5.82 24.14 1.39
CA GLN H 181 -4.37 24.15 1.30
C GLN H 181 -3.91 24.79 0.01
N GLY H 182 -2.77 25.46 0.05
CA GLY H 182 -2.28 26.18 -1.11
C GLY H 182 -0.79 26.17 -1.28
N GLY H 183 -0.10 25.34 -0.50
CA GLY H 183 1.35 25.19 -0.62
C GLY H 183 2.14 26.41 -0.18
N ALA H 184 2.78 27.07 -1.15
CA ALA H 184 3.53 28.30 -0.90
C ALA H 184 2.56 29.45 -0.82
N VAL H 185 3.06 30.68 -0.94
CA VAL H 185 2.25 31.89 -0.87
C VAL H 185 0.93 31.67 -1.61
N PRO H 186 -0.19 31.70 -0.90
CA PRO H 186 -1.45 31.25 -1.48
C PRO H 186 -1.94 32.17 -2.58
N GLY H 187 -2.83 31.62 -3.41
CA GLY H 187 -3.30 32.33 -4.57
C GLY H 187 -2.33 32.36 -5.73
N THR H 188 -1.34 31.47 -5.73
CA THR H 188 -0.34 31.45 -6.79
C THR H 188 -0.33 30.16 -7.60
N ASN H 189 -1.19 29.20 -7.27
CA ASN H 189 -1.51 28.09 -8.16
C ASN H 189 -0.26 27.28 -8.51
N GLU H 190 0.29 26.61 -7.50
CA GLU H 190 1.39 25.70 -7.75
C GLU H 190 0.93 24.52 -8.60
N ALA H 191 1.88 23.68 -8.98
CA ALA H 191 1.66 22.70 -10.04
C ALA H 191 0.85 21.49 -9.60
N LEU H 192 0.46 21.39 -8.32
CA LEU H 192 -0.19 20.20 -7.78
C LEU H 192 0.69 18.97 -7.97
N THR H 193 1.82 19.00 -7.26
CA THR H 193 2.55 17.77 -7.05
C THR H 193 1.70 16.80 -6.24
N ILE H 194 1.99 15.51 -6.41
CA ILE H 194 1.35 14.51 -5.58
C ILE H 194 1.69 14.71 -4.11
N ALA H 195 2.83 15.33 -3.82
CA ALA H 195 3.18 15.64 -2.44
C ALA H 195 2.11 16.51 -1.80
N ARG H 196 1.63 17.51 -2.52
CA ARG H 196 0.59 18.37 -1.97
C ARG H 196 -0.73 17.62 -1.80
N MET H 197 -1.05 16.72 -2.73
CA MET H 197 -2.27 15.95 -2.60
C MET H 197 -2.24 15.06 -1.37
N THR H 198 -1.10 14.39 -1.13
CA THR H 198 -0.95 13.63 0.09
C THR H 198 -0.94 14.54 1.31
N ALA H 199 -0.39 15.75 1.18
CA ALA H 199 -0.39 16.68 2.30
C ALA H 199 -1.81 17.02 2.73
N MET H 200 -2.69 17.24 1.75
CA MET H 200 -4.08 17.50 2.08
C MET H 200 -4.75 16.25 2.63
N LEU H 201 -4.53 15.11 1.97
CA LEU H 201 -5.15 13.86 2.40
C LEU H 201 -4.68 13.43 3.78
N ARG H 202 -3.54 13.92 4.24
CA ARG H 202 -3.02 13.61 5.56
C ARG H 202 -3.42 14.64 6.58
N ALA H 203 -3.39 15.92 6.22
CA ALA H 203 -4.02 16.93 7.06
C ALA H 203 -5.50 16.65 7.22
N ARG H 204 -6.09 15.92 6.27
CA ARG H 204 -7.41 15.37 6.48
C ARG H 204 -7.38 14.15 7.38
N ARG H 205 -6.33 13.35 7.30
CA ARG H 205 -6.19 12.24 8.22
C ARG H 205 -5.89 12.72 9.63
N THR H 206 -5.04 13.75 9.75
CA THR H 206 -4.69 14.25 11.07
C THR H 206 -5.89 14.83 11.80
N ALA H 207 -6.97 15.10 11.09
CA ALA H 207 -8.18 15.62 11.69
C ALA H 207 -9.08 14.53 12.21
N GLY H 208 -8.69 13.27 12.07
CA GLY H 208 -9.57 12.17 12.39
C GLY H 208 -10.58 11.87 11.31
N VAL H 209 -10.61 12.71 10.28
CA VAL H 209 -11.50 12.53 9.15
C VAL H 209 -10.98 11.39 8.27
N THR H 210 -11.89 10.75 7.54
CA THR H 210 -11.48 9.70 6.62
C THR H 210 -10.58 10.28 5.52
N TYR H 211 -9.65 9.46 5.08
CA TYR H 211 -8.64 9.90 4.11
C TYR H 211 -8.39 8.84 3.05
N LYS H 212 -9.35 7.94 2.83
CA LYS H 212 -9.21 6.86 1.89
C LYS H 212 -10.58 6.58 1.29
N GLY H 213 -10.58 5.89 0.16
CA GLY H 213 -11.84 5.54 -0.46
C GLY H 213 -12.47 4.33 0.19
N ASN H 214 -11.68 3.58 0.95
CA ASN H 214 -12.12 2.31 1.49
C ASN H 214 -12.42 2.38 2.99
N GLN H 215 -12.63 3.58 3.51
CA GLN H 215 -12.97 3.74 4.92
C GLN H 215 -14.46 3.85 5.15
N ASN H 216 -15.27 3.25 4.28
CA ASN H 216 -16.71 3.12 4.47
C ASN H 216 -17.39 4.48 4.63
N GLN H 217 -16.88 5.48 3.91
CA GLN H 217 -17.41 6.82 4.06
C GLN H 217 -17.61 7.51 2.72
N ARG H 218 -17.22 6.87 1.62
CA ARG H 218 -17.59 7.28 0.27
C ARG H 218 -17.17 8.72 -0.02
N LEU H 219 -15.86 8.90 -0.09
CA LEU H 219 -15.31 10.21 -0.43
C LEU H 219 -15.46 10.47 -1.92
N VAL H 220 -15.02 11.65 -2.35
CA VAL H 220 -14.91 11.94 -3.77
C VAL H 220 -14.01 13.16 -3.91
N ILE H 221 -13.46 13.36 -5.10
CA ILE H 221 -12.76 14.57 -5.43
C ILE H 221 -13.39 15.18 -6.67
N LEU H 222 -13.60 16.48 -6.63
CA LEU H 222 -14.08 17.24 -7.77
C LEU H 222 -13.01 18.22 -8.22
N THR H 223 -12.67 18.16 -9.49
CA THR H 223 -11.69 19.06 -10.08
C THR H 223 -12.33 19.82 -11.24
N SER H 224 -11.57 20.74 -11.81
CA SER H 224 -12.10 21.68 -12.77
C SER H 224 -12.03 21.18 -14.20
N ASP H 225 -11.81 19.88 -14.39
CA ASP H 225 -11.77 19.26 -15.71
C ASP H 225 -10.54 19.69 -16.49
N ASN H 226 -9.79 20.65 -15.97
CA ASN H 226 -8.43 20.90 -16.40
C ASN H 226 -7.44 20.15 -15.54
N ILE H 227 -7.70 20.10 -14.23
CA ILE H 227 -6.88 19.33 -13.33
C ILE H 227 -7.01 17.84 -13.64
N GLU H 228 -8.20 17.40 -14.05
CA GLU H 228 -8.40 15.98 -14.27
C GLU H 228 -7.69 15.49 -15.53
N ASN H 229 -7.61 16.33 -16.56
CA ASN H 229 -7.05 15.89 -17.83
C ASN H 229 -5.78 16.60 -18.23
N ASP H 230 -5.32 17.58 -17.44
CA ASP H 230 -4.06 18.24 -17.74
C ASP H 230 -3.17 18.38 -16.52
N VAL H 231 -3.63 18.03 -15.32
CA VAL H 231 -2.76 18.02 -14.16
C VAL H 231 -2.72 16.62 -13.57
N LEU H 232 -3.81 15.88 -13.70
CA LEU H 232 -3.78 14.49 -13.25
C LEU H 232 -3.43 13.51 -14.35
N ARG H 233 -3.35 13.96 -15.58
CA ARG H 233 -2.83 13.10 -16.63
C ARG H 233 -1.31 13.11 -16.65
N PRO H 234 -0.63 14.27 -16.64
CA PRO H 234 0.84 14.25 -16.59
C PRO H 234 1.33 13.67 -15.28
N LEU H 235 0.82 14.20 -14.18
CA LEU H 235 0.90 13.47 -12.93
C LEU H 235 0.25 12.11 -13.13
N TYR H 236 0.66 11.15 -12.31
CA TYR H 236 0.40 9.73 -12.51
C TYR H 236 1.28 9.21 -13.64
N GLY H 237 1.96 10.11 -14.33
CA GLY H 237 3.03 9.70 -15.21
C GLY H 237 4.31 9.85 -14.42
N THR H 238 4.31 10.84 -13.53
CA THR H 238 5.37 10.96 -12.54
C THR H 238 5.20 9.97 -11.41
N VAL H 239 3.97 9.68 -11.02
CA VAL H 239 3.72 8.67 -10.00
C VAL H 239 4.02 7.28 -10.55
N VAL H 240 3.61 7.02 -11.79
CA VAL H 240 3.76 5.71 -12.39
C VAL H 240 4.69 5.87 -13.57
N ASP H 241 5.95 5.47 -13.42
CA ASP H 241 6.81 5.32 -14.56
C ASP H 241 6.36 4.11 -15.37
N ASN H 242 6.37 4.25 -16.69
CA ASN H 242 6.11 3.13 -17.60
C ASN H 242 4.71 2.54 -17.42
N GLN H 243 3.72 3.39 -17.74
CA GLN H 243 2.41 2.91 -18.14
C GLN H 243 2.54 2.19 -19.47
N ASN H 244 2.27 0.90 -19.50
CA ASN H 244 2.67 0.07 -20.61
C ASN H 244 1.49 -0.59 -21.29
N VAL H 245 1.52 -0.64 -22.62
CA VAL H 245 0.53 -1.34 -23.41
C VAL H 245 1.25 -2.30 -24.34
N ASP H 246 0.56 -3.37 -24.71
CA ASP H 246 1.08 -4.28 -25.73
C ASP H 246 1.15 -3.56 -27.05
N PHE H 247 2.36 -3.47 -27.61
CA PHE H 247 2.55 -2.78 -28.88
C PHE H 247 1.72 -3.40 -30.00
N THR H 248 1.33 -4.66 -29.86
CA THR H 248 0.52 -5.34 -30.86
C THR H 248 -0.97 -5.24 -30.57
N ARG H 249 -1.36 -4.42 -29.60
CA ARG H 249 -2.78 -4.15 -29.36
C ARG H 249 -3.39 -3.51 -30.60
N LEU H 250 -4.56 -4.02 -31.01
CA LEU H 250 -5.22 -3.44 -32.17
C LEU H 250 -5.78 -2.07 -31.85
N ASP H 251 -6.65 -2.00 -30.85
CA ASP H 251 -7.27 -0.75 -30.42
C ASP H 251 -6.41 -0.17 -29.31
N LYS H 252 -5.90 1.04 -29.52
CA LYS H 252 -5.00 1.68 -28.56
C LYS H 252 -5.36 3.15 -28.39
N ASP H 253 -6.11 3.46 -27.34
CA ASP H 253 -6.47 4.83 -27.03
C ASP H 253 -5.21 5.65 -26.80
N LEU H 254 -5.03 6.71 -27.58
CA LEU H 254 -4.07 7.72 -27.17
C LEU H 254 -4.45 8.31 -25.83
N LEU H 255 -5.76 8.36 -25.56
CA LEU H 255 -6.30 9.10 -24.42
C LEU H 255 -7.44 8.27 -23.90
N PRO H 256 -7.16 7.30 -23.05
CA PRO H 256 -8.17 6.30 -22.70
C PRO H 256 -9.13 6.79 -21.62
N TYR H 257 -10.26 6.10 -21.55
CA TYR H 257 -11.15 6.29 -20.41
C TYR H 257 -10.38 6.03 -19.14
N VAL H 258 -10.59 6.89 -18.15
CA VAL H 258 -9.79 6.81 -16.94
C VAL H 258 -10.52 7.52 -15.83
N ASN H 259 -10.42 6.98 -14.62
CA ASN H 259 -11.11 7.56 -13.48
C ASN H 259 -10.22 8.41 -12.59
N TYR H 260 -8.92 8.15 -12.54
CA TYR H 260 -8.03 8.85 -11.62
C TYR H 260 -8.58 8.84 -10.20
N MET H 261 -8.54 7.67 -9.58
CA MET H 261 -8.76 7.63 -8.14
C MET H 261 -7.50 8.09 -7.42
N VAL H 262 -7.66 8.48 -6.15
CA VAL H 262 -6.53 8.75 -5.26
C VAL H 262 -6.86 8.15 -3.91
N LYS H 263 -6.24 7.02 -3.59
CA LYS H 263 -6.62 6.22 -2.43
C LYS H 263 -8.13 5.99 -2.45
N GLY H 264 -8.59 5.29 -3.47
CA GLY H 264 -10.00 5.35 -3.77
C GLY H 264 -10.31 6.79 -4.12
N ILE H 265 -11.41 7.31 -3.58
CA ILE H 265 -11.75 8.72 -3.72
C ILE H 265 -11.70 9.12 -5.19
N PRO H 266 -12.68 8.73 -6.00
CA PRO H 266 -12.65 9.11 -7.42
C PRO H 266 -12.59 10.62 -7.58
N VAL H 267 -12.07 11.03 -8.73
CA VAL H 267 -11.77 12.43 -8.99
C VAL H 267 -12.66 12.92 -10.14
N VAL H 268 -13.92 12.48 -10.13
CA VAL H 268 -14.89 13.02 -11.07
C VAL H 268 -14.81 14.53 -11.11
N SER H 269 -14.72 15.09 -12.32
CA SER H 269 -14.52 16.50 -12.53
C SER H 269 -15.69 17.10 -13.28
N ASP H 270 -15.79 18.42 -13.22
CA ASP H 270 -16.73 19.15 -14.05
C ASP H 270 -16.24 20.58 -14.22
N ILE H 271 -16.83 21.25 -15.21
CA ILE H 271 -16.45 22.61 -15.53
C ILE H 271 -16.91 23.58 -14.45
N ASP H 272 -17.93 23.20 -13.68
CA ASP H 272 -18.49 24.08 -12.67
C ASP H 272 -17.61 24.20 -11.43
N CYS H 273 -16.62 23.33 -11.26
CA CYS H 273 -15.66 23.54 -10.19
C CYS H 273 -14.96 24.88 -10.41
N PRO H 274 -14.70 25.64 -9.35
CA PRO H 274 -13.89 26.85 -9.50
C PRO H 274 -12.56 26.49 -10.13
N ALA H 275 -11.98 27.45 -10.84
CA ALA H 275 -10.97 27.14 -11.84
C ALA H 275 -9.79 26.39 -11.27
N ASN H 276 -9.03 27.02 -10.39
CA ASN H 276 -7.77 26.41 -9.97
C ASN H 276 -7.90 25.65 -8.66
N LYS H 277 -8.91 24.80 -8.52
CA LYS H 277 -9.24 24.26 -7.20
C LYS H 277 -9.59 22.80 -7.28
N MET H 278 -9.46 22.13 -6.14
CA MET H 278 -9.71 20.70 -6.02
C MET H 278 -10.43 20.45 -4.71
N TYR H 279 -11.65 19.94 -4.78
CA TYR H 279 -12.44 19.68 -3.61
C TYR H 279 -12.42 18.19 -3.30
N LEU H 280 -12.30 17.86 -2.03
CA LEU H 280 -12.45 16.49 -1.57
C LEU H 280 -13.65 16.48 -0.64
N LEU H 281 -14.72 15.87 -1.09
CA LEU H 281 -16.01 15.93 -0.42
C LEU H 281 -16.35 14.57 0.17
N ASN H 282 -16.84 14.58 1.39
CA ASN H 282 -17.30 13.36 2.05
C ASN H 282 -18.79 13.26 1.79
N LEU H 283 -19.14 12.65 0.66
CA LEU H 283 -20.53 12.70 0.19
C LEU H 283 -21.48 12.08 1.18
N ASP H 284 -21.00 11.19 2.05
CA ASP H 284 -21.88 10.69 3.08
C ASP H 284 -22.20 11.73 4.13
N LYS H 285 -21.63 12.92 4.02
CA LYS H 285 -21.85 14.00 4.99
C LYS H 285 -22.03 15.34 4.28
N LEU H 286 -22.67 15.35 3.12
CA LEU H 286 -22.98 16.61 2.47
C LEU H 286 -24.48 16.81 2.27
N ALA H 287 -25.17 15.89 1.60
CA ALA H 287 -26.61 15.72 1.77
C ALA H 287 -27.39 17.03 1.61
N ILE H 288 -27.48 17.51 0.37
CA ILE H 288 -28.38 18.62 0.05
C ILE H 288 -29.73 18.44 0.74
N TYR H 289 -30.26 19.51 1.33
CA TYR H 289 -31.59 19.52 1.91
C TYR H 289 -32.49 20.46 1.15
N SER H 290 -33.79 20.18 1.18
CA SER H 290 -34.78 21.03 0.54
C SER H 290 -35.98 21.16 1.46
N PHE H 291 -36.75 22.22 1.26
CA PHE H 291 -37.99 22.44 2.01
C PHE H 291 -39.16 21.94 1.17
N ASP H 292 -39.74 20.83 1.60
CA ASP H 292 -40.89 20.27 0.89
C ASP H 292 -42.11 21.06 1.31
N GLN H 293 -42.34 22.17 0.60
CA GLN H 293 -43.46 23.06 0.85
C GLN H 293 -44.76 22.52 0.28
N SER H 294 -44.73 21.30 -0.27
CA SER H 294 -45.82 20.83 -1.12
C SER H 294 -47.12 20.59 -0.36
N ASP H 295 -47.06 20.38 0.95
CA ASP H 295 -48.28 20.04 1.67
C ASP H 295 -49.08 21.25 2.09
N ALA H 296 -48.43 22.35 2.44
CA ALA H 296 -49.13 23.54 2.86
C ALA H 296 -49.59 24.39 1.70
N ASP H 297 -49.69 23.80 0.52
CA ASP H 297 -50.09 24.53 -0.67
C ASP H 297 -51.46 24.04 -1.12
N GLN H 298 -52.10 24.83 -1.95
CA GLN H 298 -53.50 24.59 -2.30
C GLN H 298 -53.65 23.29 -3.08
N SER H 299 -54.84 22.72 -2.99
CA SER H 299 -55.15 21.45 -3.63
C SER H 299 -55.54 21.60 -5.09
N ASN H 300 -55.67 22.83 -5.58
CA ASN H 300 -55.97 23.03 -7.00
C ASN H 300 -54.79 22.57 -7.84
N GLY H 301 -55.06 22.29 -9.11
CA GLY H 301 -53.98 21.90 -9.98
C GLY H 301 -53.33 23.14 -10.57
N LYS H 302 -52.30 23.62 -9.87
CA LYS H 302 -51.48 24.72 -10.33
C LYS H 302 -50.02 24.49 -10.06
N ILE H 303 -49.67 23.47 -9.28
CA ILE H 303 -48.32 23.23 -8.80
C ILE H 303 -47.97 21.79 -9.12
N THR H 304 -46.73 21.56 -9.57
CA THR H 304 -46.37 20.26 -10.11
C THR H 304 -45.31 19.53 -9.32
N TYR H 305 -44.22 20.21 -8.94
CA TYR H 305 -43.11 19.61 -8.19
C TYR H 305 -42.47 18.48 -9.00
N ILE H 306 -41.82 18.90 -10.09
CA ILE H 306 -41.07 18.02 -10.97
C ILE H 306 -39.63 17.95 -10.48
N PRO H 307 -39.04 16.77 -10.32
CA PRO H 307 -37.66 16.70 -9.82
C PRO H 307 -36.66 17.13 -10.86
N LEU H 308 -35.49 17.54 -10.39
CA LEU H 308 -34.40 17.86 -11.31
C LEU H 308 -33.93 16.61 -12.05
N ARG H 309 -33.02 16.85 -12.99
CA ARG H 309 -32.44 15.79 -13.79
C ARG H 309 -30.93 16.01 -13.76
N TYR H 310 -30.27 15.46 -12.74
CA TYR H 310 -28.82 15.51 -12.71
C TYR H 310 -28.26 14.55 -13.74
N VAL H 311 -27.47 15.06 -14.66
CA VAL H 311 -26.81 14.23 -15.66
C VAL H 311 -25.31 14.39 -15.46
N ASP H 312 -24.64 13.27 -15.21
CA ASP H 312 -23.23 13.33 -14.82
C ASP H 312 -22.34 13.62 -16.02
N GLU H 313 -22.33 12.73 -17.00
CA GLU H 313 -21.63 12.98 -18.25
C GLU H 313 -22.58 13.68 -19.21
N THR H 314 -22.16 13.87 -20.45
CA THR H 314 -23.00 14.54 -21.44
C THR H 314 -23.84 13.58 -22.26
N GLY H 315 -23.72 12.28 -22.03
CA GLY H 315 -24.44 11.36 -22.88
C GLY H 315 -25.46 10.50 -22.15
N ASP H 316 -25.21 10.24 -20.88
CA ASP H 316 -26.06 9.33 -20.13
C ASP H 316 -27.39 10.00 -19.79
N THR H 317 -28.33 9.18 -19.33
CA THR H 317 -29.71 9.59 -19.14
C THR H 317 -29.79 10.70 -18.09
N PRO H 318 -30.72 11.66 -18.27
CA PRO H 318 -30.84 12.75 -17.29
C PRO H 318 -31.16 12.33 -15.87
N SER H 319 -31.68 11.11 -15.64
CA SER H 319 -31.64 10.48 -14.32
C SER H 319 -32.35 11.32 -13.26
N GLU H 320 -33.68 11.31 -13.33
CA GLU H 320 -34.57 12.04 -12.42
C GLU H 320 -33.99 12.06 -11.01
N SER H 321 -33.88 13.26 -10.44
CA SER H 321 -33.27 13.45 -9.13
C SER H 321 -34.31 13.23 -8.02
N THR H 322 -33.91 13.56 -6.80
CA THR H 322 -34.85 13.65 -5.68
C THR H 322 -35.03 15.08 -5.20
N LEU H 323 -34.30 16.03 -5.78
CA LEU H 323 -34.47 17.44 -5.47
C LEU H 323 -35.63 17.95 -6.31
N TRP H 324 -36.82 17.92 -5.71
CA TRP H 324 -38.03 18.30 -6.45
C TRP H 324 -38.04 19.79 -6.73
N VAL H 325 -38.33 20.14 -7.97
CA VAL H 325 -38.44 21.53 -8.39
C VAL H 325 -39.90 21.83 -8.65
N ARG H 326 -40.39 22.91 -8.07
CA ARG H 326 -41.78 23.30 -8.24
C ARG H 326 -41.92 24.04 -9.56
N LEU H 327 -42.62 23.43 -10.52
CA LEU H 327 -43.12 24.17 -11.67
C LEU H 327 -44.49 24.69 -11.25
N ALA H 328 -44.52 25.94 -10.83
CA ALA H 328 -45.74 26.58 -10.37
C ALA H 328 -46.35 27.32 -11.55
N ASP H 329 -47.59 26.95 -11.88
CA ASP H 329 -48.30 27.66 -12.94
C ASP H 329 -48.69 29.02 -12.39
N VAL H 330 -47.73 29.94 -12.36
CA VAL H 330 -48.01 31.23 -11.77
C VAL H 330 -48.69 32.06 -12.83
N SER H 331 -49.98 31.81 -13.02
CA SER H 331 -50.75 32.51 -14.03
C SER H 331 -51.16 33.85 -13.48
N ASP H 332 -52.08 34.52 -14.16
CA ASP H 332 -52.66 35.75 -13.68
C ASP H 332 -54.12 35.75 -14.08
N GLU H 333 -54.85 36.77 -13.63
CA GLU H 333 -56.19 36.97 -14.17
C GLU H 333 -56.13 37.28 -15.66
N HIS H 334 -54.99 37.69 -16.17
CA HIS H 334 -54.85 37.96 -17.58
C HIS H 334 -55.02 36.68 -18.38
N PRO H 335 -55.86 36.67 -19.40
CA PRO H 335 -56.08 35.45 -20.19
C PRO H 335 -55.10 35.24 -21.34
N ASP H 336 -54.04 36.05 -21.44
CA ASP H 336 -53.11 35.95 -22.56
C ASP H 336 -51.74 35.42 -22.18
N LEU H 337 -51.36 35.46 -20.91
CA LEU H 337 -50.06 35.00 -20.48
C LEU H 337 -50.23 33.83 -19.53
N LEU H 338 -49.34 32.83 -19.65
CA LEU H 338 -49.36 31.72 -18.72
C LEU H 338 -48.36 31.87 -17.60
N LYS H 339 -47.15 32.36 -17.88
CA LYS H 339 -46.22 32.81 -16.85
C LYS H 339 -45.88 31.67 -15.87
N PHE H 340 -45.32 30.60 -16.41
CA PHE H 340 -44.91 29.49 -15.56
C PHE H 340 -43.68 29.87 -14.76
N GLU H 341 -43.48 29.16 -13.65
CA GLU H 341 -42.31 29.30 -12.79
C GLU H 341 -41.69 27.95 -12.54
N LEU H 342 -40.37 27.92 -12.46
CA LEU H 342 -39.64 26.72 -12.10
C LEU H 342 -38.69 27.13 -10.99
N SER H 343 -39.11 26.91 -9.75
CA SER H 343 -38.35 27.37 -8.60
C SER H 343 -38.00 26.21 -7.70
N VAL H 344 -36.82 26.29 -7.09
CA VAL H 344 -36.35 25.27 -6.16
C VAL H 344 -35.48 25.95 -5.12
N ALA H 345 -35.60 25.49 -3.89
CA ALA H 345 -34.78 25.95 -2.78
C ALA H 345 -34.06 24.75 -2.18
N LEU H 346 -32.80 24.96 -1.83
CA LEU H 346 -32.01 23.88 -1.26
C LEU H 346 -30.85 24.50 -0.51
N GLN H 347 -30.30 23.73 0.41
CA GLN H 347 -29.12 24.12 1.17
C GLN H 347 -28.14 22.98 1.15
N LEU H 348 -26.85 23.30 1.05
CA LEU H 348 -25.80 22.30 1.10
C LEU H 348 -25.30 22.23 2.54
N VAL H 349 -25.55 21.12 3.20
CA VAL H 349 -25.32 20.98 4.63
C VAL H 349 -24.04 20.19 4.82
N ALA H 350 -22.95 20.90 5.07
CA ALA H 350 -21.71 20.23 5.42
C ALA H 350 -21.80 19.80 6.86
N PHE H 351 -22.36 18.62 7.09
CA PHE H 351 -22.19 17.98 8.39
C PHE H 351 -20.69 17.75 8.60
N ASP H 352 -20.19 18.11 9.79
CA ASP H 352 -18.78 17.91 10.10
C ASP H 352 -17.90 18.62 9.07
N LEU H 353 -17.98 19.96 9.11
CA LEU H 353 -17.27 20.83 8.18
C LEU H 353 -15.84 20.39 7.90
N ILE H 354 -15.15 19.85 8.89
CA ILE H 354 -13.78 19.41 8.66
C ILE H 354 -13.77 18.10 7.89
N ASP H 355 -14.88 17.37 7.91
CA ASP H 355 -14.97 16.10 7.20
C ASP H 355 -15.63 16.27 5.84
N SER H 356 -16.67 17.09 5.77
CA SER H 356 -17.46 17.14 4.55
C SER H 356 -16.69 17.73 3.38
N ILE H 357 -15.92 18.79 3.60
CA ILE H 357 -15.18 19.43 2.53
C ILE H 357 -13.73 19.61 2.95
N SER H 358 -12.82 19.36 2.02
CA SER H 358 -11.43 19.75 2.16
C SER H 358 -10.98 20.30 0.82
N VAL H 359 -10.07 21.27 0.82
CA VAL H 359 -9.74 21.95 -0.41
C VAL H 359 -8.23 21.94 -0.63
N ILE H 360 -7.84 21.92 -1.90
CA ILE H 360 -6.45 21.98 -2.34
C ILE H 360 -6.32 23.29 -3.12
N ARG H 361 -6.84 24.36 -2.55
CA ARG H 361 -7.17 25.62 -3.20
C ARG H 361 -6.33 26.04 -4.39
N ASP H 362 -5.00 25.96 -4.30
CA ASP H 362 -4.14 26.47 -5.36
C ASP H 362 -3.63 25.30 -6.19
N ILE H 363 -4.06 25.25 -7.45
CA ILE H 363 -3.55 24.28 -8.41
C ILE H 363 -3.42 25.00 -9.75
N THR H 364 -2.32 24.75 -10.45
CA THR H 364 -1.97 25.61 -11.57
C THR H 364 -3.01 25.58 -12.69
N GLN H 365 -3.63 24.45 -12.96
CA GLN H 365 -4.70 24.40 -13.96
C GLN H 365 -6.03 24.03 -13.29
N LEU I 3 -108.49 46.82 -0.20
CA LEU I 3 -108.46 48.13 -0.86
C LEU I 3 -107.03 48.66 -0.87
N THR I 4 -106.83 49.84 -1.50
CA THR I 4 -105.50 50.29 -1.91
C THR I 4 -104.49 50.23 -0.78
N ASN I 5 -104.88 50.66 0.42
CA ASN I 5 -103.94 50.74 1.53
C ASN I 5 -103.37 49.36 1.89
N LEU I 6 -104.21 48.33 1.83
CA LEU I 6 -103.67 46.98 1.84
C LEU I 6 -103.09 46.67 0.47
N THR I 7 -102.21 45.66 0.42
CA THR I 7 -101.45 45.38 -0.79
C THR I 7 -100.75 46.65 -1.26
N PRO I 8 -99.76 47.13 -0.55
CA PRO I 8 -99.15 48.41 -0.87
C PRO I 8 -98.18 48.28 -2.03
N THR I 9 -97.61 49.41 -2.43
CA THR I 9 -96.68 49.43 -3.56
C THR I 9 -95.49 48.53 -3.31
N GLU I 10 -94.93 48.57 -2.09
CA GLU I 10 -93.70 47.85 -1.81
C GLU I 10 -93.87 46.34 -1.92
N LEU I 11 -95.02 45.83 -1.50
CA LEU I 11 -95.26 44.40 -1.58
C LEU I 11 -95.76 43.96 -2.95
N LEU I 12 -96.17 44.90 -3.80
CA LEU I 12 -96.66 44.58 -5.14
C LEU I 12 -95.48 44.52 -6.10
N ALA I 13 -94.81 43.38 -6.11
CA ALA I 13 -93.74 43.13 -7.07
C ALA I 13 -94.37 42.62 -8.34
N ASN I 14 -94.59 43.52 -9.30
CA ASN I 14 -95.34 43.20 -10.51
C ASN I 14 -94.39 42.76 -11.61
N LYS I 15 -94.65 41.58 -12.16
CA LYS I 15 -93.83 41.06 -13.24
C LYS I 15 -93.89 41.97 -14.45
N ALA I 16 -92.74 42.23 -15.04
CA ALA I 16 -92.65 42.98 -16.28
C ALA I 16 -92.33 42.03 -17.42
N VAL I 17 -92.65 42.48 -18.64
CA VAL I 17 -92.41 41.66 -19.81
C VAL I 17 -90.92 41.42 -19.97
N ASP I 18 -90.55 40.18 -20.26
CA ASP I 18 -89.14 39.86 -20.41
C ASP I 18 -88.59 40.42 -21.71
N TYR I 19 -88.49 41.75 -21.77
CA TYR I 19 -88.04 42.47 -22.94
C TYR I 19 -87.06 43.55 -22.50
N LEU I 20 -85.99 43.72 -23.26
CA LEU I 20 -84.92 44.65 -22.89
C LEU I 20 -84.95 45.96 -23.65
N ALA I 21 -85.44 45.96 -24.88
CA ALA I 21 -85.43 47.15 -25.74
C ALA I 21 -83.99 47.63 -25.98
N ASN I 22 -83.21 46.75 -26.60
CA ASN I 22 -81.83 47.06 -26.95
C ASN I 22 -81.75 47.65 -28.36
N SER I 23 -82.37 48.83 -28.51
CA SER I 23 -82.50 49.48 -29.81
C SER I 23 -81.21 50.20 -30.19
N PHE I 24 -80.13 49.43 -30.21
CA PHE I 24 -78.82 49.94 -30.60
C PHE I 24 -78.22 49.01 -31.64
N LEU I 25 -77.74 49.58 -32.73
CA LEU I 25 -77.01 48.85 -33.75
C LEU I 25 -77.88 47.73 -34.32
N VAL I 26 -78.87 48.15 -35.12
CA VAL I 26 -79.67 47.18 -35.85
C VAL I 26 -78.87 46.59 -37.01
N GLU I 27 -77.87 47.31 -37.52
CA GLU I 27 -77.18 46.93 -38.75
C GLU I 27 -75.68 46.94 -38.54
N THR I 28 -75.05 45.77 -38.68
CA THR I 28 -73.60 45.66 -38.80
C THR I 28 -73.26 45.30 -40.24
N PRO I 29 -73.35 46.24 -41.16
CA PRO I 29 -73.25 45.90 -42.58
C PRO I 29 -71.97 45.17 -42.96
N MET I 30 -70.82 45.79 -42.71
CA MET I 30 -69.58 45.22 -43.20
C MET I 30 -69.28 43.91 -42.47
N LEU I 31 -69.37 43.93 -41.14
CA LEU I 31 -69.15 42.71 -40.36
C LEU I 31 -70.16 41.63 -40.73
N GLY I 32 -71.44 42.00 -40.82
CA GLY I 32 -72.44 41.02 -41.15
C GLY I 32 -72.19 40.38 -42.49
N LEU I 33 -71.71 41.16 -43.46
CA LEU I 33 -71.30 40.59 -44.74
C LEU I 33 -70.15 39.63 -44.56
N LEU I 34 -69.16 39.99 -43.75
CA LEU I 34 -68.00 39.14 -43.59
C LEU I 34 -68.16 38.07 -42.53
N ALA I 35 -69.07 38.25 -41.58
CA ALA I 35 -69.37 37.15 -40.67
C ALA I 35 -70.14 36.07 -41.42
N ASN I 36 -70.15 34.88 -40.83
CA ASN I 36 -70.65 33.65 -41.46
C ASN I 36 -69.74 33.24 -42.60
N ARG I 37 -68.71 34.04 -42.87
CA ARG I 37 -67.59 33.64 -43.71
C ARG I 37 -66.27 34.08 -43.09
N VAL I 38 -66.27 34.47 -41.82
CA VAL I 38 -65.03 34.55 -41.08
C VAL I 38 -64.51 33.14 -40.89
N ILE I 39 -63.20 33.02 -40.72
CA ILE I 39 -62.61 31.73 -40.39
C ILE I 39 -61.61 31.92 -39.25
N ASN I 40 -61.77 31.13 -38.21
CA ASN I 40 -60.87 31.13 -37.07
C ASN I 40 -59.81 30.07 -37.30
N GLN I 41 -58.55 30.46 -37.20
CA GLN I 41 -57.45 29.54 -37.45
C GLN I 41 -56.50 29.55 -36.27
N LYS I 42 -55.85 28.41 -36.05
CA LYS I 42 -54.96 28.23 -34.91
C LYS I 42 -53.67 29.02 -35.02
N GLN I 43 -53.37 29.62 -36.17
CA GLN I 43 -52.12 30.34 -36.36
C GLN I 43 -52.41 31.83 -36.49
N LYS I 44 -51.46 32.64 -36.03
CA LYS I 44 -51.70 34.06 -35.85
C LYS I 44 -51.51 34.86 -37.13
N ALA I 45 -50.92 34.27 -38.17
CA ALA I 45 -50.70 34.96 -39.43
C ALA I 45 -51.56 34.34 -40.52
N ILE I 46 -51.86 35.14 -41.53
CA ILE I 46 -52.73 34.74 -42.63
C ILE I 46 -51.86 34.57 -43.85
N GLU I 47 -51.76 33.34 -44.33
CA GLU I 47 -51.00 33.02 -45.52
C GLU I 47 -51.93 32.77 -46.70
N TRP I 48 -51.63 33.37 -47.84
CA TRP I 48 -52.35 33.02 -49.06
C TRP I 48 -51.52 33.43 -50.26
N GLY I 49 -51.94 32.94 -51.42
CA GLY I 49 -51.22 33.18 -52.66
C GLY I 49 -51.94 34.21 -53.52
N ALA I 50 -51.21 35.21 -53.95
CA ALA I 50 -51.73 36.26 -54.80
C ALA I 50 -51.03 36.18 -56.15
N LYS I 51 -51.77 35.79 -57.19
CA LYS I 51 -51.22 35.89 -58.53
C LYS I 51 -50.96 37.35 -58.86
N VAL I 52 -49.79 37.63 -59.40
CA VAL I 52 -49.37 38.98 -59.71
C VAL I 52 -49.18 39.20 -61.21
N ALA I 53 -48.61 38.22 -61.90
CA ALA I 53 -48.44 38.28 -63.33
C ALA I 53 -49.02 37.02 -63.96
N GLN I 54 -49.42 37.15 -65.23
CA GLN I 54 -49.88 36.01 -66.00
C GLN I 54 -48.91 35.76 -67.15
N GLY I 55 -48.71 34.48 -67.46
CA GLY I 55 -47.79 34.12 -68.53
C GLY I 55 -48.30 34.59 -69.87
N VAL I 56 -47.43 35.23 -70.65
CA VAL I 56 -47.76 35.53 -72.03
C VAL I 56 -47.85 34.22 -72.80
N VAL I 57 -48.82 34.14 -73.71
CA VAL I 57 -49.03 32.94 -74.49
C VAL I 57 -48.44 33.15 -75.88
N GLY I 58 -48.15 32.04 -76.55
CA GLY I 58 -47.59 32.09 -77.88
C GLY I 58 -48.08 30.92 -78.70
N GLY I 59 -47.97 31.06 -80.01
CA GLY I 59 -48.49 30.04 -80.90
C GLY I 59 -47.51 29.53 -81.93
N ARG I 60 -47.25 28.23 -81.90
CA ARG I 60 -46.46 27.57 -82.92
C ARG I 60 -47.38 26.91 -83.93
N THR I 61 -46.80 26.56 -85.07
CA THR I 61 -47.57 25.79 -86.05
C THR I 61 -47.76 24.37 -85.55
N ARG I 62 -48.53 23.60 -86.31
CA ARG I 62 -48.80 22.20 -85.94
C ARG I 62 -47.50 21.45 -85.70
N THR I 63 -46.46 21.77 -86.48
CA THR I 63 -45.14 21.17 -86.32
C THR I 63 -44.10 22.23 -85.97
N GLY I 64 -44.53 23.31 -85.33
CA GLY I 64 -43.62 24.39 -85.03
C GLY I 64 -42.67 24.07 -83.90
N ALA I 65 -41.66 24.91 -83.77
CA ALA I 65 -40.65 24.70 -82.74
C ALA I 65 -41.23 24.94 -81.36
N LEU I 66 -40.82 24.11 -80.40
CA LEU I 66 -41.32 24.20 -79.02
C LEU I 66 -40.57 25.30 -78.27
N ALA I 67 -40.84 26.54 -78.68
CA ALA I 67 -40.22 27.68 -78.01
C ALA I 67 -40.79 27.84 -76.61
N ASN I 68 -39.91 27.95 -75.63
CA ASN I 68 -40.35 28.12 -74.26
C ASN I 68 -41.00 29.48 -74.08
N ASP I 69 -41.90 29.55 -73.10
CA ASP I 69 -42.79 30.69 -72.95
C ASP I 69 -42.79 31.14 -71.50
N THR I 70 -42.90 32.45 -71.29
CA THR I 70 -42.89 32.99 -69.94
C THR I 70 -44.13 32.54 -69.18
N GLN I 71 -43.99 32.47 -67.86
CA GLN I 71 -45.07 32.04 -66.99
C GLN I 71 -45.44 33.18 -66.04
N GLY I 72 -46.38 32.90 -65.15
CA GLY I 72 -46.91 33.90 -64.25
C GLY I 72 -46.02 34.11 -63.05
N THR I 73 -46.60 34.69 -62.00
CA THR I 73 -45.85 34.97 -60.79
C THR I 73 -46.85 35.12 -59.64
N ILE I 74 -46.84 34.18 -58.71
CA ILE I 74 -47.67 34.27 -57.53
C ILE I 74 -46.76 34.60 -56.36
N LYS I 75 -47.32 35.29 -55.37
CA LYS I 75 -46.55 35.73 -54.22
C LYS I 75 -47.29 35.42 -52.93
N GLY I 76 -46.52 35.25 -51.87
CA GLY I 76 -47.11 34.92 -50.60
C GLY I 76 -47.54 36.14 -49.84
N ALA I 77 -48.82 36.46 -49.91
CA ALA I 77 -49.36 37.51 -49.07
C ALA I 77 -49.55 36.97 -47.66
N SER I 78 -49.08 37.72 -46.68
CA SER I 78 -49.01 37.25 -45.31
C SER I 78 -49.47 38.38 -44.39
N LEU I 79 -50.75 38.37 -44.04
CA LEU I 79 -51.27 39.26 -43.03
C LEU I 79 -51.07 38.63 -41.66
N SER I 80 -51.68 39.22 -40.63
CA SER I 80 -51.53 38.67 -39.29
C SER I 80 -52.75 39.03 -38.46
N VAL I 81 -53.31 38.05 -37.77
CA VAL I 81 -54.28 38.35 -36.73
C VAL I 81 -53.51 39.17 -35.70
N PRO I 82 -53.94 40.40 -35.42
CA PRO I 82 -53.06 41.35 -34.74
C PRO I 82 -52.91 41.03 -33.27
N ASP I 83 -51.99 41.75 -32.64
CA ASP I 83 -51.67 41.61 -31.22
C ASP I 83 -52.28 42.73 -30.40
N TYR I 84 -53.48 43.16 -30.74
CA TYR I 84 -54.21 44.09 -29.88
C TYR I 84 -55.68 43.77 -29.98
N TYR I 85 -56.26 43.29 -28.87
CA TYR I 85 -57.66 42.92 -28.81
C TYR I 85 -58.54 44.16 -28.85
N ILE I 86 -59.84 43.93 -29.02
CA ILE I 86 -60.82 44.97 -28.73
C ILE I 86 -61.37 44.69 -27.34
N LYS I 87 -60.67 45.19 -26.32
CA LYS I 87 -60.95 44.80 -24.95
C LYS I 87 -62.28 45.42 -24.52
N HIS I 88 -63.00 44.70 -23.66
CA HIS I 88 -64.13 45.28 -22.93
C HIS I 88 -64.26 44.51 -21.62
N GLN I 89 -63.69 45.06 -20.55
CA GLN I 89 -63.77 44.44 -19.24
C GLN I 89 -64.81 45.16 -18.40
N PHE I 90 -65.55 44.40 -17.61
CA PHE I 90 -66.56 44.97 -16.75
C PHE I 90 -66.56 44.25 -15.42
N ASP I 91 -66.95 44.98 -14.37
CA ASP I 91 -66.93 44.49 -13.01
C ASP I 91 -68.36 44.24 -12.57
N VAL I 92 -68.62 43.07 -12.00
CA VAL I 92 -69.97 42.78 -11.53
C VAL I 92 -70.01 42.52 -10.03
N GLY I 93 -69.33 41.49 -9.56
CA GLY I 93 -69.46 41.11 -8.17
C GLY I 93 -70.42 39.97 -8.00
N LYS I 94 -70.02 38.94 -7.26
CA LYS I 94 -70.88 37.77 -7.08
C LYS I 94 -72.17 38.15 -6.38
N ASP I 95 -72.10 39.04 -5.39
CA ASP I 95 -73.26 39.31 -4.56
C ASP I 95 -74.31 40.13 -5.26
N GLU I 96 -74.11 40.48 -6.53
CA GLU I 96 -75.20 41.02 -7.33
C GLU I 96 -75.49 40.21 -8.58
N ILE I 97 -74.63 39.26 -8.93
CA ILE I 97 -75.01 38.23 -9.90
C ILE I 97 -76.04 37.30 -9.30
N VAL I 98 -75.77 36.81 -8.09
CA VAL I 98 -76.70 35.90 -7.43
C VAL I 98 -77.95 36.65 -7.02
N ASN I 99 -77.81 37.89 -6.57
CA ASN I 99 -78.97 38.70 -6.25
C ASN I 99 -79.86 38.88 -7.46
N SER I 100 -79.26 39.22 -8.61
CA SER I 100 -80.03 39.45 -9.81
C SER I 100 -80.57 38.16 -10.41
N ASP I 101 -79.96 37.02 -10.11
CA ASP I 101 -80.54 35.74 -10.52
C ASP I 101 -81.85 35.44 -9.81
N ALA I 102 -82.18 36.20 -8.77
CA ALA I 102 -83.40 35.98 -8.01
C ALA I 102 -84.34 37.17 -8.00
N THR I 103 -83.81 38.39 -8.05
CA THR I 103 -84.66 39.58 -8.06
C THR I 103 -84.85 40.16 -9.45
N GLY I 104 -84.13 39.66 -10.46
CA GLY I 104 -84.22 40.23 -11.78
C GLY I 104 -85.56 39.95 -12.41
N LYS I 105 -86.31 41.00 -12.74
CA LYS I 105 -87.61 40.81 -13.37
C LYS I 105 -87.45 40.41 -14.82
N ILE I 106 -86.77 41.26 -15.60
CA ILE I 106 -86.48 40.95 -17.00
C ILE I 106 -85.44 39.85 -17.06
N SER I 107 -85.62 38.93 -18.02
CA SER I 107 -84.61 37.89 -18.20
C SER I 107 -83.24 38.49 -18.48
N ALA I 108 -83.21 39.67 -19.09
CA ALA I 108 -81.94 40.35 -19.32
C ALA I 108 -81.28 40.74 -18.01
N VAL I 109 -82.06 41.30 -17.07
CA VAL I 109 -81.51 41.63 -15.78
C VAL I 109 -81.23 40.37 -14.97
N ARG I 110 -82.03 39.32 -15.19
CA ARG I 110 -81.83 38.09 -14.44
C ARG I 110 -80.52 37.40 -14.78
N ASP I 111 -79.84 37.83 -15.83
CA ASP I 111 -78.48 37.40 -16.13
C ASP I 111 -77.64 38.65 -16.39
N PRO I 112 -77.31 39.40 -15.34
CA PRO I 112 -76.64 40.69 -15.55
C PRO I 112 -75.31 40.56 -16.25
N VAL I 113 -74.59 39.46 -16.04
CA VAL I 113 -73.40 39.22 -16.85
C VAL I 113 -73.79 38.91 -18.29
N GLY I 114 -74.90 38.19 -18.49
CA GLY I 114 -75.38 37.96 -19.84
C GLY I 114 -75.77 39.25 -20.54
N THR I 115 -76.47 40.12 -19.84
CA THR I 115 -76.81 41.42 -20.41
C THR I 115 -75.56 42.25 -20.68
N ALA I 116 -74.61 42.21 -19.75
CA ALA I 116 -73.38 42.98 -19.93
C ALA I 116 -72.62 42.50 -21.16
N ILE I 117 -72.54 41.18 -21.35
CA ILE I 117 -71.83 40.67 -22.51
C ILE I 117 -72.64 40.87 -23.78
N ALA I 118 -73.97 40.92 -23.69
CA ALA I 118 -74.77 41.17 -24.88
C ALA I 118 -74.61 42.61 -25.36
N ASP I 119 -74.74 43.58 -24.47
CA ASP I 119 -74.49 44.96 -24.88
C ASP I 119 -73.02 45.18 -25.19
N ALA I 120 -72.13 44.39 -24.58
CA ALA I 120 -70.74 44.42 -24.99
C ALA I 120 -70.58 43.92 -26.41
N PHE I 121 -71.32 42.88 -26.79
CA PHE I 121 -71.32 42.41 -28.17
C PHE I 121 -71.81 43.51 -29.10
N ASP I 122 -72.88 44.20 -28.72
CA ASP I 122 -73.39 45.25 -29.59
C ASP I 122 -72.34 46.34 -29.80
N VAL I 123 -71.81 46.89 -28.71
CA VAL I 123 -70.83 47.96 -28.85
C VAL I 123 -69.57 47.44 -29.53
N LEU I 124 -69.24 46.16 -29.30
CA LEU I 124 -68.01 45.58 -29.81
C LEU I 124 -68.08 45.37 -31.31
N SER I 125 -69.20 44.82 -31.79
CA SER I 125 -69.38 44.66 -33.23
C SER I 125 -69.60 45.99 -33.92
N LYS I 126 -70.17 46.98 -33.22
CA LYS I 126 -70.21 48.32 -33.78
C LYS I 126 -68.80 48.85 -33.99
N LYS I 127 -67.94 48.68 -33.00
CA LYS I 127 -66.56 49.12 -33.16
C LYS I 127 -65.84 48.34 -34.23
N ILE I 128 -66.08 47.04 -34.30
CA ILE I 128 -65.53 46.21 -35.37
C ILE I 128 -65.91 46.77 -36.72
N ASN I 129 -67.19 47.10 -36.88
CA ASN I 129 -67.67 47.68 -38.12
C ASN I 129 -66.97 48.99 -38.42
N SER I 130 -66.80 49.84 -37.40
CA SER I 130 -66.15 51.13 -37.62
C SER I 130 -64.69 50.96 -37.99
N VAL I 131 -64.04 49.91 -37.50
CA VAL I 131 -62.64 49.68 -37.77
C VAL I 131 -62.45 48.61 -38.85
N LEU I 132 -63.45 48.40 -39.69
CA LEU I 132 -63.26 47.60 -40.88
C LEU I 132 -63.07 48.46 -42.12
N TYR I 133 -63.39 49.74 -42.06
CA TYR I 133 -63.10 50.66 -43.15
C TYR I 133 -61.88 51.51 -42.87
N THR I 134 -61.94 52.33 -41.81
CA THR I 134 -60.87 53.27 -41.47
C THR I 134 -60.06 52.70 -40.32
N ALA I 135 -59.22 51.71 -40.65
CA ALA I 135 -58.37 51.08 -39.64
C ALA I 135 -56.96 50.98 -40.22
N SER I 136 -56.06 51.82 -39.70
CA SER I 136 -54.70 51.86 -40.21
C SER I 136 -53.97 50.54 -40.03
N GLY I 137 -54.38 49.72 -39.08
CA GLY I 137 -53.64 48.52 -38.75
C GLY I 137 -52.44 48.75 -37.86
N VAL I 138 -52.33 49.93 -37.25
CA VAL I 138 -51.18 50.24 -36.40
C VAL I 138 -51.33 49.67 -34.99
N ALA I 139 -52.50 49.15 -34.64
CA ALA I 139 -52.75 48.50 -33.35
C ALA I 139 -52.49 49.47 -32.19
N ASP I 140 -53.30 50.53 -32.16
CA ASP I 140 -53.16 51.56 -31.13
C ASP I 140 -54.53 51.98 -30.60
N ALA I 141 -55.38 51.00 -30.31
CA ALA I 141 -56.66 51.15 -29.60
C ALA I 141 -57.72 51.89 -30.38
N THR I 142 -57.40 52.43 -31.55
CA THR I 142 -58.40 52.97 -32.46
C THR I 142 -58.35 52.30 -33.81
N ASN I 143 -57.16 51.98 -34.30
CA ASN I 143 -56.98 51.05 -35.40
C ASN I 143 -56.62 49.69 -34.82
N TYR I 144 -57.58 49.13 -34.08
CA TYR I 144 -57.30 48.16 -33.04
C TYR I 144 -56.25 47.12 -33.42
N GLY I 145 -56.48 46.35 -34.47
CA GLY I 145 -55.38 45.67 -35.08
C GLY I 145 -55.62 45.49 -36.56
N ILE I 146 -56.78 45.95 -36.99
CA ILE I 146 -57.35 45.55 -38.26
C ILE I 146 -56.80 46.45 -39.35
N PHE I 147 -56.52 45.87 -40.51
CA PHE I 147 -56.05 46.67 -41.64
C PHE I 147 -57.18 47.27 -42.44
N GLY I 148 -58.43 46.99 -42.05
CA GLY I 148 -59.56 47.71 -42.56
C GLY I 148 -59.68 47.62 -44.07
N LEU I 149 -60.28 48.64 -44.66
CA LEU I 149 -60.40 48.76 -46.09
C LEU I 149 -59.65 49.94 -46.66
N ASP I 150 -59.51 51.02 -45.90
CA ASP I 150 -58.69 52.14 -46.33
C ASP I 150 -57.21 51.86 -46.22
N ALA I 151 -56.81 50.86 -45.43
CA ALA I 151 -55.41 50.47 -45.33
C ALA I 151 -55.10 49.18 -46.05
N ALA I 152 -56.08 48.31 -46.22
CA ALA I 152 -55.91 47.18 -47.14
C ALA I 152 -55.71 47.70 -48.56
N ALA I 153 -56.71 48.40 -49.07
CA ALA I 153 -56.53 49.26 -50.22
C ALA I 153 -55.93 50.57 -49.73
N GLY I 154 -55.94 51.61 -50.56
CA GLY I 154 -55.54 52.93 -50.13
C GLY I 154 -56.74 53.81 -49.80
N THR I 155 -56.42 55.04 -49.41
CA THR I 155 -57.45 56.06 -49.22
C THR I 155 -57.57 56.99 -50.42
N THR I 156 -56.46 57.35 -51.03
CA THR I 156 -56.44 58.18 -52.22
C THR I 156 -56.12 57.30 -53.43
N VAL I 157 -56.13 57.92 -54.60
CA VAL I 157 -55.64 57.21 -55.78
C VAL I 157 -54.17 56.87 -55.62
N ALA I 158 -53.38 57.82 -55.11
CA ALA I 158 -51.97 57.57 -54.90
C ALA I 158 -51.74 56.47 -53.88
N ASN I 159 -52.55 56.44 -52.82
CA ASN I 159 -52.39 55.41 -51.80
C ASN I 159 -52.67 54.01 -52.31
N SER I 160 -53.38 53.88 -53.44
CA SER I 160 -53.52 52.57 -54.07
C SER I 160 -52.15 52.04 -54.50
N ALA I 161 -51.32 52.92 -55.05
CA ALA I 161 -49.90 52.64 -55.19
C ALA I 161 -49.19 53.11 -53.93
N THR I 162 -47.86 53.17 -53.98
CA THR I 162 -47.06 53.74 -52.89
C THR I 162 -47.46 53.17 -51.54
N GLY I 163 -47.23 51.87 -51.40
CA GLY I 163 -47.51 51.22 -50.13
C GLY I 163 -47.27 49.74 -50.24
N THR I 164 -47.60 49.05 -49.14
CA THR I 164 -47.51 47.61 -49.06
C THR I 164 -48.80 47.08 -48.44
N TYR I 165 -49.09 45.82 -48.69
CA TYR I 165 -50.22 45.17 -48.05
C TYR I 165 -49.99 43.67 -48.02
N ALA I 166 -50.09 43.08 -46.84
CA ALA I 166 -49.86 41.65 -46.66
C ALA I 166 -48.47 41.26 -47.17
N GLY I 167 -47.51 42.16 -46.99
CA GLY I 167 -46.15 41.94 -47.44
C GLY I 167 -45.92 42.30 -48.88
N ILE I 168 -46.89 42.00 -49.75
CA ILE I 168 -46.75 42.31 -51.16
C ILE I 168 -46.75 43.81 -51.37
N SER I 169 -45.76 44.31 -52.10
CA SER I 169 -45.64 45.75 -52.31
C SER I 169 -46.47 46.17 -53.51
N LYS I 170 -47.31 47.19 -53.31
CA LYS I 170 -48.12 47.71 -54.40
C LYS I 170 -47.28 48.40 -55.45
N VAL I 171 -46.07 48.85 -55.10
CA VAL I 171 -45.25 49.59 -56.04
C VAL I 171 -44.73 48.67 -57.14
N THR I 172 -44.26 47.49 -56.78
CA THR I 172 -43.67 46.58 -57.76
C THR I 172 -44.69 45.71 -58.47
N PHE I 173 -45.92 45.62 -57.95
CA PHE I 173 -46.94 44.74 -58.49
C PHE I 173 -48.25 45.51 -58.66
N PRO I 174 -48.47 46.12 -59.82
CA PRO I 174 -49.72 46.87 -60.00
C PRO I 174 -50.97 46.04 -59.83
N ARG I 175 -50.91 44.74 -60.11
CA ARG I 175 -52.07 43.89 -59.86
C ARG I 175 -52.35 43.72 -58.38
N TRP I 176 -51.45 44.17 -57.51
CA TRP I 176 -51.69 44.16 -56.08
C TRP I 176 -52.28 45.49 -55.59
N ARG I 177 -52.61 46.39 -56.50
CA ARG I 177 -53.19 47.66 -56.11
C ARG I 177 -54.70 47.54 -56.08
N SER I 178 -55.37 48.66 -55.90
CA SER I 178 -56.81 48.75 -56.04
C SER I 178 -57.14 49.81 -57.09
N ILE I 179 -58.42 49.90 -57.42
CA ILE I 179 -58.85 50.72 -58.54
C ILE I 179 -59.50 51.97 -57.96
N ILE I 180 -59.00 52.39 -56.79
CA ILE I 180 -59.42 53.63 -56.16
C ILE I 180 -59.32 54.77 -57.18
N GLN I 181 -60.45 55.39 -57.46
CA GLN I 181 -60.46 56.49 -58.42
C GLN I 181 -61.57 57.46 -58.04
N GLY I 182 -61.30 58.74 -58.21
CA GLY I 182 -62.26 59.74 -57.77
C GLY I 182 -62.52 60.83 -58.78
N GLY I 183 -62.35 62.08 -58.35
CA GLY I 183 -62.65 63.21 -59.20
C GLY I 183 -61.51 63.55 -60.14
N ALA I 184 -61.81 64.47 -61.06
CA ALA I 184 -60.78 64.95 -61.98
C ALA I 184 -59.65 65.62 -61.21
N VAL I 185 -60.00 66.53 -60.30
CA VAL I 185 -59.08 67.05 -59.31
C VAL I 185 -59.26 66.23 -58.03
N PRO I 186 -58.26 65.50 -57.57
CA PRO I 186 -58.47 64.53 -56.49
C PRO I 186 -58.83 65.20 -55.18
N GLY I 187 -59.60 64.46 -54.37
CA GLY I 187 -59.99 64.93 -53.06
C GLY I 187 -60.78 66.22 -53.10
N THR I 188 -61.76 66.28 -54.00
CA THR I 188 -62.58 67.47 -54.15
C THR I 188 -64.08 67.19 -54.15
N ASN I 189 -64.49 65.93 -54.04
CA ASN I 189 -65.89 65.57 -53.82
C ASN I 189 -66.79 66.12 -54.93
N GLU I 190 -66.60 65.54 -56.11
CA GLU I 190 -67.54 65.83 -57.19
C GLU I 190 -68.76 64.91 -57.08
N ALA I 191 -69.68 65.06 -58.02
CA ALA I 191 -71.07 64.67 -57.82
C ALA I 191 -71.36 63.19 -58.05
N LEU I 192 -70.39 62.40 -58.50
CA LEU I 192 -70.62 61.01 -58.86
C LEU I 192 -71.71 60.90 -59.94
N THR I 193 -71.37 61.41 -61.11
CA THR I 193 -72.20 61.17 -62.27
C THR I 193 -72.27 59.67 -62.56
N ILE I 194 -73.17 59.32 -63.48
CA ILE I 194 -73.26 57.93 -63.91
C ILE I 194 -71.95 57.49 -64.53
N ALA I 195 -71.22 58.42 -65.14
CA ALA I 195 -69.95 58.09 -65.79
C ALA I 195 -68.93 57.61 -64.78
N ARG I 196 -68.88 58.20 -63.59
CA ARG I 196 -67.89 57.79 -62.61
C ARG I 196 -68.11 56.36 -62.17
N MET I 197 -69.36 56.01 -61.85
CA MET I 197 -69.65 54.64 -61.42
C MET I 197 -69.42 53.65 -62.56
N THR I 198 -69.85 53.98 -63.78
CA THR I 198 -69.62 53.04 -64.87
C THR I 198 -68.15 52.93 -65.22
N ALA I 199 -67.37 54.01 -65.03
CA ALA I 199 -65.94 53.93 -65.27
C ALA I 199 -65.26 53.10 -64.21
N MET I 200 -65.72 53.19 -62.97
CA MET I 200 -65.23 52.29 -61.93
C MET I 200 -65.48 50.84 -62.31
N LEU I 201 -66.71 50.52 -62.71
CA LEU I 201 -67.01 49.14 -63.05
C LEU I 201 -66.22 48.68 -64.27
N ARG I 202 -66.05 49.56 -65.27
CA ARG I 202 -65.29 49.18 -66.45
C ARG I 202 -63.82 48.95 -66.13
N ALA I 203 -63.23 49.81 -65.30
CA ALA I 203 -61.87 49.56 -64.84
C ALA I 203 -61.79 48.28 -64.05
N ARG I 204 -62.88 47.93 -63.37
CA ARG I 204 -62.92 46.67 -62.65
C ARG I 204 -62.98 45.48 -63.59
N ARG I 205 -63.62 45.63 -64.76
CA ARG I 205 -63.57 44.58 -65.77
C ARG I 205 -62.17 44.43 -66.33
N THR I 206 -61.55 45.53 -66.71
CA THR I 206 -60.23 45.49 -67.34
C THR I 206 -59.17 44.95 -66.40
N ALA I 207 -59.46 44.84 -65.11
CA ALA I 207 -58.58 44.19 -64.16
C ALA I 207 -58.91 42.71 -63.98
N GLY I 208 -59.86 42.19 -64.75
CA GLY I 208 -60.26 40.81 -64.59
C GLY I 208 -61.13 40.54 -63.38
N VAL I 209 -61.57 41.57 -62.70
CA VAL I 209 -62.27 41.47 -61.44
C VAL I 209 -63.78 41.36 -61.68
N THR I 210 -64.47 40.65 -60.80
CA THR I 210 -65.91 40.55 -60.89
C THR I 210 -66.55 41.93 -60.82
N TYR I 211 -67.44 42.19 -61.76
CA TYR I 211 -68.05 43.50 -61.93
C TYR I 211 -69.57 43.47 -62.10
N LYS I 212 -70.14 42.40 -62.62
CA LYS I 212 -71.58 42.33 -62.81
C LYS I 212 -72.26 42.12 -61.46
N GLY I 213 -73.57 42.30 -61.45
CA GLY I 213 -74.35 42.09 -60.25
C GLY I 213 -74.04 40.79 -59.55
N ASN I 214 -74.39 39.67 -60.17
CA ASN I 214 -74.08 38.36 -59.65
C ASN I 214 -73.15 37.64 -60.61
N GLN I 215 -71.98 37.27 -60.11
CA GLN I 215 -71.03 36.45 -60.87
C GLN I 215 -70.59 35.25 -60.04
N ASN I 216 -71.44 34.85 -59.08
CA ASN I 216 -71.11 33.82 -58.10
C ASN I 216 -69.85 34.19 -57.32
N GLN I 217 -69.60 35.49 -57.19
CA GLN I 217 -68.51 36.00 -56.39
C GLN I 217 -68.90 37.17 -55.50
N ARG I 218 -70.16 37.61 -55.53
CA ARG I 218 -70.73 38.56 -54.58
C ARG I 218 -70.04 39.92 -54.60
N LEU I 219 -70.08 40.61 -55.73
CA LEU I 219 -69.67 42.00 -55.74
C LEU I 219 -70.73 42.84 -55.06
N VAL I 220 -70.32 43.68 -54.12
CA VAL I 220 -71.22 44.47 -53.30
C VAL I 220 -70.67 45.89 -53.24
N ILE I 221 -71.56 46.84 -52.98
CA ILE I 221 -71.15 48.23 -52.77
C ILE I 221 -71.36 48.58 -51.32
N LEU I 222 -70.28 48.85 -50.60
CA LEU I 222 -70.38 49.53 -49.33
C LEU I 222 -70.48 51.03 -49.57
N THR I 223 -71.37 51.67 -48.83
CA THR I 223 -71.64 53.08 -49.03
C THR I 223 -72.16 53.63 -47.71
N SER I 224 -72.02 54.94 -47.53
CA SER I 224 -72.24 55.56 -46.24
C SER I 224 -73.70 55.73 -45.88
N ASP I 225 -74.63 55.03 -46.55
CA ASP I 225 -76.06 55.17 -46.28
C ASP I 225 -76.51 56.59 -46.56
N ASN I 226 -75.60 57.42 -47.05
CA ASN I 226 -75.86 58.79 -47.44
C ASN I 226 -75.67 58.98 -48.94
N ILE I 227 -74.56 58.49 -49.49
CA ILE I 227 -74.40 58.44 -50.93
C ILE I 227 -75.42 57.50 -51.54
N GLU I 228 -75.67 56.37 -50.89
CA GLU I 228 -76.62 55.41 -51.42
C GLU I 228 -78.04 55.96 -51.50
N ASN I 229 -78.43 56.82 -50.57
CA ASN I 229 -79.76 57.40 -50.57
C ASN I 229 -79.82 58.73 -51.32
N ASP I 230 -78.77 59.54 -51.23
CA ASP I 230 -78.80 60.87 -51.81
C ASP I 230 -78.08 60.97 -53.14
N VAL I 231 -77.35 59.93 -53.55
CA VAL I 231 -76.68 59.95 -54.83
C VAL I 231 -77.06 58.72 -55.63
N LEU I 232 -76.92 57.54 -55.04
CA LEU I 232 -77.25 56.31 -55.75
C LEU I 232 -78.74 56.13 -55.96
N ARG I 233 -79.59 56.78 -55.19
CA ARG I 233 -81.03 56.68 -55.44
C ARG I 233 -81.49 57.62 -56.54
N PRO I 234 -81.13 58.90 -56.53
CA PRO I 234 -81.53 59.75 -57.68
C PRO I 234 -80.94 59.25 -58.98
N LEU I 235 -79.65 58.96 -59.01
CA LEU I 235 -79.09 58.17 -60.09
C LEU I 235 -79.65 56.75 -60.01
N TYR I 236 -79.65 56.06 -61.16
CA TYR I 236 -80.06 54.67 -61.20
C TYR I 236 -81.54 54.49 -60.84
N GLY I 237 -82.22 55.58 -60.52
CA GLY I 237 -83.64 55.53 -60.25
C GLY I 237 -84.00 54.56 -59.14
N THR I 238 -85.08 53.83 -59.35
CA THR I 238 -85.67 52.97 -58.33
C THR I 238 -84.84 51.70 -58.18
N VAL I 239 -85.38 50.73 -57.45
CA VAL I 239 -84.64 49.50 -57.15
C VAL I 239 -85.05 48.43 -58.15
N VAL I 240 -86.27 48.50 -58.66
CA VAL I 240 -86.70 47.48 -59.61
C VAL I 240 -86.06 47.73 -60.97
N ASP I 241 -85.81 48.98 -61.34
CA ASP I 241 -85.15 49.23 -62.61
C ASP I 241 -83.65 49.03 -62.53
N ASN I 242 -83.14 48.55 -61.41
CA ASN I 242 -81.73 48.22 -61.23
C ASN I 242 -81.55 46.75 -60.92
N GLN I 243 -82.44 45.90 -61.42
CA GLN I 243 -82.30 44.47 -61.19
C GLN I 243 -81.34 43.86 -62.20
N ASN I 244 -81.00 42.60 -61.98
CA ASN I 244 -80.12 41.88 -62.88
C ASN I 244 -80.88 41.48 -64.14
N VAL I 245 -80.16 40.89 -65.09
CA VAL I 245 -80.75 40.60 -66.39
C VAL I 245 -81.99 39.74 -66.24
N ASP I 246 -81.92 38.71 -65.41
CA ASP I 246 -83.10 38.02 -64.92
C ASP I 246 -83.11 38.12 -63.40
N PHE I 247 -84.31 38.20 -62.84
CA PHE I 247 -84.44 38.57 -61.44
C PHE I 247 -83.98 37.45 -60.52
N THR I 248 -82.68 37.13 -60.56
CA THR I 248 -82.14 36.17 -59.62
C THR I 248 -82.29 36.69 -58.20
N ARG I 249 -82.84 35.84 -57.34
CA ARG I 249 -83.03 36.25 -55.94
C ARG I 249 -81.68 36.56 -55.33
N LEU I 250 -81.63 37.64 -54.55
CA LEU I 250 -80.35 38.23 -54.16
C LEU I 250 -79.45 37.25 -53.40
N ASP I 251 -79.84 36.91 -52.17
CA ASP I 251 -79.04 35.98 -51.37
C ASP I 251 -79.74 35.64 -50.06
N LYS I 252 -79.06 34.88 -49.21
CA LYS I 252 -79.48 34.65 -47.84
C LYS I 252 -78.65 35.46 -46.86
N ASP I 253 -77.34 35.45 -47.01
CA ASP I 253 -76.42 36.14 -46.13
C ASP I 253 -76.03 37.52 -46.63
N LEU I 254 -76.73 38.03 -47.64
CA LEU I 254 -76.37 39.31 -48.23
C LEU I 254 -77.60 40.20 -48.33
N LEU I 255 -78.77 39.56 -48.42
CA LEU I 255 -80.02 40.31 -48.52
C LEU I 255 -80.30 41.23 -47.32
N PRO I 256 -80.06 40.82 -46.07
CA PRO I 256 -80.42 41.70 -44.95
C PRO I 256 -79.79 43.07 -45.00
N TYR I 257 -78.57 43.18 -45.49
CA TYR I 257 -77.83 44.43 -45.45
C TYR I 257 -78.00 45.26 -46.71
N VAL I 258 -78.82 44.80 -47.65
CA VAL I 258 -78.97 45.44 -48.95
C VAL I 258 -80.36 46.01 -49.04
N ASN I 259 -80.45 47.32 -49.29
CA ASN I 259 -81.74 47.97 -49.50
C ASN I 259 -81.82 48.64 -50.87
N TYR I 260 -80.93 48.26 -51.78
CA TYR I 260 -80.85 48.92 -53.08
C TYR I 260 -79.87 48.15 -53.96
N MET I 261 -80.07 48.27 -55.26
CA MET I 261 -79.20 47.66 -56.25
C MET I 261 -78.79 48.72 -57.26
N VAL I 262 -77.69 48.46 -57.95
CA VAL I 262 -77.15 49.36 -58.96
C VAL I 262 -76.82 48.51 -60.18
N LYS I 263 -77.71 48.51 -61.17
CA LYS I 263 -77.69 47.57 -62.29
C LYS I 263 -77.27 46.19 -61.81
N GLY I 264 -78.06 45.65 -60.88
CA GLY I 264 -77.60 44.55 -60.06
C GLY I 264 -76.75 45.10 -58.94
N ILE I 265 -75.71 44.36 -58.57
CA ILE I 265 -74.58 44.90 -57.82
C ILE I 265 -75.12 45.45 -56.51
N PRO I 266 -75.44 44.60 -55.54
CA PRO I 266 -76.09 45.08 -54.32
C PRO I 266 -75.26 46.15 -53.64
N VAL I 267 -75.92 47.20 -53.17
CA VAL I 267 -75.26 48.24 -52.41
C VAL I 267 -75.63 48.09 -50.93
N VAL I 268 -74.61 47.90 -50.10
CA VAL I 268 -74.80 47.79 -48.66
C VAL I 268 -74.55 49.15 -48.06
N SER I 269 -75.54 49.67 -47.35
CA SER I 269 -75.49 51.02 -46.81
C SER I 269 -75.12 50.92 -45.34
N ASP I 270 -73.91 51.35 -45.01
CA ASP I 270 -73.46 51.40 -43.62
C ASP I 270 -73.35 52.85 -43.21
N ILE I 271 -74.05 53.21 -42.14
CA ILE I 271 -73.86 54.53 -41.55
C ILE I 271 -72.45 54.67 -41.03
N ASP I 272 -71.81 53.55 -40.71
CA ASP I 272 -70.45 53.52 -40.20
C ASP I 272 -69.40 53.55 -41.31
N CYS I 273 -69.80 53.30 -42.56
CA CYS I 273 -68.91 53.56 -43.68
C CYS I 273 -68.49 55.02 -43.64
N PRO I 274 -67.22 55.32 -43.87
CA PRO I 274 -66.74 56.68 -43.64
C PRO I 274 -67.41 57.71 -44.52
N ALA I 275 -66.99 58.98 -44.38
CA ALA I 275 -67.61 60.07 -45.11
C ALA I 275 -67.44 59.84 -46.60
N ASN I 276 -67.98 60.75 -47.41
CA ASN I 276 -68.32 60.48 -48.80
C ASN I 276 -67.25 59.68 -49.54
N LYS I 277 -67.61 58.45 -49.91
CA LYS I 277 -66.71 57.41 -50.36
C LYS I 277 -67.56 56.19 -50.69
N MET I 278 -67.00 55.27 -51.46
CA MET I 278 -67.73 54.09 -51.89
C MET I 278 -66.76 52.95 -52.08
N TYR I 279 -67.18 51.74 -51.72
CA TYR I 279 -66.32 50.57 -51.72
C TYR I 279 -66.96 49.45 -52.52
N LEU I 280 -66.59 49.31 -53.77
CA LEU I 280 -66.93 48.11 -54.53
C LEU I 280 -66.07 46.98 -54.00
N LEU I 281 -66.65 46.13 -53.18
CA LEU I 281 -65.95 45.00 -52.60
C LEU I 281 -66.36 43.70 -53.25
N ASN I 282 -65.47 42.73 -53.14
CA ASN I 282 -65.72 41.36 -53.56
C ASN I 282 -65.79 40.53 -52.28
N LEU I 283 -67.01 40.32 -51.79
CA LEU I 283 -67.19 39.72 -50.47
C LEU I 283 -66.63 38.30 -50.40
N ASP I 284 -66.51 37.61 -51.52
CA ASP I 284 -65.88 36.30 -51.47
C ASP I 284 -64.37 36.40 -51.34
N LYS I 285 -63.77 37.44 -51.90
CA LYS I 285 -62.34 37.68 -51.78
C LYS I 285 -61.98 38.44 -50.51
N LEU I 286 -62.97 38.85 -49.72
CA LEU I 286 -62.75 39.46 -48.42
C LEU I 286 -63.13 38.49 -47.33
N ALA I 287 -62.31 38.41 -46.30
CA ALA I 287 -62.58 37.55 -45.16
C ALA I 287 -62.11 38.26 -43.90
N ILE I 288 -62.58 37.78 -42.76
CA ILE I 288 -62.08 38.22 -41.47
C ILE I 288 -61.53 37.01 -40.76
N TYR I 289 -60.27 37.09 -40.35
CA TYR I 289 -59.62 35.99 -39.67
C TYR I 289 -59.45 36.33 -38.19
N SER I 290 -59.50 35.31 -37.37
CA SER I 290 -59.30 35.47 -35.93
C SER I 290 -58.41 34.35 -35.43
N PHE I 291 -57.68 34.63 -34.36
CA PHE I 291 -56.76 33.67 -33.79
C PHE I 291 -57.44 32.94 -32.64
N ASP I 292 -57.41 31.60 -32.69
CA ASP I 292 -58.14 30.77 -31.76
C ASP I 292 -57.18 30.23 -30.69
N GLN I 293 -57.20 30.84 -29.51
CA GLN I 293 -56.42 30.32 -28.38
C GLN I 293 -57.25 29.31 -27.58
N SER I 294 -57.71 28.28 -28.30
CA SER I 294 -58.50 27.24 -27.65
C SER I 294 -57.74 26.54 -26.54
N ASP I 295 -56.42 26.48 -26.63
CA ASP I 295 -55.60 25.77 -25.64
C ASP I 295 -55.26 26.73 -24.50
N ALA I 296 -56.24 26.88 -23.60
CA ALA I 296 -56.18 27.87 -22.52
C ALA I 296 -56.70 27.22 -21.24
N ASP I 297 -55.79 26.58 -20.50
CA ASP I 297 -56.02 26.20 -19.10
C ASP I 297 -57.36 25.49 -18.92
N GLN I 298 -57.42 24.28 -19.49
CA GLN I 298 -58.67 23.52 -19.49
C GLN I 298 -59.24 23.36 -18.08
N SER I 299 -58.36 23.23 -17.09
CA SER I 299 -58.84 23.19 -15.71
C SER I 299 -59.53 24.48 -15.33
N ASN I 300 -58.98 25.61 -15.76
CA ASN I 300 -59.62 26.89 -15.50
C ASN I 300 -60.95 26.96 -16.24
N GLY I 301 -61.95 27.54 -15.58
CA GLY I 301 -63.22 27.78 -16.22
C GLY I 301 -63.34 29.24 -16.58
N LYS I 302 -62.20 29.94 -16.57
CA LYS I 302 -62.20 31.38 -16.80
C LYS I 302 -62.63 31.72 -18.23
N ILE I 303 -62.14 30.98 -19.21
CA ILE I 303 -62.18 31.39 -20.60
C ILE I 303 -63.26 30.59 -21.31
N THR I 304 -64.06 31.26 -22.12
CA THR I 304 -65.22 30.55 -22.65
C THR I 304 -65.36 30.61 -24.17
N TYR I 305 -65.05 31.74 -24.80
CA TYR I 305 -65.18 31.90 -26.25
C TYR I 305 -66.61 31.68 -26.72
N ILE I 306 -67.48 32.61 -26.33
CA ILE I 306 -68.84 32.67 -26.87
C ILE I 306 -68.81 33.35 -28.24
N PRO I 307 -69.64 32.94 -29.19
CA PRO I 307 -69.56 33.51 -30.54
C PRO I 307 -70.19 34.88 -30.62
N LEU I 308 -69.58 35.76 -31.41
CA LEU I 308 -70.07 37.12 -31.52
C LEU I 308 -71.34 37.17 -32.35
N ARG I 309 -72.29 37.99 -31.93
CA ARG I 309 -73.53 38.21 -32.66
C ARG I 309 -73.59 39.65 -33.14
N TYR I 310 -74.07 39.83 -34.37
CA TYR I 310 -73.98 41.09 -35.09
C TYR I 310 -75.33 41.61 -35.54
N VAL I 311 -76.42 40.97 -35.18
CA VAL I 311 -77.75 41.42 -35.58
C VAL I 311 -78.04 42.80 -35.01
N THR I 322 -68.27 31.16 -38.18
CA THR I 322 -68.71 31.97 -37.06
C THR I 322 -67.56 32.70 -36.40
N LEU I 323 -67.85 33.87 -35.85
CA LEU I 323 -66.84 34.71 -35.22
C LEU I 323 -66.92 34.54 -33.72
N TRP I 324 -65.84 34.08 -33.12
CA TRP I 324 -65.78 33.88 -31.68
C TRP I 324 -65.15 35.08 -31.01
N VAL I 325 -65.61 35.39 -29.82
CA VAL I 325 -65.02 36.41 -28.97
C VAL I 325 -64.79 35.81 -27.60
N ARG I 326 -63.59 36.01 -27.06
CA ARG I 326 -63.21 35.38 -25.80
C ARG I 326 -63.84 36.11 -24.63
N LEU I 327 -64.49 35.36 -23.77
CA LEU I 327 -65.00 35.86 -22.50
C LEU I 327 -64.16 35.25 -21.39
N ALA I 328 -63.56 36.10 -20.57
CA ALA I 328 -62.53 35.69 -19.64
C ALA I 328 -62.88 36.15 -18.23
N ASP I 329 -62.77 35.24 -17.27
CA ASP I 329 -62.81 35.63 -15.86
C ASP I 329 -61.47 36.27 -15.53
N VAL I 330 -61.36 37.55 -15.83
CA VAL I 330 -60.15 38.25 -15.44
C VAL I 330 -60.38 38.69 -14.00
N SER I 331 -60.22 37.76 -13.08
CA SER I 331 -60.63 37.95 -11.70
C SER I 331 -59.39 37.92 -10.82
N ASP I 332 -59.23 38.94 -10.00
CA ASP I 332 -58.12 38.98 -9.06
C ASP I 332 -58.39 37.97 -7.95
N GLU I 333 -57.54 37.97 -6.92
CA GLU I 333 -57.78 37.14 -5.76
C GLU I 333 -59.10 37.51 -5.08
N HIS I 334 -59.59 38.72 -5.29
CA HIS I 334 -60.79 39.22 -4.64
C HIS I 334 -61.95 38.25 -4.87
N PRO I 335 -62.58 37.73 -3.82
CA PRO I 335 -63.55 36.66 -3.96
C PRO I 335 -64.98 37.09 -4.16
N ASP I 336 -65.28 38.39 -4.15
CA ASP I 336 -66.64 38.88 -4.34
C ASP I 336 -66.76 39.74 -5.59
N LEU I 337 -65.85 39.60 -6.53
CA LEU I 337 -65.88 40.30 -7.81
C LEU I 337 -65.60 39.29 -8.92
N LEU I 338 -66.00 39.63 -10.14
CA LEU I 338 -65.71 38.78 -11.27
C LEU I 338 -64.82 39.42 -12.31
N LYS I 339 -65.10 40.66 -12.70
CA LYS I 339 -64.24 41.42 -13.60
C LYS I 339 -64.03 40.65 -14.92
N PHE I 340 -65.14 40.40 -15.60
CA PHE I 340 -65.10 39.72 -16.88
C PHE I 340 -64.41 40.59 -17.92
N GLU I 341 -64.00 39.94 -19.01
CA GLU I 341 -63.39 40.66 -20.12
C GLU I 341 -63.76 40.00 -21.43
N LEU I 342 -64.29 40.77 -22.37
CA LEU I 342 -64.62 40.32 -23.71
C LEU I 342 -63.59 40.89 -24.68
N SER I 343 -62.87 40.01 -25.35
CA SER I 343 -61.81 40.43 -26.26
C SER I 343 -61.91 39.64 -27.55
N VAL I 344 -61.83 40.33 -28.67
CA VAL I 344 -61.82 39.68 -29.98
C VAL I 344 -60.71 40.28 -30.82
N ALA I 345 -59.98 39.42 -31.52
CA ALA I 345 -58.92 39.83 -32.44
C ALA I 345 -59.33 39.48 -33.85
N LEU I 346 -59.34 40.46 -34.73
CA LEU I 346 -59.69 40.25 -36.12
C LEU I 346 -58.62 40.83 -37.02
N GLN I 347 -58.43 40.22 -38.17
CA GLN I 347 -57.71 40.83 -39.27
C GLN I 347 -58.58 40.79 -40.50
N LEU I 348 -58.75 41.94 -41.14
CA LEU I 348 -59.54 42.02 -42.37
C LEU I 348 -58.65 41.59 -43.51
N VAL I 349 -58.69 40.30 -43.82
CA VAL I 349 -57.94 39.75 -44.93
C VAL I 349 -58.62 40.14 -46.22
N ALA I 350 -57.85 40.71 -47.13
CA ALA I 350 -58.32 41.09 -48.46
C ALA I 350 -57.51 40.30 -49.47
N PHE I 351 -57.96 39.10 -49.80
CA PHE I 351 -57.32 38.35 -50.86
C PHE I 351 -57.42 39.12 -52.16
N ASP I 352 -56.33 39.11 -52.94
CA ASP I 352 -56.32 39.65 -54.30
C ASP I 352 -56.85 41.09 -54.30
N LEU I 353 -56.04 41.96 -53.71
CA LEU I 353 -56.46 43.34 -53.42
C LEU I 353 -57.02 44.05 -54.66
N ILE I 354 -56.62 43.62 -55.86
CA ILE I 354 -57.22 44.21 -57.06
C ILE I 354 -58.68 43.82 -57.15
N ASP I 355 -59.04 42.66 -56.62
CA ASP I 355 -60.40 42.15 -56.65
C ASP I 355 -61.19 42.54 -55.43
N SER I 356 -60.56 42.49 -54.25
CA SER I 356 -61.31 42.60 -53.00
C SER I 356 -61.89 43.99 -52.80
N ILE I 357 -61.12 45.04 -53.02
CA ILE I 357 -61.57 46.40 -52.72
C ILE I 357 -61.35 47.30 -53.92
N SER I 358 -62.31 48.18 -54.19
CA SER I 358 -62.12 49.32 -55.05
C SER I 358 -62.88 50.50 -54.47
N VAL I 359 -62.39 51.71 -54.71
CA VAL I 359 -62.91 52.88 -54.03
C VAL I 359 -63.24 53.98 -55.04
N ILE I 360 -64.33 54.70 -54.80
CA ILE I 360 -64.77 55.81 -55.63
C ILE I 360 -64.72 57.06 -54.76
N ARG I 361 -63.67 57.15 -53.95
CA ARG I 361 -63.58 57.99 -52.76
C ARG I 361 -64.15 59.40 -52.87
N ASP I 362 -64.17 59.98 -54.07
CA ASP I 362 -64.25 61.43 -54.19
C ASP I 362 -65.67 61.92 -54.46
N ILE I 363 -66.66 61.32 -53.81
CA ILE I 363 -68.06 61.70 -54.00
C ILE I 363 -68.41 62.90 -53.12
N THR I 364 -69.44 63.64 -53.53
CA THR I 364 -69.99 64.69 -52.67
C THR I 364 -70.57 64.11 -51.39
N GLN I 365 -71.63 63.34 -51.52
CA GLN I 365 -72.34 62.74 -50.40
C GLN I 365 -73.55 61.98 -50.88
#